data_8JS6
#
_entry.id   8JS6
#
_cell.length_a   187.834
_cell.length_b   198.733
_cell.length_c   266.320
_cell.angle_alpha   90.000
_cell.angle_beta   90.000
_cell.angle_gamma   90.000
#
_symmetry.space_group_name_H-M   'C 2 2 21'
#
loop_
_entity.id
_entity.type
_entity.pdbx_description
1 polymer 'Sensor protein FixL'
2 non-polymer 'PROTOPORPHYRIN IX CONTAINING FE'
3 non-polymer 'CYANIDE ION'
4 non-polymer GLYCEROL
5 water water
#
_entity_poly.entity_id   1
_entity_poly.type   'polypeptide(L)'
_entity_poly.pdbx_seq_one_letter_code
;APTRVTHPPDDGRGEHFRVRIEGFGVGTWDLDLKTWALDWSDTARTLLGIGQDQPASYDLFLSRLEPDDRERVESAIKRV
SERGGGFDVSFRVAGTSNAGQWIRARAGLIRDEAGTARHLSGIFLDIDEEKQVEGALRTRETHLRSILHTIPDAMIVIDG
HGIIQLFSTAAERLFGWSELEAIGQNVNILMPEPDRSRHDSYISRYRTTSDPHIIGIGRIVTGKRRDGTTFPMHLSIGEM
QSGGEPYFTGFVRDLTEHQQTQARLQELQSELV
;
_entity_poly.pdbx_strand_id   A,B,C,D,E,F,G,H,I,J
#
loop_
_chem_comp.id
_chem_comp.type
_chem_comp.name
_chem_comp.formula
CYN non-polymer 'CYANIDE ION' 'C N -1'
GOL non-polymer GLYCEROL 'C3 H8 O3'
HEM non-polymer 'PROTOPORPHYRIN IX CONTAINING FE' 'C34 H32 Fe N4 O4'
#
# COMPACT_ATOMS: atom_id res chain seq x y z
N ILE A 21 -1.02 -8.04 -45.71
CA ILE A 21 -0.37 -8.18 -44.41
C ILE A 21 -0.88 -9.44 -43.71
N GLU A 22 0.00 -10.11 -42.94
CA GLU A 22 -0.35 -11.37 -42.31
C GLU A 22 0.15 -11.37 -40.87
N GLY A 23 -0.71 -11.80 -39.94
CA GLY A 23 -0.28 -12.03 -38.58
C GLY A 23 0.18 -10.78 -37.85
N PHE A 24 -0.15 -9.61 -38.37
CA PHE A 24 0.24 -8.35 -37.74
C PHE A 24 -0.82 -8.05 -36.70
N GLY A 25 -0.43 -8.10 -35.42
CA GLY A 25 -1.42 -7.87 -34.39
C GLY A 25 -2.01 -6.48 -34.42
N VAL A 26 -1.32 -5.55 -35.10
CA VAL A 26 -1.79 -4.20 -35.38
C VAL A 26 -2.73 -4.20 -36.59
N GLY A 27 -3.79 -3.38 -36.53
CA GLY A 27 -4.52 -3.03 -37.73
C GLY A 27 -3.91 -1.84 -38.46
N THR A 28 -4.37 -1.61 -39.69
CA THR A 28 -3.91 -0.50 -40.52
C THR A 28 -5.11 0.17 -41.17
N TRP A 29 -4.95 1.44 -41.55
CA TRP A 29 -6.06 2.16 -42.18
C TRP A 29 -5.54 3.37 -42.95
N ASP A 30 -6.41 3.88 -43.83
CA ASP A 30 -6.08 5.00 -44.71
C ASP A 30 -7.34 5.80 -45.00
N LEU A 31 -7.29 7.12 -44.78
CA LEU A 31 -8.41 8.01 -45.03
C LEU A 31 -7.94 9.14 -45.94
N ASP A 32 -8.35 9.05 -47.20
CA ASP A 32 -8.08 10.11 -48.16
C ASP A 32 -8.81 11.39 -47.80
N LEU A 33 -8.08 12.50 -47.68
CA LEU A 33 -8.70 13.79 -47.44
C LEU A 33 -9.53 14.25 -48.64
N LYS A 34 -9.27 13.73 -49.83
CA LYS A 34 -10.02 14.19 -50.99
C LYS A 34 -11.28 13.38 -51.27
N THR A 35 -11.19 12.05 -51.31
CA THR A 35 -12.36 11.26 -51.68
C THR A 35 -13.15 10.75 -50.48
N TRP A 36 -12.73 11.08 -49.25
CA TRP A 36 -13.32 10.63 -47.98
C TRP A 36 -13.48 9.12 -47.88
N ALA A 37 -12.80 8.39 -48.74
CA ALA A 37 -12.75 6.94 -48.66
C ALA A 37 -11.91 6.52 -47.47
N LEU A 38 -12.34 5.45 -46.83
CA LEU A 38 -11.58 4.82 -45.76
C LEU A 38 -11.47 3.35 -46.07
N ASP A 39 -10.25 2.82 -46.06
CA ASP A 39 -10.08 1.39 -46.08
C ASP A 39 -9.19 0.99 -44.91
N TRP A 40 -9.50 -0.16 -44.32
CA TRP A 40 -8.72 -0.71 -43.24
C TRP A 40 -8.49 -2.19 -43.48
N SER A 41 -7.51 -2.74 -42.75
CA SER A 41 -7.10 -4.12 -42.85
C SER A 41 -8.09 -5.04 -42.12
N ASP A 42 -7.85 -6.35 -42.23
CA ASP A 42 -8.77 -7.32 -41.63
C ASP A 42 -8.72 -7.29 -40.11
N THR A 43 -7.52 -7.23 -39.53
CA THR A 43 -7.42 -7.15 -38.08
C THR A 43 -7.99 -5.84 -37.56
N ALA A 44 -7.98 -4.80 -38.39
CA ALA A 44 -8.58 -3.54 -37.97
C ALA A 44 -10.08 -3.67 -37.76
N ARG A 45 -10.79 -4.37 -38.66
CA ARG A 45 -12.23 -4.47 -38.47
C ARG A 45 -12.59 -5.40 -37.31
N THR A 46 -11.80 -6.44 -37.05
CA THR A 46 -12.08 -7.28 -35.89
C THR A 46 -11.88 -6.52 -34.59
N LEU A 47 -10.89 -5.62 -34.56
CA LEU A 47 -10.67 -4.81 -33.36
C LEU A 47 -11.83 -3.88 -33.10
N LEU A 48 -12.46 -3.38 -34.15
CA LEU A 48 -13.60 -2.49 -33.99
C LEU A 48 -14.89 -3.24 -33.71
N GLY A 49 -14.87 -4.57 -33.72
CA GLY A 49 -16.14 -5.28 -33.58
C GLY A 49 -17.01 -5.13 -34.80
N ILE A 50 -16.41 -5.14 -35.99
CA ILE A 50 -17.11 -5.01 -37.27
C ILE A 50 -17.00 -6.33 -38.02
N GLY A 51 -18.08 -6.74 -38.69
CA GLY A 51 -18.08 -8.02 -39.36
C GLY A 51 -17.35 -8.03 -40.69
N GLN A 52 -17.20 -9.25 -41.22
CA GLN A 52 -16.96 -9.56 -42.62
C GLN A 52 -17.71 -8.62 -43.56
N ASP A 53 -19.02 -8.78 -43.50
CA ASP A 53 -19.93 -8.26 -44.50
C ASP A 53 -19.89 -6.75 -44.58
N GLN A 54 -19.83 -6.08 -43.42
CA GLN A 54 -19.93 -4.64 -43.39
C GLN A 54 -18.78 -4.00 -44.16
N PRO A 55 -19.08 -3.16 -45.14
CA PRO A 55 -18.02 -2.47 -45.88
C PRO A 55 -17.39 -1.37 -45.05
N ALA A 56 -16.11 -1.09 -45.34
CA ALA A 56 -15.40 -0.01 -44.67
C ALA A 56 -16.02 1.34 -45.03
N SER A 57 -16.06 2.23 -44.05
CA SER A 57 -16.74 3.51 -44.21
C SER A 57 -16.23 4.47 -43.14
N TYR A 58 -16.09 5.74 -43.49
CA TYR A 58 -15.82 6.76 -42.47
C TYR A 58 -16.97 6.87 -41.49
N ASP A 59 -18.19 6.66 -41.94
CA ASP A 59 -19.34 6.78 -41.06
C ASP A 59 -19.58 5.50 -40.28
N LEU A 60 -19.22 4.33 -40.82
CA LEU A 60 -19.24 3.13 -40.00
C LEU A 60 -18.23 3.23 -38.87
N PHE A 61 -17.08 3.87 -39.12
CA PHE A 61 -16.07 4.04 -38.08
C PHE A 61 -16.59 4.91 -36.95
N LEU A 62 -17.12 6.09 -37.28
CA LEU A 62 -17.63 7.00 -36.27
C LEU A 62 -18.86 6.45 -35.56
N SER A 63 -19.50 5.41 -36.09
CA SER A 63 -20.60 4.74 -35.43
C SER A 63 -20.16 3.75 -34.36
N ARG A 64 -18.95 3.20 -34.44
CA ARG A 64 -18.42 2.32 -33.40
C ARG A 64 -17.94 3.08 -32.18
N LEU A 65 -17.86 4.41 -32.29
CA LEU A 65 -17.35 5.26 -31.23
C LEU A 65 -18.51 5.93 -30.51
N GLU A 66 -18.49 5.88 -29.18
CA GLU A 66 -19.51 6.55 -28.39
C GLU A 66 -19.36 8.06 -28.52
N PRO A 67 -20.49 8.83 -28.43
CA PRO A 67 -20.57 10.19 -29.00
C PRO A 67 -19.37 11.13 -28.84
N ASP A 68 -19.05 11.51 -27.61
CA ASP A 68 -17.95 12.44 -27.33
C ASP A 68 -16.65 12.00 -27.98
N ASP A 69 -16.41 10.68 -28.02
CA ASP A 69 -15.20 10.17 -28.65
C ASP A 69 -15.18 10.49 -30.14
N ARG A 70 -16.35 10.54 -30.80
CA ARG A 70 -16.40 10.91 -32.21
C ARG A 70 -15.89 12.33 -32.39
N GLU A 71 -16.32 13.25 -31.52
CA GLU A 71 -15.92 14.64 -31.66
C GLU A 71 -14.41 14.78 -31.58
N ARG A 72 -13.78 13.99 -30.71
CA ARG A 72 -12.33 14.07 -30.59
C ARG A 72 -11.63 13.57 -31.84
N VAL A 73 -12.21 12.56 -32.51
CA VAL A 73 -11.57 12.01 -33.70
C VAL A 73 -11.65 13.01 -34.86
N GLU A 74 -12.85 13.53 -35.13
CA GLU A 74 -13.01 14.46 -36.25
C GLU A 74 -12.29 15.79 -35.99
N SER A 75 -12.29 16.26 -34.74
CA SER A 75 -11.54 17.48 -34.45
C SER A 75 -10.07 17.24 -34.69
N ALA A 76 -9.60 16.03 -34.39
CA ALA A 76 -8.21 15.67 -34.66
C ALA A 76 -7.93 15.49 -36.15
N ILE A 77 -8.92 15.01 -36.94
CA ILE A 77 -8.64 14.89 -38.37
C ILE A 77 -8.55 16.27 -39.02
N LYS A 78 -9.37 17.22 -38.59
CA LYS A 78 -9.29 18.56 -39.18
C LYS A 78 -8.00 19.24 -38.76
N ARG A 79 -7.55 19.02 -37.52
CA ARG A 79 -6.32 19.65 -37.06
C ARG A 79 -5.10 19.06 -37.75
N VAL A 80 -5.12 17.76 -38.06
CA VAL A 80 -4.01 17.18 -38.80
C VAL A 80 -4.02 17.65 -40.25
N SER A 81 -5.18 18.04 -40.79
CA SER A 81 -5.18 18.64 -42.12
C SER A 81 -4.55 20.03 -42.10
N GLU A 82 -4.74 20.76 -41.01
CA GLU A 82 -4.22 22.12 -40.85
C GLU A 82 -2.74 22.09 -40.52
N ARG A 83 -2.40 22.27 -39.23
CA ARG A 83 -1.00 22.29 -38.83
C ARG A 83 -0.31 20.97 -39.16
N GLY A 84 -1.02 19.86 -38.98
CA GLY A 84 -0.48 18.56 -39.34
C GLY A 84 0.66 18.11 -38.45
N GLY A 85 0.34 17.81 -37.19
CA GLY A 85 1.34 17.35 -36.25
C GLY A 85 1.18 15.89 -35.85
N GLY A 86 0.42 15.15 -36.66
CA GLY A 86 0.11 13.76 -36.35
C GLY A 86 -1.26 13.60 -35.73
N PHE A 87 -1.66 12.33 -35.64
CA PHE A 87 -2.99 11.95 -35.18
C PHE A 87 -2.79 10.85 -34.14
N ASP A 88 -3.18 11.13 -32.90
CA ASP A 88 -3.11 10.14 -31.82
C ASP A 88 -4.35 10.30 -30.97
N VAL A 89 -5.26 9.35 -31.09
CA VAL A 89 -6.47 9.35 -30.28
C VAL A 89 -6.70 7.94 -29.78
N SER A 90 -7.24 7.85 -28.57
CA SER A 90 -7.53 6.58 -27.95
C SER A 90 -8.98 6.56 -27.51
N PHE A 91 -9.62 5.40 -27.63
CA PHE A 91 -11.04 5.32 -27.42
C PHE A 91 -11.41 3.89 -27.07
N ARG A 92 -12.63 3.73 -26.57
CA ARG A 92 -13.18 2.42 -26.27
C ARG A 92 -14.44 2.24 -27.11
N VAL A 93 -14.38 1.32 -28.08
CA VAL A 93 -15.57 0.87 -28.78
C VAL A 93 -16.31 -0.14 -27.92
N ALA A 94 -17.64 -0.06 -27.88
CA ALA A 94 -18.40 -1.07 -27.15
C ALA A 94 -18.43 -2.39 -27.89
N GLY A 95 -17.25 -2.98 -28.15
CA GLY A 95 -17.16 -4.07 -29.10
C GLY A 95 -17.75 -5.37 -28.55
N THR A 96 -17.55 -5.63 -27.26
CA THR A 96 -18.00 -6.85 -26.62
C THR A 96 -18.75 -6.49 -25.35
N SER A 97 -20.01 -6.95 -25.25
CA SER A 97 -20.86 -6.75 -24.09
C SER A 97 -20.93 -5.28 -23.68
N ASN A 98 -20.19 -4.93 -22.62
CA ASN A 98 -20.06 -3.54 -22.17
C ASN A 98 -18.82 -3.36 -21.30
N ALA A 99 -17.65 -3.66 -21.87
CA ALA A 99 -16.38 -3.48 -21.20
C ALA A 99 -15.37 -3.04 -22.24
N GLY A 100 -15.54 -3.57 -23.45
CA GLY A 100 -15.08 -2.93 -24.65
C GLY A 100 -13.66 -3.29 -25.04
N GLN A 101 -13.30 -2.84 -26.22
CA GLN A 101 -11.94 -2.95 -26.75
C GLN A 101 -11.36 -1.55 -26.72
N TRP A 102 -10.35 -1.34 -25.88
CA TRP A 102 -9.59 -0.11 -25.97
C TRP A 102 -8.67 -0.14 -27.19
N ILE A 103 -8.61 0.99 -27.89
CA ILE A 103 -7.87 1.09 -29.14
C ILE A 103 -7.19 2.45 -29.18
N ARG A 104 -5.94 2.45 -29.63
CA ARG A 104 -5.22 3.69 -29.87
C ARG A 104 -4.99 3.81 -31.37
N ALA A 105 -5.52 4.88 -31.96
CA ALA A 105 -5.34 5.15 -33.37
C ALA A 105 -4.19 6.13 -33.56
N ARG A 106 -3.26 5.80 -34.44
CA ARG A 106 -2.13 6.66 -34.75
C ARG A 106 -1.98 6.81 -36.25
N ALA A 107 -1.58 8.00 -36.68
CA ALA A 107 -1.55 8.30 -38.10
C ALA A 107 -0.70 9.53 -38.40
N GLY A 108 -0.23 9.61 -39.67
CA GLY A 108 0.37 10.81 -40.18
C GLY A 108 -0.04 11.07 -41.62
N LEU A 109 0.32 12.28 -42.11
CA LEU A 109 -0.10 12.76 -43.43
C LEU A 109 0.73 12.18 -44.57
N ILE A 110 0.10 12.02 -45.73
CA ILE A 110 0.79 11.79 -47.00
C ILE A 110 0.50 12.97 -47.91
N ARG A 111 1.55 13.52 -48.51
CA ARG A 111 1.41 14.60 -49.46
C ARG A 111 1.72 14.12 -50.87
N ASP A 112 1.25 14.91 -51.85
CA ASP A 112 1.51 14.63 -53.26
C ASP A 112 2.75 15.40 -53.71
N GLU A 113 3.01 15.42 -55.03
CA GLU A 113 4.15 16.17 -55.56
C GLU A 113 4.04 17.66 -55.26
N ALA A 114 2.82 18.18 -55.24
CA ALA A 114 2.61 19.59 -54.89
C ALA A 114 2.80 19.86 -53.41
N GLY A 115 2.71 18.84 -52.56
CA GLY A 115 2.75 19.05 -51.12
C GLY A 115 1.44 19.38 -50.46
N THR A 116 0.31 19.22 -51.14
CA THR A 116 -0.99 19.23 -50.47
C THR A 116 -1.21 17.94 -49.69
N ALA A 117 -1.87 18.05 -48.55
CA ALA A 117 -2.25 16.85 -47.80
C ALA A 117 -3.26 16.03 -48.62
N ARG A 118 -3.04 14.71 -48.69
CA ARG A 118 -3.96 13.83 -49.40
C ARG A 118 -4.44 12.68 -48.51
N HIS A 119 -3.53 11.84 -48.02
CA HIS A 119 -3.90 10.64 -47.29
C HIS A 119 -3.55 10.77 -45.82
N LEU A 120 -4.42 10.25 -44.96
CA LEU A 120 -4.13 10.05 -43.54
C LEU A 120 -3.99 8.56 -43.31
N SER A 121 -2.76 8.11 -43.06
CA SER A 121 -2.45 6.70 -42.99
C SER A 121 -1.86 6.35 -41.62
N GLY A 122 -2.20 5.17 -41.11
CA GLY A 122 -1.67 4.75 -39.83
C GLY A 122 -2.32 3.47 -39.33
N ILE A 123 -2.37 3.34 -37.99
CA ILE A 123 -2.60 2.05 -37.34
C ILE A 123 -3.67 2.15 -36.25
N PHE A 124 -4.28 1.00 -35.97
CA PHE A 124 -5.02 0.78 -34.72
C PHE A 124 -4.25 -0.21 -33.86
N LEU A 125 -3.99 0.18 -32.61
CA LEU A 125 -3.31 -0.67 -31.64
C LEU A 125 -4.31 -1.15 -30.58
N ASP A 126 -4.29 -2.45 -30.30
CA ASP A 126 -4.94 -2.97 -29.10
C ASP A 126 -4.20 -2.46 -27.86
N ILE A 127 -4.91 -1.74 -26.99
CA ILE A 127 -4.30 -1.25 -25.77
C ILE A 127 -5.05 -1.72 -24.52
N ASP A 128 -5.76 -2.84 -24.59
CA ASP A 128 -6.50 -3.30 -23.41
C ASP A 128 -5.56 -3.61 -22.25
N GLU A 129 -4.38 -4.16 -22.54
CA GLU A 129 -3.40 -4.42 -21.49
C GLU A 129 -2.87 -3.12 -20.91
N GLU A 130 -2.65 -2.11 -21.75
CA GLU A 130 -2.13 -0.84 -21.27
C GLU A 130 -3.15 -0.13 -20.38
N LYS A 131 -4.43 -0.17 -20.74
CA LYS A 131 -5.44 0.46 -19.89
C LYS A 131 -5.65 -0.33 -18.61
N GLN A 132 -5.48 -1.66 -18.67
CA GLN A 132 -5.64 -2.46 -17.46
C GLN A 132 -4.52 -2.17 -16.46
N VAL A 133 -3.30 -1.97 -16.94
CA VAL A 133 -2.20 -1.62 -16.06
C VAL A 133 -2.42 -0.21 -15.49
N GLU A 134 -2.92 0.70 -16.33
CA GLU A 134 -3.16 2.08 -15.93
C GLU A 134 -4.16 2.16 -14.79
N GLY A 135 -5.21 1.34 -14.84
CA GLY A 135 -6.21 1.36 -13.80
C GLY A 135 -5.85 0.52 -12.60
N ALA A 136 -4.99 -0.48 -12.79
CA ALA A 136 -4.47 -1.16 -11.62
C ALA A 136 -3.59 -0.22 -10.81
N LEU A 137 -2.79 0.62 -11.48
CA LEU A 137 -1.99 1.61 -10.76
C LEU A 137 -2.87 2.59 -10.02
N ARG A 138 -3.93 3.08 -10.69
CA ARG A 138 -4.83 4.04 -10.08
C ARG A 138 -5.44 3.49 -8.80
N THR A 139 -5.87 2.22 -8.85
CA THR A 139 -6.42 1.59 -7.65
C THR A 139 -5.36 1.47 -6.57
N ARG A 140 -4.12 1.23 -6.95
CA ARG A 140 -3.07 1.11 -5.95
C ARG A 140 -2.82 2.45 -5.27
N GLU A 141 -2.78 3.53 -6.06
CA GLU A 141 -2.54 4.83 -5.47
C GLU A 141 -3.70 5.28 -4.60
N THR A 142 -4.92 4.96 -5.01
CA THR A 142 -6.07 5.32 -4.20
C THR A 142 -6.06 4.54 -2.90
N HIS A 143 -5.66 3.25 -2.94
CA HIS A 143 -5.58 2.47 -1.71
C HIS A 143 -4.43 2.97 -0.82
N LEU A 144 -3.32 3.43 -1.41
CA LEU A 144 -2.22 3.92 -0.60
C LEU A 144 -2.62 5.19 0.13
N ARG A 145 -3.34 6.09 -0.53
CA ARG A 145 -3.83 7.28 0.14
CA ARG A 145 -3.81 7.28 0.17
C ARG A 145 -4.79 6.90 1.26
N SER A 146 -5.54 5.81 1.07
CA SER A 146 -6.48 5.38 2.09
C SER A 146 -5.75 4.84 3.30
N ILE A 147 -4.72 4.02 3.08
CA ILE A 147 -3.92 3.53 4.20
C ILE A 147 -3.23 4.68 4.91
N LEU A 148 -2.66 5.60 4.13
CA LEU A 148 -1.93 6.70 4.75
C LEU A 148 -2.85 7.56 5.61
N HIS A 149 -4.07 7.78 5.16
CA HIS A 149 -5.03 8.59 5.92
CA HIS A 149 -4.97 8.60 5.96
C HIS A 149 -5.52 7.88 7.19
N THR A 150 -5.57 6.56 7.17
CA THR A 150 -6.46 5.81 8.06
C THR A 150 -5.74 4.96 9.09
N ILE A 151 -4.52 4.52 8.81
CA ILE A 151 -3.83 3.59 9.72
C ILE A 151 -3.61 4.29 11.06
N PRO A 152 -4.06 3.69 12.17
CA PRO A 152 -3.86 4.32 13.48
C PRO A 152 -2.41 4.56 13.87
N ASP A 153 -1.50 3.66 13.53
CA ASP A 153 -0.09 3.85 13.82
C ASP A 153 0.52 4.83 12.82
N ALA A 154 1.49 5.62 13.27
CA ALA A 154 2.24 6.43 12.34
C ALA A 154 3.00 5.52 11.37
N MET A 155 2.83 5.77 10.07
CA MET A 155 3.52 5.02 9.04
C MET A 155 4.44 5.95 8.29
N ILE A 156 5.72 5.59 8.22
CA ILE A 156 6.72 6.38 7.55
C ILE A 156 7.45 5.47 6.56
N VAL A 157 7.69 6.00 5.35
CA VAL A 157 8.43 5.30 4.31
C VAL A 157 9.64 6.15 3.95
N ILE A 158 10.82 5.52 3.88
CA ILE A 158 12.06 6.23 3.59
C ILE A 158 12.77 5.48 2.49
N ASP A 159 13.67 6.19 1.78
CA ASP A 159 14.52 5.52 0.80
C ASP A 159 15.81 5.07 1.49
N GLY A 160 16.78 4.63 0.71
CA GLY A 160 17.95 3.98 1.28
C GLY A 160 18.97 4.93 1.86
N HIS A 161 18.74 6.24 1.78
CA HIS A 161 19.57 7.22 2.46
C HIS A 161 18.81 7.95 3.55
N GLY A 162 17.70 7.38 4.01
CA GLY A 162 16.94 7.92 5.12
C GLY A 162 15.98 9.04 4.78
N ILE A 163 15.78 9.33 3.50
CA ILE A 163 14.92 10.44 3.08
C ILE A 163 13.47 10.00 3.08
N ILE A 164 12.63 10.73 3.83
CA ILE A 164 11.21 10.38 3.95
C ILE A 164 10.52 10.50 2.60
N GLN A 165 9.77 9.47 2.24
CA GLN A 165 9.05 9.41 0.97
C GLN A 165 7.54 9.56 1.15
N LEU A 166 7.00 8.99 2.22
CA LEU A 166 5.59 8.99 2.52
C LEU A 166 5.43 9.15 4.02
N PHE A 167 4.33 9.76 4.45
CA PHE A 167 4.23 10.20 5.84
C PHE A 167 2.74 10.29 6.18
N SER A 168 2.24 9.33 6.94
CA SER A 168 0.80 9.17 7.17
C SER A 168 0.25 10.26 8.08
N THR A 169 -1.08 10.38 8.06
CA THR A 169 -1.80 11.29 8.94
C THR A 169 -1.44 11.09 10.40
N ALA A 170 -1.34 9.83 10.85
CA ALA A 170 -1.01 9.60 12.25
C ALA A 170 0.40 10.10 12.57
N ALA A 171 1.32 10.02 11.60
CA ALA A 171 2.66 10.57 11.81
C ALA A 171 2.65 12.09 11.88
N GLU A 172 1.74 12.75 11.16
CA GLU A 172 1.67 14.20 11.25
C GLU A 172 1.23 14.62 12.65
N ARG A 173 0.24 13.92 13.20
CA ARG A 173 -0.26 14.28 14.51
C ARG A 173 0.71 13.89 15.60
N LEU A 174 1.48 12.83 15.40
CA LEU A 174 2.39 12.42 16.46
C LEU A 174 3.65 13.27 16.48
N PHE A 175 4.21 13.58 15.32
CA PHE A 175 5.52 14.23 15.25
C PHE A 175 5.44 15.74 15.05
N GLY A 176 4.25 16.29 14.76
CA GLY A 176 4.12 17.71 14.59
C GLY A 176 4.55 18.25 13.24
N TRP A 177 4.80 17.38 12.26
CA TRP A 177 5.18 17.77 10.91
C TRP A 177 4.04 17.48 9.94
N SER A 178 3.75 18.42 9.05
CA SER A 178 2.89 18.03 7.93
C SER A 178 3.66 17.18 6.94
N GLU A 179 2.93 16.39 6.16
CA GLU A 179 3.62 15.51 5.23
C GLU A 179 4.39 16.30 4.17
N LEU A 180 3.90 17.48 3.78
CA LEU A 180 4.66 18.28 2.83
C LEU A 180 5.95 18.79 3.45
N GLU A 181 5.92 19.10 4.74
CA GLU A 181 7.14 19.52 5.41
C GLU A 181 8.09 18.36 5.55
N ALA A 182 7.57 17.18 5.94
CA ALA A 182 8.43 16.05 6.24
C ALA A 182 9.04 15.42 4.99
N ILE A 183 8.27 15.28 3.90
CA ILE A 183 8.77 14.52 2.76
C ILE A 183 9.95 15.23 2.14
N GLY A 184 11.02 14.48 1.86
CA GLY A 184 12.27 15.04 1.41
C GLY A 184 13.25 15.40 2.52
N GLN A 185 12.80 15.49 3.77
CA GLN A 185 13.69 15.58 4.92
C GLN A 185 14.26 14.21 5.25
N ASN A 186 15.41 14.21 5.88
CA ASN A 186 15.90 12.98 6.48
C ASN A 186 14.97 12.56 7.61
N VAL A 187 14.78 11.25 7.75
CA VAL A 187 14.00 10.72 8.85
C VAL A 187 14.64 11.11 10.19
N ASN A 188 15.89 11.54 10.19
CA ASN A 188 16.54 11.87 11.46
C ASN A 188 15.96 13.09 12.15
N ILE A 189 15.19 13.92 11.46
CA ILE A 189 14.50 15.06 12.10
C ILE A 189 13.50 14.60 13.15
N LEU A 190 13.13 13.32 13.15
CA LEU A 190 12.17 12.75 14.08
C LEU A 190 12.83 12.25 15.37
N MET A 191 14.11 12.54 15.57
CA MET A 191 14.88 11.84 16.59
C MET A 191 15.64 12.76 17.50
N PRO A 192 15.77 12.37 18.76
CA PRO A 192 16.74 13.01 19.67
C PRO A 192 18.17 12.58 19.37
N GLU A 193 19.11 13.37 19.86
CA GLU A 193 20.48 12.92 19.96
C GLU A 193 20.57 11.79 20.99
N PRO A 194 21.47 10.82 20.78
CA PRO A 194 22.41 10.64 19.66
C PRO A 194 21.86 9.93 18.43
N ASP A 195 20.68 9.31 18.50
CA ASP A 195 20.20 8.56 17.34
C ASP A 195 20.11 9.46 16.11
N ARG A 196 19.81 10.74 16.32
CA ARG A 196 19.66 11.69 15.24
C ARG A 196 20.93 11.79 14.41
N SER A 197 22.06 11.92 15.07
CA SER A 197 23.32 12.06 14.36
C SER A 197 23.84 10.74 13.82
N ARG A 198 23.45 9.61 14.42
CA ARG A 198 23.98 8.32 14.01
CA ARG A 198 23.97 8.31 14.03
C ARG A 198 23.09 7.58 13.01
N HIS A 199 21.86 8.06 12.76
CA HIS A 199 20.91 7.19 12.06
C HIS A 199 21.31 6.90 10.62
N ASP A 200 21.98 7.85 9.94
CA ASP A 200 22.41 7.56 8.58
C ASP A 200 23.37 6.38 8.56
N SER A 201 24.21 6.26 9.59
CA SER A 201 25.19 5.20 9.63
C SER A 201 24.59 3.88 10.07
N TYR A 202 23.51 3.90 10.85
CA TYR A 202 22.81 2.64 11.13
C TYR A 202 22.27 2.04 9.84
N ILE A 203 21.76 2.88 8.93
CA ILE A 203 21.22 2.42 7.67
C ILE A 203 22.34 1.97 6.75
N SER A 204 23.42 2.74 6.69
CA SER A 204 24.53 2.38 5.81
C SER A 204 25.16 1.05 6.21
N ARG A 205 25.27 0.79 7.52
CA ARG A 205 25.82 -0.47 7.97
C ARG A 205 24.90 -1.65 7.68
N TYR A 206 23.59 -1.45 7.73
CA TYR A 206 22.67 -2.50 7.31
C TYR A 206 22.77 -2.74 5.82
N ARG A 207 23.00 -1.69 5.03
CA ARG A 207 23.09 -1.89 3.59
C ARG A 207 24.34 -2.64 3.17
N THR A 208 25.37 -2.68 4.01
CA THR A 208 26.44 -3.68 3.83
C THR A 208 25.96 -5.09 4.13
N THR A 209 24.97 -5.24 5.00
CA THR A 209 24.32 -6.49 5.48
C THR A 209 25.26 -7.64 5.86
N SER A 210 25.10 -8.78 5.19
CA SER A 210 25.40 -10.14 5.69
C SER A 210 24.53 -10.55 6.87
N ASP A 211 23.37 -9.88 7.03
CA ASP A 211 22.42 -10.15 8.09
C ASP A 211 23.01 -10.25 9.51
N PRO A 212 23.72 -9.24 10.04
CA PRO A 212 24.04 -9.24 11.47
C PRO A 212 22.88 -8.67 12.27
N HIS A 213 22.25 -7.65 11.70
CA HIS A 213 21.01 -7.07 12.20
C HIS A 213 19.86 -7.65 11.38
N ILE A 214 18.75 -7.97 12.06
CA ILE A 214 17.51 -8.29 11.35
C ILE A 214 16.62 -7.05 11.37
N ILE A 215 16.04 -6.73 10.21
CA ILE A 215 15.17 -5.58 10.11
C ILE A 215 13.85 -5.79 10.85
N GLY A 216 13.45 -7.05 11.08
CA GLY A 216 12.13 -7.36 11.59
C GLY A 216 11.95 -7.43 13.09
N ILE A 217 13.02 -7.29 13.88
CA ILE A 217 12.94 -7.60 15.31
C ILE A 217 11.96 -6.66 16.02
N GLY A 218 12.08 -5.36 15.77
CA GLY A 218 11.28 -4.39 16.49
C GLY A 218 12.06 -3.84 17.68
N ARG A 219 11.86 -2.56 18.02
CA ARG A 219 12.64 -1.98 19.10
C ARG A 219 11.91 -0.79 19.70
N ILE A 220 12.23 -0.53 20.96
CA ILE A 220 11.78 0.68 21.65
C ILE A 220 12.86 1.73 21.54
N VAL A 221 12.48 2.91 21.06
CA VAL A 221 13.36 4.03 20.95
C VAL A 221 12.64 5.26 21.49
N THR A 222 13.36 6.36 21.54
CA THR A 222 12.80 7.65 21.87
C THR A 222 12.71 8.46 20.59
N GLY A 223 11.53 9.02 20.31
CA GLY A 223 11.39 9.94 19.20
C GLY A 223 11.13 11.34 19.71
N LYS A 224 11.23 12.36 18.87
CA LYS A 224 10.84 13.68 19.36
C LYS A 224 10.03 14.43 18.32
N ARG A 225 8.97 15.07 18.79
CA ARG A 225 8.14 15.94 17.98
C ARG A 225 8.93 17.15 17.54
N ARG A 226 8.37 17.89 16.59
CA ARG A 226 8.94 19.16 16.19
C ARG A 226 9.03 20.14 17.35
N ASP A 227 8.17 19.97 18.37
CA ASP A 227 8.24 20.63 19.68
C ASP A 227 9.64 20.68 20.25
N GLY A 228 10.35 19.57 20.14
CA GLY A 228 11.41 19.22 21.05
C GLY A 228 11.00 18.25 22.14
N THR A 229 9.71 18.12 22.42
CA THR A 229 9.25 17.10 23.36
C THR A 229 9.57 15.72 22.80
N THR A 230 9.95 14.81 23.69
CA THR A 230 10.29 13.45 23.34
C THR A 230 9.31 12.47 23.98
N PHE A 231 9.32 11.22 23.49
CA PHE A 231 8.36 10.23 23.98
C PHE A 231 8.86 8.82 23.66
N PRO A 232 8.53 7.82 24.48
CA PRO A 232 8.83 6.43 24.11
C PRO A 232 8.02 6.02 22.90
N MET A 233 8.62 5.17 22.08
CA MET A 233 7.87 4.62 20.95
C MET A 233 8.47 3.28 20.56
N HIS A 234 7.60 2.37 20.16
CA HIS A 234 8.01 1.12 19.54
C HIS A 234 7.86 1.24 18.04
N LEU A 235 8.75 0.61 17.28
CA LEU A 235 8.52 0.60 15.84
C LEU A 235 9.03 -0.67 15.19
N SER A 236 8.50 -0.93 13.98
CA SER A 236 8.71 -2.12 13.18
C SER A 236 9.04 -1.68 11.76
N ILE A 237 10.08 -2.25 11.18
CA ILE A 237 10.49 -1.93 9.82
C ILE A 237 10.22 -3.11 8.92
N GLY A 238 9.76 -2.83 7.71
CA GLY A 238 9.84 -3.76 6.61
C GLY A 238 10.61 -3.17 5.45
N GLU A 239 11.34 -4.04 4.75
CA GLU A 239 12.20 -3.65 3.64
C GLU A 239 11.58 -4.11 2.33
N MET A 240 11.83 -3.35 1.26
CA MET A 240 11.42 -3.70 -0.09
C MET A 240 12.46 -3.15 -1.05
N GLN A 241 12.50 -3.72 -2.25
CA GLN A 241 13.37 -3.24 -3.31
C GLN A 241 12.54 -2.71 -4.47
N SER A 242 13.00 -1.62 -5.07
CA SER A 242 12.36 -1.09 -6.26
C SER A 242 13.39 -0.25 -6.99
N GLY A 243 13.56 -0.54 -8.28
CA GLY A 243 14.43 0.27 -9.11
C GLY A 243 15.87 0.30 -8.66
N GLY A 244 16.35 -0.78 -8.07
CA GLY A 244 17.73 -0.78 -7.63
C GLY A 244 17.98 -0.08 -6.32
N GLU A 245 16.94 0.29 -5.60
CA GLU A 245 17.12 0.94 -4.32
C GLU A 245 16.23 0.30 -3.27
N PRO A 246 16.71 0.15 -2.04
CA PRO A 246 15.85 -0.33 -0.96
C PRO A 246 14.93 0.78 -0.46
N TYR A 247 13.78 0.36 0.10
CA TYR A 247 12.89 1.28 0.81
C TYR A 247 12.37 0.62 2.08
N PHE A 248 12.15 1.45 3.10
CA PHE A 248 11.81 0.95 4.42
C PHE A 248 10.51 1.58 4.87
N THR A 249 9.59 0.74 5.32
CA THR A 249 8.30 1.16 5.83
C THR A 249 8.30 0.95 7.33
N GLY A 250 8.07 2.01 8.07
CA GLY A 250 8.10 1.98 9.53
C GLY A 250 6.71 2.21 10.07
N PHE A 251 6.36 1.49 11.13
CA PHE A 251 5.09 1.64 11.83
C PHE A 251 5.38 1.96 13.28
N VAL A 252 4.85 3.09 13.76
CA VAL A 252 5.25 3.65 15.05
C VAL A 252 4.09 3.58 16.01
N ARG A 253 4.34 3.00 17.19
CA ARG A 253 3.35 2.94 18.27
C ARG A 253 3.82 3.83 19.41
N ASP A 254 3.09 4.91 19.67
CA ASP A 254 3.37 5.74 20.83
C ASP A 254 3.16 4.93 22.09
N LEU A 255 4.12 5.01 23.01
CA LEU A 255 4.06 4.25 24.25
C LEU A 255 3.87 5.12 25.48
N THR A 256 3.47 6.39 25.31
CA THR A 256 3.30 7.26 26.47
C THR A 256 2.23 6.72 27.41
N GLU A 257 1.05 6.35 26.88
CA GLU A 257 0.02 5.82 27.75
C GLU A 257 0.39 4.43 28.28
N HIS A 258 1.08 3.63 27.47
CA HIS A 258 1.44 2.28 27.90
C HIS A 258 2.42 2.30 29.08
N GLN A 259 3.30 3.29 29.11
CA GLN A 259 4.28 3.39 30.18
C GLN A 259 3.80 4.25 31.36
N GLN A 260 2.80 5.10 31.16
CA GLN A 260 2.14 5.71 32.31
C GLN A 260 1.39 4.68 33.13
N THR A 261 0.76 3.71 32.47
CA THR A 261 -0.10 2.76 33.17
C THR A 261 0.71 1.66 33.85
N GLN A 262 1.70 1.11 33.14
CA GLN A 262 2.54 0.10 33.76
C GLN A 262 3.34 0.69 34.92
N ALA A 263 3.67 1.97 34.83
CA ALA A 263 4.32 2.65 35.95
C ALA A 263 3.39 2.68 37.15
N ARG A 264 2.14 3.09 36.94
CA ARG A 264 1.17 3.12 38.03
C ARG A 264 0.96 1.73 38.61
N LEU A 265 1.03 0.70 37.76
CA LEU A 265 0.88 -0.67 38.23
C LEU A 265 2.01 -1.06 39.17
N GLN A 266 3.25 -0.86 38.73
CA GLN A 266 4.40 -1.22 39.56
C GLN A 266 4.41 -0.44 40.87
N GLU A 267 4.02 0.84 40.81
CA GLU A 267 3.97 1.67 42.02
C GLU A 267 2.97 1.10 43.01
N LEU A 268 1.75 0.84 42.56
CA LEU A 268 0.69 0.31 43.42
C LEU A 268 1.12 -0.99 44.09
N GLN A 269 1.73 -1.90 43.33
CA GLN A 269 2.15 -3.19 43.88
C GLN A 269 3.22 -3.01 44.94
N SER A 270 4.30 -2.28 44.60
CA SER A 270 5.40 -2.09 45.55
C SER A 270 4.97 -1.33 46.79
N GLU A 271 3.91 -0.49 46.69
CA GLU A 271 3.43 0.27 47.83
C GLU A 271 2.59 -0.58 48.78
N LEU A 272 1.72 -1.42 48.21
CA LEU A 272 0.94 -2.37 49.01
C LEU A 272 1.86 -3.31 49.77
N VAL A 273 3.13 -3.41 49.33
CA VAL A 273 4.26 -4.12 49.95
C VAL A 273 3.85 -5.54 50.33
N ILE B 21 5.01 9.52 -45.01
CA ILE B 21 4.15 9.81 -43.86
C ILE B 21 4.76 11.02 -43.14
N GLU B 22 4.01 11.69 -42.25
CA GLU B 22 4.53 12.84 -41.54
C GLU B 22 4.49 12.53 -40.05
N GLY B 23 3.80 13.35 -39.23
CA GLY B 23 3.96 13.32 -37.78
C GLY B 23 3.41 12.07 -37.12
N PHE B 24 3.76 10.93 -37.71
CA PHE B 24 3.22 9.63 -37.33
C PHE B 24 3.62 9.26 -35.91
N GLY B 25 4.83 9.63 -35.48
CA GLY B 25 5.28 9.22 -34.17
C GLY B 25 5.61 7.76 -34.07
N VAL B 26 5.58 7.04 -35.19
CA VAL B 26 5.86 5.61 -35.23
C VAL B 26 6.86 5.40 -36.35
N GLY B 27 7.87 4.57 -36.10
CA GLY B 27 8.75 4.14 -37.15
C GLY B 27 8.19 2.94 -37.88
N THR B 28 8.54 2.82 -39.15
CA THR B 28 8.22 1.62 -39.91
C THR B 28 9.51 1.02 -40.44
N TRP B 29 9.50 -0.31 -40.57
CA TRP B 29 10.68 -0.98 -41.05
C TRP B 29 10.25 -2.19 -41.87
N ASP B 30 11.01 -2.46 -42.91
CA ASP B 30 10.82 -3.65 -43.73
C ASP B 30 12.17 -4.33 -43.88
N LEU B 31 12.28 -5.52 -43.32
CA LEU B 31 13.41 -6.42 -43.56
C LEU B 31 12.97 -7.59 -44.44
N ASP B 32 13.79 -7.90 -45.45
CA ASP B 32 13.63 -9.17 -46.17
C ASP B 32 14.40 -10.27 -45.49
N LEU B 33 13.75 -11.43 -45.35
CA LEU B 33 14.46 -12.62 -44.90
C LEU B 33 15.54 -13.03 -45.89
N LYS B 34 15.26 -12.91 -47.19
CA LYS B 34 16.19 -13.42 -48.19
C LYS B 34 17.39 -12.51 -48.40
N THR B 35 17.21 -11.19 -48.42
CA THR B 35 18.31 -10.30 -48.74
C THR B 35 18.88 -9.55 -47.53
N TRP B 36 18.27 -9.69 -46.35
CA TRP B 36 18.74 -9.05 -45.10
C TRP B 36 18.91 -7.53 -45.25
N ALA B 37 18.18 -6.93 -46.17
CA ALA B 37 18.18 -5.49 -46.34
C ALA B 37 17.12 -4.87 -45.44
N LEU B 38 17.43 -3.70 -44.89
CA LEU B 38 16.54 -3.04 -43.94
C LEU B 38 16.33 -1.60 -44.35
N ASP B 39 15.09 -1.14 -44.29
CA ASP B 39 14.73 0.25 -44.49
C ASP B 39 13.88 0.70 -43.31
N TRP B 40 14.33 1.73 -42.61
CA TRP B 40 13.53 2.30 -41.53
C TRP B 40 13.11 3.73 -41.85
N SER B 41 12.03 4.14 -41.18
CA SER B 41 11.50 5.49 -41.26
C SER B 41 12.49 6.50 -40.67
N ASP B 42 12.39 7.75 -41.14
CA ASP B 42 13.14 8.83 -40.51
C ASP B 42 12.77 8.98 -39.03
N THR B 43 11.49 8.78 -38.70
CA THR B 43 11.10 8.83 -37.30
C THR B 43 11.70 7.66 -36.52
N ALA B 44 11.94 6.53 -37.19
CA ALA B 44 12.59 5.41 -36.52
C ALA B 44 14.07 5.66 -36.26
N ARG B 45 14.72 6.50 -37.07
CA ARG B 45 16.13 6.80 -36.82
C ARG B 45 16.32 7.51 -35.49
N THR B 46 15.43 8.46 -35.18
CA THR B 46 15.55 9.16 -33.90
C THR B 46 15.29 8.23 -32.73
N LEU B 47 14.44 7.22 -32.92
CA LEU B 47 14.17 6.26 -31.86
C LEU B 47 15.40 5.44 -31.52
N LEU B 48 16.23 5.12 -32.52
CA LEU B 48 17.41 4.33 -32.27
C LEU B 48 18.60 5.17 -31.80
N GLY B 49 18.46 6.49 -31.79
CA GLY B 49 19.47 7.34 -31.21
C GLY B 49 20.69 7.54 -32.08
N ILE B 50 20.65 7.09 -33.32
CA ILE B 50 21.80 7.19 -34.23
C ILE B 50 21.25 7.19 -35.65
N GLY B 51 22.04 7.73 -36.57
CA GLY B 51 21.68 7.70 -37.98
C GLY B 51 21.46 9.07 -38.62
N GLN B 52 22.26 10.07 -38.20
CA GLN B 52 22.10 11.40 -38.78
C GLN B 52 22.48 11.44 -40.25
N ASP B 53 23.44 10.61 -40.67
CA ASP B 53 23.86 10.54 -42.06
C ASP B 53 24.15 9.11 -42.49
N GLN B 54 24.25 8.15 -41.54
CA GLN B 54 24.67 6.80 -41.85
C GLN B 54 23.48 5.95 -42.25
N PRO B 55 23.60 5.20 -43.35
CA PRO B 55 22.45 4.50 -43.94
C PRO B 55 21.97 3.34 -43.09
N ALA B 56 20.71 2.97 -43.33
CA ALA B 56 20.10 1.84 -42.65
C ALA B 56 20.81 0.54 -43.01
N SER B 57 20.94 -0.34 -42.01
CA SER B 57 21.56 -1.64 -42.17
C SER B 57 21.13 -2.53 -41.01
N TYR B 58 20.95 -3.82 -41.29
CA TYR B 58 20.57 -4.76 -40.23
C TYR B 58 21.63 -4.86 -39.16
N ASP B 59 22.90 -4.75 -39.54
CA ASP B 59 23.98 -4.79 -38.55
C ASP B 59 23.95 -3.56 -37.65
N LEU B 60 23.63 -2.40 -38.22
CA LEU B 60 23.57 -1.18 -37.42
C LEU B 60 22.43 -1.22 -36.41
N PHE B 61 21.34 -1.94 -36.73
CA PHE B 61 20.22 -2.06 -35.83
C PHE B 61 20.59 -2.88 -34.59
N LEU B 62 21.15 -4.07 -34.80
CA LEU B 62 21.55 -4.90 -33.67
C LEU B 62 22.71 -4.29 -32.90
N SER B 63 23.44 -3.35 -33.51
CA SER B 63 24.48 -2.60 -32.84
C SER B 63 23.94 -1.65 -31.76
N ARG B 64 22.70 -1.21 -31.86
CA ARG B 64 22.15 -0.31 -30.86
C ARG B 64 21.56 -1.04 -29.67
N LEU B 65 21.16 -2.30 -29.84
CA LEU B 65 20.66 -3.09 -28.73
C LEU B 65 21.80 -3.55 -27.82
N GLU B 66 21.48 -3.73 -26.55
CA GLU B 66 22.38 -4.40 -25.64
C GLU B 66 22.50 -5.88 -26.02
N PRO B 67 23.68 -6.51 -25.82
CA PRO B 67 23.87 -7.89 -26.29
C PRO B 67 23.21 -8.94 -25.41
N ASP B 68 22.07 -8.57 -24.85
CA ASP B 68 21.08 -9.48 -24.29
C ASP B 68 19.77 -9.40 -25.04
N ASP B 69 19.40 -8.19 -25.47
CA ASP B 69 18.21 -7.99 -26.29
C ASP B 69 18.43 -8.40 -27.73
N ARG B 70 19.65 -8.20 -28.25
CA ARG B 70 19.91 -8.59 -29.64
C ARG B 70 19.82 -10.09 -29.80
N GLU B 71 20.11 -10.85 -28.75
CA GLU B 71 19.88 -12.29 -28.80
C GLU B 71 18.39 -12.58 -28.89
N ARG B 72 17.57 -11.80 -28.19
CA ARG B 72 16.13 -12.00 -28.21
C ARG B 72 15.53 -11.61 -29.54
N VAL B 73 16.08 -10.56 -30.18
CA VAL B 73 15.58 -10.12 -31.48
C VAL B 73 15.87 -11.18 -32.55
N GLU B 74 17.06 -11.78 -32.49
CA GLU B 74 17.42 -12.80 -33.47
C GLU B 74 16.56 -14.06 -33.30
N SER B 75 16.24 -14.43 -32.06
CA SER B 75 15.35 -15.55 -31.85
C SER B 75 13.94 -15.24 -32.38
N ALA B 76 13.54 -13.98 -32.29
CA ALA B 76 12.21 -13.61 -32.75
C ALA B 76 12.11 -13.60 -34.27
N ILE B 77 13.16 -13.14 -34.97
CA ILE B 77 13.12 -13.19 -36.44
C ILE B 77 13.15 -14.63 -36.93
N LYS B 78 13.88 -15.51 -36.23
CA LYS B 78 13.89 -16.92 -36.61
C LYS B 78 12.54 -17.56 -36.34
N ARG B 79 11.89 -17.16 -35.24
CA ARG B 79 10.58 -17.72 -34.89
C ARG B 79 9.54 -17.38 -35.94
N VAL B 80 9.56 -16.13 -36.43
CA VAL B 80 8.61 -15.74 -37.46
C VAL B 80 9.06 -16.19 -38.84
N SER B 81 10.34 -16.56 -38.99
CA SER B 81 10.81 -17.09 -40.27
C SER B 81 10.14 -18.40 -40.61
N GLU B 82 9.73 -19.16 -39.59
CA GLU B 82 9.09 -20.45 -39.72
C GLU B 82 7.82 -20.43 -38.85
N ARG B 83 6.67 -20.14 -39.48
CA ARG B 83 5.35 -20.24 -38.85
C ARG B 83 5.16 -19.30 -37.65
N GLY B 84 5.50 -18.02 -37.81
CA GLY B 84 5.39 -17.07 -36.72
C GLY B 84 4.04 -16.36 -36.68
N GLY B 85 3.41 -16.36 -35.51
CA GLY B 85 2.19 -15.59 -35.30
C GLY B 85 2.50 -14.14 -35.03
N GLY B 86 3.05 -13.46 -36.04
CA GLY B 86 3.53 -12.11 -35.87
C GLY B 86 4.93 -12.06 -35.28
N PHE B 87 5.37 -10.84 -35.06
CA PHE B 87 6.66 -10.54 -34.47
C PHE B 87 6.41 -9.46 -33.43
N ASP B 88 6.77 -9.72 -32.17
CA ASP B 88 6.44 -8.78 -31.10
C ASP B 88 7.45 -8.99 -29.97
N VAL B 89 8.45 -8.11 -29.91
CA VAL B 89 9.42 -8.09 -28.82
C VAL B 89 9.76 -6.64 -28.52
N SER B 90 10.07 -6.37 -27.26
CA SER B 90 10.43 -5.04 -26.80
C SER B 90 11.79 -5.08 -26.13
N PHE B 91 12.48 -3.95 -26.17
CA PHE B 91 13.86 -3.87 -25.72
C PHE B 91 14.20 -2.42 -25.42
N ARG B 92 15.17 -2.23 -24.54
CA ARG B 92 15.71 -0.91 -24.30
C ARG B 92 17.00 -0.73 -25.11
N VAL B 93 17.08 0.38 -25.84
CA VAL B 93 18.29 0.76 -26.53
C VAL B 93 18.92 1.92 -25.76
N ALA B 94 20.26 1.97 -25.76
CA ALA B 94 20.93 3.03 -25.04
C ALA B 94 20.64 4.40 -25.65
N GLY B 95 20.26 4.46 -26.94
CA GLY B 95 19.97 5.72 -27.61
C GLY B 95 21.19 6.62 -27.61
N THR B 96 21.33 7.38 -26.52
CA THR B 96 22.55 8.10 -26.18
C THR B 96 22.72 7.96 -24.67
N SER B 97 23.93 8.19 -24.18
CA SER B 97 24.22 7.90 -22.77
C SER B 97 23.27 8.69 -21.85
N ASN B 98 22.79 8.02 -20.81
CA ASN B 98 21.74 8.53 -19.90
C ASN B 98 20.42 8.81 -20.63
N ALA B 99 20.24 8.26 -21.84
CA ALA B 99 19.01 8.47 -22.61
C ALA B 99 18.57 7.15 -23.23
N GLY B 100 18.53 6.10 -22.41
CA GLY B 100 17.96 4.85 -22.85
C GLY B 100 16.50 5.00 -23.19
N GLN B 101 16.07 4.34 -24.27
CA GLN B 101 14.72 4.48 -24.82
C GLN B 101 14.13 3.09 -25.04
N TRP B 102 13.12 2.74 -24.26
CA TRP B 102 12.38 1.51 -24.50
C TRP B 102 11.56 1.61 -25.78
N ILE B 103 11.57 0.56 -26.61
CA ILE B 103 10.70 0.53 -27.78
C ILE B 103 10.13 -0.88 -27.96
N ARG B 104 8.95 -0.93 -28.56
CA ARG B 104 8.28 -2.17 -28.93
C ARG B 104 8.29 -2.34 -30.44
N ALA B 105 8.85 -3.46 -30.92
CA ALA B 105 8.90 -3.77 -32.33
C ALA B 105 7.82 -4.78 -32.68
N ARG B 106 6.98 -4.44 -33.65
CA ARG B 106 5.93 -5.32 -34.12
C ARG B 106 6.00 -5.46 -35.64
N ALA B 107 5.67 -6.64 -36.15
CA ALA B 107 5.80 -6.91 -37.58
C ALA B 107 4.92 -8.10 -37.97
N GLY B 108 4.61 -8.16 -39.27
CA GLY B 108 3.97 -9.32 -39.85
C GLY B 108 4.58 -9.67 -41.20
N LEU B 109 4.26 -10.88 -41.66
CA LEU B 109 4.73 -11.37 -42.95
C LEU B 109 3.81 -10.93 -44.08
N ILE B 110 4.39 -10.76 -45.28
CA ILE B 110 3.64 -10.43 -46.49
C ILE B 110 4.23 -11.19 -47.67
N ARG B 111 3.35 -11.78 -48.49
CA ARG B 111 3.70 -12.69 -49.58
C ARG B 111 4.02 -11.95 -50.89
N ASP B 112 4.63 -12.65 -51.85
CA ASP B 112 4.79 -12.13 -53.20
C ASP B 112 3.52 -12.22 -54.03
N GLU B 113 3.27 -13.40 -54.60
CA GLU B 113 2.00 -13.69 -55.29
C GLU B 113 1.46 -15.08 -55.00
N ALA B 114 2.30 -16.08 -54.74
CA ALA B 114 1.84 -17.41 -54.34
C ALA B 114 2.70 -18.09 -53.30
N GLY B 115 3.97 -17.72 -53.15
CA GLY B 115 4.89 -18.44 -52.29
C GLY B 115 5.09 -17.81 -50.93
N THR B 116 6.17 -18.20 -50.27
CA THR B 116 6.51 -17.79 -48.92
C THR B 116 6.81 -16.29 -48.89
N ALA B 117 6.60 -15.67 -47.72
CA ALA B 117 6.63 -14.22 -47.59
C ALA B 117 7.96 -13.65 -48.05
N ARG B 118 7.87 -12.60 -48.86
CA ARG B 118 9.06 -11.92 -49.37
C ARG B 118 9.79 -11.21 -48.25
N HIS B 119 9.08 -10.35 -47.53
CA HIS B 119 9.65 -9.36 -46.64
C HIS B 119 8.87 -9.38 -45.33
N LEU B 120 9.57 -9.27 -44.22
CA LEU B 120 8.95 -9.16 -42.91
C LEU B 120 8.92 -7.68 -42.49
N SER B 121 7.71 -7.16 -42.26
CA SER B 121 7.51 -5.71 -42.19
C SER B 121 6.63 -5.33 -41.02
N GLY B 122 6.97 -4.22 -40.36
CA GLY B 122 6.17 -3.69 -39.29
C GLY B 122 6.64 -2.37 -38.73
N ILE B 123 6.48 -2.16 -37.42
CA ILE B 123 6.56 -0.84 -36.82
C ILE B 123 7.45 -0.84 -35.59
N PHE B 124 7.96 0.36 -35.26
CA PHE B 124 8.66 0.65 -34.01
C PHE B 124 7.84 1.63 -33.19
N LEU B 125 7.46 1.24 -31.98
CA LEU B 125 6.65 2.07 -31.09
C LEU B 125 7.48 2.56 -29.91
N ASP B 126 7.34 3.84 -29.60
CA ASP B 126 7.90 4.41 -28.38
C ASP B 126 7.03 4.00 -27.19
N ILE B 127 7.61 3.26 -26.24
CA ILE B 127 6.85 2.72 -25.12
C ILE B 127 7.41 3.19 -23.78
N ASP B 128 8.06 4.36 -23.76
CA ASP B 128 8.62 4.86 -22.51
C ASP B 128 7.53 5.12 -21.48
N GLU B 129 6.38 5.65 -21.91
CA GLU B 129 5.30 5.92 -20.96
C GLU B 129 4.69 4.62 -20.46
N GLU B 130 4.56 3.63 -21.34
CA GLU B 130 3.98 2.35 -20.95
C GLU B 130 4.83 1.67 -19.88
N LYS B 131 6.14 1.84 -19.92
CA LYS B 131 6.99 1.17 -18.96
C LYS B 131 7.24 1.99 -17.72
N GLN B 132 7.07 3.32 -17.78
CA GLN B 132 6.96 4.09 -16.55
C GLN B 132 5.74 3.63 -15.75
N VAL B 133 4.59 3.48 -16.43
CA VAL B 133 3.38 3.05 -15.73
C VAL B 133 3.56 1.64 -15.19
N GLU B 134 4.13 0.75 -16.00
CA GLU B 134 4.32 -0.63 -15.58
C GLU B 134 5.22 -0.72 -14.36
N GLY B 135 6.29 0.08 -14.34
CA GLY B 135 7.17 0.08 -13.20
C GLY B 135 6.54 0.74 -11.99
N ALA B 136 5.69 1.74 -12.22
CA ALA B 136 5.03 2.36 -11.09
C ALA B 136 4.04 1.40 -10.43
N LEU B 137 3.34 0.60 -11.23
CA LEU B 137 2.44 -0.40 -10.68
C LEU B 137 3.23 -1.47 -9.95
N ARG B 138 4.37 -1.87 -10.52
CA ARG B 138 5.21 -2.90 -9.90
C ARG B 138 5.71 -2.44 -8.53
N THR B 139 6.13 -1.17 -8.42
CA THR B 139 6.55 -0.64 -7.14
C THR B 139 5.40 -0.65 -6.14
N ARG B 140 4.19 -0.29 -6.60
CA ARG B 140 3.03 -0.26 -5.71
C ARG B 140 2.69 -1.65 -5.19
N GLU B 141 2.76 -2.67 -6.06
CA GLU B 141 2.45 -4.03 -5.64
C GLU B 141 3.49 -4.55 -4.64
N THR B 142 4.77 -4.26 -4.91
CA THR B 142 5.80 -4.68 -3.98
C THR B 142 5.60 -4.04 -2.62
N HIS B 143 5.23 -2.76 -2.62
CA HIS B 143 5.01 -2.06 -1.35
C HIS B 143 3.82 -2.66 -0.60
N LEU B 144 2.75 -3.00 -1.29
CA LEU B 144 1.59 -3.53 -0.60
C LEU B 144 1.91 -4.86 0.08
N ARG B 145 2.72 -5.70 -0.57
CA ARG B 145 3.15 -6.94 0.08
C ARG B 145 3.99 -6.65 1.29
N SER B 146 4.82 -5.61 1.22
CA SER B 146 5.67 -5.26 2.35
C SER B 146 4.82 -4.78 3.51
N ILE B 147 3.87 -3.89 3.23
CA ILE B 147 2.95 -3.41 4.25
C ILE B 147 2.18 -4.58 4.84
N LEU B 148 1.65 -5.44 3.96
CA LEU B 148 0.88 -6.58 4.43
C LEU B 148 1.71 -7.49 5.32
N HIS B 149 3.00 -7.61 5.05
CA HIS B 149 3.77 -8.53 5.85
C HIS B 149 4.31 -7.90 7.12
N THR B 150 4.49 -6.58 7.14
CA THR B 150 5.15 -5.90 8.24
C THR B 150 4.19 -5.28 9.23
N ILE B 151 3.01 -4.83 8.81
CA ILE B 151 2.19 -3.97 9.68
C ILE B 151 1.84 -4.74 10.96
N PRO B 152 2.12 -4.18 12.13
CA PRO B 152 1.80 -4.89 13.37
C PRO B 152 0.31 -5.19 13.57
N ASP B 153 -0.58 -4.29 13.18
CA ASP B 153 -2.00 -4.53 13.37
C ASP B 153 -2.52 -5.39 12.22
N ALA B 154 -3.44 -6.29 12.53
CA ALA B 154 -4.17 -7.02 11.51
C ALA B 154 -4.84 -6.05 10.57
N MET B 155 -4.47 -6.11 9.29
CA MET B 155 -5.07 -5.30 8.24
C MET B 155 -5.94 -6.21 7.37
N ILE B 156 -7.20 -5.82 7.16
CA ILE B 156 -8.13 -6.58 6.34
C ILE B 156 -8.79 -5.63 5.35
N VAL B 157 -8.90 -6.06 4.11
CA VAL B 157 -9.57 -5.27 3.08
C VAL B 157 -10.73 -6.08 2.52
N ILE B 158 -11.94 -5.52 2.61
CA ILE B 158 -13.14 -6.14 2.04
C ILE B 158 -13.72 -5.24 0.95
N ASP B 159 -14.54 -5.85 0.10
CA ASP B 159 -15.22 -5.12 -0.95
C ASP B 159 -16.60 -4.66 -0.45
N GLY B 160 -17.45 -4.24 -1.40
CA GLY B 160 -18.73 -3.68 -1.00
C GLY B 160 -19.69 -4.68 -0.42
N HIS B 161 -19.42 -5.97 -0.55
CA HIS B 161 -20.30 -7.00 -0.03
C HIS B 161 -19.65 -7.79 1.08
N GLY B 162 -18.56 -7.29 1.64
CA GLY B 162 -17.90 -7.95 2.74
C GLY B 162 -17.00 -9.10 2.33
N ILE B 163 -16.70 -9.25 1.05
CA ILE B 163 -15.79 -10.29 0.62
C ILE B 163 -14.36 -9.84 0.86
N ILE B 164 -13.59 -10.66 1.58
CA ILE B 164 -12.21 -10.33 1.93
C ILE B 164 -11.37 -10.30 0.66
N GLN B 165 -10.71 -9.17 0.41
CA GLN B 165 -9.79 -9.02 -0.71
C GLN B 165 -8.34 -9.23 -0.31
N LEU B 166 -7.94 -8.76 0.87
CA LEU B 166 -6.57 -8.80 1.33
C LEU B 166 -6.57 -9.16 2.80
N PHE B 167 -5.48 -9.78 3.24
CA PHE B 167 -5.46 -10.35 4.58
C PHE B 167 -4.00 -10.40 5.02
N SER B 168 -3.62 -9.51 5.94
CA SER B 168 -2.22 -9.31 6.30
C SER B 168 -1.73 -10.40 7.24
N THR B 169 -0.40 -10.52 7.32
CA THR B 169 0.27 -11.49 8.18
C THR B 169 -0.25 -11.43 9.60
N ALA B 170 -0.44 -10.23 10.15
CA ALA B 170 -0.93 -10.15 11.51
C ALA B 170 -2.36 -10.65 11.59
N ALA B 171 -3.16 -10.47 10.53
CA ALA B 171 -4.51 -11.02 10.54
C ALA B 171 -4.49 -12.53 10.60
N GLU B 172 -3.58 -13.17 9.83
CA GLU B 172 -3.55 -14.64 9.89
C GLU B 172 -3.11 -15.10 11.27
N ARG B 173 -2.14 -14.42 11.89
CA ARG B 173 -1.73 -14.82 13.22
C ARG B 173 -2.85 -14.61 14.23
N LEU B 174 -3.65 -13.56 14.05
CA LEU B 174 -4.60 -13.22 15.11
C LEU B 174 -5.86 -14.05 14.98
N PHE B 175 -6.35 -14.25 13.75
CA PHE B 175 -7.61 -14.94 13.51
C PHE B 175 -7.45 -16.41 13.19
N GLY B 176 -6.25 -16.86 12.84
CA GLY B 176 -6.03 -18.26 12.56
C GLY B 176 -6.38 -18.75 11.17
N TRP B 177 -6.62 -17.86 10.22
CA TRP B 177 -6.82 -18.23 8.83
C TRP B 177 -5.63 -17.78 8.00
N SER B 178 -5.16 -18.63 7.10
CA SER B 178 -4.23 -18.14 6.08
C SER B 178 -4.95 -17.17 5.14
N GLU B 179 -4.16 -16.30 4.48
CA GLU B 179 -4.77 -15.42 3.49
C GLU B 179 -5.42 -16.21 2.36
N LEU B 180 -4.80 -17.32 1.95
CA LEU B 180 -5.40 -18.13 0.92
C LEU B 180 -6.72 -18.72 1.39
N GLU B 181 -6.83 -19.04 2.69
CA GLU B 181 -8.10 -19.49 3.23
C GLU B 181 -9.08 -18.35 3.39
N ALA B 182 -8.57 -17.16 3.71
CA ALA B 182 -9.44 -16.04 4.05
C ALA B 182 -9.97 -15.33 2.81
N ILE B 183 -9.09 -15.04 1.83
CA ILE B 183 -9.50 -14.27 0.67
C ILE B 183 -10.62 -14.99 -0.07
N GLY B 184 -11.65 -14.23 -0.43
CA GLY B 184 -12.83 -14.74 -1.07
C GLY B 184 -13.92 -15.17 -0.12
N GLN B 185 -13.63 -15.23 1.17
CA GLN B 185 -14.62 -15.47 2.21
C GLN B 185 -15.22 -14.16 2.67
N ASN B 186 -16.46 -14.21 3.14
CA ASN B 186 -17.05 -13.05 3.78
C ASN B 186 -16.34 -12.77 5.11
N VAL B 187 -16.20 -11.48 5.41
CA VAL B 187 -15.49 -11.07 6.62
C VAL B 187 -16.20 -11.55 7.88
N ASN B 188 -17.47 -11.95 7.77
CA ASN B 188 -18.21 -12.40 8.95
C ASN B 188 -17.71 -13.72 9.51
N ILE B 189 -16.82 -14.43 8.80
CA ILE B 189 -16.20 -15.62 9.37
C ILE B 189 -15.33 -15.26 10.56
N LEU B 190 -14.93 -14.00 10.68
CA LEU B 190 -14.10 -13.54 11.79
C LEU B 190 -14.91 -13.12 13.01
N MET B 191 -16.24 -13.25 12.99
CA MET B 191 -16.99 -12.71 14.12
C MET B 191 -17.97 -13.75 14.67
N PRO B 192 -18.34 -13.63 15.94
CA PRO B 192 -19.38 -14.51 16.49
C PRO B 192 -20.78 -14.02 16.12
N GLU B 193 -21.76 -14.85 16.45
CA GLU B 193 -23.13 -14.39 16.51
C GLU B 193 -23.32 -13.46 17.71
N PRO B 194 -24.28 -12.51 17.63
CA PRO B 194 -25.17 -12.19 16.51
C PRO B 194 -24.54 -11.42 15.33
N ASP B 195 -23.34 -10.85 15.50
CA ASP B 195 -22.77 -9.99 14.46
C ASP B 195 -22.54 -10.73 13.15
N ARG B 196 -22.25 -12.04 13.24
CA ARG B 196 -21.95 -12.86 12.07
C ARG B 196 -23.07 -12.81 11.04
N SER B 197 -24.31 -12.95 11.51
CA SER B 197 -25.45 -12.99 10.60
C SER B 197 -25.97 -11.61 10.22
N ARG B 198 -25.57 -10.57 10.94
CA ARG B 198 -26.03 -9.21 10.67
C ARG B 198 -25.00 -8.34 9.97
N HIS B 199 -23.76 -8.79 9.82
CA HIS B 199 -22.74 -7.88 9.30
C HIS B 199 -23.01 -7.49 7.86
N ASP B 200 -23.56 -8.41 7.05
CA ASP B 200 -23.90 -8.04 5.68
C ASP B 200 -24.90 -6.91 5.66
N SER B 201 -25.90 -6.98 6.55
CA SER B 201 -26.91 -5.93 6.62
C SER B 201 -26.31 -4.62 7.12
N TYR B 202 -25.28 -4.67 7.96
CA TYR B 202 -24.61 -3.44 8.37
C TYR B 202 -23.95 -2.77 7.18
N ILE B 203 -23.35 -3.55 6.28
CA ILE B 203 -22.65 -2.97 5.16
C ILE B 203 -23.62 -2.34 4.17
N SER B 204 -24.71 -3.04 3.85
CA SER B 204 -25.66 -2.49 2.89
C SER B 204 -26.42 -1.29 3.47
N ARG B 205 -26.73 -1.33 4.77
CA ARG B 205 -27.39 -0.18 5.39
C ARG B 205 -26.47 1.03 5.37
N TYR B 206 -25.16 0.81 5.53
CA TYR B 206 -24.24 1.92 5.44
C TYR B 206 -24.12 2.44 4.01
N ARG B 207 -24.16 1.56 3.02
CA ARG B 207 -23.95 2.00 1.64
C ARG B 207 -25.09 2.88 1.13
N THR B 208 -26.27 2.79 1.71
CA THR B 208 -27.34 3.76 1.44
C THR B 208 -27.46 4.78 2.58
N THR B 209 -26.39 5.56 2.76
CA THR B 209 -26.34 6.59 3.81
C THR B 209 -25.71 7.88 3.31
N SER B 210 -24.61 7.78 2.56
CA SER B 210 -23.94 8.87 1.85
C SER B 210 -23.27 9.91 2.75
N ASP B 211 -23.46 9.85 4.07
CA ASP B 211 -22.73 10.76 4.96
C ASP B 211 -21.28 10.30 5.10
N PRO B 212 -20.31 11.16 4.84
CA PRO B 212 -18.90 10.79 5.04
C PRO B 212 -18.49 10.80 6.51
N HIS B 213 -17.38 10.11 6.78
CA HIS B 213 -16.69 10.13 8.08
C HIS B 213 -17.57 9.58 9.20
N ILE B 214 -18.32 8.52 8.91
CA ILE B 214 -18.99 7.69 9.91
C ILE B 214 -18.22 6.37 9.96
N ILE B 215 -17.59 5.99 8.85
CA ILE B 215 -16.69 4.85 8.87
C ILE B 215 -15.44 5.18 9.68
N GLY B 216 -15.14 6.48 9.84
CA GLY B 216 -13.94 6.88 10.56
C GLY B 216 -14.04 6.67 12.06
N ILE B 217 -15.26 6.64 12.60
CA ILE B 217 -15.43 6.33 14.02
C ILE B 217 -14.94 4.91 14.25
N GLY B 218 -14.08 4.71 15.26
CA GLY B 218 -13.67 3.38 15.61
C GLY B 218 -14.76 2.69 16.41
N ARG B 219 -14.54 1.41 16.68
CA ARG B 219 -15.45 0.74 17.60
C ARG B 219 -14.75 -0.45 18.23
N ILE B 220 -15.29 -0.88 19.37
CA ILE B 220 -14.81 -2.04 20.12
C ILE B 220 -15.76 -3.18 19.84
N VAL B 221 -15.28 -4.22 19.19
CA VAL B 221 -16.12 -5.40 18.95
C VAL B 221 -15.44 -6.61 19.55
N THR B 222 -16.09 -7.78 19.46
CA THR B 222 -15.42 -9.04 19.74
C THR B 222 -15.19 -9.80 18.44
N GLY B 223 -13.97 -10.30 18.26
CA GLY B 223 -13.63 -11.15 17.14
C GLY B 223 -13.71 -12.62 17.51
N LYS B 224 -13.76 -13.47 16.49
CA LYS B 224 -13.75 -14.92 16.68
C LYS B 224 -12.61 -15.50 15.85
N ARG B 225 -11.72 -16.24 16.50
CA ARG B 225 -10.74 -17.03 15.79
C ARG B 225 -11.40 -18.23 15.12
N ARG B 226 -10.73 -18.74 14.07
CA ARG B 226 -11.12 -20.04 13.51
C ARG B 226 -11.05 -21.13 14.57
N ASP B 227 -10.20 -20.91 15.58
CA ASP B 227 -10.18 -21.66 16.82
C ASP B 227 -11.57 -21.75 17.45
N GLY B 228 -12.41 -20.73 17.24
CA GLY B 228 -13.66 -20.60 17.96
C GLY B 228 -13.57 -19.73 19.20
N THR B 229 -12.36 -19.42 19.68
CA THR B 229 -12.23 -18.52 20.82
C THR B 229 -12.52 -17.09 20.39
N THR B 230 -12.93 -16.28 21.36
CA THR B 230 -13.29 -14.89 21.12
C THR B 230 -12.37 -13.95 21.90
N PHE B 231 -12.24 -12.71 21.40
CA PHE B 231 -11.39 -11.71 22.04
C PHE B 231 -11.94 -10.32 21.78
N PRO B 232 -11.73 -9.37 22.72
CA PRO B 232 -12.04 -7.98 22.43
C PRO B 232 -11.03 -7.36 21.46
N MET B 233 -11.53 -6.51 20.58
CA MET B 233 -10.66 -5.86 19.61
C MET B 233 -11.24 -4.51 19.25
N HIS B 234 -10.35 -3.57 18.95
CA HIS B 234 -10.71 -2.30 18.35
C HIS B 234 -10.42 -2.32 16.86
N LEU B 235 -11.25 -1.63 16.07
CA LEU B 235 -10.84 -1.44 14.68
C LEU B 235 -11.37 -0.15 14.09
N SER B 236 -10.63 0.30 13.06
CA SER B 236 -10.82 1.53 12.33
C SER B 236 -10.90 1.18 10.85
N ILE B 237 -11.76 1.89 10.11
CA ILE B 237 -11.98 1.60 8.70
C ILE B 237 -11.76 2.87 7.88
N GLY B 238 -11.16 2.71 6.70
CA GLY B 238 -11.20 3.74 5.67
C GLY B 238 -11.89 3.23 4.43
N GLU B 239 -12.79 4.05 3.87
CA GLU B 239 -13.36 3.82 2.54
C GLU B 239 -12.38 4.23 1.45
N MET B 240 -12.53 3.58 0.29
CA MET B 240 -12.07 4.13 -0.96
C MET B 240 -13.06 3.73 -2.06
N GLN B 241 -12.94 4.37 -3.22
CA GLN B 241 -13.72 4.02 -4.39
C GLN B 241 -12.78 3.52 -5.48
N SER B 242 -13.14 2.40 -6.10
CA SER B 242 -12.46 1.98 -7.32
C SER B 242 -13.46 1.27 -8.22
N GLY B 243 -13.46 1.64 -9.50
CA GLY B 243 -14.15 0.84 -10.50
C GLY B 243 -15.64 0.72 -10.30
N GLY B 244 -16.26 1.66 -9.58
CA GLY B 244 -17.67 1.64 -9.31
C GLY B 244 -18.07 0.98 -8.00
N GLU B 245 -17.13 0.42 -7.25
CA GLU B 245 -17.42 -0.27 -6.01
C GLU B 245 -16.59 0.36 -4.89
N PRO B 246 -17.12 0.39 -3.68
CA PRO B 246 -16.31 0.77 -2.52
C PRO B 246 -15.45 -0.39 -2.03
N TYR B 247 -14.34 -0.04 -1.37
CA TYR B 247 -13.57 -1.01 -0.61
C TYR B 247 -13.23 -0.43 0.75
N PHE B 248 -13.20 -1.28 1.76
CA PHE B 248 -12.96 -0.86 3.13
C PHE B 248 -11.72 -1.54 3.68
N THR B 249 -10.81 -0.77 4.28
CA THR B 249 -9.58 -1.27 4.87
C THR B 249 -9.69 -1.19 6.39
N GLY B 250 -9.79 -2.35 7.05
CA GLY B 250 -9.84 -2.39 8.51
C GLY B 250 -8.47 -2.57 9.15
N PHE B 251 -8.23 -1.83 10.24
CA PHE B 251 -7.04 -1.98 11.06
C PHE B 251 -7.46 -2.46 12.44
N VAL B 252 -7.13 -3.70 12.75
CA VAL B 252 -7.63 -4.39 13.93
C VAL B 252 -6.56 -4.38 14.99
N ARG B 253 -6.94 -4.02 16.22
CA ARG B 253 -6.03 -4.13 17.36
C ARG B 253 -6.64 -5.01 18.43
N ASP B 254 -5.94 -6.10 18.76
CA ASP B 254 -6.30 -6.94 19.88
C ASP B 254 -6.22 -6.15 21.18
N LEU B 255 -7.24 -6.28 22.02
CA LEU B 255 -7.31 -5.59 23.30
C LEU B 255 -7.28 -6.54 24.48
N THR B 256 -6.89 -7.80 24.27
CA THR B 256 -6.92 -8.77 25.36
C THR B 256 -5.94 -8.37 26.46
N GLU B 257 -4.68 -8.11 26.11
CA GLU B 257 -3.72 -7.71 27.12
C GLU B 257 -4.02 -6.31 27.66
N HIS B 258 -4.58 -5.43 26.83
CA HIS B 258 -4.87 -4.08 27.33
C HIS B 258 -5.96 -4.12 28.40
N GLN B 259 -6.98 -4.94 28.19
CA GLN B 259 -8.09 -4.99 29.14
C GLN B 259 -7.78 -5.79 30.39
N GLN B 260 -6.77 -6.67 30.35
CA GLN B 260 -6.46 -7.43 31.55
C GLN B 260 -5.44 -6.74 32.45
N THR B 261 -4.49 -5.98 31.89
CA THR B 261 -3.67 -5.13 32.75
C THR B 261 -4.48 -3.96 33.29
N GLN B 262 -5.43 -3.44 32.50
CA GLN B 262 -6.32 -2.38 32.98
C GLN B 262 -7.28 -2.91 34.05
N ALA B 263 -7.57 -4.22 34.03
CA ALA B 263 -8.42 -4.81 35.07
C ALA B 263 -7.60 -5.15 36.30
N ARG B 264 -6.38 -5.67 36.13
CA ARG B 264 -5.52 -5.96 37.26
C ARG B 264 -4.89 -4.69 37.83
N LEU B 265 -4.94 -3.57 37.11
CA LEU B 265 -4.54 -2.29 37.69
C LEU B 265 -5.61 -1.74 38.62
N GLN B 266 -6.87 -1.73 38.17
CA GLN B 266 -7.96 -1.13 38.92
C GLN B 266 -8.66 -2.14 39.84
N GLU B 267 -8.25 -3.41 39.84
CA GLU B 267 -8.60 -4.30 40.94
C GLU B 267 -7.50 -4.44 41.98
N LEU B 268 -6.26 -4.10 41.62
CA LEU B 268 -5.22 -3.87 42.61
C LEU B 268 -5.20 -2.43 43.10
N GLN B 269 -6.02 -1.55 42.51
CA GLN B 269 -6.34 -0.23 43.05
C GLN B 269 -7.51 -0.28 44.03
N SER B 270 -8.21 -1.42 44.14
CA SER B 270 -9.32 -1.57 45.06
C SER B 270 -9.00 -2.49 46.23
N GLU B 271 -7.75 -2.92 46.37
CA GLU B 271 -7.33 -3.63 47.57
C GLU B 271 -7.40 -2.77 48.82
N LEU B 272 -7.38 -1.45 48.66
CA LEU B 272 -7.43 -0.52 49.78
C LEU B 272 -8.71 0.30 49.84
N VAL B 273 -9.27 0.70 48.70
CA VAL B 273 -10.56 1.43 48.73
C VAL B 273 -11.63 0.43 49.07
N ILE C 21 32.42 30.34 -19.13
CA ILE C 21 31.93 29.66 -17.94
C ILE C 21 30.96 28.55 -18.32
N GLU C 22 31.50 27.36 -18.55
CA GLU C 22 30.72 26.22 -18.99
C GLU C 22 29.73 25.78 -17.92
N GLY C 23 28.50 25.51 -18.34
CA GLY C 23 27.44 25.16 -17.41
C GLY C 23 26.72 26.40 -16.94
N PHE C 24 26.62 26.54 -15.61
CA PHE C 24 26.24 27.79 -14.92
C PHE C 24 24.75 28.10 -15.04
N GLY C 25 24.20 28.06 -16.25
CA GLY C 25 22.79 28.32 -16.43
C GLY C 25 22.41 29.77 -16.30
N VAL C 26 23.40 30.65 -16.15
CA VAL C 26 23.20 32.06 -15.91
C VAL C 26 23.85 32.80 -17.07
N GLY C 27 23.21 33.87 -17.52
CA GLY C 27 23.87 34.78 -18.43
C GLY C 27 24.57 35.89 -17.70
N THR C 28 25.57 36.46 -18.36
CA THR C 28 26.23 37.64 -17.83
C THR C 28 26.30 38.68 -18.93
N TRP C 29 26.35 39.95 -18.51
CA TRP C 29 26.39 41.04 -19.47
C TRP C 29 27.12 42.21 -18.86
N ASP C 30 27.72 43.03 -19.73
CA ASP C 30 28.20 44.33 -19.32
C ASP C 30 27.62 45.38 -20.25
N LEU C 31 27.33 46.54 -19.69
CA LEU C 31 26.95 47.69 -20.47
C LEU C 31 27.55 48.91 -19.79
N ASP C 32 28.17 49.77 -20.57
CA ASP C 32 28.66 51.04 -20.07
C ASP C 32 27.60 52.10 -20.28
N LEU C 33 27.35 52.92 -19.24
CA LEU C 33 26.34 53.96 -19.35
C LEU C 33 26.69 54.97 -20.44
N LYS C 34 27.97 55.24 -20.62
CA LYS C 34 28.46 56.06 -21.72
C LYS C 34 28.88 55.15 -22.87
N THR C 35 28.49 55.55 -24.09
CA THR C 35 28.59 54.88 -25.40
C THR C 35 27.59 53.75 -25.61
N TRP C 36 26.88 53.34 -24.54
CA TRP C 36 25.72 52.44 -24.63
C TRP C 36 26.03 51.13 -25.34
N ALA C 37 27.26 50.63 -25.21
CA ALA C 37 27.62 49.32 -25.73
C ALA C 37 27.15 48.20 -24.82
N LEU C 38 26.84 47.04 -25.41
CA LEU C 38 26.37 45.88 -24.67
C LEU C 38 27.07 44.63 -25.17
N ASP C 39 27.49 43.77 -24.23
CA ASP C 39 27.99 42.43 -24.53
C ASP C 39 27.36 41.44 -23.57
N TRP C 40 26.80 40.36 -24.11
CA TRP C 40 26.17 39.34 -23.28
C TRP C 40 26.85 37.98 -23.46
N SER C 41 26.63 37.12 -22.47
CA SER C 41 27.09 35.75 -22.47
C SER C 41 26.38 34.92 -23.53
N ASP C 42 27.02 33.83 -23.94
CA ASP C 42 26.40 32.89 -24.87
C ASP C 42 25.15 32.24 -24.26
N THR C 43 25.17 31.96 -22.96
CA THR C 43 23.98 31.42 -22.31
C THR C 43 22.91 32.50 -22.13
N ALA C 44 23.30 33.77 -22.14
CA ALA C 44 22.32 34.85 -22.09
C ALA C 44 21.56 35.02 -23.40
N ARG C 45 22.22 34.79 -24.54
CA ARG C 45 21.53 34.91 -25.83
C ARG C 45 20.37 33.92 -25.93
N THR C 46 20.58 32.69 -25.46
CA THR C 46 19.54 31.68 -25.55
C THR C 46 18.33 32.00 -24.67
N LEU C 47 18.56 32.67 -23.52
CA LEU C 47 17.44 33.10 -22.69
C LEU C 47 16.58 34.14 -23.38
N LEU C 48 17.18 34.99 -24.21
CA LEU C 48 16.43 36.03 -24.90
C LEU C 48 15.80 35.54 -26.18
N GLY C 49 16.06 34.30 -26.58
CA GLY C 49 15.33 33.70 -27.69
C GLY C 49 15.75 34.16 -29.06
N ILE C 50 16.91 34.82 -29.17
CA ILE C 50 17.41 35.28 -30.46
C ILE C 50 18.92 35.42 -30.35
N GLY C 51 19.59 35.39 -31.50
CA GLY C 51 21.01 35.68 -31.55
C GLY C 51 21.86 34.52 -32.04
N GLN C 52 21.39 33.82 -33.07
CA GLN C 52 22.17 32.71 -33.62
C GLN C 52 23.46 33.19 -34.28
N ASP C 53 23.43 34.38 -34.87
CA ASP C 53 24.61 34.98 -35.48
C ASP C 53 24.65 36.48 -35.32
N GLN C 54 23.54 37.13 -34.92
CA GLN C 54 23.49 38.58 -34.84
C GLN C 54 24.16 39.09 -33.56
N PRO C 55 24.96 40.14 -33.67
CA PRO C 55 25.79 40.59 -32.54
C PRO C 55 24.98 41.25 -31.44
N ALA C 56 25.59 41.31 -30.27
CA ALA C 56 24.99 42.00 -29.14
C ALA C 56 24.80 43.48 -29.42
N SER C 57 23.66 44.01 -28.99
CA SER C 57 23.34 45.42 -29.13
C SER C 57 22.30 45.79 -28.07
N TYR C 58 22.47 46.97 -27.46
CA TYR C 58 21.47 47.44 -26.50
C TYR C 58 20.11 47.63 -27.15
N ASP C 59 20.10 48.02 -28.43
CA ASP C 59 18.84 48.14 -29.16
C ASP C 59 18.22 46.77 -29.38
N LEU C 60 19.04 45.74 -29.66
CA LEU C 60 18.51 44.40 -29.86
C LEU C 60 17.92 43.83 -28.57
N PHE C 61 18.52 44.18 -27.43
CA PHE C 61 18.01 43.69 -26.15
C PHE C 61 16.65 44.27 -25.84
N LEU C 62 16.50 45.59 -26.00
CA LEU C 62 15.21 46.22 -25.75
C LEU C 62 14.14 45.76 -26.73
N SER C 63 14.55 45.24 -27.89
CA SER C 63 13.62 44.72 -28.88
C SER C 63 12.98 43.40 -28.47
N ARG C 64 13.58 42.65 -27.54
CA ARG C 64 12.99 41.39 -27.13
C ARG C 64 11.90 41.56 -26.09
N LEU C 65 11.98 42.64 -25.29
CA LEU C 65 10.99 42.94 -24.28
C LEU C 65 9.73 43.51 -24.92
N GLU C 66 8.59 43.24 -24.28
CA GLU C 66 7.36 43.92 -24.65
C GLU C 66 7.42 45.40 -24.24
N PRO C 67 6.73 46.29 -24.97
CA PRO C 67 6.92 47.74 -24.77
C PRO C 67 6.23 48.30 -23.53
N ASP C 68 6.62 47.78 -22.38
CA ASP C 68 6.28 48.40 -21.10
C ASP C 68 7.47 48.24 -20.18
N ASP C 69 7.96 47.00 -20.06
CA ASP C 69 9.12 46.72 -19.24
C ASP C 69 10.40 47.30 -19.82
N ARG C 70 10.43 47.58 -21.13
CA ARG C 70 11.60 48.27 -21.68
C ARG C 70 11.75 49.66 -21.07
N GLU C 71 10.63 50.40 -20.93
CA GLU C 71 10.69 51.70 -20.26
C GLU C 71 11.08 51.52 -18.80
N ARG C 72 10.62 50.43 -18.17
CA ARG C 72 10.96 50.17 -16.79
C ARG C 72 12.47 49.99 -16.63
N VAL C 73 13.08 49.27 -17.59
CA VAL C 73 14.52 49.02 -17.57
C VAL C 73 15.28 50.32 -17.73
N GLU C 74 14.90 51.14 -18.71
CA GLU C 74 15.62 52.38 -18.97
C GLU C 74 15.53 53.34 -17.80
N SER C 75 14.36 53.45 -17.18
CA SER C 75 14.25 54.29 -15.99
C SER C 75 15.16 53.74 -14.89
N ALA C 76 15.26 52.42 -14.78
CA ALA C 76 16.09 51.80 -13.76
C ALA C 76 17.57 52.11 -13.98
N ILE C 77 18.05 52.00 -15.23
CA ILE C 77 19.46 52.25 -15.48
C ILE C 77 19.80 53.72 -15.24
N LYS C 78 18.85 54.63 -15.52
CA LYS C 78 19.11 56.05 -15.28
C LYS C 78 19.28 56.32 -13.80
N ARG C 79 18.47 55.65 -12.97
CA ARG C 79 18.60 55.74 -11.52
C ARG C 79 20.03 55.38 -11.16
N VAL C 80 20.54 54.31 -11.77
CA VAL C 80 21.91 53.86 -11.52
C VAL C 80 22.94 54.89 -12.02
N SER C 81 22.64 55.58 -13.12
CA SER C 81 23.62 56.52 -13.67
C SER C 81 23.78 57.72 -12.76
N GLU C 82 22.67 58.32 -12.34
CA GLU C 82 22.72 59.45 -11.43
C GLU C 82 23.27 59.01 -10.07
N ARG C 83 22.70 57.97 -9.49
CA ARG C 83 23.05 57.53 -8.14
C ARG C 83 23.30 56.03 -8.11
N GLY C 84 24.28 55.60 -7.34
CA GLY C 84 24.51 54.18 -7.15
C GLY C 84 23.42 53.53 -6.32
N GLY C 85 22.94 52.38 -6.77
CA GLY C 85 21.96 51.63 -6.01
C GLY C 85 21.85 50.17 -6.42
N GLY C 86 21.82 49.94 -7.73
CA GLY C 86 21.64 48.61 -8.27
C GLY C 86 20.58 48.57 -9.35
N PHE C 87 20.50 47.43 -10.02
CA PHE C 87 19.52 47.21 -11.07
C PHE C 87 18.91 45.83 -10.86
N ASP C 88 17.57 45.76 -10.82
CA ASP C 88 16.87 44.51 -10.50
C ASP C 88 15.45 44.62 -11.07
N VAL C 89 15.28 44.17 -12.31
CA VAL C 89 13.96 44.08 -12.92
C VAL C 89 13.77 42.70 -13.50
N SER C 90 12.49 42.33 -13.64
CA SER C 90 12.11 41.07 -14.24
C SER C 90 11.15 41.33 -15.39
N PHE C 91 11.10 40.40 -16.35
CA PHE C 91 10.32 40.60 -17.56
C PHE C 91 10.08 39.26 -18.24
N ARG C 92 9.13 39.25 -19.18
CA ARG C 92 8.82 38.09 -20.00
C ARG C 92 9.27 38.34 -21.43
N VAL C 93 9.76 37.29 -22.10
CA VAL C 93 10.13 37.36 -23.51
C VAL C 93 9.16 36.49 -24.31
N ALA C 94 9.04 36.80 -25.59
CA ALA C 94 8.16 36.05 -26.51
C ALA C 94 8.94 35.02 -27.32
N GLY C 95 9.77 34.21 -26.68
CA GLY C 95 10.68 33.35 -27.42
C GLY C 95 9.98 32.21 -28.14
N THR C 96 8.85 31.75 -27.62
CA THR C 96 8.05 30.71 -28.25
C THR C 96 6.62 31.20 -28.42
N SER C 97 5.88 30.52 -29.31
CA SER C 97 4.59 31.05 -29.77
C SER C 97 3.56 31.09 -28.65
N ASN C 98 3.49 30.04 -27.82
CA ASN C 98 2.48 29.95 -26.77
C ASN C 98 3.10 29.92 -25.37
N ALA C 99 4.35 30.35 -25.23
CA ALA C 99 4.98 30.39 -23.92
C ALA C 99 5.95 31.56 -23.85
N GLY C 100 6.19 32.04 -22.63
CA GLY C 100 7.11 33.14 -22.41
C GLY C 100 8.26 32.72 -21.51
N GLN C 101 9.40 33.39 -21.68
CA GLN C 101 10.58 33.17 -20.86
C GLN C 101 10.69 34.29 -19.83
N TRP C 102 10.51 33.94 -18.55
CA TRP C 102 10.70 34.92 -17.48
C TRP C 102 12.18 35.03 -17.14
N ILE C 103 12.67 36.27 -17.06
CA ILE C 103 14.07 36.54 -16.81
C ILE C 103 14.17 37.66 -15.78
N ARG C 104 14.99 37.47 -14.76
CA ARG C 104 15.31 38.51 -13.79
C ARG C 104 16.73 39.00 -14.04
N ALA C 105 16.86 40.27 -14.41
CA ALA C 105 18.15 40.88 -14.67
C ALA C 105 18.62 41.63 -13.44
N ARG C 106 19.82 41.28 -12.94
CA ARG C 106 20.42 41.95 -11.81
C ARG C 106 21.82 42.43 -12.17
N ALA C 107 22.18 43.62 -11.71
CA ALA C 107 23.42 44.25 -12.13
C ALA C 107 23.85 45.29 -11.10
N GLY C 108 25.14 45.60 -11.12
CA GLY C 108 25.71 46.56 -10.20
C GLY C 108 26.56 47.60 -10.90
N LEU C 109 26.75 48.72 -10.20
CA LEU C 109 27.57 49.81 -10.68
C LEU C 109 29.04 49.53 -10.47
N ILE C 110 29.87 49.83 -11.46
CA ILE C 110 31.32 49.78 -11.28
C ILE C 110 31.90 51.09 -11.80
N ARG C 111 32.33 51.95 -10.87
CA ARG C 111 32.90 53.25 -11.21
C ARG C 111 34.37 53.12 -11.55
N ASP C 112 34.82 53.97 -12.49
CA ASP C 112 36.21 53.97 -12.90
C ASP C 112 37.11 54.55 -11.80
N GLU C 113 36.75 55.73 -11.31
CA GLU C 113 37.48 56.46 -10.28
C GLU C 113 36.46 57.25 -9.48
N ALA C 114 36.91 58.29 -8.79
CA ALA C 114 36.01 59.15 -8.04
C ALA C 114 35.10 59.97 -8.95
N GLY C 115 35.44 60.09 -10.23
CA GLY C 115 34.70 60.89 -11.18
C GLY C 115 33.27 60.48 -11.47
N THR C 116 33.07 59.35 -12.16
CA THR C 116 31.76 58.94 -12.62
C THR C 116 31.62 57.42 -12.57
N ALA C 117 30.41 56.95 -12.83
CA ALA C 117 30.12 55.53 -12.98
C ALA C 117 30.11 55.18 -14.47
N ARG C 118 31.15 54.47 -14.92
CA ARG C 118 31.23 54.12 -16.33
C ARG C 118 30.36 52.90 -16.66
N HIS C 119 30.67 51.76 -16.06
CA HIS C 119 30.11 50.49 -16.50
C HIS C 119 29.05 49.98 -15.53
N LEU C 120 28.12 49.19 -16.08
CA LEU C 120 27.08 48.51 -15.32
C LEU C 120 27.04 47.06 -15.78
N SER C 121 27.45 46.14 -14.91
CA SER C 121 27.54 44.73 -15.28
C SER C 121 26.78 43.89 -14.26
N GLY C 122 26.45 42.67 -14.69
CA GLY C 122 25.75 41.74 -13.83
C GLY C 122 25.24 40.53 -14.59
N ILE C 123 24.05 40.04 -14.23
CA ILE C 123 23.65 38.70 -14.63
C ILE C 123 22.18 38.69 -15.06
N PHE C 124 21.86 37.76 -15.96
CA PHE C 124 20.50 37.42 -16.35
C PHE C 124 20.11 36.12 -15.67
N LEU C 125 19.14 36.18 -14.75
CA LEU C 125 18.64 34.99 -14.06
C LEU C 125 17.36 34.50 -14.73
N ASP C 126 17.28 33.18 -14.96
CA ASP C 126 16.02 32.53 -15.31
C ASP C 126 15.15 32.38 -14.05
N ILE C 127 13.93 32.89 -14.11
CA ILE C 127 13.05 32.84 -12.94
C ILE C 127 11.69 32.27 -13.28
N ASP C 128 11.61 31.38 -14.28
CA ASP C 128 10.34 30.75 -14.60
C ASP C 128 9.77 30.01 -13.38
N GLU C 129 10.59 29.19 -12.73
CA GLU C 129 10.10 28.44 -11.58
C GLU C 129 9.72 29.36 -10.42
N GLU C 130 10.48 30.44 -10.22
CA GLU C 130 10.15 31.38 -9.16
C GLU C 130 8.78 32.02 -9.40
N LYS C 131 8.46 32.31 -10.67
CA LYS C 131 7.15 32.86 -11.00
C LYS C 131 6.04 31.82 -10.97
N GLN C 132 6.34 30.55 -11.34
CA GLN C 132 5.30 29.52 -11.20
C GLN C 132 4.92 29.35 -9.73
N VAL C 133 5.92 29.39 -8.84
CA VAL C 133 5.64 29.26 -7.41
C VAL C 133 4.86 30.46 -6.90
N GLU C 134 5.27 31.66 -7.32
CA GLU C 134 4.58 32.86 -6.91
C GLU C 134 3.14 32.86 -7.41
N GLY C 135 2.93 32.45 -8.65
CA GLY C 135 1.58 32.40 -9.18
C GLY C 135 0.75 31.33 -8.51
N ALA C 136 1.36 30.18 -8.22
CA ALA C 136 0.63 29.11 -7.55
C ALA C 136 0.13 29.55 -6.18
N LEU C 137 0.98 30.25 -5.41
CA LEU C 137 0.56 30.75 -4.12
C LEU C 137 -0.57 31.74 -4.29
N ARG C 138 -0.50 32.54 -5.34
CA ARG C 138 -1.55 33.51 -5.60
C ARG C 138 -2.86 32.81 -5.96
N THR C 139 -2.84 31.72 -6.77
CA THR C 139 -4.12 31.08 -7.06
C THR C 139 -4.69 30.42 -5.81
N ARG C 140 -3.83 29.86 -4.96
CA ARG C 140 -4.30 29.24 -3.72
C ARG C 140 -4.91 30.30 -2.80
N GLU C 141 -4.34 31.51 -2.79
CA GLU C 141 -4.90 32.53 -1.91
C GLU C 141 -6.25 32.99 -2.43
N THR C 142 -6.35 33.22 -3.75
CA THR C 142 -7.63 33.61 -4.32
C THR C 142 -8.68 32.54 -4.05
N HIS C 143 -8.26 31.28 -4.12
CA HIS C 143 -9.20 30.19 -3.91
C HIS C 143 -9.70 30.17 -2.47
N LEU C 144 -8.81 30.39 -1.52
CA LEU C 144 -9.23 30.41 -0.12
C LEU C 144 -10.22 31.53 0.12
N ARG C 145 -10.02 32.69 -0.51
CA ARG C 145 -11.01 33.75 -0.40
C ARG C 145 -12.34 33.26 -0.97
N SER C 146 -12.28 32.55 -2.09
CA SER C 146 -13.47 32.01 -2.72
C SER C 146 -14.16 31.02 -1.79
N ILE C 147 -13.42 30.02 -1.25
CA ILE C 147 -14.01 29.08 -0.30
C ILE C 147 -14.68 29.84 0.82
N LEU C 148 -13.96 30.80 1.39
CA LEU C 148 -14.46 31.51 2.55
C LEU C 148 -15.72 32.29 2.24
N HIS C 149 -15.79 32.89 1.04
CA HIS C 149 -16.97 33.67 0.72
C HIS C 149 -18.17 32.78 0.44
N THR C 150 -17.97 31.65 -0.22
CA THR C 150 -19.11 30.93 -0.78
C THR C 150 -19.43 29.61 -0.10
N ILE C 151 -18.68 29.17 0.90
CA ILE C 151 -19.04 27.88 1.50
C ILE C 151 -20.32 28.03 2.31
N PRO C 152 -21.28 27.12 2.18
CA PRO C 152 -22.54 27.26 2.94
C PRO C 152 -22.38 27.09 4.44
N ASP C 153 -21.61 26.10 4.89
CA ASP C 153 -21.39 25.91 6.31
C ASP C 153 -20.46 27.00 6.82
N ALA C 154 -20.71 27.45 8.05
CA ALA C 154 -19.74 28.31 8.71
C ALA C 154 -18.43 27.56 8.86
N MET C 155 -17.35 28.20 8.43
CA MET C 155 -16.02 27.60 8.46
C MET C 155 -15.12 28.47 9.31
N ILE C 156 -14.52 27.87 10.34
CA ILE C 156 -13.66 28.58 11.29
C ILE C 156 -12.32 27.86 11.35
N VAL C 157 -11.24 28.63 11.36
CA VAL C 157 -9.89 28.08 11.49
C VAL C 157 -9.27 28.68 12.74
N ILE C 158 -8.80 27.82 13.66
CA ILE C 158 -8.12 28.26 14.87
C ILE C 158 -6.70 27.73 14.88
N ASP C 159 -5.86 28.35 15.71
CA ASP C 159 -4.51 27.85 15.95
C ASP C 159 -4.52 26.92 17.16
N GLY C 160 -3.34 26.61 17.69
CA GLY C 160 -3.28 25.63 18.76
C GLY C 160 -3.74 26.16 20.10
N HIS C 161 -3.99 27.46 20.21
CA HIS C 161 -4.45 28.06 21.46
C HIS C 161 -5.88 28.55 21.37
N GLY C 162 -6.60 28.18 20.31
CA GLY C 162 -7.97 28.61 20.13
C GLY C 162 -8.16 29.96 19.47
N ILE C 163 -7.10 30.57 18.94
CA ILE C 163 -7.24 31.90 18.36
C ILE C 163 -7.76 31.77 16.94
N ILE C 164 -8.88 32.44 16.66
CA ILE C 164 -9.52 32.42 15.36
C ILE C 164 -8.59 33.04 14.32
N GLN C 165 -8.29 32.29 13.26
CA GLN C 165 -7.40 32.74 12.19
C GLN C 165 -8.14 33.15 10.94
N LEU C 166 -9.23 32.45 10.61
CA LEU C 166 -10.06 32.71 9.46
C LEU C 166 -11.52 32.51 9.86
N PHE C 167 -12.41 33.26 9.23
CA PHE C 167 -13.83 33.30 9.64
C PHE C 167 -14.69 33.53 8.41
N SER C 168 -15.37 32.49 7.95
CA SER C 168 -16.06 32.53 6.66
C SER C 168 -17.30 33.43 6.72
N THR C 169 -17.78 33.86 5.55
CA THR C 169 -18.95 34.74 5.55
C THR C 169 -20.18 34.06 6.14
N ALA C 170 -20.31 32.75 5.96
CA ALA C 170 -21.38 32.05 6.66
C ALA C 170 -21.18 32.10 8.16
N ALA C 171 -19.92 32.14 8.62
CA ALA C 171 -19.66 32.25 10.05
C ALA C 171 -20.09 33.60 10.60
N GLU C 172 -19.83 34.70 9.86
CA GLU C 172 -20.23 36.00 10.37
C GLU C 172 -21.75 36.09 10.45
N ARG C 173 -22.45 35.58 9.44
CA ARG C 173 -23.90 35.64 9.44
C ARG C 173 -24.50 34.77 10.53
N LEU C 174 -23.86 33.66 10.88
CA LEU C 174 -24.46 32.76 11.88
C LEU C 174 -24.21 33.26 13.30
N PHE C 175 -23.01 33.77 13.58
CA PHE C 175 -22.64 34.14 14.94
C PHE C 175 -22.74 35.64 15.22
N GLY C 176 -22.90 36.47 14.19
CA GLY C 176 -23.03 37.90 14.40
C GLY C 176 -21.73 38.68 14.58
N TRP C 177 -20.57 38.06 14.36
CA TRP C 177 -19.28 38.73 14.43
C TRP C 177 -18.74 38.91 13.03
N SER C 178 -18.21 40.09 12.71
CA SER C 178 -17.49 40.19 11.44
C SER C 178 -16.15 39.47 11.53
N GLU C 179 -15.52 39.24 10.38
CA GLU C 179 -14.22 38.58 10.41
C GLU C 179 -13.19 39.43 11.14
N LEU C 180 -13.22 40.75 10.95
CA LEU C 180 -12.27 41.59 11.67
C LEU C 180 -12.55 41.59 13.17
N GLU C 181 -13.81 41.52 13.56
CA GLU C 181 -14.13 41.41 14.98
C GLU C 181 -13.72 40.05 15.53
N ALA C 182 -13.86 38.99 14.73
CA ALA C 182 -13.63 37.65 15.26
C ALA C 182 -12.18 37.24 15.22
N ILE C 183 -11.46 37.57 14.13
CA ILE C 183 -10.08 37.14 14.02
C ILE C 183 -9.27 37.79 15.13
N GLY C 184 -8.48 36.96 15.81
CA GLY C 184 -7.72 37.34 16.97
C GLY C 184 -8.41 37.04 18.29
N GLN C 185 -9.74 36.89 18.29
CA GLN C 185 -10.41 36.42 19.49
C GLN C 185 -10.16 34.93 19.68
N ASN C 186 -10.23 34.51 20.93
CA ASN C 186 -10.41 33.10 21.21
C ASN C 186 -11.75 32.64 20.66
N VAL C 187 -11.77 31.40 20.18
CA VAL C 187 -12.97 30.78 19.62
C VAL C 187 -14.06 30.66 20.67
N ASN C 188 -13.72 30.76 21.96
CA ASN C 188 -14.72 30.60 22.99
C ASN C 188 -15.73 31.74 23.02
N ILE C 189 -15.51 32.84 22.31
CA ILE C 189 -16.56 33.87 22.18
C ILE C 189 -17.79 33.30 21.50
N LEU C 190 -17.64 32.23 20.73
CA LEU C 190 -18.75 31.66 19.98
C LEU C 190 -19.58 30.69 20.80
N MET C 191 -19.24 30.45 22.06
CA MET C 191 -19.91 29.37 22.79
C MET C 191 -20.36 29.82 24.16
N PRO C 192 -21.40 29.18 24.70
CA PRO C 192 -21.87 29.50 26.05
C PRO C 192 -21.12 28.72 27.12
N GLU C 193 -21.31 29.16 28.37
CA GLU C 193 -20.87 28.39 29.51
C GLU C 193 -21.73 27.13 29.67
N PRO C 194 -21.18 26.05 30.26
CA PRO C 194 -19.81 25.88 30.79
C PRO C 194 -18.72 25.71 29.74
N ASP C 195 -19.11 25.33 28.51
CA ASP C 195 -18.13 25.01 27.47
C ASP C 195 -17.17 26.16 27.21
N ARG C 196 -17.64 27.40 27.36
CA ARG C 196 -16.85 28.59 27.05
C ARG C 196 -15.54 28.62 27.82
N SER C 197 -15.60 28.36 29.12
CA SER C 197 -14.40 28.48 29.95
C SER C 197 -13.54 27.22 29.91
N ARG C 198 -14.07 26.11 29.41
CA ARG C 198 -13.35 24.85 29.43
C ARG C 198 -12.72 24.49 28.09
N HIS C 199 -12.99 25.28 27.03
CA HIS C 199 -12.53 24.90 25.71
C HIS C 199 -11.02 24.95 25.58
N ASP C 200 -10.35 25.89 26.26
CA ASP C 200 -8.88 25.93 26.22
C ASP C 200 -8.31 24.66 26.82
N SER C 201 -8.97 24.12 27.85
CA SER C 201 -8.52 22.86 28.43
C SER C 201 -8.79 21.69 27.50
N TYR C 202 -9.88 21.75 26.72
CA TYR C 202 -10.13 20.67 25.76
C TYR C 202 -9.04 20.60 24.71
N ILE C 203 -8.55 21.76 24.27
CA ILE C 203 -7.50 21.79 23.26
C ILE C 203 -6.17 21.34 23.85
N SER C 204 -5.86 21.81 25.07
CA SER C 204 -4.63 21.41 25.73
C SER C 204 -4.62 19.92 26.03
N ARG C 205 -5.74 19.41 26.58
CA ARG C 205 -5.81 17.99 26.89
C ARG C 205 -5.70 17.16 25.61
N TYR C 206 -6.36 17.60 24.53
CA TYR C 206 -6.25 16.86 23.29
C TYR C 206 -4.84 16.91 22.73
N ARG C 207 -4.14 18.04 22.90
CA ARG C 207 -2.80 18.16 22.33
C ARG C 207 -1.80 17.26 23.04
N THR C 208 -2.04 16.93 24.31
CA THR C 208 -1.19 15.95 24.99
C THR C 208 -1.52 14.51 24.62
N THR C 209 -2.73 14.23 24.11
CA THR C 209 -3.08 12.87 23.74
C THR C 209 -2.32 12.42 22.51
N SER C 210 -2.23 13.29 21.49
CA SER C 210 -1.41 13.08 20.29
C SER C 210 -1.74 11.78 19.55
N ASP C 211 -2.97 11.29 19.64
CA ASP C 211 -3.28 10.11 18.84
C ASP C 211 -4.46 10.38 17.92
N PRO C 212 -4.44 9.86 16.70
CA PRO C 212 -5.42 10.27 15.68
C PRO C 212 -6.79 9.64 15.87
N HIS C 213 -7.76 10.19 15.12
CA HIS C 213 -9.16 9.83 14.96
C HIS C 213 -10.04 10.33 16.12
N ILE C 214 -9.45 10.86 17.20
CA ILE C 214 -10.25 11.43 18.28
C ILE C 214 -11.00 12.69 17.82
N ILE C 215 -10.40 13.46 16.91
CA ILE C 215 -11.19 14.50 16.25
C ILE C 215 -11.19 14.28 14.74
N GLY C 216 -12.05 13.39 14.29
CA GLY C 216 -12.55 13.40 12.94
C GLY C 216 -14.04 13.23 13.10
N ILE C 217 -14.40 12.55 14.19
CA ILE C 217 -15.78 12.40 14.58
C ILE C 217 -16.33 13.79 14.89
N GLY C 218 -17.50 14.09 14.35
CA GLY C 218 -18.18 15.30 14.73
C GLY C 218 -18.97 15.13 16.00
N ARG C 219 -19.42 16.25 16.54
CA ARG C 219 -20.30 16.22 17.70
C ARG C 219 -21.36 17.31 17.54
N ILE C 220 -22.41 17.20 18.33
CA ILE C 220 -23.42 18.25 18.42
C ILE C 220 -23.20 19.02 19.71
N VAL C 221 -23.14 20.34 19.59
CA VAL C 221 -22.96 21.26 20.70
C VAL C 221 -23.97 22.38 20.56
N THR C 222 -24.02 23.28 21.53
CA THR C 222 -24.74 24.54 21.38
C THR C 222 -23.74 25.68 21.29
N GLY C 223 -23.96 26.56 20.31
CA GLY C 223 -23.19 27.77 20.16
C GLY C 223 -23.94 29.00 20.68
N LYS C 224 -23.28 30.15 20.59
CA LYS C 224 -23.84 31.40 21.08
C LYS C 224 -23.46 32.52 20.13
N ARG C 225 -24.48 33.20 19.60
CA ARG C 225 -24.30 34.42 18.83
C ARG C 225 -23.80 35.57 19.71
N ARG C 226 -23.17 36.55 19.07
CA ARG C 226 -22.86 37.81 19.76
C ARG C 226 -24.12 38.47 20.28
N ASP C 227 -25.22 38.27 19.56
CA ASP C 227 -26.59 38.51 19.96
C ASP C 227 -26.85 38.01 21.38
N GLY C 228 -26.20 36.92 21.78
CA GLY C 228 -26.48 36.27 23.02
C GLY C 228 -27.43 35.10 22.93
N THR C 229 -28.11 34.92 21.79
CA THR C 229 -28.95 33.76 21.60
C THR C 229 -28.09 32.52 21.41
N THR C 230 -28.66 31.37 21.76
CA THR C 230 -27.98 30.07 21.63
C THR C 230 -28.73 29.16 20.68
N PHE C 231 -28.01 28.26 20.03
CA PHE C 231 -28.62 27.39 19.04
C PHE C 231 -27.91 26.05 18.99
N PRO C 232 -28.61 24.96 18.69
CA PRO C 232 -27.91 23.70 18.36
C PRO C 232 -27.09 23.81 17.08
N MET C 233 -25.94 23.14 17.09
CA MET C 233 -25.11 23.05 15.90
C MET C 233 -24.34 21.74 15.93
N HIS C 234 -24.06 21.22 14.74
CA HIS C 234 -23.13 20.13 14.54
C HIS C 234 -21.82 20.67 13.99
N LEU C 235 -20.72 20.03 14.38
CA LEU C 235 -19.39 20.57 14.11
C LEU C 235 -18.43 19.46 13.71
N SER C 236 -17.68 19.67 12.64
CA SER C 236 -16.64 18.76 12.18
C SER C 236 -15.32 19.51 12.08
N ILE C 237 -14.25 18.87 12.57
CA ILE C 237 -12.95 19.51 12.63
C ILE C 237 -11.93 18.64 11.89
N GLY C 238 -11.06 19.30 11.13
CA GLY C 238 -9.86 18.67 10.62
C GLY C 238 -8.62 19.39 11.10
N GLU C 239 -7.53 18.64 11.25
CA GLU C 239 -6.30 19.14 11.80
C GLU C 239 -5.22 19.16 10.72
N MET C 240 -4.36 20.17 10.76
CA MET C 240 -3.18 20.26 9.93
C MET C 240 -2.02 20.73 10.80
N GLN C 241 -0.79 20.56 10.31
CA GLN C 241 0.40 21.09 10.95
C GLN C 241 1.06 22.09 10.01
N SER C 242 1.51 23.20 10.57
CA SER C 242 2.38 24.10 9.83
C SER C 242 3.33 24.75 10.80
N GLY C 243 4.63 24.72 10.49
CA GLY C 243 5.62 25.45 11.28
C GLY C 243 5.61 25.09 12.75
N GLY C 244 5.42 23.82 13.08
CA GLY C 244 5.46 23.39 14.46
C GLY C 244 4.19 23.65 15.24
N GLU C 245 3.17 24.26 14.60
CA GLU C 245 1.88 24.64 15.18
C GLU C 245 0.79 23.79 14.55
N PRO C 246 -0.06 23.13 15.33
CA PRO C 246 -1.32 22.61 14.76
C PRO C 246 -2.31 23.71 14.43
N TYR C 247 -3.13 23.46 13.41
CA TYR C 247 -4.29 24.31 13.17
C TYR C 247 -5.50 23.44 12.88
N PHE C 248 -6.64 23.91 13.33
CA PHE C 248 -7.88 23.18 13.17
C PHE C 248 -8.85 23.99 12.31
N THR C 249 -9.55 23.30 11.41
CA THR C 249 -10.58 23.89 10.58
C THR C 249 -11.93 23.27 10.94
N GLY C 250 -12.83 24.08 11.46
CA GLY C 250 -14.15 23.58 11.80
C GLY C 250 -15.18 23.91 10.73
N PHE C 251 -16.17 23.04 10.61
CA PHE C 251 -17.30 23.27 9.70
C PHE C 251 -18.57 23.18 10.53
N VAL C 252 -19.28 24.29 10.64
CA VAL C 252 -20.44 24.41 11.51
C VAL C 252 -21.69 24.31 10.66
N ARG C 253 -22.64 23.47 11.07
CA ARG C 253 -23.97 23.46 10.51
C ARG C 253 -24.98 23.82 11.59
N ASP C 254 -25.74 24.89 11.36
CA ASP C 254 -26.87 25.23 12.21
C ASP C 254 -27.91 24.11 12.16
N LEU C 255 -28.44 23.73 13.33
CA LEU C 255 -29.42 22.67 13.40
C LEU C 255 -30.76 23.12 13.99
N THR C 256 -31.03 24.43 14.06
CA THR C 256 -32.26 24.87 14.73
C THR C 256 -33.50 24.34 14.01
N GLU C 257 -33.57 24.52 12.69
CA GLU C 257 -34.76 24.07 11.98
C GLU C 257 -34.74 22.57 11.72
N HIS C 258 -33.56 21.94 11.70
CA HIS C 258 -33.52 20.48 11.66
C HIS C 258 -34.12 19.90 12.93
N GLN C 259 -33.82 20.50 14.08
CA GLN C 259 -34.28 19.94 15.35
C GLN C 259 -35.79 20.03 15.50
N GLN C 260 -36.38 21.17 15.12
CA GLN C 260 -37.82 21.32 15.27
C GLN C 260 -38.57 20.31 14.42
N THR C 261 -38.21 20.18 13.12
CA THR C 261 -38.90 19.25 12.25
C THR C 261 -38.77 17.82 12.78
N GLN C 262 -37.63 17.50 13.38
CA GLN C 262 -37.46 16.23 14.05
C GLN C 262 -38.41 16.10 15.23
N ALA C 263 -38.63 17.20 15.96
CA ALA C 263 -39.52 17.15 17.11
C ALA C 263 -40.97 16.96 16.67
N ARG C 264 -41.38 17.64 15.61
CA ARG C 264 -42.74 17.47 15.11
C ARG C 264 -42.95 16.05 14.60
N LEU C 265 -41.98 15.51 13.86
CA LEU C 265 -42.07 14.14 13.36
C LEU C 265 -42.13 13.14 14.50
N GLN C 266 -41.38 13.40 15.57
CA GLN C 266 -41.38 12.51 16.72
C GLN C 266 -42.74 12.49 17.40
N GLU C 267 -43.36 13.66 17.57
CA GLU C 267 -44.68 13.72 18.20
C GLU C 267 -45.72 12.98 17.38
N LEU C 268 -45.71 13.19 16.07
CA LEU C 268 -46.69 12.54 15.22
C LEU C 268 -46.48 11.02 15.13
N GLN C 269 -45.25 10.53 15.22
CA GLN C 269 -44.98 9.10 15.19
C GLN C 269 -45.36 8.48 16.53
N SER C 270 -45.11 7.18 16.69
CA SER C 270 -45.50 6.49 17.90
C SER C 270 -44.65 6.95 19.09
N GLU C 271 -45.05 6.51 20.28
CA GLU C 271 -44.31 6.84 21.49
C GLU C 271 -43.55 5.64 22.03
N ILE D 21 32.68 44.26 -6.52
CA ILE D 21 33.18 45.61 -6.38
C ILE D 21 32.13 46.55 -6.93
N GLU D 22 30.87 46.26 -6.62
CA GLU D 22 29.72 46.95 -7.20
C GLU D 22 28.67 47.17 -6.12
N GLY D 23 27.58 47.83 -6.51
CA GLY D 23 26.46 47.97 -5.60
C GLY D 23 25.48 46.82 -5.55
N PHE D 24 25.57 45.84 -6.45
CA PHE D 24 24.48 44.88 -6.54
C PHE D 24 24.57 43.81 -5.45
N GLY D 25 23.42 43.21 -5.17
CA GLY D 25 23.22 42.36 -4.02
C GLY D 25 23.63 40.92 -4.19
N VAL D 26 24.11 40.53 -5.36
CA VAL D 26 24.63 39.20 -5.58
C VAL D 26 26.08 39.15 -5.11
N GLY D 27 26.45 38.07 -4.42
CA GLY D 27 27.85 37.78 -4.17
C GLY D 27 28.49 36.99 -5.31
N THR D 28 29.82 36.98 -5.34
CA THR D 28 30.54 36.21 -6.35
C THR D 28 31.72 35.50 -5.71
N TRP D 29 32.17 34.43 -6.36
CA TRP D 29 33.18 33.56 -5.77
C TRP D 29 33.84 32.72 -6.85
N ASP D 30 35.01 32.17 -6.51
CA ASP D 30 35.79 31.36 -7.42
C ASP D 30 36.57 30.31 -6.63
N LEU D 31 36.66 29.09 -7.18
CA LEU D 31 37.35 27.99 -6.52
C LEU D 31 38.30 27.35 -7.53
N ASP D 32 39.61 27.41 -7.23
CA ASP D 32 40.59 26.69 -8.04
C ASP D 32 40.56 25.21 -7.67
N LEU D 33 40.25 24.36 -8.65
CA LEU D 33 40.07 22.94 -8.40
C LEU D 33 41.38 22.19 -8.27
N LYS D 34 42.50 22.82 -8.60
CA LYS D 34 43.82 22.25 -8.32
C LYS D 34 44.44 22.83 -7.07
N THR D 35 44.24 24.11 -6.81
CA THR D 35 44.85 24.76 -5.67
C THR D 35 43.99 24.71 -4.40
N TRP D 36 42.70 24.40 -4.54
CA TRP D 36 41.71 24.46 -3.45
C TRP D 36 41.63 25.84 -2.82
N ALA D 37 41.94 26.87 -3.60
CA ALA D 37 41.90 28.25 -3.14
C ALA D 37 40.53 28.87 -3.44
N LEU D 38 39.85 29.32 -2.40
CA LEU D 38 38.55 29.95 -2.54
C LEU D 38 38.72 31.46 -2.36
N ASP D 39 38.19 32.22 -3.32
CA ASP D 39 38.10 33.66 -3.14
C ASP D 39 36.68 34.13 -3.43
N TRP D 40 36.20 35.10 -2.64
CA TRP D 40 34.85 35.61 -2.77
C TRP D 40 34.82 37.12 -2.58
N SER D 41 33.78 37.74 -3.11
CA SER D 41 33.62 39.19 -3.04
C SER D 41 33.20 39.62 -1.65
N ASP D 42 33.30 40.92 -1.40
CA ASP D 42 32.91 41.45 -0.11
C ASP D 42 31.41 41.31 0.15
N THR D 43 30.57 41.46 -0.87
CA THR D 43 29.14 41.23 -0.67
C THR D 43 28.85 39.76 -0.39
N ALA D 44 29.63 38.86 -0.98
CA ALA D 44 29.49 37.44 -0.68
C ALA D 44 29.90 37.14 0.76
N ARG D 45 30.88 37.87 1.27
CA ARG D 45 31.35 37.71 2.64
C ARG D 45 30.24 38.07 3.63
N THR D 46 29.55 39.20 3.38
CA THR D 46 28.49 39.64 4.27
C THR D 46 27.28 38.70 4.22
N LEU D 47 27.07 38.03 3.08
CA LEU D 47 25.97 37.07 2.97
C LEU D 47 26.15 35.85 3.86
N LEU D 48 27.39 35.44 4.09
CA LEU D 48 27.66 34.27 4.89
C LEU D 48 27.82 34.60 6.35
N GLY D 49 27.70 35.87 6.71
CA GLY D 49 27.79 36.29 8.10
C GLY D 49 29.18 36.14 8.69
N ILE D 50 30.22 36.39 7.89
CA ILE D 50 31.57 36.15 8.34
C ILE D 50 32.49 37.16 7.67
N GLY D 51 33.69 37.33 8.22
CA GLY D 51 34.73 38.05 7.54
C GLY D 51 34.67 39.55 7.71
N GLN D 52 34.77 40.03 8.95
CA GLN D 52 35.04 41.44 9.15
C GLN D 52 36.37 41.82 8.51
N ASP D 53 37.40 41.01 8.78
CA ASP D 53 38.60 40.95 7.95
C ASP D 53 39.18 39.55 8.25
N GLN D 54 38.74 38.56 7.47
CA GLN D 54 39.14 37.18 7.70
C GLN D 54 39.50 36.52 6.38
N PRO D 55 40.53 35.67 6.36
CA PRO D 55 40.93 35.03 5.11
C PRO D 55 39.85 34.13 4.55
N ALA D 56 39.66 34.21 3.23
CA ALA D 56 38.75 33.29 2.55
C ALA D 56 39.34 31.90 2.46
N SER D 57 38.50 30.88 2.64
CA SER D 57 38.96 29.51 2.68
C SER D 57 37.80 28.57 2.40
N TYR D 58 38.08 27.51 1.65
CA TYR D 58 37.09 26.45 1.43
C TYR D 58 36.73 25.76 2.74
N ASP D 59 37.70 25.61 3.64
CA ASP D 59 37.41 25.04 4.95
C ASP D 59 36.54 25.98 5.77
N LEU D 60 36.76 27.29 5.63
CA LEU D 60 35.97 28.26 6.37
C LEU D 60 34.53 28.30 5.84
N PHE D 61 34.39 28.17 4.52
CA PHE D 61 33.09 28.17 3.88
C PHE D 61 32.23 27.04 4.39
N LEU D 62 32.78 25.83 4.44
CA LEU D 62 32.03 24.67 4.92
C LEU D 62 31.68 24.75 6.40
N SER D 63 32.44 25.52 7.19
CA SER D 63 32.10 25.68 8.59
C SER D 63 30.80 26.44 8.77
N ARG D 64 30.49 27.38 7.86
CA ARG D 64 29.25 28.16 7.96
C ARG D 64 28.01 27.31 7.68
N LEU D 65 28.17 26.24 6.91
CA LEU D 65 27.08 25.33 6.58
C LEU D 65 26.89 24.29 7.68
N GLU D 66 25.66 23.81 7.82
CA GLU D 66 25.37 22.73 8.74
C GLU D 66 25.90 21.42 8.15
N PRO D 67 26.32 20.44 9.02
CA PRO D 67 27.01 19.21 8.58
C PRO D 67 26.59 18.64 7.23
N ASP D 68 25.29 18.38 7.11
CA ASP D 68 24.74 17.67 5.95
C ASP D 68 24.85 18.49 4.67
N ASP D 69 24.57 19.81 4.74
CA ASP D 69 24.64 20.66 3.56
C ASP D 69 26.02 20.66 2.96
N ARG D 70 27.03 20.63 3.83
CA ARG D 70 28.42 20.56 3.41
C ARG D 70 28.65 19.36 2.51
N GLU D 71 28.15 18.19 2.93
CA GLU D 71 28.28 16.99 2.12
C GLU D 71 27.65 17.18 0.75
N ARG D 72 26.47 17.81 0.71
CA ARG D 72 25.79 18.09 -0.56
C ARG D 72 26.65 18.99 -1.44
N VAL D 73 27.21 20.05 -0.84
CA VAL D 73 28.06 20.97 -1.58
C VAL D 73 29.27 20.25 -2.14
N GLU D 74 29.91 19.41 -1.31
CA GLU D 74 31.10 18.70 -1.75
C GLU D 74 30.78 17.69 -2.84
N SER D 75 29.71 16.91 -2.66
CA SER D 75 29.34 15.94 -3.69
C SER D 75 29.03 16.64 -4.99
N ALA D 76 28.52 17.87 -4.92
CA ALA D 76 28.27 18.66 -6.12
C ALA D 76 29.57 19.15 -6.74
N ILE D 77 30.50 19.67 -5.93
CA ILE D 77 31.77 20.15 -6.50
C ILE D 77 32.53 18.98 -7.13
N LYS D 78 32.31 17.75 -6.65
CA LYS D 78 32.91 16.57 -7.25
C LYS D 78 32.34 16.32 -8.64
N ARG D 79 31.00 16.24 -8.74
CA ARG D 79 30.35 15.93 -10.01
C ARG D 79 30.72 16.95 -11.06
N VAL D 80 30.58 18.24 -10.72
CA VAL D 80 30.89 19.29 -11.66
C VAL D 80 32.37 19.25 -12.06
N SER D 81 33.24 18.78 -11.17
CA SER D 81 34.63 18.60 -11.58
C SER D 81 34.73 17.48 -12.61
N GLU D 82 34.09 16.35 -12.35
CA GLU D 82 34.22 15.21 -13.25
C GLU D 82 33.22 15.30 -14.38
N ARG D 83 31.98 14.86 -14.11
CA ARG D 83 30.95 14.87 -15.15
C ARG D 83 30.66 16.29 -15.63
N GLY D 84 30.78 17.27 -14.74
CA GLY D 84 30.46 18.61 -15.18
C GLY D 84 28.96 18.77 -15.34
N GLY D 85 28.62 19.78 -16.14
CA GLY D 85 27.24 20.08 -16.46
C GLY D 85 26.62 21.22 -15.67
N GLY D 86 27.29 21.68 -14.60
CA GLY D 86 26.78 22.81 -13.84
C GLY D 86 26.84 22.62 -12.33
N PHE D 87 26.54 23.67 -11.59
CA PHE D 87 26.56 23.66 -10.14
C PHE D 87 25.40 24.51 -9.62
N ASP D 88 24.58 23.94 -8.73
CA ASP D 88 23.41 24.66 -8.19
C ASP D 88 22.98 23.99 -6.88
N VAL D 89 23.36 24.60 -5.76
CA VAL D 89 23.02 24.09 -4.43
C VAL D 89 22.51 25.26 -3.61
N SER D 90 21.52 24.98 -2.75
CA SER D 90 20.95 25.98 -1.87
C SER D 90 21.00 25.47 -0.43
N PHE D 91 21.08 26.40 0.53
CA PHE D 91 21.30 26.02 1.92
C PHE D 91 21.03 27.20 2.85
N ARG D 92 20.74 26.88 4.11
CA ARG D 92 20.76 27.87 5.20
C ARG D 92 22.17 28.01 5.80
N VAL D 93 22.47 29.21 6.31
CA VAL D 93 23.79 29.44 6.89
C VAL D 93 23.73 30.00 8.32
N ALA D 94 23.68 29.10 9.31
CA ALA D 94 23.85 29.46 10.72
C ALA D 94 22.83 30.48 11.23
N GLY D 95 22.99 30.90 12.49
CA GLY D 95 22.10 31.89 13.06
C GLY D 95 22.77 33.23 13.31
N THR D 96 23.12 33.94 12.24
CA THR D 96 23.49 35.34 12.36
C THR D 96 22.32 36.15 12.91
N SER D 97 21.13 35.93 12.35
CA SER D 97 19.85 36.23 12.93
C SER D 97 19.13 34.91 13.20
N ASN D 98 18.03 34.95 13.97
CA ASN D 98 17.41 33.71 14.40
C ASN D 98 16.92 32.90 13.21
N ALA D 99 16.37 33.57 12.20
CA ALA D 99 16.17 32.93 10.91
C ALA D 99 17.49 33.00 10.15
N GLY D 100 18.00 31.85 9.73
CA GLY D 100 19.23 31.84 8.97
C GLY D 100 19.03 32.42 7.58
N GLN D 101 20.13 32.91 6.99
CA GLN D 101 20.07 33.39 5.63
C GLN D 101 20.07 32.19 4.68
N TRP D 102 19.05 32.10 3.83
CA TRP D 102 19.05 31.11 2.76
C TRP D 102 19.83 31.63 1.56
N ILE D 103 20.61 30.76 0.94
CA ILE D 103 21.52 31.16 -0.11
C ILE D 103 21.49 30.12 -1.19
N ARG D 104 21.37 30.56 -2.44
CA ARG D 104 21.51 29.68 -3.58
C ARG D 104 22.84 29.95 -4.26
N ALA D 105 23.65 28.91 -4.42
CA ALA D 105 24.98 29.01 -4.99
C ALA D 105 24.97 28.40 -6.38
N ARG D 106 25.32 29.20 -7.37
CA ARG D 106 25.36 28.75 -8.76
C ARG D 106 26.75 29.01 -9.33
N ALA D 107 27.25 28.06 -10.11
CA ALA D 107 28.57 28.23 -10.70
C ALA D 107 28.69 27.37 -11.96
N GLY D 108 29.62 27.77 -12.81
CA GLY D 108 30.07 26.92 -13.89
C GLY D 108 31.57 26.89 -13.96
N LEU D 109 32.10 25.80 -14.51
CA LEU D 109 33.55 25.64 -14.56
C LEU D 109 34.16 26.41 -15.73
N ILE D 110 35.29 27.06 -15.46
CA ILE D 110 36.15 27.68 -16.46
C ILE D 110 37.24 26.69 -16.87
N ARG D 111 37.50 26.62 -18.17
CA ARG D 111 38.35 25.55 -18.67
C ARG D 111 39.71 26.04 -19.15
N ASP D 112 40.66 25.10 -19.13
CA ASP D 112 42.05 25.26 -19.51
C ASP D 112 42.20 25.44 -21.03
N GLU D 113 43.34 26.01 -21.43
CA GLU D 113 43.73 25.94 -22.84
C GLU D 113 43.81 24.49 -23.31
N ALA D 114 44.40 23.62 -22.49
CA ALA D 114 44.42 22.19 -22.83
C ALA D 114 43.02 21.60 -22.78
N GLY D 115 42.15 22.15 -21.93
CA GLY D 115 40.81 21.61 -21.77
C GLY D 115 40.65 20.73 -20.54
N THR D 116 40.99 21.27 -19.38
CA THR D 116 40.78 20.60 -18.10
C THR D 116 40.04 21.56 -17.19
N ALA D 117 39.14 21.04 -16.36
CA ALA D 117 38.44 21.89 -15.41
C ALA D 117 39.42 22.47 -14.40
N ARG D 118 39.35 23.78 -14.20
CA ARG D 118 40.33 24.45 -13.35
C ARG D 118 39.69 25.35 -12.30
N HIS D 119 38.72 26.17 -12.71
CA HIS D 119 38.12 27.14 -11.80
C HIS D 119 36.61 27.01 -11.85
N LEU D 120 36.01 26.64 -10.73
CA LEU D 120 34.56 26.72 -10.56
C LEU D 120 34.18 28.13 -10.12
N SER D 121 33.45 28.85 -10.97
CA SER D 121 33.20 30.26 -10.80
C SER D 121 31.70 30.56 -10.84
N GLY D 122 31.25 31.43 -9.94
CA GLY D 122 29.84 31.78 -9.91
C GLY D 122 29.42 32.69 -8.77
N ILE D 123 28.20 32.49 -8.25
CA ILE D 123 27.48 33.52 -7.52
C ILE D 123 26.82 32.96 -6.26
N PHE D 124 26.61 33.84 -5.29
CA PHE D 124 25.73 33.60 -4.15
C PHE D 124 24.49 34.50 -4.25
N LEU D 125 23.31 33.88 -4.32
CA LEU D 125 22.05 34.60 -4.35
C LEU D 125 21.36 34.54 -3.00
N ASP D 126 20.86 35.68 -2.53
CA ASP D 126 19.91 35.69 -1.41
C ASP D 126 18.58 35.13 -1.89
N ILE D 127 18.12 34.04 -1.26
CA ILE D 127 16.82 33.50 -1.61
C ILE D 127 15.88 33.44 -0.41
N ASP D 128 16.07 34.33 0.58
CA ASP D 128 15.17 34.35 1.73
C ASP D 128 13.73 34.65 1.32
N GLU D 129 13.52 35.48 0.29
CA GLU D 129 12.16 35.75 -0.14
C GLU D 129 11.57 34.58 -0.91
N GLU D 130 12.36 33.97 -1.80
CA GLU D 130 11.87 32.83 -2.56
C GLU D 130 11.45 31.69 -1.63
N LYS D 131 12.22 31.45 -0.56
CA LYS D 131 11.83 30.44 0.40
C LYS D 131 10.64 30.88 1.25
N GLN D 132 10.45 32.19 1.47
CA GLN D 132 9.24 32.63 2.15
C GLN D 132 8.01 32.31 1.31
N VAL D 133 8.12 32.43 -0.02
CA VAL D 133 7.00 32.15 -0.90
C VAL D 133 6.72 30.65 -0.93
N GLU D 134 7.78 29.82 -0.94
CA GLU D 134 7.61 28.37 -0.93
C GLU D 134 6.86 27.91 0.30
N GLY D 135 7.22 28.45 1.46
CA GLY D 135 6.60 28.01 2.70
C GLY D 135 5.16 28.46 2.79
N ALA D 136 4.86 29.66 2.28
CA ALA D 136 3.47 30.10 2.30
C ALA D 136 2.64 29.23 1.37
N LEU D 137 3.19 28.87 0.22
CA LEU D 137 2.49 27.97 -0.69
C LEU D 137 2.29 26.60 -0.05
N ARG D 138 3.31 26.12 0.67
CA ARG D 138 3.20 24.82 1.31
C ARG D 138 2.08 24.83 2.34
N THR D 139 2.02 25.88 3.16
CA THR D 139 0.98 25.97 4.16
C THR D 139 -0.39 25.97 3.51
N ARG D 140 -0.53 26.69 2.38
CA ARG D 140 -1.81 26.73 1.69
C ARG D 140 -2.19 25.39 1.09
N GLU D 141 -1.21 24.64 0.57
CA GLU D 141 -1.54 23.34 0.01
C GLU D 141 -1.98 22.37 1.10
N THR D 142 -1.32 22.42 2.27
CA THR D 142 -1.70 21.57 3.37
C THR D 142 -3.11 21.88 3.85
N HIS D 143 -3.47 23.17 3.87
CA HIS D 143 -4.79 23.53 4.35
C HIS D 143 -5.84 23.09 3.35
N LEU D 144 -5.55 23.23 2.05
CA LEU D 144 -6.44 22.76 1.01
C LEU D 144 -6.75 21.29 1.19
N ARG D 145 -5.72 20.48 1.47
CA ARG D 145 -5.95 19.06 1.63
C ARG D 145 -6.77 18.78 2.87
N SER D 146 -6.54 19.55 3.93
CA SER D 146 -7.33 19.40 5.14
C SER D 146 -8.79 19.68 4.86
N ILE D 147 -9.06 20.74 4.09
CA ILE D 147 -10.43 21.07 3.74
C ILE D 147 -11.04 19.96 2.92
N LEU D 148 -10.32 19.52 1.89
CA LEU D 148 -10.83 18.46 1.01
C LEU D 148 -11.09 17.19 1.79
N HIS D 149 -10.26 16.89 2.79
CA HIS D 149 -10.49 15.69 3.56
CA HIS D 149 -10.47 15.70 3.59
C HIS D 149 -11.63 15.83 4.54
N THR D 150 -11.99 17.03 4.94
CA THR D 150 -12.81 17.24 6.12
C THR D 150 -14.16 17.87 5.85
N ILE D 151 -14.30 18.67 4.79
CA ILE D 151 -15.55 19.38 4.58
C ILE D 151 -16.67 18.36 4.40
N PRO D 152 -17.73 18.45 5.19
CA PRO D 152 -18.77 17.41 5.13
C PRO D 152 -19.61 17.45 3.86
N ASP D 153 -19.89 18.63 3.29
CA ASP D 153 -20.51 18.66 1.99
C ASP D 153 -19.48 18.30 0.93
N ALA D 154 -19.94 17.62 -0.11
CA ALA D 154 -19.10 17.39 -1.27
C ALA D 154 -18.61 18.72 -1.83
N MET D 155 -17.31 18.81 -2.07
CA MET D 155 -16.70 19.99 -2.69
C MET D 155 -16.05 19.53 -3.98
N ILE D 156 -16.32 20.26 -5.06
CA ILE D 156 -15.83 19.96 -6.40
C ILE D 156 -15.33 21.27 -7.01
N VAL D 157 -14.15 21.23 -7.62
CA VAL D 157 -13.60 22.40 -8.30
C VAL D 157 -13.40 22.04 -9.77
N ILE D 158 -13.86 22.92 -10.67
CA ILE D 158 -13.76 22.69 -12.10
C ILE D 158 -13.10 23.91 -12.73
N ASP D 159 -12.54 23.70 -13.92
CA ASP D 159 -12.05 24.83 -14.70
C ASP D 159 -13.17 25.35 -15.59
N GLY D 160 -12.81 26.22 -16.53
CA GLY D 160 -13.76 26.97 -17.33
C GLY D 160 -14.39 26.18 -18.44
N HIS D 161 -13.99 24.91 -18.59
CA HIS D 161 -14.59 23.98 -19.54
C HIS D 161 -15.25 22.79 -18.84
N GLY D 162 -15.46 22.89 -17.53
CA GLY D 162 -16.15 21.86 -16.80
C GLY D 162 -15.30 20.69 -16.36
N ILE D 163 -13.97 20.77 -16.51
CA ILE D 163 -13.09 19.66 -16.18
C ILE D 163 -12.78 19.68 -14.70
N ILE D 164 -13.04 18.57 -14.01
CA ILE D 164 -12.82 18.48 -12.56
C ILE D 164 -11.34 18.64 -12.25
N GLN D 165 -11.03 19.52 -11.28
CA GLN D 165 -9.67 19.81 -10.86
C GLN D 165 -9.38 19.30 -9.47
N LEU D 166 -10.40 19.28 -8.62
CA LEU D 166 -10.32 18.89 -7.23
C LEU D 166 -11.67 18.27 -6.87
N PHE D 167 -11.63 17.28 -5.99
CA PHE D 167 -12.78 16.41 -5.77
C PHE D 167 -12.63 15.88 -4.36
N SER D 168 -13.50 16.31 -3.45
CA SER D 168 -13.24 16.07 -2.03
C SER D 168 -13.68 14.67 -1.61
N THR D 169 -13.30 14.34 -0.37
CA THR D 169 -13.60 13.04 0.21
C THR D 169 -15.11 12.84 0.31
N ALA D 170 -15.84 13.87 0.69
CA ALA D 170 -17.28 13.75 0.76
C ALA D 170 -17.87 13.52 -0.62
N ALA D 171 -17.26 14.12 -1.65
CA ALA D 171 -17.71 13.90 -3.01
C ALA D 171 -17.48 12.47 -3.46
N GLU D 172 -16.34 11.90 -3.08
CA GLU D 172 -16.07 10.51 -3.43
C GLU D 172 -17.12 9.60 -2.82
N ARG D 173 -17.45 9.85 -1.56
CA ARG D 173 -18.44 9.03 -0.88
C ARG D 173 -19.82 9.23 -1.48
N LEU D 174 -20.12 10.42 -2.01
CA LEU D 174 -21.46 10.69 -2.48
C LEU D 174 -21.70 10.19 -3.90
N PHE D 175 -20.76 10.44 -4.82
CA PHE D 175 -20.93 10.12 -6.23
C PHE D 175 -20.30 8.80 -6.65
N GLY D 176 -19.49 8.15 -5.81
CA GLY D 176 -18.94 6.86 -6.15
C GLY D 176 -17.66 6.85 -6.97
N TRP D 177 -17.11 8.02 -7.31
CA TRP D 177 -15.81 8.13 -7.95
C TRP D 177 -14.71 8.48 -6.96
N SER D 178 -13.54 7.88 -7.13
CA SER D 178 -12.35 8.38 -6.42
C SER D 178 -11.84 9.66 -7.06
N GLU D 179 -11.10 10.45 -6.27
CA GLU D 179 -10.57 11.69 -6.82
C GLU D 179 -9.64 11.43 -7.99
N LEU D 180 -8.86 10.34 -7.97
CA LEU D 180 -8.02 10.02 -9.13
C LEU D 180 -8.89 9.69 -10.33
N GLU D 181 -10.03 9.05 -10.09
CA GLU D 181 -10.91 8.72 -11.20
C GLU D 181 -11.57 9.97 -11.75
N ALA D 182 -12.05 10.85 -10.85
CA ALA D 182 -12.85 12.00 -11.27
C ALA D 182 -12.01 13.13 -11.83
N ILE D 183 -10.84 13.40 -11.23
CA ILE D 183 -10.04 14.53 -11.69
C ILE D 183 -9.60 14.29 -13.11
N GLY D 184 -9.88 15.27 -13.97
CA GLY D 184 -9.64 15.17 -15.39
C GLY D 184 -10.87 14.81 -16.21
N GLN D 185 -11.89 14.22 -15.60
CA GLN D 185 -13.19 14.04 -16.22
C GLN D 185 -13.94 15.37 -16.26
N ASN D 186 -14.85 15.49 -17.22
CA ASN D 186 -15.82 16.57 -17.18
C ASN D 186 -16.76 16.39 -16.00
N VAL D 187 -17.19 17.51 -15.41
CA VAL D 187 -18.14 17.47 -14.31
C VAL D 187 -19.46 16.81 -14.71
N ASN D 188 -19.79 16.78 -16.02
CA ASN D 188 -21.08 16.23 -16.45
C ASN D 188 -21.23 14.73 -16.22
N ILE D 189 -20.15 14.02 -15.90
CA ILE D 189 -20.27 12.62 -15.49
C ILE D 189 -21.05 12.47 -14.19
N LEU D 190 -21.26 13.57 -13.47
CA LEU D 190 -21.98 13.56 -12.21
C LEU D 190 -23.48 13.76 -12.38
N MET D 191 -23.99 13.75 -13.62
CA MET D 191 -25.32 14.27 -13.93
C MET D 191 -26.19 13.28 -14.70
N PRO D 192 -27.48 13.26 -14.41
CA PRO D 192 -28.43 12.62 -15.32
C PRO D 192 -28.63 13.48 -16.56
N GLU D 193 -29.17 12.85 -17.60
CA GLU D 193 -29.65 13.59 -18.76
C GLU D 193 -30.96 14.30 -18.41
N PRO D 194 -31.24 15.45 -19.05
CA PRO D 194 -30.53 16.21 -20.09
C PRO D 194 -29.43 17.12 -19.56
N ASP D 195 -29.32 17.30 -18.24
CA ASP D 195 -28.29 18.20 -17.76
C ASP D 195 -26.91 17.72 -18.15
N ARG D 196 -26.73 16.40 -18.22
CA ARG D 196 -25.42 15.82 -18.53
C ARG D 196 -24.90 16.33 -19.87
N SER D 197 -25.76 16.41 -20.87
CA SER D 197 -25.26 16.81 -22.18
C SER D 197 -25.43 18.29 -22.47
N ARG D 198 -26.13 19.04 -21.63
CA ARG D 198 -26.17 20.48 -21.80
C ARG D 198 -25.18 21.23 -20.93
N HIS D 199 -24.56 20.58 -19.94
CA HIS D 199 -23.92 21.35 -18.89
C HIS D 199 -22.74 22.16 -19.42
N ASP D 200 -22.05 21.67 -20.45
CA ASP D 200 -21.01 22.48 -21.08
C ASP D 200 -21.58 23.78 -21.59
N SER D 201 -22.72 23.72 -22.29
CA SER D 201 -23.31 24.93 -22.85
C SER D 201 -23.82 25.85 -21.77
N TYR D 202 -24.23 25.32 -20.61
CA TYR D 202 -24.55 26.20 -19.51
C TYR D 202 -23.33 27.03 -19.12
N ILE D 203 -22.16 26.39 -19.07
CA ILE D 203 -20.94 27.09 -18.65
C ILE D 203 -20.51 28.10 -19.70
N SER D 204 -20.46 27.68 -20.97
CA SER D 204 -19.96 28.61 -21.99
C SER D 204 -20.90 29.79 -22.20
N ARG D 205 -22.22 29.56 -22.10
CA ARG D 205 -23.15 30.68 -22.17
C ARG D 205 -22.97 31.60 -20.99
N TYR D 206 -22.68 31.05 -19.81
CA TYR D 206 -22.42 31.91 -18.67
C TYR D 206 -21.14 32.70 -18.83
N ARG D 207 -20.11 32.10 -19.43
CA ARG D 207 -18.86 32.81 -19.62
C ARG D 207 -19.01 33.97 -20.60
N THR D 208 -19.88 33.86 -21.60
CA THR D 208 -20.04 34.96 -22.54
C THR D 208 -20.94 36.06 -21.99
N THR D 209 -22.01 35.69 -21.28
CA THR D 209 -22.86 36.69 -20.65
C THR D 209 -22.20 37.16 -19.36
N SER D 210 -22.79 38.18 -18.74
CA SER D 210 -22.36 38.57 -17.41
C SER D 210 -23.14 37.83 -16.33
N ASP D 211 -23.60 38.59 -15.35
CA ASP D 211 -24.31 38.22 -14.12
C ASP D 211 -25.82 38.03 -14.25
N PRO D 212 -26.47 38.08 -15.43
CA PRO D 212 -27.84 37.54 -15.51
C PRO D 212 -27.99 36.08 -15.11
N HIS D 213 -26.98 35.23 -15.36
CA HIS D 213 -27.07 33.82 -14.98
C HIS D 213 -26.69 33.56 -13.52
N ILE D 214 -26.24 34.60 -12.79
CA ILE D 214 -26.15 34.80 -11.34
C ILE D 214 -25.26 33.84 -10.54
N ILE D 215 -25.34 32.53 -10.79
CA ILE D 215 -24.51 31.47 -10.17
C ILE D 215 -24.50 31.41 -8.63
N GLY D 216 -24.73 32.53 -7.95
CA GLY D 216 -24.65 32.51 -6.50
C GLY D 216 -25.89 32.03 -5.76
N ILE D 217 -27.01 31.86 -6.46
CA ILE D 217 -28.31 31.65 -5.82
C ILE D 217 -28.36 30.33 -5.06
N GLY D 218 -27.69 29.31 -5.56
CA GLY D 218 -27.97 27.97 -5.09
C GLY D 218 -29.23 27.41 -5.69
N ARG D 219 -29.11 26.32 -6.44
CA ARG D 219 -30.26 25.69 -7.07
C ARG D 219 -30.33 24.25 -6.63
N ILE D 220 -31.53 23.69 -6.62
CA ILE D 220 -31.74 22.26 -6.39
C ILE D 220 -31.73 21.55 -7.74
N VAL D 221 -31.01 20.43 -7.82
CA VAL D 221 -30.86 19.64 -9.04
C VAL D 221 -30.84 18.16 -8.65
N THR D 222 -30.81 17.30 -9.66
CA THR D 222 -30.64 15.87 -9.49
C THR D 222 -29.23 15.51 -9.90
N GLY D 223 -28.56 14.70 -9.08
CA GLY D 223 -27.27 14.13 -9.41
C GLY D 223 -27.32 12.65 -9.66
N LYS D 224 -26.25 12.14 -10.26
CA LYS D 224 -26.13 10.73 -10.61
C LYS D 224 -24.84 10.21 -10.04
N ARG D 225 -24.94 9.14 -9.24
CA ARG D 225 -23.78 8.39 -8.78
C ARG D 225 -23.24 7.51 -9.90
N ARG D 226 -22.05 6.95 -9.68
CA ARG D 226 -21.50 5.99 -10.64
C ARG D 226 -22.40 4.75 -10.79
N ASP D 227 -23.22 4.44 -9.77
CA ASP D 227 -24.24 3.40 -9.89
C ASP D 227 -25.13 3.61 -11.09
N GLY D 228 -25.36 4.87 -11.46
CA GLY D 228 -26.51 5.29 -12.21
C GLY D 228 -27.66 5.74 -11.37
N THR D 229 -27.63 5.46 -10.07
CA THR D 229 -28.65 5.95 -9.16
C THR D 229 -28.61 7.47 -9.08
N THR D 230 -29.78 8.06 -8.95
CA THR D 230 -29.89 9.50 -8.85
C THR D 230 -30.41 9.94 -7.48
N PHE D 231 -30.22 11.23 -7.17
CA PHE D 231 -30.57 11.73 -5.84
C PHE D 231 -30.79 13.24 -5.91
N PRO D 232 -31.62 13.81 -5.03
CA PRO D 232 -31.79 15.27 -5.01
C PRO D 232 -30.62 15.92 -4.31
N MET D 233 -30.23 17.08 -4.81
CA MET D 233 -29.13 17.77 -4.14
C MET D 233 -29.25 19.26 -4.36
N HIS D 234 -28.92 20.02 -3.34
CA HIS D 234 -28.70 21.45 -3.48
C HIS D 234 -27.23 21.73 -3.73
N LEU D 235 -26.94 22.74 -4.55
CA LEU D 235 -25.54 23.14 -4.63
C LEU D 235 -25.39 24.63 -4.91
N SER D 236 -24.25 25.16 -4.48
CA SER D 236 -23.93 26.56 -4.65
C SER D 236 -22.47 26.68 -5.09
N ILE D 237 -22.22 27.69 -5.92
CA ILE D 237 -21.05 27.81 -6.76
C ILE D 237 -20.37 29.13 -6.45
N GLY D 238 -19.06 29.11 -6.27
CA GLY D 238 -18.25 30.32 -6.23
C GLY D 238 -17.28 30.35 -7.40
N GLU D 239 -17.16 31.50 -8.03
CA GLU D 239 -16.27 31.72 -9.14
C GLU D 239 -14.97 32.39 -8.67
N MET D 240 -13.87 32.14 -9.39
CA MET D 240 -12.60 32.83 -9.18
C MET D 240 -11.85 32.90 -10.51
N GLN D 241 -10.87 33.80 -10.58
CA GLN D 241 -10.01 33.93 -11.74
C GLN D 241 -8.57 33.59 -11.38
N SER D 242 -7.87 32.90 -12.28
CA SER D 242 -6.44 32.74 -12.10
C SER D 242 -5.75 32.41 -13.42
N GLY D 243 -4.71 33.16 -13.75
CA GLY D 243 -3.94 32.86 -14.94
C GLY D 243 -4.72 32.94 -16.22
N GLY D 244 -5.77 33.75 -16.25
CA GLY D 244 -6.58 33.90 -17.43
C GLY D 244 -7.65 32.86 -17.61
N GLU D 245 -7.82 31.96 -16.62
CA GLU D 245 -8.85 30.94 -16.65
C GLU D 245 -9.77 31.13 -15.45
N PRO D 246 -11.09 31.08 -15.64
CA PRO D 246 -11.98 31.00 -14.48
C PRO D 246 -12.00 29.61 -13.86
N TYR D 247 -12.27 29.54 -12.56
CA TYR D 247 -12.49 28.27 -11.89
C TYR D 247 -13.72 28.39 -10.99
N PHE D 248 -14.38 27.26 -10.77
CA PHE D 248 -15.66 27.21 -10.07
C PHE D 248 -15.59 26.19 -8.95
N THR D 249 -15.98 26.60 -7.75
CA THR D 249 -16.01 25.72 -6.60
C THR D 249 -17.45 25.50 -6.21
N GLY D 250 -17.86 24.24 -6.22
CA GLY D 250 -19.24 23.87 -5.94
C GLY D 250 -19.30 23.07 -4.66
N PHE D 251 -20.29 23.39 -3.84
CA PHE D 251 -20.56 22.66 -2.61
C PHE D 251 -21.91 21.96 -2.72
N VAL D 252 -21.89 20.64 -2.58
CA VAL D 252 -23.05 19.80 -2.84
C VAL D 252 -23.60 19.30 -1.51
N ARG D 253 -24.90 19.50 -1.30
CA ARG D 253 -25.61 18.95 -0.14
C ARG D 253 -26.58 17.88 -0.61
N ASP D 254 -26.38 16.65 -0.14
CA ASP D 254 -27.34 15.59 -0.41
C ASP D 254 -28.68 15.93 0.25
N LEU D 255 -29.77 15.77 -0.49
CA LEU D 255 -31.08 16.12 0.04
C LEU D 255 -31.99 14.91 0.25
N THR D 256 -31.50 13.68 0.05
CA THR D 256 -32.38 12.52 0.13
C THR D 256 -33.02 12.41 1.50
N GLU D 257 -32.24 12.61 2.55
CA GLU D 257 -32.80 12.51 3.89
C GLU D 257 -33.72 13.69 4.19
N HIS D 258 -33.35 14.89 3.72
CA HIS D 258 -34.17 16.08 3.95
C HIS D 258 -35.53 15.99 3.27
N GLN D 259 -35.58 15.34 2.12
CA GLN D 259 -36.85 15.22 1.40
C GLN D 259 -37.67 14.04 1.87
N GLN D 260 -37.03 12.99 2.37
CA GLN D 260 -37.77 11.90 3.00
C GLN D 260 -38.51 12.42 4.24
N THR D 261 -37.81 13.15 5.11
CA THR D 261 -38.42 13.66 6.33
C THR D 261 -39.55 14.64 6.01
N GLN D 262 -39.31 15.55 5.06
CA GLN D 262 -40.33 16.54 4.72
C GLN D 262 -41.57 15.88 4.11
N ALA D 263 -41.36 14.84 3.31
CA ALA D 263 -42.49 14.14 2.70
C ALA D 263 -43.32 13.43 3.76
N ARG D 264 -42.66 12.70 4.67
CA ARG D 264 -43.39 12.03 5.73
C ARG D 264 -44.13 13.02 6.60
N LEU D 265 -43.52 14.19 6.86
CA LEU D 265 -44.18 15.22 7.65
C LEU D 265 -45.45 15.70 6.99
N GLN D 266 -45.37 16.01 5.70
CA GLN D 266 -46.56 16.48 4.99
C GLN D 266 -47.64 15.43 5.00
N GLU D 267 -47.26 14.16 4.88
CA GLU D 267 -48.21 13.06 4.86
C GLU D 267 -48.97 12.96 6.18
N LEU D 268 -48.24 12.82 7.30
CA LEU D 268 -48.89 12.65 8.59
C LEU D 268 -49.69 13.88 8.98
N GLN D 269 -49.25 15.06 8.55
CA GLN D 269 -49.98 16.29 8.81
C GLN D 269 -51.35 16.24 8.14
N SER D 270 -51.38 15.99 6.83
CA SER D 270 -52.64 15.97 6.08
C SER D 270 -53.57 14.90 6.61
N GLU D 271 -53.01 13.75 7.00
CA GLU D 271 -53.81 12.66 7.54
C GLU D 271 -54.53 13.11 8.81
N LEU D 272 -53.77 13.66 9.77
CA LEU D 272 -54.34 14.06 11.04
C LEU D 272 -55.42 15.13 10.87
N VAL D 273 -55.11 16.19 10.12
CA VAL D 273 -56.05 17.29 9.90
C VAL D 273 -57.32 16.78 9.22
N GLY E 23 -26.00 -26.38 -22.68
CA GLY E 23 -26.19 -25.72 -21.41
C GLY E 23 -25.63 -26.60 -20.30
N PHE E 24 -25.94 -27.88 -20.40
CA PHE E 24 -25.37 -28.87 -19.49
C PHE E 24 -23.88 -29.05 -19.76
N GLY E 25 -23.11 -29.20 -18.69
CA GLY E 25 -21.68 -29.43 -18.84
C GLY E 25 -21.23 -30.85 -19.08
N VAL E 26 -22.11 -31.83 -18.88
CA VAL E 26 -21.75 -33.23 -18.93
C VAL E 26 -22.11 -33.79 -20.30
N GLY E 27 -21.47 -34.89 -20.70
CA GLY E 27 -22.01 -35.75 -21.72
C GLY E 27 -22.50 -37.06 -21.14
N THR E 28 -23.41 -37.74 -21.82
CA THR E 28 -24.02 -38.96 -21.30
C THR E 28 -23.92 -40.07 -22.34
N TRP E 29 -24.03 -41.32 -21.88
CA TRP E 29 -23.91 -42.45 -22.80
C TRP E 29 -24.64 -43.67 -22.24
N ASP E 30 -25.06 -44.54 -23.18
CA ASP E 30 -25.70 -45.81 -22.84
C ASP E 30 -25.37 -46.82 -23.95
N LEU E 31 -24.29 -47.56 -23.74
CA LEU E 31 -23.97 -48.68 -24.63
C LEU E 31 -24.55 -49.98 -24.09
N ASP E 32 -24.94 -50.87 -25.01
CA ASP E 32 -25.43 -52.20 -24.66
C ASP E 32 -24.30 -53.22 -24.64
N LEU E 33 -24.27 -54.05 -23.61
CA LEU E 33 -23.33 -55.16 -23.58
C LEU E 33 -23.61 -56.16 -24.69
N LYS E 34 -24.87 -56.27 -25.11
CA LYS E 34 -25.30 -57.19 -26.16
C LYS E 34 -24.74 -56.80 -27.53
N THR E 35 -25.39 -55.84 -28.19
CA THR E 35 -25.10 -55.51 -29.58
C THR E 35 -23.92 -54.56 -29.75
N TRP E 36 -23.33 -54.08 -28.64
CA TRP E 36 -22.20 -53.14 -28.65
C TRP E 36 -22.53 -51.84 -29.39
N ALA E 37 -23.78 -51.40 -29.29
CA ALA E 37 -24.21 -50.11 -29.85
C ALA E 37 -24.15 -49.04 -28.77
N LEU E 38 -23.76 -47.83 -29.15
CA LEU E 38 -23.54 -46.74 -28.19
C LEU E 38 -24.27 -45.48 -28.62
N ASP E 39 -24.84 -44.77 -27.65
CA ASP E 39 -25.51 -43.50 -27.89
C ASP E 39 -24.94 -42.45 -26.94
N TRP E 40 -24.31 -41.42 -27.50
CA TRP E 40 -23.71 -40.38 -26.68
C TRP E 40 -24.38 -39.03 -26.90
N SER E 41 -24.26 -38.18 -25.88
CA SER E 41 -24.78 -36.82 -25.93
C SER E 41 -24.05 -35.99 -26.98
N ASP E 42 -24.77 -35.01 -27.55
CA ASP E 42 -24.13 -34.05 -28.44
C ASP E 42 -23.02 -33.30 -27.74
N THR E 43 -23.18 -33.06 -26.44
CA THR E 43 -22.12 -32.49 -25.62
C THR E 43 -20.94 -33.45 -25.50
N ALA E 44 -21.20 -34.76 -25.55
CA ALA E 44 -20.12 -35.74 -25.45
C ALA E 44 -19.31 -35.83 -26.74
N ARG E 45 -19.90 -35.50 -27.89
CA ARG E 45 -19.16 -35.51 -29.15
C ARG E 45 -18.01 -34.51 -29.10
N THR E 46 -18.31 -33.31 -28.63
CA THR E 46 -17.32 -32.24 -28.61
C THR E 46 -16.17 -32.54 -27.65
N LEU E 47 -16.44 -33.26 -26.56
CA LEU E 47 -15.39 -33.63 -25.62
C LEU E 47 -14.37 -34.57 -26.24
N LEU E 48 -14.79 -35.44 -27.16
CA LEU E 48 -13.87 -36.37 -27.77
C LEU E 48 -13.09 -35.76 -28.93
N GLY E 49 -13.43 -34.53 -29.34
CA GLY E 49 -12.70 -33.87 -30.40
C GLY E 49 -13.06 -34.34 -31.80
N ILE E 50 -14.15 -35.09 -31.95
CA ILE E 50 -14.60 -35.57 -33.27
C ILE E 50 -16.09 -35.82 -33.17
N GLY E 51 -16.77 -35.77 -34.31
CA GLY E 51 -18.18 -36.13 -34.35
C GLY E 51 -19.12 -35.02 -34.74
N GLN E 52 -18.69 -34.13 -35.64
CA GLN E 52 -19.61 -33.09 -36.13
C GLN E 52 -20.76 -33.70 -36.94
N ASP E 53 -20.51 -34.81 -37.64
CA ASP E 53 -21.55 -35.45 -38.43
C ASP E 53 -21.45 -36.97 -38.42
N GLN E 54 -20.35 -37.56 -37.97
CA GLN E 54 -20.22 -39.01 -37.98
C GLN E 54 -20.99 -39.62 -36.82
N PRO E 55 -21.65 -40.76 -37.05
CA PRO E 55 -22.53 -41.34 -36.04
C PRO E 55 -21.76 -41.89 -34.84
N ALA E 56 -22.47 -41.98 -33.72
CA ALA E 56 -21.93 -42.65 -32.54
C ALA E 56 -21.62 -44.10 -32.85
N SER E 57 -20.45 -44.55 -32.40
CA SER E 57 -19.99 -45.90 -32.65
C SER E 57 -18.98 -46.25 -31.58
N TYR E 58 -19.04 -47.47 -31.07
CA TYR E 58 -18.05 -47.93 -30.11
C TYR E 58 -16.65 -47.97 -30.72
N ASP E 59 -16.57 -48.28 -32.01
CA ASP E 59 -15.27 -48.34 -32.68
C ASP E 59 -14.65 -46.96 -32.81
N LEU E 60 -15.46 -45.95 -33.17
CA LEU E 60 -14.95 -44.58 -33.28
C LEU E 60 -14.50 -44.04 -31.93
N PHE E 61 -15.13 -44.53 -30.84
CA PHE E 61 -14.77 -44.07 -29.50
C PHE E 61 -13.36 -44.50 -29.13
N LEU E 62 -13.04 -45.79 -29.33
CA LEU E 62 -11.70 -46.28 -29.04
C LEU E 62 -10.67 -45.72 -30.02
N SER E 63 -11.12 -45.27 -31.20
CA SER E 63 -10.25 -44.62 -32.17
C SER E 63 -9.71 -43.28 -31.66
N ARG E 64 -10.41 -42.62 -30.75
CA ARG E 64 -9.98 -41.32 -30.25
C ARG E 64 -8.99 -41.42 -29.10
N LEU E 65 -9.05 -42.49 -28.33
CA LEU E 65 -8.10 -42.72 -27.24
C LEU E 65 -6.74 -43.12 -27.78
N GLU E 66 -5.70 -42.79 -27.03
CA GLU E 66 -4.38 -43.35 -27.33
C GLU E 66 -4.36 -44.84 -26.96
N PRO E 67 -3.58 -45.65 -27.71
CA PRO E 67 -3.64 -47.11 -27.51
C PRO E 67 -2.89 -47.59 -26.27
N ASP E 68 -2.97 -46.82 -25.20
CA ASP E 68 -2.60 -47.21 -23.85
C ASP E 68 -3.80 -47.19 -22.91
N ASP E 69 -4.70 -46.23 -23.10
CA ASP E 69 -5.90 -46.11 -22.28
C ASP E 69 -7.07 -46.93 -22.83
N ARG E 70 -7.14 -47.13 -24.14
CA ARG E 70 -8.20 -47.97 -24.68
C ARG E 70 -8.09 -49.40 -24.16
N GLU E 71 -6.87 -49.87 -23.92
CA GLU E 71 -6.69 -51.15 -23.25
C GLU E 71 -7.22 -51.09 -21.83
N ARG E 72 -6.99 -49.97 -21.16
CA ARG E 72 -7.48 -49.81 -19.78
C ARG E 72 -9.01 -49.74 -19.74
N VAL E 73 -9.63 -49.15 -20.77
CA VAL E 73 -11.09 -49.09 -20.82
C VAL E 73 -11.67 -50.48 -21.07
N GLU E 74 -11.02 -51.26 -21.93
CA GLU E 74 -11.53 -52.60 -22.25
C GLU E 74 -11.44 -53.53 -21.05
N SER E 75 -10.35 -53.42 -20.27
CA SER E 75 -10.25 -54.22 -19.05
C SER E 75 -11.34 -53.85 -18.07
N ALA E 76 -11.71 -52.57 -18.04
CA ALA E 76 -12.68 -52.08 -17.07
C ALA E 76 -14.12 -52.44 -17.44
N ILE E 77 -14.47 -52.35 -18.72
CA ILE E 77 -15.81 -52.77 -19.13
C ILE E 77 -15.95 -54.27 -18.93
N LYS E 78 -14.86 -55.03 -19.11
CA LYS E 78 -14.88 -56.44 -18.76
C LYS E 78 -15.06 -56.64 -17.26
N ARG E 79 -14.51 -55.74 -16.45
CA ARG E 79 -14.69 -55.84 -15.01
C ARG E 79 -16.15 -55.64 -14.62
N VAL E 80 -16.84 -54.72 -15.31
CA VAL E 80 -18.24 -54.47 -14.97
C VAL E 80 -19.18 -55.47 -15.64
N SER E 81 -18.70 -56.18 -16.66
CA SER E 81 -19.52 -57.24 -17.25
C SER E 81 -19.70 -58.39 -16.26
N GLU E 82 -18.70 -58.65 -15.41
CA GLU E 82 -18.73 -59.69 -14.39
C GLU E 82 -18.46 -59.02 -13.03
N ARG E 83 -19.54 -58.69 -12.29
CA ARG E 83 -19.48 -58.21 -10.89
C ARG E 83 -18.92 -56.79 -10.76
N GLY E 84 -19.45 -55.86 -11.53
CA GLY E 84 -18.92 -54.50 -11.42
C GLY E 84 -19.61 -53.60 -10.42
N GLY E 85 -18.84 -53.01 -9.50
CA GLY E 85 -19.37 -51.98 -8.62
C GLY E 85 -19.26 -50.61 -9.26
N GLY E 86 -19.95 -50.42 -10.38
CA GLY E 86 -19.78 -49.24 -11.19
C GLY E 86 -18.60 -49.39 -12.13
N PHE E 87 -18.40 -48.35 -12.93
CA PHE E 87 -17.29 -48.30 -13.89
C PHE E 87 -16.86 -46.84 -14.02
N ASP E 88 -15.83 -46.44 -13.28
CA ASP E 88 -15.23 -45.14 -13.53
C ASP E 88 -13.74 -45.30 -13.84
N VAL E 89 -13.36 -44.80 -15.02
CA VAL E 89 -12.01 -44.84 -15.55
C VAL E 89 -11.77 -43.51 -16.24
N SER E 90 -10.58 -42.94 -16.06
CA SER E 90 -10.27 -41.64 -16.57
C SER E 90 -9.13 -41.73 -17.58
N PHE E 91 -9.11 -40.79 -18.53
CA PHE E 91 -8.18 -40.87 -19.64
C PHE E 91 -8.09 -39.53 -20.35
N ARG E 92 -6.93 -39.27 -20.98
CA ARG E 92 -6.80 -38.24 -21.99
C ARG E 92 -7.36 -38.70 -23.33
N VAL E 93 -7.76 -37.72 -24.14
CA VAL E 93 -7.90 -37.90 -25.59
C VAL E 93 -6.92 -36.96 -26.29
N ALA E 94 -6.49 -37.35 -27.49
CA ALA E 94 -5.31 -36.75 -28.11
C ALA E 94 -5.56 -35.32 -28.58
N GLY E 95 -6.48 -35.11 -29.51
CA GLY E 95 -6.96 -33.75 -29.73
C GLY E 95 -7.19 -33.16 -31.10
N THR E 96 -6.30 -33.46 -32.07
CA THR E 96 -5.94 -32.69 -33.30
C THR E 96 -4.92 -31.59 -32.98
N SER E 97 -5.25 -30.72 -32.03
CA SER E 97 -4.23 -29.90 -31.40
C SER E 97 -3.67 -30.63 -30.19
N ASN E 98 -2.36 -30.53 -29.98
CA ASN E 98 -1.73 -31.08 -28.78
C ASN E 98 -1.91 -30.10 -27.61
N ALA E 99 -3.17 -29.85 -27.30
CA ALA E 99 -3.57 -29.31 -26.01
C ALA E 99 -4.01 -30.38 -25.04
N GLY E 100 -4.54 -31.50 -25.54
CA GLY E 100 -5.04 -32.57 -24.71
C GLY E 100 -6.45 -32.31 -24.22
N GLN E 101 -7.05 -33.34 -23.65
CA GLN E 101 -8.37 -33.21 -23.02
C GLN E 101 -8.63 -34.42 -22.13
N TRP E 102 -8.76 -34.20 -20.83
CA TRP E 102 -9.05 -35.26 -19.88
C TRP E 102 -10.54 -35.53 -19.75
N ILE E 103 -10.89 -36.82 -19.64
CA ILE E 103 -12.26 -37.28 -19.41
C ILE E 103 -12.25 -38.27 -18.25
N ARG E 104 -13.22 -38.13 -17.34
CA ARG E 104 -13.59 -39.18 -16.40
C ARG E 104 -14.97 -39.73 -16.76
N ALA E 105 -15.02 -41.00 -17.15
CA ALA E 105 -16.28 -41.70 -17.46
C ALA E 105 -16.76 -42.46 -16.24
N ARG E 106 -18.06 -42.39 -15.94
CA ARG E 106 -18.64 -43.04 -14.77
C ARG E 106 -19.95 -43.69 -15.14
N ALA E 107 -20.30 -44.80 -14.47
CA ALA E 107 -21.39 -45.66 -14.94
C ALA E 107 -22.03 -46.44 -13.79
N GLY E 108 -23.32 -46.80 -13.98
CA GLY E 108 -24.07 -47.52 -12.97
C GLY E 108 -24.95 -48.60 -13.57
N LEU E 109 -25.47 -49.47 -12.70
CA LEU E 109 -26.05 -50.73 -13.12
C LEU E 109 -27.45 -50.54 -13.71
N ILE E 110 -27.69 -51.18 -14.86
CA ILE E 110 -28.97 -51.20 -15.56
C ILE E 110 -29.17 -52.62 -16.09
N ARG E 111 -30.29 -53.25 -15.75
CA ARG E 111 -30.53 -54.63 -16.13
C ARG E 111 -32.02 -54.84 -16.38
N ASP E 112 -32.34 -55.69 -17.36
CA ASP E 112 -33.72 -55.97 -17.74
C ASP E 112 -34.41 -56.72 -16.59
N GLU E 113 -35.75 -56.79 -16.68
CA GLU E 113 -36.62 -57.30 -15.63
C GLU E 113 -36.06 -58.51 -14.89
N ALA E 114 -35.98 -59.66 -15.57
CA ALA E 114 -35.24 -60.79 -15.04
C ALA E 114 -33.86 -60.95 -15.66
N GLY E 115 -33.44 -60.06 -16.55
CA GLY E 115 -32.19 -60.20 -17.26
C GLY E 115 -31.10 -59.34 -16.62
N THR E 116 -29.93 -59.95 -16.42
CA THR E 116 -28.78 -59.18 -15.96
C THR E 116 -28.13 -58.48 -17.15
N ALA E 117 -26.84 -58.13 -17.02
CA ALA E 117 -26.08 -57.46 -18.08
C ALA E 117 -26.80 -56.22 -18.59
N ARG E 118 -27.38 -56.33 -19.81
CA ARG E 118 -28.11 -55.30 -20.57
C ARG E 118 -27.21 -54.22 -21.15
N HIS E 119 -27.35 -53.00 -20.64
CA HIS E 119 -26.67 -51.86 -21.22
C HIS E 119 -26.14 -50.94 -20.13
N LEU E 120 -24.86 -50.62 -20.21
CA LEU E 120 -24.24 -49.67 -19.28
C LEU E 120 -24.80 -48.26 -19.45
N SER E 121 -25.10 -47.62 -18.33
CA SER E 121 -25.65 -46.26 -18.32
C SER E 121 -24.69 -45.36 -17.56
N GLY E 122 -24.24 -44.28 -18.19
CA GLY E 122 -23.19 -43.52 -17.57
C GLY E 122 -22.98 -42.14 -18.18
N ILE E 123 -21.89 -41.49 -17.73
CA ILE E 123 -21.65 -40.07 -17.96
C ILE E 123 -20.19 -39.82 -18.33
N PHE E 124 -19.95 -38.71 -19.03
CA PHE E 124 -18.61 -38.25 -19.40
C PHE E 124 -18.36 -36.89 -18.76
N LEU E 125 -17.27 -36.78 -17.98
CA LEU E 125 -16.97 -35.58 -17.21
C LEU E 125 -15.65 -34.95 -17.67
N ASP E 126 -15.70 -33.66 -18.01
CA ASP E 126 -14.47 -32.92 -18.21
C ASP E 126 -13.77 -32.74 -16.87
N ILE E 127 -12.52 -33.21 -16.79
CA ILE E 127 -11.72 -33.12 -15.57
C ILE E 127 -10.41 -32.43 -15.88
N ASP E 128 -10.40 -31.54 -16.89
CA ASP E 128 -9.17 -30.83 -17.24
C ASP E 128 -8.69 -29.94 -16.10
N GLU E 129 -9.60 -29.35 -15.33
CA GLU E 129 -9.15 -28.49 -14.25
C GLU E 129 -8.78 -29.29 -13.02
N GLU E 130 -9.49 -30.39 -12.73
CA GLU E 130 -9.13 -31.21 -11.58
C GLU E 130 -7.77 -31.87 -11.75
N LYS E 131 -7.40 -32.23 -12.98
CA LYS E 131 -6.07 -32.74 -13.22
C LYS E 131 -5.01 -31.64 -13.24
N GLN E 132 -5.39 -30.41 -13.57
CA GLN E 132 -4.45 -29.29 -13.42
C GLN E 132 -4.13 -29.04 -11.95
N VAL E 133 -5.11 -29.20 -11.07
CA VAL E 133 -4.89 -29.06 -9.63
C VAL E 133 -4.02 -30.21 -9.11
N GLU E 134 -4.25 -31.41 -9.63
CA GLU E 134 -3.47 -32.58 -9.21
C GLU E 134 -2.01 -32.43 -9.62
N GLY E 135 -1.75 -31.86 -10.80
CA GLY E 135 -0.37 -31.68 -11.23
C GLY E 135 0.31 -30.53 -10.53
N ALA E 136 -0.45 -29.51 -10.13
CA ALA E 136 0.14 -28.45 -9.32
C ALA E 136 0.54 -28.96 -7.95
N LEU E 137 -0.30 -29.78 -7.32
CA LEU E 137 0.07 -30.37 -6.04
C LEU E 137 1.28 -31.27 -6.17
N ARG E 138 1.38 -32.02 -7.28
CA ARG E 138 2.52 -32.91 -7.47
C ARG E 138 3.81 -32.12 -7.62
N THR E 139 3.77 -31.01 -8.38
CA THR E 139 4.98 -30.21 -8.55
C THR E 139 5.42 -29.63 -7.22
N ARG E 140 4.47 -29.12 -6.43
CA ARG E 140 4.80 -28.56 -5.13
C ARG E 140 5.34 -29.61 -4.19
N GLU E 141 4.73 -30.80 -4.21
CA GLU E 141 5.20 -31.88 -3.35
C GLU E 141 6.60 -32.32 -3.77
N THR E 142 6.88 -32.33 -5.07
CA THR E 142 8.22 -32.64 -5.56
C THR E 142 9.21 -31.57 -5.11
N HIS E 143 8.86 -30.29 -5.30
CA HIS E 143 9.76 -29.20 -4.94
C HIS E 143 10.04 -29.17 -3.43
N LEU E 144 9.06 -29.51 -2.60
CA LEU E 144 9.31 -29.59 -1.17
C LEU E 144 10.36 -30.64 -0.86
N ARG E 145 10.25 -31.80 -1.50
CA ARG E 145 11.24 -32.85 -1.23
C ARG E 145 12.60 -32.44 -1.76
N SER E 146 12.65 -31.72 -2.89
CA SER E 146 13.92 -31.17 -3.35
C SER E 146 14.48 -30.18 -2.34
N ILE E 147 13.62 -29.39 -1.71
CA ILE E 147 14.11 -28.44 -0.71
C ILE E 147 14.67 -29.20 0.49
N LEU E 148 13.93 -30.19 1.00
CA LEU E 148 14.38 -30.90 2.19
C LEU E 148 15.72 -31.64 1.97
N HIS E 149 16.01 -32.03 0.73
CA HIS E 149 17.27 -32.74 0.48
C HIS E 149 18.44 -31.81 0.23
N THR E 150 18.18 -30.61 -0.28
CA THR E 150 19.23 -29.75 -0.77
C THR E 150 19.62 -28.63 0.19
N ILE E 151 18.72 -28.16 1.04
CA ILE E 151 18.93 -26.92 1.79
C ILE E 151 20.10 -27.12 2.76
N PRO E 152 21.13 -26.27 2.66
CA PRO E 152 22.29 -26.39 3.57
C PRO E 152 21.96 -26.27 5.04
N ASP E 153 21.01 -25.43 5.43
CA ASP E 153 20.68 -25.31 6.83
C ASP E 153 19.70 -26.40 7.21
N ALA E 154 19.79 -26.84 8.46
CA ALA E 154 18.78 -27.75 8.98
C ALA E 154 17.43 -27.06 8.94
N MET E 155 16.43 -27.76 8.43
CA MET E 155 15.09 -27.20 8.29
C MET E 155 14.10 -28.16 8.93
N ILE E 156 13.31 -27.65 9.85
CA ILE E 156 12.40 -28.45 10.66
C ILE E 156 11.04 -27.78 10.62
N VAL E 157 9.98 -28.57 10.48
CA VAL E 157 8.62 -28.07 10.55
C VAL E 157 7.90 -28.77 11.69
N ILE E 158 7.24 -27.99 12.54
CA ILE E 158 6.43 -28.52 13.63
C ILE E 158 5.04 -27.94 13.52
N ASP E 159 4.09 -28.63 14.13
CA ASP E 159 2.72 -28.12 14.25
C ASP E 159 2.57 -27.22 15.47
N GLY E 160 1.32 -26.98 15.87
CA GLY E 160 0.98 -26.13 16.98
C GLY E 160 1.08 -26.76 18.35
N HIS E 161 1.49 -28.02 18.42
CA HIS E 161 1.76 -28.69 19.68
C HIS E 161 3.20 -29.16 19.77
N GLY E 162 4.06 -28.65 18.90
CA GLY E 162 5.48 -28.93 18.98
C GLY E 162 5.92 -30.26 18.40
N ILE E 163 5.01 -30.99 17.74
CA ILE E 163 5.35 -32.28 17.17
C ILE E 163 5.97 -32.06 15.79
N ILE E 164 7.15 -32.66 15.56
CA ILE E 164 7.84 -32.52 14.28
C ILE E 164 7.00 -33.10 13.15
N GLN E 165 6.94 -32.37 12.03
CA GLN E 165 6.27 -32.86 10.83
C GLN E 165 7.20 -33.09 9.65
N LEU E 166 8.21 -32.25 9.48
CA LEU E 166 9.20 -32.45 8.44
C LEU E 166 10.58 -32.21 9.03
N PHE E 167 11.58 -32.84 8.43
CA PHE E 167 12.90 -32.90 9.06
C PHE E 167 13.92 -33.12 7.94
N SER E 168 14.61 -32.05 7.55
CA SER E 168 15.39 -32.06 6.32
C SER E 168 16.64 -32.91 6.50
N THR E 169 17.30 -33.22 5.38
CA THR E 169 18.46 -34.10 5.47
C THR E 169 19.62 -33.43 6.20
N ALA E 170 19.78 -32.12 6.08
CA ALA E 170 20.76 -31.42 6.90
C ALA E 170 20.42 -31.53 8.38
N ALA E 171 19.11 -31.58 8.69
CA ALA E 171 18.70 -31.71 10.09
C ALA E 171 19.05 -33.07 10.65
N GLU E 172 18.99 -34.12 9.84
CA GLU E 172 19.37 -35.43 10.36
C GLU E 172 20.87 -35.53 10.50
N ARG E 173 21.61 -34.89 9.59
CA ARG E 173 23.06 -34.91 9.63
C ARG E 173 23.59 -34.22 10.87
N LEU E 174 22.86 -33.24 11.38
CA LEU E 174 23.31 -32.40 12.47
C LEU E 174 22.80 -32.88 13.83
N PHE E 175 21.49 -33.09 13.96
CA PHE E 175 20.93 -33.55 15.22
C PHE E 175 21.15 -35.04 15.45
N GLY E 176 21.49 -35.81 14.41
CA GLY E 176 21.74 -37.23 14.57
C GLY E 176 20.52 -38.15 14.60
N TRP E 177 19.33 -37.65 14.31
CA TRP E 177 18.12 -38.46 14.21
C TRP E 177 17.75 -38.65 12.75
N SER E 178 17.29 -39.85 12.37
CA SER E 178 16.71 -39.96 11.05
C SER E 178 15.38 -39.21 10.99
N GLU E 179 14.98 -38.84 9.77
CA GLU E 179 13.68 -38.21 9.59
C GLU E 179 12.56 -39.12 10.05
N LEU E 180 12.71 -40.44 9.85
CA LEU E 180 11.67 -41.34 10.32
C LEU E 180 11.65 -41.43 11.84
N GLU E 181 12.81 -41.28 12.48
CA GLU E 181 12.86 -41.27 13.94
C GLU E 181 12.30 -39.96 14.48
N ALA E 182 12.64 -38.84 13.82
CA ALA E 182 12.30 -37.53 14.35
C ALA E 182 10.82 -37.20 14.19
N ILE E 183 10.24 -37.50 13.02
CA ILE E 183 8.85 -37.13 12.77
C ILE E 183 7.94 -37.82 13.77
N GLY E 184 7.02 -37.04 14.34
CA GLY E 184 6.15 -37.50 15.40
C GLY E 184 6.68 -37.28 16.79
N GLN E 185 8.00 -37.05 16.94
CA GLN E 185 8.55 -36.65 18.23
C GLN E 185 8.32 -35.16 18.47
N ASN E 186 8.25 -34.79 19.74
CA ASN E 186 8.24 -33.38 20.09
C ASN E 186 9.59 -32.74 19.75
N VAL E 187 9.54 -31.49 19.28
CA VAL E 187 10.76 -30.78 18.89
C VAL E 187 11.72 -30.59 20.07
N ASN E 188 11.24 -30.71 21.31
CA ASN E 188 12.11 -30.54 22.48
C ASN E 188 13.16 -31.63 22.60
N ILE E 189 13.11 -32.69 21.81
CA ILE E 189 14.19 -33.68 21.83
C ILE E 189 15.47 -33.13 21.22
N LEU E 190 15.40 -32.00 20.54
CA LEU E 190 16.55 -31.34 19.94
C LEU E 190 17.21 -30.31 20.86
N MET E 191 16.77 -30.18 22.10
CA MET E 191 17.31 -29.10 22.92
C MET E 191 17.67 -29.59 24.31
N PRO E 192 18.63 -28.93 24.96
CA PRO E 192 18.97 -29.27 26.35
C PRO E 192 18.01 -28.65 27.34
N GLU E 193 18.20 -28.98 28.61
CA GLU E 193 17.53 -28.25 29.66
C GLU E 193 18.15 -26.86 29.81
N PRO E 194 17.37 -25.87 30.32
CA PRO E 194 15.98 -25.86 30.73
C PRO E 194 14.97 -25.63 29.60
N ASP E 195 15.45 -25.31 28.40
CA ASP E 195 14.54 -25.04 27.29
C ASP E 195 13.71 -26.27 26.92
N ARG E 196 14.27 -27.47 27.12
CA ARG E 196 13.60 -28.71 26.75
C ARG E 196 12.28 -28.87 27.50
N SER E 197 12.28 -28.59 28.80
CA SER E 197 11.09 -28.83 29.61
C SER E 197 10.10 -27.68 29.56
N ARG E 198 10.52 -26.47 29.18
CA ARG E 198 9.60 -25.36 29.08
C ARG E 198 9.06 -25.13 27.67
N HIS E 199 9.59 -25.84 26.67
CA HIS E 199 9.32 -25.44 25.28
C HIS E 199 7.85 -25.59 24.91
N ASP E 200 7.15 -26.60 25.45
CA ASP E 200 5.71 -26.69 25.20
C ASP E 200 4.99 -25.48 25.77
N SER E 201 5.42 -24.99 26.93
CA SER E 201 4.78 -23.81 27.49
C SER E 201 5.08 -22.56 26.68
N TYR E 202 6.26 -22.48 26.05
CA TYR E 202 6.53 -21.33 25.19
C TYR E 202 5.60 -21.33 23.98
N ILE E 203 5.37 -22.50 23.39
CA ILE E 203 4.46 -22.57 22.25
C ILE E 203 3.03 -22.27 22.70
N SER E 204 2.61 -22.84 23.84
CA SER E 204 1.27 -22.56 24.34
C SER E 204 1.12 -21.12 24.78
N ARG E 205 2.21 -20.51 25.28
CA ARG E 205 2.17 -19.09 25.61
C ARG E 205 1.88 -18.28 24.36
N TYR E 206 2.60 -18.56 23.29
CA TYR E 206 2.42 -17.80 22.05
C TYR E 206 1.03 -18.03 21.45
N ARG E 207 0.53 -19.27 21.50
CA ARG E 207 -0.76 -19.55 20.88
C ARG E 207 -1.90 -18.81 21.57
N THR E 208 -1.85 -18.70 22.90
CA THR E 208 -2.94 -18.01 23.57
C THR E 208 -2.86 -16.50 23.39
N THR E 209 -1.68 -15.95 23.67
CA THR E 209 -1.50 -14.51 23.60
C THR E 209 -1.58 -13.99 22.16
N SER E 210 -1.14 -14.79 21.19
CA SER E 210 -0.90 -14.33 19.82
C SER E 210 0.02 -13.10 19.78
N ASP E 211 0.92 -12.97 20.77
CA ASP E 211 1.93 -11.92 20.79
C ASP E 211 3.32 -12.54 20.64
N PRO E 212 4.00 -12.32 19.51
CA PRO E 212 5.30 -12.96 19.27
C PRO E 212 6.37 -12.56 20.28
N HIS E 213 7.24 -13.52 20.60
CA HIS E 213 8.57 -13.24 21.15
C HIS E 213 9.70 -13.52 20.17
N ILE E 214 9.59 -14.58 19.35
CA ILE E 214 10.71 -14.98 18.51
C ILE E 214 10.27 -15.26 17.07
N ILE E 215 8.97 -15.22 16.81
CA ILE E 215 8.50 -15.49 15.45
C ILE E 215 8.99 -14.38 14.54
N GLY E 216 9.71 -14.75 13.47
CA GLY E 216 10.22 -13.80 12.50
C GLY E 216 11.60 -13.23 12.77
N ILE E 217 12.14 -13.39 13.98
CA ILE E 217 13.52 -12.95 14.25
C ILE E 217 14.45 -14.15 14.05
N GLY E 218 15.75 -13.87 14.00
CA GLY E 218 16.75 -14.93 14.12
C GLY E 218 17.68 -14.63 15.28
N ARG E 219 18.12 -15.68 15.96
CA ARG E 219 18.93 -15.51 17.17
C ARG E 219 19.65 -16.81 17.50
N ILE E 220 20.65 -16.69 18.37
CA ILE E 220 21.51 -17.80 18.74
C ILE E 220 20.97 -18.48 19.99
N VAL E 221 20.77 -19.79 19.91
CA VAL E 221 20.35 -20.61 21.02
C VAL E 221 21.25 -21.85 21.08
N THR E 222 20.95 -22.70 22.05
CA THR E 222 21.69 -23.92 22.32
C THR E 222 20.78 -25.12 22.07
N GLY E 223 21.24 -26.07 21.24
CA GLY E 223 20.53 -27.31 21.05
C GLY E 223 21.44 -28.51 21.26
N LYS E 224 20.82 -29.70 21.29
CA LYS E 224 21.58 -30.91 21.54
C LYS E 224 21.20 -32.00 20.55
N ARG E 225 22.22 -32.77 20.15
CA ARG E 225 22.10 -33.99 19.37
C ARG E 225 21.61 -35.14 20.26
N ARG E 226 21.02 -36.17 19.61
CA ARG E 226 20.69 -37.39 20.36
C ARG E 226 21.96 -38.04 20.87
N ASP E 227 23.06 -37.75 20.21
CA ASP E 227 24.42 -37.98 20.66
C ASP E 227 24.60 -37.48 22.09
N GLY E 228 23.87 -36.44 22.48
CA GLY E 228 23.90 -35.87 23.81
C GLY E 228 24.72 -34.61 23.92
N THR E 229 25.64 -34.39 22.99
CA THR E 229 26.42 -33.17 22.97
C THR E 229 25.54 -31.97 22.66
N THR E 230 25.95 -30.80 23.13
CA THR E 230 25.29 -29.55 22.78
C THR E 230 26.17 -28.70 21.88
N PHE E 231 25.56 -27.70 21.24
CA PHE E 231 26.28 -26.86 20.30
C PHE E 231 25.53 -25.53 20.13
N PRO E 232 26.23 -24.46 19.73
CA PRO E 232 25.53 -23.20 19.45
C PRO E 232 24.90 -23.23 18.07
N MET E 233 23.67 -22.73 17.98
CA MET E 233 22.99 -22.70 16.70
C MET E 233 22.20 -21.41 16.58
N HIS E 234 22.22 -20.83 15.40
CA HIS E 234 21.36 -19.70 15.06
C HIS E 234 20.10 -20.26 14.47
N LEU E 235 18.94 -19.77 14.89
CA LEU E 235 17.75 -20.25 14.22
C LEU E 235 16.71 -19.17 14.02
N SER E 236 15.91 -19.40 12.98
CA SER E 236 14.87 -18.51 12.51
C SER E 236 13.59 -19.33 12.33
N ILE E 237 12.46 -18.74 12.71
CA ILE E 237 11.14 -19.37 12.68
C ILE E 237 10.21 -18.51 11.84
N GLY E 238 9.55 -19.14 10.86
CA GLY E 238 8.35 -18.57 10.27
C GLY E 238 7.08 -19.33 10.64
N GLU E 239 5.94 -18.66 10.49
CA GLU E 239 4.65 -19.22 10.88
C GLU E 239 3.71 -19.23 9.69
N MET E 240 2.85 -20.26 9.64
CA MET E 240 1.78 -20.33 8.66
C MET E 240 0.55 -20.92 9.34
N GLN E 241 -0.60 -20.69 8.72
CA GLN E 241 -1.83 -21.33 9.15
C GLN E 241 -2.34 -22.24 8.04
N SER E 242 -2.94 -23.37 8.44
CA SER E 242 -3.61 -24.26 7.50
C SER E 242 -4.60 -25.08 8.29
N GLY E 243 -5.86 -25.07 7.86
CA GLY E 243 -6.84 -25.96 8.46
C GLY E 243 -7.08 -25.73 9.93
N GLY E 244 -6.98 -24.50 10.40
CA GLY E 244 -7.17 -24.22 11.80
C GLY E 244 -5.99 -24.55 12.66
N GLU E 245 -4.82 -24.79 12.06
CA GLU E 245 -3.64 -25.23 12.79
C GLU E 245 -2.48 -24.32 12.39
N PRO E 246 -1.73 -23.80 13.34
CA PRO E 246 -0.47 -23.13 12.98
C PRO E 246 0.65 -24.11 12.70
N TYR E 247 1.56 -23.72 11.82
CA TYR E 247 2.76 -24.51 11.56
C TYR E 247 3.98 -23.62 11.53
N PHE E 248 5.07 -24.13 12.10
CA PHE E 248 6.30 -23.38 12.25
C PHE E 248 7.41 -24.05 11.46
N THR E 249 8.12 -23.27 10.67
CA THR E 249 9.29 -23.74 9.96
C THR E 249 10.51 -23.08 10.58
N GLY E 250 11.44 -23.90 11.07
CA GLY E 250 12.66 -23.44 11.67
C GLY E 250 13.85 -23.72 10.77
N PHE E 251 14.72 -22.74 10.63
CA PHE E 251 15.95 -22.89 9.87
C PHE E 251 17.09 -22.75 10.84
N VAL E 252 17.91 -23.80 10.91
CA VAL E 252 18.93 -23.98 11.94
C VAL E 252 20.30 -23.91 11.28
N ARG E 253 21.17 -23.05 11.80
CA ARG E 253 22.55 -23.00 11.34
C ARG E 253 23.48 -23.37 12.48
N ASP E 254 24.26 -24.44 12.27
CA ASP E 254 25.33 -24.81 13.19
C ASP E 254 26.34 -23.68 13.29
N LEU E 255 26.63 -23.27 14.51
CA LEU E 255 27.61 -22.22 14.72
C LEU E 255 28.95 -22.73 15.22
N THR E 256 29.14 -24.05 15.29
CA THR E 256 30.35 -24.59 15.90
C THR E 256 31.61 -24.22 15.13
N GLU E 257 31.53 -24.20 13.79
CA GLU E 257 32.72 -23.82 13.01
C GLU E 257 33.02 -22.34 13.17
N HIS E 258 32.00 -21.48 13.01
CA HIS E 258 32.22 -20.05 13.14
C HIS E 258 32.63 -19.66 14.54
N GLN E 259 32.08 -20.33 15.56
CA GLN E 259 32.45 -20.03 16.93
C GLN E 259 33.85 -20.54 17.24
N GLN E 260 34.22 -21.72 16.71
CA GLN E 260 35.58 -22.20 16.93
C GLN E 260 36.60 -21.37 16.16
N THR E 261 36.17 -20.71 15.08
CA THR E 261 37.04 -19.71 14.43
C THR E 261 37.20 -18.48 15.30
N GLN E 262 36.12 -18.01 15.92
CA GLN E 262 36.21 -16.85 16.80
C GLN E 262 36.91 -17.17 18.12
N ALA E 263 36.92 -18.44 18.55
CA ALA E 263 37.77 -18.82 19.67
C ALA E 263 39.23 -18.89 19.26
N ARG E 264 39.51 -19.17 17.99
CA ARG E 264 40.87 -19.18 17.48
C ARG E 264 41.39 -17.76 17.21
N LEU E 265 40.48 -16.77 17.15
CA LEU E 265 40.90 -15.37 17.15
C LEU E 265 41.31 -14.92 18.54
N GLN E 266 40.46 -15.15 19.53
CA GLN E 266 40.72 -14.62 20.86
C GLN E 266 41.76 -15.43 21.62
N GLU E 267 42.15 -16.61 21.11
CA GLU E 267 43.36 -17.27 21.54
C GLU E 267 44.62 -16.60 21.02
N LEU E 268 44.52 -15.81 19.93
CA LEU E 268 45.66 -15.05 19.43
C LEU E 268 45.49 -13.54 19.63
N GLN E 269 44.61 -13.14 20.54
CA GLN E 269 44.59 -11.79 21.10
C GLN E 269 45.65 -11.60 22.19
N SER E 270 46.54 -12.59 22.38
CA SER E 270 47.48 -12.60 23.49
C SER E 270 48.93 -12.36 23.09
N GLU E 271 49.23 -12.20 21.81
CA GLU E 271 50.63 -12.05 21.42
C GLU E 271 51.19 -10.68 21.80
N LEU E 272 50.36 -9.63 21.76
CA LEU E 272 50.84 -8.25 21.76
C LEU E 272 50.60 -7.52 23.08
N VAL E 273 49.87 -8.10 24.02
CA VAL E 273 49.61 -7.45 25.30
C VAL E 273 50.88 -7.44 26.16
N GLY F 23 -26.20 -50.41 -8.93
CA GLY F 23 -25.07 -49.85 -8.20
C GLY F 23 -24.36 -48.76 -8.96
N PHE F 24 -24.00 -47.68 -8.24
CA PHE F 24 -23.39 -46.48 -8.79
C PHE F 24 -22.96 -45.63 -7.60
N GLY F 25 -22.14 -44.60 -7.85
CA GLY F 25 -21.89 -43.57 -6.88
C GLY F 25 -22.36 -42.16 -7.23
N VAL F 26 -22.70 -41.92 -8.50
CA VAL F 26 -23.14 -40.58 -8.94
C VAL F 26 -24.65 -40.54 -8.81
N GLY F 27 -25.13 -39.97 -7.70
CA GLY F 27 -26.57 -39.89 -7.46
C GLY F 27 -27.26 -38.97 -8.45
N THR F 28 -28.60 -39.11 -8.52
CA THR F 28 -29.42 -38.41 -9.50
C THR F 28 -30.51 -37.64 -8.77
N TRP F 29 -31.06 -36.62 -9.44
CA TRP F 29 -32.18 -35.88 -8.87
C TRP F 29 -32.95 -35.14 -9.96
N ASP F 30 -34.13 -34.68 -9.56
CA ASP F 30 -35.16 -34.15 -10.46
C ASP F 30 -36.06 -33.25 -9.61
N LEU F 31 -36.23 -31.99 -10.01
CA LEU F 31 -37.15 -31.12 -9.28
C LEU F 31 -37.67 -30.03 -10.21
N ASP F 32 -38.93 -29.64 -10.02
CA ASP F 32 -39.53 -28.57 -10.80
C ASP F 32 -39.50 -27.25 -10.03
N LEU F 33 -39.19 -26.17 -10.75
CA LEU F 33 -39.16 -24.84 -10.13
C LEU F 33 -40.51 -24.48 -9.55
N LYS F 34 -41.58 -24.84 -10.24
CA LYS F 34 -42.93 -24.70 -9.73
C LYS F 34 -43.18 -25.73 -8.63
N THR F 35 -43.86 -25.29 -7.57
CA THR F 35 -44.27 -26.03 -6.36
C THR F 35 -43.11 -26.63 -5.53
N TRP F 36 -41.87 -26.44 -5.96
CA TRP F 36 -40.65 -26.86 -5.25
C TRP F 36 -40.64 -28.36 -4.90
N ALA F 37 -41.38 -29.19 -5.66
CA ALA F 37 -41.37 -30.62 -5.40
C ALA F 37 -40.02 -31.22 -5.77
N LEU F 38 -39.53 -32.14 -4.95
CA LEU F 38 -38.20 -32.71 -5.12
C LEU F 38 -38.25 -34.23 -4.95
N ASP F 39 -37.46 -34.92 -5.77
CA ASP F 39 -37.23 -36.35 -5.66
C ASP F 39 -35.85 -36.67 -6.21
N TRP F 40 -35.25 -37.77 -5.73
CA TRP F 40 -33.86 -38.09 -6.05
C TRP F 40 -33.69 -39.60 -6.12
N SER F 41 -32.43 -40.03 -6.24
CA SER F 41 -32.02 -41.43 -6.26
C SER F 41 -31.77 -41.96 -4.86
N ASP F 42 -31.80 -43.29 -4.73
CA ASP F 42 -31.40 -43.93 -3.48
C ASP F 42 -29.92 -43.71 -3.19
N THR F 43 -29.07 -43.62 -4.24
CA THR F 43 -27.68 -43.28 -4.03
C THR F 43 -27.53 -41.85 -3.51
N ALA F 44 -28.39 -40.94 -3.96
CA ALA F 44 -28.37 -39.57 -3.46
C ALA F 44 -28.83 -39.49 -2.01
N ARG F 45 -29.65 -40.44 -1.56
CA ARG F 45 -30.10 -40.45 -0.17
C ARG F 45 -28.93 -40.68 0.79
N THR F 46 -28.12 -41.70 0.51
CA THR F 46 -26.98 -42.00 1.36
C THR F 46 -25.88 -40.95 1.26
N LEU F 47 -25.75 -40.30 0.09
CA LEU F 47 -24.74 -39.25 -0.08
C LEU F 47 -25.03 -38.03 0.78
N LEU F 48 -26.30 -37.78 1.08
CA LEU F 48 -26.68 -36.67 1.94
C LEU F 48 -26.73 -37.07 3.41
N GLY F 49 -26.42 -38.31 3.74
CA GLY F 49 -26.28 -38.76 5.13
C GLY F 49 -27.63 -39.23 5.72
N ILE F 50 -28.20 -38.40 6.58
CA ILE F 50 -29.46 -38.76 7.24
C ILE F 50 -30.56 -38.90 6.20
N GLY F 51 -31.39 -39.92 6.38
CA GLY F 51 -32.49 -40.15 5.47
C GLY F 51 -32.18 -41.18 4.41
N GLN F 52 -31.78 -42.38 4.83
CA GLN F 52 -31.64 -43.49 3.90
C GLN F 52 -32.98 -43.85 3.26
N ASP F 53 -34.08 -43.60 3.98
CA ASP F 53 -35.43 -43.74 3.43
C ASP F 53 -36.31 -42.65 4.04
N GLN F 54 -36.48 -41.54 3.31
CA GLN F 54 -37.33 -40.43 3.68
C GLN F 54 -38.11 -39.99 2.46
N PRO F 55 -39.25 -39.31 2.65
CA PRO F 55 -39.85 -38.55 1.54
C PRO F 55 -38.96 -37.40 1.13
N ALA F 56 -38.59 -37.35 -0.14
CA ALA F 56 -37.74 -36.27 -0.64
C ALA F 56 -38.50 -34.96 -0.66
N SER F 57 -37.82 -33.90 -0.22
CA SER F 57 -38.41 -32.56 -0.21
C SER F 57 -37.29 -31.53 -0.22
N TYR F 58 -37.56 -30.39 -0.87
CA TYR F 58 -36.57 -29.33 -0.96
C TYR F 58 -36.25 -28.74 0.40
N ASP F 59 -37.22 -28.73 1.32
CA ASP F 59 -36.98 -28.21 2.66
C ASP F 59 -36.02 -29.10 3.44
N LEU F 60 -36.14 -30.42 3.30
CA LEU F 60 -35.22 -31.34 3.98
C LEU F 60 -33.81 -31.22 3.44
N PHE F 61 -33.68 -30.88 2.15
CA PHE F 61 -32.38 -30.76 1.52
C PHE F 61 -31.56 -29.62 2.13
N LEU F 62 -32.19 -28.46 2.32
CA LEU F 62 -31.48 -27.32 2.90
C LEU F 62 -31.23 -27.48 4.39
N SER F 63 -31.97 -28.38 5.04
CA SER F 63 -31.72 -28.72 6.44
C SER F 63 -30.43 -29.50 6.65
N ARG F 64 -29.94 -30.17 5.61
CA ARG F 64 -28.68 -30.88 5.72
C ARG F 64 -27.48 -29.96 5.56
N LEU F 65 -27.65 -28.84 4.87
CA LEU F 65 -26.54 -27.93 4.61
C LEU F 65 -26.33 -27.00 5.81
N GLU F 66 -25.08 -26.57 5.95
CA GLU F 66 -24.75 -25.53 6.92
C GLU F 66 -25.27 -24.18 6.43
N PRO F 67 -25.46 -23.20 7.34
CA PRO F 67 -26.11 -21.93 6.95
C PRO F 67 -25.55 -21.21 5.73
N ASP F 68 -24.23 -20.97 5.66
CA ASP F 68 -23.72 -20.30 4.47
C ASP F 68 -23.75 -21.21 3.24
N ASP F 69 -23.69 -22.53 3.45
CA ASP F 69 -23.77 -23.46 2.32
C ASP F 69 -25.17 -23.48 1.71
N ARG F 70 -26.20 -23.57 2.56
CA ARG F 70 -27.57 -23.56 2.05
C ARG F 70 -27.97 -22.21 1.48
N GLU F 71 -27.31 -21.13 1.93
CA GLU F 71 -27.58 -19.82 1.36
C GLU F 71 -27.08 -19.73 -0.07
N ARG F 72 -25.89 -20.27 -0.35
CA ARG F 72 -25.35 -20.24 -1.71
C ARG F 72 -26.20 -21.06 -2.67
N VAL F 73 -26.74 -22.19 -2.19
CA VAL F 73 -27.59 -23.02 -3.04
C VAL F 73 -28.85 -22.25 -3.43
N GLU F 74 -29.39 -21.48 -2.50
CA GLU F 74 -30.56 -20.67 -2.79
C GLU F 74 -30.24 -19.53 -3.74
N SER F 75 -29.05 -18.93 -3.61
CA SER F 75 -28.66 -17.87 -4.53
C SER F 75 -28.52 -18.40 -5.95
N ALA F 76 -28.07 -19.65 -6.09
CA ALA F 76 -27.86 -20.23 -7.41
C ALA F 76 -29.16 -20.67 -8.05
N ILE F 77 -30.07 -21.29 -7.28
CA ILE F 77 -31.35 -21.69 -7.85
C ILE F 77 -32.15 -20.46 -8.27
N LYS F 78 -31.96 -19.34 -7.56
CA LYS F 78 -32.63 -18.12 -7.98
C LYS F 78 -32.00 -17.54 -9.24
N ARG F 79 -30.67 -17.65 -9.37
CA ARG F 79 -30.06 -17.20 -10.61
C ARG F 79 -30.32 -18.16 -11.76
N VAL F 80 -30.65 -19.42 -11.50
CA VAL F 80 -30.82 -20.35 -12.62
C VAL F 80 -32.24 -20.26 -13.20
N SER F 81 -33.23 -19.89 -12.40
CA SER F 81 -34.59 -19.75 -12.93
C SER F 81 -34.69 -18.60 -13.92
N GLU F 82 -33.85 -17.58 -13.75
CA GLU F 82 -33.74 -16.47 -14.70
C GLU F 82 -32.53 -16.78 -15.58
N ARG F 83 -32.77 -17.06 -16.86
CA ARG F 83 -31.74 -17.54 -17.78
C ARG F 83 -31.22 -18.89 -17.29
N GLY F 84 -30.34 -18.89 -16.29
CA GLY F 84 -29.58 -20.05 -15.87
C GLY F 84 -29.12 -21.04 -16.91
N GLY F 85 -28.05 -20.73 -17.63
CA GLY F 85 -27.44 -21.72 -18.49
C GLY F 85 -26.54 -22.69 -17.74
N GLY F 86 -27.13 -23.54 -16.92
CA GLY F 86 -26.42 -24.52 -16.13
C GLY F 86 -26.50 -24.23 -14.64
N PHE F 87 -26.19 -25.27 -13.86
CA PHE F 87 -26.28 -25.20 -12.41
C PHE F 87 -25.27 -26.18 -11.80
N ASP F 88 -24.04 -25.70 -11.56
CA ASP F 88 -23.14 -26.44 -10.68
C ASP F 88 -22.71 -25.57 -9.52
N VAL F 89 -23.06 -26.03 -8.31
CA VAL F 89 -22.61 -25.48 -7.04
C VAL F 89 -22.16 -26.64 -6.18
N SER F 90 -21.39 -26.32 -5.14
CA SER F 90 -20.82 -27.35 -4.29
C SER F 90 -20.96 -26.94 -2.83
N PHE F 91 -21.08 -27.94 -1.95
CA PHE F 91 -21.38 -27.69 -0.55
C PHE F 91 -21.14 -28.95 0.28
N ARG F 92 -20.92 -28.73 1.58
CA ARG F 92 -20.88 -29.72 2.64
C ARG F 92 -22.28 -29.92 3.24
N VAL F 93 -22.46 -31.03 3.95
CA VAL F 93 -23.71 -31.33 4.65
C VAL F 93 -23.45 -31.43 6.15
N ALA F 94 -24.52 -31.28 6.94
CA ALA F 94 -24.40 -31.45 8.38
C ALA F 94 -24.19 -32.91 8.75
N GLY F 95 -23.44 -33.12 9.84
CA GLY F 95 -23.27 -34.45 10.37
C GLY F 95 -22.13 -34.48 11.36
N THR F 96 -21.75 -35.72 11.73
CA THR F 96 -20.57 -35.96 12.53
C THR F 96 -19.32 -35.53 11.75
N SER F 97 -18.17 -35.55 12.44
CA SER F 97 -16.88 -35.07 11.95
C SER F 97 -16.63 -35.44 10.48
N ASN F 98 -16.73 -36.73 10.16
CA ASN F 98 -16.62 -37.18 8.78
C ASN F 98 -17.95 -37.13 8.01
N ALA F 99 -19.09 -37.27 8.69
CA ALA F 99 -20.38 -37.39 8.01
C ALA F 99 -20.67 -36.16 7.15
N GLY F 100 -20.14 -35.00 7.54
CA GLY F 100 -20.20 -33.83 6.69
C GLY F 100 -19.48 -34.07 5.39
N GLN F 101 -20.24 -34.22 4.30
CA GLN F 101 -19.72 -34.68 3.03
C GLN F 101 -19.77 -33.54 2.02
N TRP F 102 -18.66 -33.35 1.30
CA TRP F 102 -18.61 -32.42 0.19
C TRP F 102 -19.21 -33.06 -1.06
N ILE F 103 -20.15 -32.37 -1.69
CA ILE F 103 -20.75 -32.85 -2.93
C ILE F 103 -20.86 -31.69 -3.92
N ARG F 104 -20.83 -32.03 -5.20
CA ARG F 104 -21.07 -31.10 -6.30
C ARG F 104 -22.32 -31.51 -7.07
N ALA F 105 -23.24 -30.57 -7.25
CA ALA F 105 -24.51 -30.81 -7.93
C ALA F 105 -24.48 -30.14 -9.29
N ARG F 106 -24.63 -30.92 -10.36
CA ARG F 106 -24.66 -30.41 -11.72
C ARG F 106 -26.00 -30.78 -12.37
N ALA F 107 -26.54 -29.87 -13.19
CA ALA F 107 -27.92 -30.03 -13.62
C ALA F 107 -28.18 -29.30 -14.94
N GLY F 108 -29.27 -29.71 -15.58
CA GLY F 108 -29.72 -29.06 -16.80
C GLY F 108 -31.21 -28.78 -16.80
N LEU F 109 -31.56 -27.68 -17.47
CA LEU F 109 -32.94 -27.23 -17.65
C LEU F 109 -33.65 -28.03 -18.74
N ILE F 110 -34.82 -28.59 -18.40
CA ILE F 110 -35.68 -29.21 -19.41
C ILE F 110 -36.80 -28.25 -19.77
N ARG F 111 -37.03 -28.07 -21.08
CA ARG F 111 -37.91 -27.03 -21.56
C ARG F 111 -39.21 -27.58 -22.15
N ASP F 112 -40.23 -26.73 -22.11
CA ASP F 112 -41.59 -26.97 -22.59
C ASP F 112 -41.64 -27.04 -24.13
N GLU F 113 -42.70 -27.68 -24.64
CA GLU F 113 -43.03 -27.50 -26.06
C GLU F 113 -43.20 -26.03 -26.40
N ALA F 114 -43.89 -25.27 -25.53
CA ALA F 114 -43.99 -23.83 -25.72
C ALA F 114 -42.64 -23.15 -25.55
N GLY F 115 -41.78 -23.70 -24.72
CA GLY F 115 -40.49 -23.08 -24.44
C GLY F 115 -40.44 -22.30 -23.15
N THR F 116 -40.81 -22.96 -22.05
CA THR F 116 -40.73 -22.40 -20.71
C THR F 116 -39.98 -23.38 -19.83
N ALA F 117 -39.16 -22.87 -18.90
CA ALA F 117 -38.44 -23.73 -17.98
C ALA F 117 -39.43 -24.45 -17.07
N ARG F 118 -39.31 -25.78 -16.99
CA ARG F 118 -40.33 -26.55 -16.26
C ARG F 118 -39.77 -27.34 -15.11
N HIS F 119 -38.87 -28.29 -15.31
CA HIS F 119 -38.26 -28.95 -14.17
C HIS F 119 -36.75 -29.11 -14.36
N LEU F 120 -36.02 -28.90 -13.27
CA LEU F 120 -34.59 -29.14 -13.24
C LEU F 120 -34.29 -30.63 -13.09
N SER F 121 -33.21 -31.07 -13.74
CA SER F 121 -32.76 -32.46 -13.62
C SER F 121 -31.24 -32.48 -13.65
N GLY F 122 -30.65 -33.32 -12.83
CA GLY F 122 -29.20 -33.37 -12.75
C GLY F 122 -28.72 -34.44 -11.81
N ILE F 123 -27.50 -34.26 -11.29
CA ILE F 123 -26.79 -35.32 -10.59
C ILE F 123 -25.95 -34.72 -9.46
N PHE F 124 -25.74 -35.52 -8.41
CA PHE F 124 -24.81 -35.22 -7.34
C PHE F 124 -23.52 -36.03 -7.54
N LEU F 125 -22.37 -35.38 -7.37
CA LEU F 125 -21.08 -36.08 -7.33
C LEU F 125 -20.45 -35.94 -5.96
N ASP F 126 -19.84 -37.02 -5.48
CA ASP F 126 -18.95 -36.96 -4.33
C ASP F 126 -17.62 -36.33 -4.74
N ILE F 127 -17.23 -35.27 -4.04
CA ILE F 127 -15.97 -34.58 -4.32
C ILE F 127 -15.14 -34.46 -3.05
N ASP F 128 -15.26 -35.42 -2.14
CA ASP F 128 -14.40 -35.44 -0.95
C ASP F 128 -12.93 -35.53 -1.34
N GLU F 129 -12.64 -36.30 -2.40
CA GLU F 129 -11.25 -36.43 -2.81
C GLU F 129 -10.80 -35.22 -3.62
N GLU F 130 -11.68 -34.66 -4.45
CA GLU F 130 -11.31 -33.50 -5.26
C GLU F 130 -10.94 -32.31 -4.39
N LYS F 131 -11.55 -32.19 -3.21
CA LYS F 131 -11.28 -31.07 -2.33
C LYS F 131 -10.29 -31.39 -1.22
N GLN F 132 -9.92 -32.66 -1.03
CA GLN F 132 -8.68 -32.94 -0.33
C GLN F 132 -7.49 -32.41 -1.11
N VAL F 133 -7.59 -32.48 -2.44
CA VAL F 133 -6.44 -32.13 -3.28
C VAL F 133 -6.29 -30.62 -3.38
N GLU F 134 -7.40 -29.88 -3.53
CA GLU F 134 -7.26 -28.43 -3.55
C GLU F 134 -6.77 -27.90 -2.21
N GLY F 135 -7.15 -28.54 -1.11
CA GLY F 135 -6.69 -28.08 0.19
C GLY F 135 -5.26 -28.46 0.48
N ALA F 136 -4.82 -29.61 -0.03
CA ALA F 136 -3.41 -29.95 0.08
C ALA F 136 -2.56 -29.00 -0.75
N LEU F 137 -3.02 -28.65 -1.94
CA LEU F 137 -2.30 -27.68 -2.76
C LEU F 137 -2.28 -26.33 -2.09
N ARG F 138 -3.38 -26.01 -1.39
CA ARG F 138 -3.45 -24.75 -0.68
C ARG F 138 -2.41 -24.71 0.43
N THR F 139 -2.30 -25.80 1.20
CA THR F 139 -1.32 -25.87 2.27
C THR F 139 0.10 -25.76 1.74
N ARG F 140 0.38 -26.40 0.61
CA ARG F 140 1.73 -26.34 0.07
C ARG F 140 2.06 -24.95 -0.44
N GLU F 141 1.07 -24.20 -0.93
CA GLU F 141 1.36 -22.86 -1.42
C GLU F 141 1.65 -21.90 -0.27
N THR F 142 0.84 -21.91 0.81
CA THR F 142 1.17 -20.99 1.89
C THR F 142 2.47 -21.40 2.59
N HIS F 143 2.76 -22.70 2.66
CA HIS F 143 4.03 -23.09 3.23
C HIS F 143 5.21 -22.61 2.39
N LEU F 144 5.07 -22.70 1.06
CA LEU F 144 6.13 -22.21 0.19
C LEU F 144 6.34 -20.72 0.40
N ARG F 145 5.25 -19.98 0.63
CA ARG F 145 5.40 -18.56 0.91
C ARG F 145 6.09 -18.33 2.26
N SER F 146 5.79 -19.17 3.24
CA SER F 146 6.46 -19.06 4.52
C SER F 146 7.97 -19.30 4.37
N ILE F 147 8.34 -20.33 3.60
CA ILE F 147 9.74 -20.63 3.36
C ILE F 147 10.42 -19.48 2.63
N LEU F 148 9.77 -18.99 1.57
CA LEU F 148 10.38 -17.95 0.76
C LEU F 148 10.59 -16.67 1.56
N HIS F 149 9.77 -16.47 2.58
CA HIS F 149 9.90 -15.25 3.34
C HIS F 149 10.88 -15.39 4.50
N THR F 150 11.03 -16.58 5.07
CA THR F 150 11.81 -16.68 6.27
C THR F 150 13.15 -17.41 6.09
N ILE F 151 13.45 -17.96 4.92
CA ILE F 151 14.72 -18.71 4.84
C ILE F 151 15.90 -17.74 4.88
N PRO F 152 16.84 -17.93 5.81
CA PRO F 152 18.01 -17.03 5.88
C PRO F 152 18.85 -16.98 4.62
N ASP F 153 19.04 -18.10 3.93
CA ASP F 153 19.82 -18.06 2.71
C ASP F 153 18.95 -17.55 1.57
N ALA F 154 19.59 -16.89 0.61
CA ALA F 154 18.87 -16.48 -0.60
C ALA F 154 18.51 -17.72 -1.42
N MET F 155 17.21 -17.97 -1.58
CA MET F 155 16.72 -19.11 -2.33
C MET F 155 16.18 -18.63 -3.67
N ILE F 156 16.69 -19.23 -4.75
CA ILE F 156 16.36 -18.88 -6.12
C ILE F 156 15.99 -20.15 -6.86
N VAL F 157 14.88 -20.12 -7.61
CA VAL F 157 14.45 -21.26 -8.42
C VAL F 157 14.38 -20.84 -9.88
N ILE F 158 15.16 -21.53 -10.72
CA ILE F 158 15.12 -21.31 -12.16
C ILE F 158 14.57 -22.54 -12.86
N ASP F 159 14.11 -22.33 -14.10
CA ASP F 159 13.71 -23.43 -14.97
C ASP F 159 14.89 -23.85 -15.83
N GLY F 160 14.63 -24.71 -16.82
CA GLY F 160 15.71 -25.31 -17.58
C GLY F 160 16.42 -24.36 -18.52
N HIS F 161 15.87 -23.18 -18.75
CA HIS F 161 16.50 -22.18 -19.59
C HIS F 161 17.03 -21.00 -18.79
N GLY F 162 17.16 -21.16 -17.47
CA GLY F 162 17.75 -20.14 -16.65
C GLY F 162 16.83 -19.00 -16.25
N ILE F 163 15.53 -19.14 -16.47
CA ILE F 163 14.57 -18.09 -16.15
C ILE F 163 14.12 -18.25 -14.70
N ILE F 164 14.21 -17.16 -13.93
CA ILE F 164 13.88 -17.19 -12.50
C ILE F 164 12.39 -17.40 -12.31
N GLN F 165 12.02 -18.44 -11.56
CA GLN F 165 10.63 -18.72 -11.20
C GLN F 165 10.24 -18.21 -9.83
N LEU F 166 11.17 -18.26 -8.87
CA LEU F 166 10.90 -17.90 -7.49
C LEU F 166 12.14 -17.21 -6.94
N PHE F 167 11.93 -16.26 -6.05
CA PHE F 167 12.98 -15.36 -5.62
C PHE F 167 12.66 -14.94 -4.20
N SER F 168 13.39 -15.51 -3.23
CA SER F 168 13.10 -15.37 -1.80
C SER F 168 13.47 -13.98 -1.28
N THR F 169 12.86 -13.59 -0.16
CA THR F 169 13.08 -12.23 0.35
C THR F 169 14.54 -12.01 0.73
N ALA F 170 15.24 -13.05 1.21
CA ALA F 170 16.66 -12.93 1.43
C ALA F 170 17.40 -12.71 0.12
N ALA F 171 16.88 -13.28 -0.98
CA ALA F 171 17.47 -12.98 -2.27
C ALA F 171 17.22 -11.55 -2.69
N GLU F 172 16.09 -10.97 -2.32
CA GLU F 172 15.83 -9.57 -2.62
C GLU F 172 16.80 -8.67 -1.88
N ARG F 173 16.99 -8.95 -0.58
CA ARG F 173 17.91 -8.14 0.21
C ARG F 173 19.33 -8.30 -0.28
N LEU F 174 19.70 -9.48 -0.78
CA LEU F 174 21.09 -9.70 -1.16
C LEU F 174 21.40 -9.11 -2.54
N PHE F 175 20.56 -9.35 -3.54
CA PHE F 175 20.89 -8.94 -4.90
C PHE F 175 20.28 -7.60 -5.28
N GLY F 176 19.30 -7.09 -4.53
CA GLY F 176 18.72 -5.80 -4.85
C GLY F 176 17.66 -5.80 -5.93
N TRP F 177 17.02 -6.94 -6.19
CA TRP F 177 15.86 -7.03 -7.07
C TRP F 177 14.65 -7.44 -6.24
N SER F 178 13.49 -6.86 -6.54
CA SER F 178 12.27 -7.39 -5.94
C SER F 178 11.89 -8.70 -6.61
N GLU F 179 11.04 -9.47 -5.93
CA GLU F 179 10.54 -10.70 -6.52
C GLU F 179 9.82 -10.41 -7.84
N LEU F 180 9.08 -9.31 -7.92
CA LEU F 180 8.41 -8.97 -9.17
C LEU F 180 9.41 -8.55 -10.26
N GLU F 181 10.50 -7.90 -9.87
CA GLU F 181 11.49 -7.51 -10.86
C GLU F 181 12.27 -8.72 -11.36
N ALA F 182 12.54 -9.67 -10.46
CA ALA F 182 13.47 -10.73 -10.83
C ALA F 182 12.79 -11.88 -11.55
N ILE F 183 11.56 -12.22 -11.15
CA ILE F 183 10.87 -13.34 -11.78
C ILE F 183 10.59 -13.03 -13.24
N GLY F 184 10.93 -13.98 -14.11
CA GLY F 184 10.86 -13.83 -15.55
C GLY F 184 12.14 -13.40 -16.20
N GLN F 185 13.11 -12.93 -15.42
CA GLN F 185 14.44 -12.59 -15.92
C GLN F 185 15.33 -13.84 -15.94
N ASN F 186 16.38 -13.77 -16.75
CA ASN F 186 17.42 -14.80 -16.69
C ASN F 186 18.24 -14.65 -15.42
N VAL F 187 18.63 -15.78 -14.85
CA VAL F 187 19.46 -15.79 -13.64
C VAL F 187 20.81 -15.11 -13.87
N ASN F 188 21.25 -14.99 -15.13
CA ASN F 188 22.53 -14.35 -15.44
C ASN F 188 22.55 -12.88 -15.04
N ILE F 189 21.40 -12.26 -14.78
CA ILE F 189 21.39 -10.88 -14.29
C ILE F 189 22.03 -10.76 -12.92
N LEU F 190 22.16 -11.86 -12.19
CA LEU F 190 22.78 -11.84 -10.87
C LEU F 190 24.30 -12.00 -10.92
N MET F 191 24.90 -12.12 -12.09
CA MET F 191 26.32 -12.45 -12.08
C MET F 191 27.10 -11.48 -12.96
N PRO F 192 28.39 -11.30 -12.68
CA PRO F 192 29.24 -10.47 -13.54
C PRO F 192 29.76 -11.26 -14.74
N GLU F 193 30.41 -10.54 -15.64
CA GLU F 193 31.19 -11.19 -16.70
C GLU F 193 32.48 -11.77 -16.13
N PRO F 194 33.01 -12.85 -16.73
CA PRO F 194 32.55 -13.60 -17.91
C PRO F 194 31.40 -14.58 -17.68
N ASP F 195 31.07 -14.91 -16.43
CA ASP F 195 30.07 -15.95 -16.17
C ASP F 195 28.70 -15.58 -16.73
N ARG F 196 28.39 -14.29 -16.80
CA ARG F 196 27.06 -13.84 -17.21
C ARG F 196 26.74 -14.32 -18.62
N SER F 197 27.63 -14.05 -19.57
CA SER F 197 27.38 -14.47 -20.94
C SER F 197 27.56 -15.97 -21.13
N ARG F 198 28.29 -16.63 -20.23
CA ARG F 198 28.51 -18.06 -20.37
C ARG F 198 27.44 -18.92 -19.70
N HIS F 199 26.58 -18.34 -18.84
CA HIS F 199 25.77 -19.18 -17.95
C HIS F 199 24.72 -19.99 -18.69
N ASP F 200 24.17 -19.47 -19.80
CA ASP F 200 23.21 -20.26 -20.57
C ASP F 200 23.87 -21.51 -21.12
N SER F 201 25.13 -21.39 -21.58
CA SER F 201 25.85 -22.57 -22.06
C SER F 201 26.14 -23.54 -20.94
N TYR F 202 26.36 -23.05 -19.71
CA TYR F 202 26.59 -23.94 -18.58
C TYR F 202 25.38 -24.82 -18.33
N ILE F 203 24.18 -24.24 -18.33
CA ILE F 203 22.98 -25.02 -18.08
C ILE F 203 22.72 -25.97 -19.22
N SER F 204 22.87 -25.49 -20.47
CA SER F 204 22.60 -26.33 -21.63
C SER F 204 23.61 -27.48 -21.74
N ARG F 205 24.88 -27.22 -21.42
CA ARG F 205 25.86 -28.30 -21.48
C ARG F 205 25.64 -29.32 -20.37
N TYR F 206 25.18 -28.88 -19.20
CA TYR F 206 24.85 -29.84 -18.16
C TYR F 206 23.64 -30.69 -18.55
N ARG F 207 22.69 -30.11 -19.28
CA ARG F 207 21.53 -30.89 -19.68
C ARG F 207 21.88 -31.96 -20.71
N THR F 208 22.89 -31.72 -21.56
CA THR F 208 23.32 -32.77 -22.49
C THR F 208 23.96 -33.93 -21.75
N THR F 209 24.74 -33.66 -20.71
CA THR F 209 25.27 -34.73 -19.87
C THR F 209 24.16 -35.21 -18.94
N SER F 210 24.52 -36.01 -17.95
CA SER F 210 23.56 -36.50 -16.97
C SER F 210 24.31 -37.03 -15.76
N ASP F 211 23.65 -37.90 -14.99
CA ASP F 211 24.08 -38.51 -13.72
C ASP F 211 24.08 -37.50 -12.59
N PRO F 212 23.63 -37.91 -11.40
CA PRO F 212 23.68 -37.01 -10.24
C PRO F 212 25.09 -36.69 -9.81
N HIS F 213 25.76 -35.80 -10.53
CA HIS F 213 27.18 -35.57 -10.26
C HIS F 213 27.48 -34.11 -9.90
N ILE F 214 27.69 -33.27 -10.93
CA ILE F 214 28.16 -31.90 -10.72
C ILE F 214 27.17 -31.13 -9.86
N ILE F 215 25.88 -31.44 -9.98
CA ILE F 215 24.85 -30.87 -9.12
C ILE F 215 25.03 -31.35 -7.69
N GLY F 216 24.89 -30.44 -6.73
CA GLY F 216 25.07 -30.77 -5.33
C GLY F 216 26.50 -30.62 -4.83
N ILE F 217 27.45 -30.35 -5.72
CA ILE F 217 28.76 -29.89 -5.29
C ILE F 217 28.65 -28.40 -5.06
N GLY F 218 28.86 -27.97 -3.83
CA GLY F 218 28.91 -26.55 -3.55
C GLY F 218 30.13 -25.94 -4.21
N ARG F 219 29.93 -24.83 -4.91
CA ARG F 219 31.04 -24.08 -5.49
C ARG F 219 30.98 -22.63 -5.03
N ILE F 220 32.15 -22.01 -4.96
CA ILE F 220 32.27 -20.59 -4.69
C ILE F 220 32.37 -19.82 -6.00
N VAL F 221 31.53 -18.80 -6.13
CA VAL F 221 31.53 -17.92 -7.30
C VAL F 221 31.34 -16.50 -6.80
N THR F 222 31.58 -15.54 -7.68
CA THR F 222 31.25 -14.15 -7.38
C THR F 222 29.95 -13.79 -8.09
N GLY F 223 29.03 -13.15 -7.35
CA GLY F 223 27.79 -12.65 -7.89
C GLY F 223 27.77 -11.12 -7.95
N LYS F 224 26.73 -10.59 -8.58
CA LYS F 224 26.60 -9.15 -8.79
C LYS F 224 25.23 -8.68 -8.34
N ARG F 225 25.20 -7.61 -7.54
CA ARG F 225 23.97 -6.92 -7.18
C ARG F 225 23.50 -6.04 -8.34
N ARG F 226 22.19 -5.72 -8.33
CA ARG F 226 21.70 -4.67 -9.22
C ARG F 226 22.39 -3.36 -8.94
N ASP F 227 22.79 -3.17 -7.68
CA ASP F 227 23.71 -2.13 -7.24
C ASP F 227 24.94 -2.04 -8.15
N GLY F 228 25.37 -3.16 -8.75
CA GLY F 228 26.57 -3.22 -9.54
C GLY F 228 27.78 -3.72 -8.78
N THR F 229 27.71 -3.75 -7.46
CA THR F 229 28.76 -4.32 -6.63
C THR F 229 28.81 -5.83 -6.81
N THR F 230 29.98 -6.40 -6.54
CA THR F 230 30.18 -7.84 -6.60
C THR F 230 30.64 -8.36 -5.24
N PHE F 231 30.49 -9.67 -5.04
CA PHE F 231 30.76 -10.26 -3.73
C PHE F 231 30.98 -11.77 -3.88
N PRO F 232 31.83 -12.37 -3.05
CA PRO F 232 31.94 -13.83 -3.05
C PRO F 232 30.71 -14.49 -2.44
N MET F 233 30.33 -15.62 -3.03
CA MET F 233 29.16 -16.35 -2.54
C MET F 233 29.33 -17.83 -2.81
N HIS F 234 28.76 -18.63 -1.92
CA HIS F 234 28.69 -20.07 -2.09
C HIS F 234 27.27 -20.49 -2.44
N LEU F 235 27.18 -21.54 -3.25
CA LEU F 235 25.93 -21.88 -3.91
C LEU F 235 25.74 -23.40 -3.94
N SER F 236 24.52 -23.84 -3.61
CA SER F 236 24.11 -25.23 -3.66
C SER F 236 22.85 -25.34 -4.48
N ILE F 237 22.81 -26.33 -5.38
CA ILE F 237 21.72 -26.52 -6.32
C ILE F 237 21.08 -27.88 -6.06
N GLY F 238 19.75 -27.90 -6.08
CA GLY F 238 19.01 -29.15 -6.19
C GLY F 238 18.18 -29.13 -7.46
N GLU F 239 18.09 -30.29 -8.11
CA GLU F 239 17.36 -30.42 -9.37
C GLU F 239 16.10 -31.25 -9.15
N MET F 240 15.03 -30.88 -9.85
CA MET F 240 13.81 -31.66 -9.83
C MET F 240 13.26 -31.70 -11.25
N GLN F 241 12.27 -32.56 -11.47
CA GLN F 241 11.59 -32.66 -12.74
C GLN F 241 10.10 -32.44 -12.53
N SER F 242 9.49 -31.63 -13.38
CA SER F 242 8.03 -31.53 -13.40
C SER F 242 7.57 -31.24 -14.81
N GLY F 243 6.59 -32.01 -15.27
CA GLY F 243 6.02 -31.76 -16.59
C GLY F 243 7.02 -31.84 -17.73
N GLY F 244 8.07 -32.64 -17.59
CA GLY F 244 9.04 -32.73 -18.66
C GLY F 244 10.02 -31.59 -18.71
N GLU F 245 10.14 -30.79 -17.66
CA GLU F 245 11.21 -29.81 -17.62
C GLU F 245 11.96 -29.94 -16.31
N PRO F 246 13.28 -29.73 -16.32
CA PRO F 246 14.00 -29.59 -15.06
C PRO F 246 13.72 -28.25 -14.41
N TYR F 247 13.87 -28.22 -13.08
CA TYR F 247 13.96 -26.98 -12.31
C TYR F 247 15.09 -27.10 -11.31
N PHE F 248 15.80 -26.01 -11.11
CA PHE F 248 16.92 -25.96 -10.17
C PHE F 248 16.61 -24.97 -9.05
N THR F 249 16.70 -25.45 -7.81
CA THR F 249 16.58 -24.61 -6.62
C THR F 249 17.98 -24.33 -6.08
N GLY F 250 18.39 -23.07 -6.11
CA GLY F 250 19.66 -22.66 -5.57
C GLY F 250 19.51 -22.04 -4.19
N PHE F 251 20.51 -22.28 -3.34
CA PHE F 251 20.61 -21.64 -2.04
C PHE F 251 21.94 -20.89 -1.99
N VAL F 252 21.87 -19.58 -1.78
CA VAL F 252 23.05 -18.72 -1.82
C VAL F 252 23.47 -18.37 -0.40
N ARG F 253 24.78 -18.44 -0.14
CA ARG F 253 25.40 -17.96 1.09
C ARG F 253 26.29 -16.78 0.77
N ASP F 254 26.02 -15.64 1.41
CA ASP F 254 26.94 -14.50 1.31
C ASP F 254 28.24 -14.84 2.03
N LEU F 255 29.37 -14.72 1.33
CA LEU F 255 30.67 -15.08 1.88
C LEU F 255 31.56 -13.88 2.14
N THR F 256 31.05 -12.65 2.03
CA THR F 256 31.89 -11.47 2.23
C THR F 256 32.48 -11.45 3.62
N GLU F 257 31.65 -11.64 4.64
CA GLU F 257 32.16 -11.58 6.00
C GLU F 257 32.94 -12.82 6.38
N HIS F 258 32.57 -13.99 5.83
CA HIS F 258 33.38 -15.18 6.07
C HIS F 258 34.76 -15.05 5.45
N GLN F 259 34.82 -14.50 4.23
CA GLN F 259 36.11 -14.19 3.63
C GLN F 259 36.82 -13.09 4.39
N GLN F 260 36.06 -12.16 4.97
CA GLN F 260 36.69 -11.05 5.70
C GLN F 260 37.32 -11.53 7.00
N THR F 261 36.67 -12.47 7.71
CA THR F 261 37.30 -12.97 8.92
C THR F 261 38.46 -13.89 8.59
N GLN F 262 38.28 -14.80 7.63
CA GLN F 262 39.36 -15.74 7.32
C GLN F 262 40.49 -15.09 6.53
N ALA F 263 40.33 -13.85 6.06
CA ALA F 263 41.47 -13.10 5.53
C ALA F 263 42.30 -12.48 6.66
N ARG F 264 41.66 -11.96 7.70
CA ARG F 264 42.40 -11.32 8.77
C ARG F 264 42.90 -12.30 9.81
N LEU F 265 42.55 -13.59 9.70
CA LEU F 265 43.17 -14.61 10.54
C LEU F 265 44.49 -15.09 9.96
N GLN F 266 44.52 -15.38 8.66
CA GLN F 266 45.73 -15.88 8.02
C GLN F 266 46.68 -14.75 7.64
N GLU F 267 46.31 -13.51 7.94
CA GLU F 267 47.20 -12.36 7.90
C GLU F 267 47.65 -11.90 9.29
N LEU F 268 47.00 -12.38 10.36
CA LEU F 268 47.42 -12.09 11.73
C LEU F 268 48.16 -13.26 12.38
N GLN F 269 48.41 -14.35 11.65
CA GLN F 269 49.12 -15.49 12.21
C GLN F 269 50.55 -15.65 11.73
N SER F 270 50.97 -14.93 10.68
CA SER F 270 52.13 -15.35 9.92
C SER F 270 53.33 -14.41 9.98
N GLU F 271 53.18 -13.19 10.50
CA GLU F 271 54.29 -12.23 10.46
C GLU F 271 55.24 -12.37 11.66
N LEU F 272 54.94 -13.25 12.61
CA LEU F 272 55.96 -13.69 13.57
C LEU F 272 56.58 -15.02 13.21
N VAL F 273 55.85 -15.92 12.55
CA VAL F 273 56.43 -17.18 12.07
C VAL F 273 55.88 -17.57 10.71
N GLY G 25 -6.85 63.91 36.07
CA GLY G 25 -7.67 63.37 34.99
C GLY G 25 -7.51 61.88 34.76
N VAL G 26 -6.38 61.34 35.22
CA VAL G 26 -6.03 59.92 35.07
C VAL G 26 -6.10 59.26 36.43
N GLY G 27 -6.59 58.00 36.47
CA GLY G 27 -6.53 57.22 37.70
C GLY G 27 -5.16 56.60 37.95
N THR G 28 -4.96 56.11 39.18
CA THR G 28 -3.74 55.41 39.56
C THR G 28 -4.10 54.15 40.35
N TRP G 29 -3.17 53.20 40.37
CA TRP G 29 -3.33 51.98 41.15
C TRP G 29 -1.96 51.36 41.41
N ASP G 30 -1.92 50.48 42.40
CA ASP G 30 -0.73 49.69 42.69
C ASP G 30 -1.17 48.41 43.39
N LEU G 31 -0.65 47.28 42.91
CA LEU G 31 -1.00 45.95 43.39
C LEU G 31 0.28 45.13 43.47
N ASP G 32 0.45 44.36 44.54
CA ASP G 32 1.66 43.56 44.68
C ASP G 32 1.40 42.08 44.41
N LEU G 33 2.35 41.45 43.73
CA LEU G 33 2.28 40.02 43.47
C LEU G 33 2.47 39.18 44.73
N LYS G 34 3.06 39.72 45.78
CA LYS G 34 3.05 39.02 47.05
C LYS G 34 2.16 39.80 48.01
N THR G 35 1.08 39.15 48.47
CA THR G 35 0.00 39.54 49.39
C THR G 35 -1.23 40.08 48.68
N TRP G 36 -1.08 40.49 47.41
CA TRP G 36 -2.20 40.74 46.49
C TRP G 36 -3.16 41.82 47.01
N ALA G 37 -2.65 42.76 47.79
CA ALA G 37 -3.40 43.96 48.16
C ALA G 37 -3.43 44.96 47.02
N LEU G 38 -4.54 45.70 46.93
CA LEU G 38 -4.76 46.67 45.86
C LEU G 38 -5.14 48.02 46.45
N ASP G 39 -4.51 49.08 45.96
CA ASP G 39 -4.86 50.46 46.30
C ASP G 39 -5.06 51.23 45.00
N TRP G 40 -6.25 51.80 44.82
CA TRP G 40 -6.54 52.59 43.63
C TRP G 40 -6.92 54.02 44.02
N SER G 41 -6.70 54.93 43.06
CA SER G 41 -7.07 56.33 43.19
C SER G 41 -8.58 56.51 43.23
N ASP G 42 -9.01 57.61 43.83
CA ASP G 42 -10.42 57.97 43.82
C ASP G 42 -10.94 58.22 42.40
N THR G 43 -10.11 58.79 41.52
CA THR G 43 -10.52 58.95 40.13
C THR G 43 -10.65 57.61 39.42
N ALA G 44 -9.97 56.58 39.91
CA ALA G 44 -10.10 55.24 39.37
C ALA G 44 -11.37 54.53 39.84
N ARG G 45 -11.85 54.83 41.06
CA ARG G 45 -13.06 54.19 41.57
C ARG G 45 -14.28 54.50 40.71
N THR G 46 -14.40 55.76 40.29
CA THR G 46 -15.51 56.14 39.43
C THR G 46 -15.42 55.49 38.05
N LEU G 47 -14.19 55.27 37.56
CA LEU G 47 -14.00 54.62 36.27
C LEU G 47 -14.48 53.17 36.29
N LEU G 48 -14.38 52.51 37.44
CA LEU G 48 -14.87 51.15 37.58
C LEU G 48 -16.33 51.09 37.99
N GLY G 49 -16.97 52.25 38.18
CA GLY G 49 -18.41 52.26 38.41
C GLY G 49 -18.82 51.78 39.77
N ILE G 50 -17.88 51.67 40.71
CA ILE G 50 -18.11 51.03 42.00
C ILE G 50 -18.76 52.04 42.94
N GLY G 51 -19.21 51.58 44.11
CA GLY G 51 -19.87 52.44 45.06
C GLY G 51 -18.96 53.35 45.84
N GLN G 52 -17.64 53.26 45.60
CA GLN G 52 -16.59 54.12 46.14
C GLN G 52 -16.37 53.86 47.62
N ASP G 53 -17.45 53.79 48.40
CA ASP G 53 -17.34 53.52 49.84
C ASP G 53 -16.63 52.19 50.10
N GLN G 54 -16.91 51.18 49.27
CA GLN G 54 -16.34 49.85 49.44
C GLN G 54 -14.83 49.94 49.30
N PRO G 55 -14.07 49.34 50.23
CA PRO G 55 -12.61 49.46 50.18
C PRO G 55 -12.04 48.75 48.96
N ALA G 56 -10.89 49.24 48.51
CA ALA G 56 -10.20 48.63 47.38
C ALA G 56 -9.83 47.19 47.68
N SER G 57 -9.94 46.35 46.66
CA SER G 57 -9.63 44.93 46.79
C SER G 57 -9.35 44.37 45.41
N TYR G 58 -8.41 43.43 45.32
CA TYR G 58 -8.19 42.75 44.05
C TYR G 58 -9.41 41.93 43.63
N ASP G 59 -10.14 41.39 44.61
CA ASP G 59 -11.37 40.65 44.30
C ASP G 59 -12.42 41.58 43.70
N LEU G 60 -12.54 42.80 44.23
CA LEU G 60 -13.51 43.75 43.72
C LEU G 60 -13.16 44.18 42.30
N PHE G 61 -11.86 44.29 42.00
CA PHE G 61 -11.43 44.74 40.68
C PHE G 61 -11.76 43.71 39.60
N LEU G 62 -11.55 42.42 39.90
CA LEU G 62 -11.88 41.40 38.92
C LEU G 62 -13.37 41.13 38.85
N SER G 63 -14.13 41.58 39.83
CA SER G 63 -15.59 41.46 39.79
C SER G 63 -16.24 42.47 38.84
N ARG G 64 -15.57 43.59 38.56
CA ARG G 64 -16.13 44.57 37.64
C ARG G 64 -15.96 44.17 36.19
N LEU G 65 -14.92 43.39 35.88
CA LEU G 65 -14.66 42.95 34.53
C LEU G 65 -15.57 41.79 34.16
N GLU G 66 -15.90 41.69 32.87
CA GLU G 66 -16.60 40.52 32.38
C GLU G 66 -15.64 39.32 32.33
N PRO G 67 -16.17 38.08 32.50
CA PRO G 67 -15.28 36.91 32.67
C PRO G 67 -14.66 36.42 31.37
N ASP G 68 -14.29 37.36 30.52
CA ASP G 68 -13.43 37.20 29.35
C ASP G 68 -12.23 38.12 29.45
N ASP G 69 -12.42 39.31 30.02
CA ASP G 69 -11.35 40.27 30.24
C ASP G 69 -10.62 40.01 31.55
N ARG G 70 -11.29 39.45 32.56
CA ARG G 70 -10.57 39.12 33.78
C ARG G 70 -9.55 38.02 33.54
N GLU G 71 -9.85 37.08 32.63
CA GLU G 71 -8.85 36.08 32.26
C GLU G 71 -7.70 36.72 31.51
N ARG G 72 -7.97 37.77 30.74
CA ARG G 72 -6.90 38.49 30.06
C ARG G 72 -6.01 39.22 31.07
N VAL G 73 -6.62 39.73 32.15
CA VAL G 73 -5.86 40.43 33.18
C VAL G 73 -5.04 39.44 34.00
N GLU G 74 -5.59 38.26 34.26
CA GLU G 74 -4.87 37.25 35.03
C GLU G 74 -3.64 36.75 34.28
N SER G 75 -3.79 36.46 32.98
CA SER G 75 -2.65 36.03 32.19
C SER G 75 -1.63 37.15 32.02
N ALA G 76 -2.08 38.41 32.04
CA ALA G 76 -1.17 39.51 31.86
C ALA G 76 -0.37 39.79 33.13
N ILE G 77 -0.97 39.63 34.31
CA ILE G 77 -0.20 39.84 35.55
C ILE G 77 0.79 38.69 35.75
N LYS G 78 0.51 37.50 35.21
CA LYS G 78 1.44 36.39 35.35
C LYS G 78 2.63 36.55 34.42
N ARG G 79 2.42 37.07 33.20
CA ARG G 79 3.55 37.31 32.30
C ARG G 79 4.46 38.42 32.82
N VAL G 80 3.89 39.43 33.48
CA VAL G 80 4.74 40.49 34.05
C VAL G 80 5.41 40.02 35.33
N SER G 81 4.90 38.96 35.97
CA SER G 81 5.56 38.39 37.13
C SER G 81 6.92 37.82 36.75
N GLU G 82 7.02 37.22 35.57
CA GLU G 82 8.21 36.52 35.08
C GLU G 82 8.53 37.15 33.72
N ARG G 83 9.40 38.18 33.72
CA ARG G 83 9.97 38.81 32.52
C ARG G 83 8.97 39.67 31.74
N GLY G 84 8.24 40.53 32.44
CA GLY G 84 7.26 41.37 31.78
C GLY G 84 7.83 42.71 31.30
N GLY G 85 7.60 43.01 30.03
CA GLY G 85 7.95 44.30 29.46
C GLY G 85 6.88 45.32 29.77
N GLY G 86 6.73 45.64 31.06
CA GLY G 86 5.61 46.42 31.45
C GLY G 86 4.35 45.58 31.38
N PHE G 87 3.23 46.28 31.28
CA PHE G 87 1.92 45.71 31.47
C PHE G 87 0.92 46.66 30.82
N ASP G 88 0.24 46.22 29.77
CA ASP G 88 -0.92 46.96 29.29
C ASP G 88 -1.96 46.01 28.74
N VAL G 89 -3.19 46.23 29.18
CA VAL G 89 -4.34 45.45 28.74
C VAL G 89 -5.56 46.35 28.89
N SER G 90 -6.51 46.20 27.97
CA SER G 90 -7.69 47.04 27.97
C SER G 90 -8.93 46.18 28.17
N PHE G 91 -9.95 46.77 28.79
CA PHE G 91 -11.15 46.03 29.17
C PHE G 91 -12.29 47.01 29.39
N ARG G 92 -13.51 46.48 29.37
CA ARG G 92 -14.72 47.29 29.56
C ARG G 92 -15.41 46.89 30.86
N VAL G 93 -15.45 47.82 31.82
CA VAL G 93 -16.20 47.62 33.04
C VAL G 93 -17.69 47.65 32.76
N ALA G 94 -18.41 46.62 33.21
CA ALA G 94 -19.87 46.56 33.05
C ALA G 94 -20.52 47.30 34.22
N GLY G 95 -20.49 48.64 34.14
CA GLY G 95 -20.89 49.43 35.29
C GLY G 95 -21.59 50.74 34.98
N THR G 96 -22.30 51.22 36.02
CA THR G 96 -23.06 52.47 36.07
C THR G 96 -24.25 52.49 35.12
N SER G 97 -24.06 52.21 33.83
CA SER G 97 -25.14 52.28 32.85
C SER G 97 -25.17 50.99 32.04
N ASN G 98 -26.13 50.89 31.12
CA ASN G 98 -26.18 49.73 30.24
C ASN G 98 -24.90 49.64 29.41
N ALA G 99 -24.49 50.75 28.79
CA ALA G 99 -23.17 50.79 28.20
C ALA G 99 -22.14 50.80 29.33
N GLY G 100 -21.09 50.03 29.16
CA GLY G 100 -20.02 50.04 30.13
C GLY G 100 -18.92 51.03 29.78
N GLN G 101 -17.95 51.14 30.70
CA GLN G 101 -16.83 52.05 30.53
C GLN G 101 -15.60 51.28 30.07
N TRP G 102 -14.99 51.72 28.97
CA TRP G 102 -13.77 51.13 28.46
C TRP G 102 -12.54 51.78 29.09
N ILE G 103 -11.57 50.95 29.45
CA ILE G 103 -10.37 51.40 30.17
C ILE G 103 -9.16 50.65 29.63
N ARG G 104 -8.08 51.38 29.36
CA ARG G 104 -6.76 50.79 29.17
C ARG G 104 -5.99 50.89 30.49
N ALA G 105 -5.53 49.75 31.00
CA ALA G 105 -4.73 49.70 32.21
C ALA G 105 -3.27 49.51 31.82
N ARG G 106 -2.38 50.31 32.41
CA ARG G 106 -0.94 50.26 32.11
C ARG G 106 -0.15 50.41 33.39
N ALA G 107 0.91 49.60 33.54
CA ALA G 107 1.69 49.57 34.76
C ALA G 107 3.11 49.13 34.44
N GLY G 108 4.02 49.50 35.32
CA GLY G 108 5.42 49.14 35.17
C GLY G 108 5.95 48.45 36.41
N LEU G 109 6.90 47.53 36.20
CA LEU G 109 7.43 46.74 37.30
C LEU G 109 8.03 47.69 38.31
N ILE G 110 7.68 47.45 39.58
CA ILE G 110 8.40 48.10 40.66
C ILE G 110 9.20 47.03 41.37
N ARG G 111 10.52 47.14 41.29
CA ARG G 111 11.39 46.11 41.82
C ARG G 111 11.95 46.53 43.17
N ASP G 112 12.32 45.49 43.92
CA ASP G 112 12.91 45.61 45.24
C ASP G 112 14.30 46.24 45.19
N GLU G 113 14.74 46.76 46.34
CA GLU G 113 16.17 47.05 46.51
C GLU G 113 17.00 45.80 46.25
N ALA G 114 16.56 44.64 46.75
CA ALA G 114 17.24 43.39 46.45
C ALA G 114 17.10 43.03 44.98
N GLY G 115 15.99 43.42 44.35
CA GLY G 115 15.74 43.07 42.97
C GLY G 115 14.80 41.90 42.80
N THR G 116 13.60 42.01 43.39
CA THR G 116 12.55 41.02 43.24
C THR G 116 11.27 41.74 42.86
N ALA G 117 10.46 41.13 41.99
CA ALA G 117 9.18 41.72 41.64
C ALA G 117 8.28 41.81 42.87
N ARG G 118 7.71 42.99 43.10
CA ARG G 118 7.03 43.21 44.37
C ARG G 118 5.68 43.85 44.13
N HIS G 119 5.58 45.15 44.32
CA HIS G 119 4.46 45.91 43.83
C HIS G 119 4.72 46.21 42.36
N LEU G 120 3.66 46.28 41.55
CA LEU G 120 3.78 46.88 40.22
C LEU G 120 2.78 48.03 40.17
N SER G 121 3.24 49.18 39.71
CA SER G 121 2.43 50.37 39.82
C SER G 121 2.10 50.93 38.44
N GLY G 122 0.93 51.52 38.33
CA GLY G 122 0.48 52.09 37.07
C GLY G 122 -0.76 52.95 37.15
N ILE G 123 -1.54 52.97 36.06
CA ILE G 123 -2.53 54.01 35.83
C ILE G 123 -3.73 53.40 35.10
N PHE G 124 -4.90 54.04 35.26
CA PHE G 124 -6.09 53.74 34.48
C PHE G 124 -6.37 54.87 33.48
N LEU G 125 -6.58 54.50 32.21
CA LEU G 125 -6.94 55.44 31.15
C LEU G 125 -8.36 55.19 30.67
N ASP G 126 -9.19 56.23 30.64
CA ASP G 126 -10.45 56.14 29.91
C ASP G 126 -10.18 56.19 28.42
N ILE G 127 -10.63 55.18 27.70
CA ILE G 127 -10.29 55.02 26.28
C ILE G 127 -11.55 54.86 25.45
N ASP G 128 -12.67 55.45 25.92
CA ASP G 128 -13.93 55.34 25.17
C ASP G 128 -13.83 55.96 23.78
N GLU G 129 -13.05 57.02 23.63
CA GLU G 129 -12.97 57.71 22.35
C GLU G 129 -12.05 56.99 21.38
N GLU G 130 -10.85 56.62 21.82
CA GLU G 130 -9.92 55.94 20.91
C GLU G 130 -10.45 54.57 20.49
N LYS G 131 -11.20 53.91 21.38
CA LYS G 131 -11.88 52.68 21.04
C LYS G 131 -13.10 52.93 20.16
N GLN G 132 -13.69 54.12 20.21
CA GLN G 132 -14.79 54.43 19.30
C GLN G 132 -14.30 54.63 17.88
N VAL G 133 -13.17 55.35 17.70
CA VAL G 133 -12.65 55.54 16.35
C VAL G 133 -12.11 54.22 15.80
N GLU G 134 -11.66 53.32 16.66
CA GLU G 134 -11.17 52.03 16.21
C GLU G 134 -12.31 51.20 15.61
N GLY G 135 -13.45 51.17 16.30
CA GLY G 135 -14.60 50.43 15.81
C GLY G 135 -15.28 51.11 14.66
N ALA G 136 -15.10 52.42 14.52
CA ALA G 136 -15.57 53.09 13.31
C ALA G 136 -14.70 52.74 12.11
N LEU G 137 -13.39 52.62 12.31
CA LEU G 137 -12.54 52.21 11.21
C LEU G 137 -12.80 50.77 10.82
N ARG G 138 -13.11 49.93 11.81
CA ARG G 138 -13.42 48.53 11.55
C ARG G 138 -14.73 48.42 10.75
N THR G 139 -15.75 49.20 11.13
CA THR G 139 -17.00 49.15 10.39
C THR G 139 -16.81 49.60 8.95
N ARG G 140 -16.02 50.66 8.74
CA ARG G 140 -15.80 51.15 7.38
C ARG G 140 -15.04 50.14 6.53
N GLU G 141 -14.13 49.38 7.13
CA GLU G 141 -13.37 48.40 6.35
C GLU G 141 -14.23 47.19 6.01
N THR G 142 -15.05 46.74 6.97
CA THR G 142 -15.98 45.67 6.69
C THR G 142 -16.93 46.06 5.57
N HIS G 143 -17.44 47.29 5.63
CA HIS G 143 -18.37 47.76 4.63
C HIS G 143 -17.70 47.85 3.26
N LEU G 144 -16.42 48.26 3.23
CA LEU G 144 -15.74 48.34 1.95
C LEU G 144 -15.62 46.96 1.30
N ARG G 145 -15.39 45.91 2.10
CA ARG G 145 -15.34 44.57 1.53
C ARG G 145 -16.72 44.16 1.05
N SER G 146 -17.75 44.48 1.84
CA SER G 146 -19.12 44.15 1.44
C SER G 146 -19.50 44.85 0.14
N ILE G 147 -19.09 46.11 0.00
CA ILE G 147 -19.33 46.83 -1.24
C ILE G 147 -18.58 46.15 -2.39
N LEU G 148 -17.32 45.81 -2.16
CA LEU G 148 -16.53 45.18 -3.22
C LEU G 148 -17.10 43.83 -3.63
N HIS G 149 -17.64 43.06 -2.67
CA HIS G 149 -18.25 41.76 -2.98
C HIS G 149 -19.52 41.92 -3.80
N THR G 150 -20.31 42.95 -3.51
CA THR G 150 -21.71 42.99 -3.88
C THR G 150 -22.01 43.88 -5.08
N ILE G 151 -21.20 44.88 -5.35
CA ILE G 151 -21.59 45.91 -6.31
C ILE G 151 -21.68 45.32 -7.73
N PRO G 152 -22.84 45.43 -8.37
CA PRO G 152 -23.02 44.83 -9.71
C PRO G 152 -22.09 45.38 -10.78
N ASP G 153 -21.74 46.68 -10.74
CA ASP G 153 -20.80 47.21 -11.71
C ASP G 153 -19.38 46.90 -11.29
N ALA G 154 -18.49 46.80 -12.27
CA ALA G 154 -17.06 46.66 -12.01
C ALA G 154 -16.53 47.96 -11.41
N MET G 155 -16.04 47.89 -10.17
CA MET G 155 -15.47 49.04 -9.47
C MET G 155 -13.96 48.90 -9.43
N ILE G 156 -13.25 49.90 -9.95
CA ILE G 156 -11.79 49.98 -9.90
C ILE G 156 -11.40 51.23 -9.13
N VAL G 157 -10.38 51.12 -8.28
CA VAL G 157 -9.85 52.29 -7.58
C VAL G 157 -8.36 52.36 -7.88
N ILE G 158 -7.94 53.40 -8.57
CA ILE G 158 -6.54 53.62 -8.91
C ILE G 158 -6.01 54.81 -8.12
N ASP G 159 -4.69 54.85 -7.94
CA ASP G 159 -4.09 56.04 -7.37
C ASP G 159 -3.71 56.99 -8.51
N GLY G 160 -2.92 58.01 -8.20
CA GLY G 160 -2.69 59.08 -9.15
C GLY G 160 -1.78 58.71 -10.30
N HIS G 161 -1.14 57.55 -10.25
CA HIS G 161 -0.36 57.06 -11.38
C HIS G 161 -1.03 55.88 -12.06
N GLY G 162 -2.29 55.63 -11.76
CA GLY G 162 -3.04 54.59 -12.41
C GLY G 162 -2.80 53.20 -11.87
N ILE G 163 -2.11 53.07 -10.75
CA ILE G 163 -1.90 51.76 -10.15
C ILE G 163 -3.18 51.33 -9.45
N ILE G 164 -3.69 50.17 -9.81
CA ILE G 164 -4.92 49.65 -9.22
C ILE G 164 -4.71 49.44 -7.72
N GLN G 165 -5.64 49.96 -6.92
CA GLN G 165 -5.60 49.80 -5.47
C GLN G 165 -6.64 48.86 -4.95
N LEU G 166 -7.81 48.82 -5.61
CA LEU G 166 -8.96 48.02 -5.20
C LEU G 166 -9.67 47.56 -6.46
N PHE G 167 -10.27 46.37 -6.39
CA PHE G 167 -10.72 45.68 -7.61
C PHE G 167 -11.85 44.73 -7.25
N SER G 168 -13.08 45.12 -7.56
CA SER G 168 -14.29 44.44 -7.10
C SER G 168 -14.50 43.10 -7.81
N THR G 169 -15.27 42.21 -7.17
CA THR G 169 -15.50 40.88 -7.75
C THR G 169 -16.16 40.97 -9.12
N ALA G 170 -17.02 41.96 -9.33
CA ALA G 170 -17.57 42.17 -10.66
C ALA G 170 -16.47 42.57 -11.65
N ALA G 171 -15.46 43.30 -11.19
CA ALA G 171 -14.36 43.64 -12.07
C ALA G 171 -13.53 42.43 -12.43
N GLU G 172 -13.42 41.47 -11.50
CA GLU G 172 -12.71 40.24 -11.80
C GLU G 172 -13.45 39.44 -12.84
N ARG G 173 -14.75 39.30 -12.66
CA ARG G 173 -15.59 38.55 -13.59
C ARG G 173 -15.60 39.21 -14.95
N LEU G 174 -15.56 40.54 -14.99
CA LEU G 174 -15.63 41.25 -16.27
C LEU G 174 -14.30 41.17 -17.01
N PHE G 175 -13.20 41.42 -16.32
CA PHE G 175 -11.91 41.60 -16.98
C PHE G 175 -11.05 40.35 -16.95
N GLY G 176 -11.39 39.36 -16.12
CA GLY G 176 -10.62 38.13 -16.09
C GLY G 176 -9.34 38.16 -15.30
N TRP G 177 -9.16 39.11 -14.39
CA TRP G 177 -8.05 39.09 -13.43
C TRP G 177 -8.59 38.93 -12.03
N SER G 178 -7.88 38.17 -11.20
CA SER G 178 -8.15 38.22 -9.78
C SER G 178 -7.69 39.58 -9.23
N GLU G 179 -8.23 39.93 -8.07
CA GLU G 179 -7.77 41.14 -7.40
C GLU G 179 -6.27 41.07 -7.10
N LEU G 180 -5.78 39.90 -6.66
CA LEU G 180 -4.35 39.75 -6.40
C LEU G 180 -3.53 39.90 -7.67
N GLU G 181 -4.06 39.50 -8.81
CA GLU G 181 -3.32 39.73 -10.03
C GLU G 181 -3.40 41.19 -10.47
N ALA G 182 -4.51 41.86 -10.17
CA ALA G 182 -4.69 43.22 -10.69
C ALA G 182 -4.10 44.30 -9.78
N ILE G 183 -4.26 44.17 -8.46
CA ILE G 183 -3.77 45.21 -7.57
C ILE G 183 -2.26 45.30 -7.69
N GLY G 184 -1.76 46.53 -7.81
CA GLY G 184 -0.36 46.79 -8.05
C GLY G 184 0.03 46.92 -9.50
N GLN G 185 -0.85 46.53 -10.42
CA GLN G 185 -0.66 46.73 -11.85
C GLN G 185 -1.20 48.09 -12.25
N ASN G 186 -0.73 48.58 -13.39
CA ASN G 186 -1.34 49.75 -14.00
C ASN G 186 -2.71 49.41 -14.59
N VAL G 187 -3.61 50.39 -14.58
CA VAL G 187 -4.97 50.19 -15.08
C VAL G 187 -4.98 50.00 -16.59
N ASN G 188 -3.89 50.37 -17.27
CA ASN G 188 -3.82 50.21 -18.73
C ASN G 188 -3.76 48.75 -19.17
N ILE G 189 -3.56 47.80 -18.25
CA ILE G 189 -3.70 46.39 -18.60
C ILE G 189 -5.13 46.04 -18.98
N LEU G 190 -6.10 46.88 -18.59
CA LEU G 190 -7.51 46.68 -18.90
C LEU G 190 -7.91 47.23 -20.25
N MET G 191 -7.00 47.81 -21.01
CA MET G 191 -7.46 48.46 -22.22
C MET G 191 -6.61 48.09 -23.42
N PRO G 192 -7.19 48.14 -24.62
CA PRO G 192 -6.40 47.92 -25.83
C PRO G 192 -5.66 49.17 -26.25
N GLU G 193 -4.76 49.00 -27.21
CA GLU G 193 -4.20 50.12 -27.93
C GLU G 193 -5.28 50.79 -28.79
N PRO G 194 -5.14 52.10 -29.05
CA PRO G 194 -4.09 53.03 -28.62
C PRO G 194 -4.23 53.55 -27.19
N ASP G 195 -5.40 53.37 -26.58
CA ASP G 195 -5.65 53.95 -25.24
C ASP G 195 -4.69 53.39 -24.20
N ARG G 196 -4.22 52.16 -24.39
CA ARG G 196 -3.36 51.52 -23.40
C ARG G 196 -2.06 52.30 -23.20
N SER G 197 -1.42 52.69 -24.29
CA SER G 197 -0.13 53.35 -24.16
C SER G 197 -0.25 54.81 -23.75
N ARG G 198 -1.39 55.44 -23.99
CA ARG G 198 -1.57 56.86 -23.71
C ARG G 198 -2.20 57.16 -22.35
N HIS G 199 -2.70 56.14 -21.64
CA HIS G 199 -3.55 56.42 -20.50
C HIS G 199 -2.79 57.07 -19.35
N ASP G 200 -1.48 56.80 -19.21
CA ASP G 200 -0.71 57.48 -18.18
C ASP G 200 -0.64 58.98 -18.45
N SER G 201 -0.46 59.37 -19.71
CA SER G 201 -0.47 60.78 -20.04
C SER G 201 -1.84 61.41 -19.85
N TYR G 202 -2.92 60.64 -20.09
CA TYR G 202 -4.26 61.16 -19.84
C TYR G 202 -4.45 61.48 -18.36
N ILE G 203 -3.80 60.73 -17.47
CA ILE G 203 -3.93 61.01 -16.05
C ILE G 203 -3.07 62.18 -15.66
N SER G 204 -1.84 62.25 -16.19
CA SER G 204 -0.92 63.32 -15.81
C SER G 204 -1.40 64.68 -16.31
N ARG G 205 -1.95 64.75 -17.52
CA ARG G 205 -2.40 66.05 -18.01
C ARG G 205 -3.65 66.52 -17.26
N TYR G 206 -4.50 65.59 -16.80
CA TYR G 206 -5.56 66.03 -15.90
C TYR G 206 -4.99 66.49 -14.58
N ARG G 207 -3.89 65.88 -14.12
CA ARG G 207 -3.27 66.31 -12.87
C ARG G 207 -2.74 67.73 -12.99
N THR G 208 -2.29 68.13 -14.18
CA THR G 208 -1.79 69.48 -14.39
C THR G 208 -2.93 70.48 -14.64
N THR G 209 -3.90 70.10 -15.47
CA THR G 209 -4.98 71.01 -15.85
C THR G 209 -5.79 71.47 -14.64
N SER G 210 -6.12 70.54 -13.73
CA SER G 210 -6.81 70.83 -12.47
C SER G 210 -8.10 71.62 -12.68
N ASP G 211 -8.83 71.29 -13.76
CA ASP G 211 -10.17 71.83 -13.99
C ASP G 211 -11.20 70.84 -13.51
N PRO G 212 -12.04 71.18 -12.53
CA PRO G 212 -12.67 70.15 -11.69
C PRO G 212 -13.90 69.44 -12.23
N HIS G 213 -13.99 69.03 -13.50
CA HIS G 213 -15.13 68.22 -13.93
C HIS G 213 -14.76 67.19 -14.99
N ILE G 214 -14.66 65.94 -14.54
CA ILE G 214 -14.79 64.75 -15.38
C ILE G 214 -15.75 63.79 -14.68
N ILE G 215 -16.13 64.14 -13.45
CA ILE G 215 -16.96 63.25 -12.64
C ILE G 215 -18.31 63.03 -13.31
N GLY G 216 -18.80 64.03 -14.05
CA GLY G 216 -20.03 63.88 -14.79
C GLY G 216 -19.83 63.30 -16.19
N ILE G 217 -18.62 63.42 -16.74
CA ILE G 217 -18.38 62.89 -18.08
C ILE G 217 -18.20 61.38 -17.93
N GLY G 218 -19.32 60.67 -17.87
CA GLY G 218 -19.32 59.28 -18.26
C GLY G 218 -19.10 59.17 -19.74
N ARG G 219 -18.06 58.45 -20.15
CA ARG G 219 -17.71 58.33 -21.56
C ARG G 219 -17.61 56.85 -21.94
N ILE G 220 -17.92 56.56 -23.19
CA ILE G 220 -17.94 55.19 -23.69
C ILE G 220 -16.60 54.86 -24.33
N VAL G 221 -15.96 53.79 -23.85
CA VAL G 221 -14.66 53.33 -24.32
C VAL G 221 -14.76 51.83 -24.58
N THR G 222 -13.71 51.29 -25.20
CA THR G 222 -13.58 49.85 -25.35
C THR G 222 -12.51 49.35 -24.39
N GLY G 223 -12.83 48.27 -23.66
CA GLY G 223 -11.93 47.64 -22.74
C GLY G 223 -11.47 46.27 -23.25
N LYS G 224 -10.39 45.77 -22.64
CA LYS G 224 -9.75 44.53 -23.03
C LYS G 224 -9.70 43.62 -21.82
N ARG G 225 -10.09 42.36 -22.00
CA ARG G 225 -9.93 41.36 -20.96
C ARG G 225 -8.51 40.81 -20.97
N ARG G 226 -8.15 40.11 -19.89
CA ARG G 226 -6.88 39.40 -19.88
C ARG G 226 -6.83 38.37 -21.02
N ASP G 227 -7.97 37.79 -21.36
CA ASP G 227 -8.00 36.85 -22.47
C ASP G 227 -7.80 37.54 -23.82
N GLY G 228 -7.80 38.88 -23.84
CA GLY G 228 -7.50 39.63 -25.04
C GLY G 228 -8.70 40.13 -25.81
N THR G 229 -9.90 39.63 -25.49
CA THR G 229 -11.11 40.09 -26.15
C THR G 229 -11.46 41.52 -25.71
N THR G 230 -12.21 42.20 -26.56
CA THR G 230 -12.58 43.58 -26.34
C THR G 230 -14.10 43.76 -26.36
N PHE G 231 -14.60 44.70 -25.56
CA PHE G 231 -16.03 44.92 -25.39
C PHE G 231 -16.31 46.41 -25.20
N PRO G 232 -17.50 46.88 -25.59
CA PRO G 232 -17.89 48.26 -25.25
C PRO G 232 -18.23 48.44 -23.78
N MET G 233 -17.82 49.57 -23.22
CA MET G 233 -18.12 49.84 -21.81
C MET G 233 -18.27 51.33 -21.57
N HIS G 234 -19.27 51.68 -20.79
CA HIS G 234 -19.37 53.00 -20.18
C HIS G 234 -18.69 52.99 -18.82
N LEU G 235 -18.15 54.13 -18.43
CA LEU G 235 -17.70 54.24 -17.04
C LEU G 235 -17.69 55.69 -16.59
N SER G 236 -17.75 55.86 -15.27
CA SER G 236 -17.77 57.15 -14.63
C SER G 236 -16.90 57.09 -13.39
N ILE G 237 -16.19 58.20 -13.12
CA ILE G 237 -15.12 58.29 -12.15
C ILE G 237 -15.48 59.38 -11.13
N GLY G 238 -15.06 59.18 -9.89
CA GLY G 238 -14.97 60.27 -8.94
C GLY G 238 -13.58 60.40 -8.37
N GLU G 239 -13.19 61.65 -8.10
CA GLU G 239 -11.95 61.97 -7.39
C GLU G 239 -12.14 61.94 -5.89
N MET G 240 -11.05 61.63 -5.19
CA MET G 240 -10.92 62.01 -3.81
C MET G 240 -9.48 62.43 -3.55
N GLN G 241 -9.26 63.08 -2.42
CA GLN G 241 -7.93 63.40 -1.94
C GLN G 241 -7.69 62.70 -0.62
N SER G 242 -6.49 62.15 -0.44
CA SER G 242 -6.09 61.63 0.86
C SER G 242 -4.58 61.70 0.92
N GLY G 243 -4.05 62.20 2.03
CA GLY G 243 -2.63 62.11 2.29
C GLY G 243 -1.77 62.77 1.23
N GLY G 244 -2.30 63.78 0.55
CA GLY G 244 -1.57 64.44 -0.51
C GLY G 244 -1.67 63.77 -1.86
N GLU G 245 -2.46 62.71 -2.00
CA GLU G 245 -2.56 62.05 -3.27
C GLU G 245 -4.02 62.01 -3.75
N PRO G 246 -4.27 62.16 -5.04
CA PRO G 246 -5.60 61.83 -5.58
C PRO G 246 -5.82 60.33 -5.63
N TYR G 247 -7.09 59.93 -5.51
CA TYR G 247 -7.53 58.59 -5.88
C TYR G 247 -8.79 58.68 -6.73
N PHE G 248 -8.86 57.82 -7.74
CA PHE G 248 -9.98 57.76 -8.66
C PHE G 248 -10.73 56.44 -8.46
N THR G 249 -12.05 56.52 -8.35
CA THR G 249 -12.92 55.35 -8.26
C THR G 249 -13.80 55.31 -9.51
N GLY G 250 -13.49 54.38 -10.42
CA GLY G 250 -14.31 54.18 -11.59
C GLY G 250 -15.37 53.11 -11.38
N PHE G 251 -16.47 53.23 -12.14
CA PHE G 251 -17.54 52.25 -12.11
C PHE G 251 -17.84 51.86 -13.56
N VAL G 252 -17.63 50.60 -13.88
CA VAL G 252 -17.66 50.11 -15.25
C VAL G 252 -18.96 49.35 -15.49
N ARG G 253 -19.68 49.74 -16.54
CA ARG G 253 -20.89 49.06 -17.01
C ARG G 253 -20.60 48.40 -18.35
N ASP G 254 -20.72 47.07 -18.40
CA ASP G 254 -20.59 46.39 -19.68
C ASP G 254 -21.78 46.75 -20.58
N LEU G 255 -21.50 47.18 -21.80
CA LEU G 255 -22.55 47.59 -22.72
C LEU G 255 -22.81 46.57 -23.81
N THR G 256 -22.18 45.40 -23.76
CA THR G 256 -22.19 44.49 -24.91
C THR G 256 -23.60 43.98 -25.21
N GLU G 257 -24.37 43.65 -24.17
CA GLU G 257 -25.75 43.23 -24.39
C GLU G 257 -26.66 44.42 -24.69
N HIS G 258 -26.35 45.59 -24.11
CA HIS G 258 -27.15 46.79 -24.41
C HIS G 258 -27.00 47.19 -25.86
N GLN G 259 -25.78 47.13 -26.40
CA GLN G 259 -25.60 47.41 -27.82
C GLN G 259 -26.09 46.28 -28.69
N GLN G 260 -26.04 45.03 -28.19
CA GLN G 260 -26.55 43.92 -28.98
C GLN G 260 -28.06 44.00 -29.16
N THR G 261 -28.78 44.53 -28.17
CA THR G 261 -30.24 44.67 -28.32
C THR G 261 -30.62 45.89 -29.14
N GLN G 262 -29.82 46.96 -29.08
CA GLN G 262 -30.11 48.12 -29.89
C GLN G 262 -29.61 47.99 -31.32
N ALA G 263 -28.71 47.04 -31.59
CA ALA G 263 -28.32 46.77 -32.96
C ALA G 263 -29.38 45.95 -33.68
N ARG G 264 -29.89 44.90 -33.03
CA ARG G 264 -30.98 44.14 -33.63
C ARG G 264 -32.22 45.02 -33.80
N LEU G 265 -32.43 45.95 -32.86
CA LEU G 265 -33.57 46.86 -32.93
C LEU G 265 -33.52 47.71 -34.19
N GLN G 266 -32.40 48.39 -34.44
CA GLN G 266 -32.31 49.24 -35.62
C GLN G 266 -32.37 48.44 -36.91
N GLU G 267 -31.82 47.22 -36.89
CA GLU G 267 -31.91 46.32 -38.04
C GLU G 267 -33.35 46.04 -38.39
N LEU G 268 -34.13 45.61 -37.40
CA LEU G 268 -35.53 45.26 -37.62
C LEU G 268 -36.34 46.44 -38.10
N GLN G 269 -36.12 47.61 -37.47
CA GLN G 269 -36.89 48.81 -37.85
C GLN G 269 -36.62 49.17 -39.29
N SER G 270 -35.36 49.40 -39.65
CA SER G 270 -35.01 49.84 -40.99
C SER G 270 -35.40 48.82 -42.06
N GLU G 271 -35.34 47.53 -41.73
CA GLU G 271 -35.76 46.50 -42.69
C GLU G 271 -37.26 46.61 -42.98
N LEU G 272 -38.07 46.73 -41.92
CA LEU G 272 -39.52 46.87 -42.08
C LEU G 272 -39.86 48.10 -42.90
N VAL G 273 -39.08 49.17 -42.72
CA VAL G 273 -39.23 50.41 -43.49
C VAL G 273 -39.04 50.12 -44.97
N GLY H 25 6.04 51.76 29.71
CA GLY H 25 6.02 52.39 28.40
C GLY H 25 5.55 53.82 28.38
N VAL H 26 5.24 54.37 29.56
CA VAL H 26 4.74 55.73 29.70
C VAL H 26 5.69 56.51 30.61
N GLY H 27 6.07 57.72 30.18
CA GLY H 27 6.95 58.57 30.96
C GLY H 27 6.20 59.54 31.86
N THR H 28 6.98 60.29 32.66
CA THR H 28 6.42 61.22 33.63
C THR H 28 7.15 62.55 33.58
N TRP H 29 6.41 63.62 33.94
CA TRP H 29 6.96 64.97 33.95
C TRP H 29 6.25 65.82 34.99
N ASP H 30 7.02 66.66 35.70
CA ASP H 30 6.47 67.70 36.56
C ASP H 30 7.22 68.99 36.26
N LEU H 31 6.48 70.05 35.94
CA LEU H 31 7.06 71.38 35.79
C LEU H 31 6.27 72.37 36.64
N ASP H 32 6.99 73.35 37.20
CA ASP H 32 6.38 74.36 38.06
C ASP H 32 6.25 75.70 37.36
N LEU H 33 5.09 76.35 37.55
CA LEU H 33 4.87 77.67 36.97
C LEU H 33 5.84 78.69 37.52
N LYS H 34 6.20 78.57 38.80
CA LYS H 34 7.23 79.40 39.38
C LYS H 34 8.57 78.70 39.20
N THR H 35 9.55 79.44 38.67
CA THR H 35 10.93 79.12 38.29
C THR H 35 11.04 78.36 36.96
N TRP H 36 9.94 77.88 36.37
CA TRP H 36 9.90 77.32 35.01
C TRP H 36 10.90 76.17 34.82
N ALA H 37 11.03 75.32 35.84
CA ALA H 37 11.89 74.14 35.77
C ALA H 37 11.11 72.94 35.24
N LEU H 38 11.80 72.06 34.52
CA LEU H 38 11.18 70.88 33.92
C LEU H 38 12.01 69.63 34.24
N ASP H 39 11.40 68.70 34.96
CA ASP H 39 11.95 67.36 35.16
C ASP H 39 11.18 66.36 34.30
N TRP H 40 11.89 65.39 33.72
CA TRP H 40 11.18 64.35 32.98
C TRP H 40 11.92 63.02 33.05
N SER H 41 11.15 61.95 32.80
CA SER H 41 11.59 60.56 32.89
C SER H 41 12.54 60.20 31.75
N ASP H 42 13.34 59.15 31.99
CA ASP H 42 14.21 58.64 30.93
C ASP H 42 13.40 58.14 29.74
N THR H 43 12.23 57.53 29.99
CA THR H 43 11.40 57.08 28.88
C THR H 43 10.79 58.26 28.13
N ALA H 44 10.53 59.38 28.82
CA ALA H 44 10.09 60.58 28.13
C ALA H 44 11.20 61.18 27.26
N ARG H 45 12.45 60.99 27.67
CA ARG H 45 13.59 61.51 26.92
C ARG H 45 13.68 60.87 25.55
N THR H 46 13.44 59.56 25.47
CA THR H 46 13.48 58.88 24.18
C THR H 46 12.31 59.29 23.28
N LEU H 47 11.14 59.52 23.88
CA LEU H 47 9.97 59.90 23.09
C LEU H 47 10.12 61.26 22.43
N LEU H 48 10.87 62.16 23.06
CA LEU H 48 11.07 63.50 22.51
C LEU H 48 12.08 63.52 21.37
N GLY H 49 12.86 62.45 21.19
CA GLY H 49 13.75 62.30 20.05
C GLY H 49 15.15 62.83 20.23
N ILE H 50 15.45 63.48 21.36
CA ILE H 50 16.79 63.98 21.64
C ILE H 50 16.90 64.11 23.16
N GLY H 51 18.12 64.22 23.65
CA GLY H 51 18.33 64.35 25.08
C GLY H 51 19.30 63.32 25.60
N GLN H 52 20.22 62.89 24.75
CA GLN H 52 21.21 61.90 25.14
C GLN H 52 22.02 62.38 26.35
N ASP H 53 22.50 63.61 26.33
CA ASP H 53 23.23 64.15 27.46
C ASP H 53 22.76 65.53 27.87
N GLN H 54 21.95 66.15 27.06
CA GLN H 54 21.43 67.49 27.34
C GLN H 54 20.46 67.44 28.51
N PRO H 55 20.62 68.31 29.51
CA PRO H 55 19.71 68.29 30.66
C PRO H 55 18.30 68.66 30.26
N ALA H 56 17.34 68.11 31.03
CA ALA H 56 15.95 68.50 30.85
C ALA H 56 15.78 70.00 31.05
N SER H 57 15.02 70.63 30.16
CA SER H 57 14.85 72.07 30.15
C SER H 57 13.51 72.38 29.49
N TYR H 58 12.82 73.39 30.01
CA TYR H 58 11.59 73.83 29.35
C TYR H 58 11.88 74.41 27.97
N ASP H 59 13.02 75.09 27.81
CA ASP H 59 13.38 75.64 26.51
C ASP H 59 13.73 74.54 25.51
N LEU H 60 14.36 73.46 25.98
CA LEU H 60 14.67 72.34 25.11
C LEU H 60 13.40 71.63 24.62
N PHE H 61 12.36 71.61 25.45
CA PHE H 61 11.10 70.96 25.07
C PHE H 61 10.43 71.69 23.91
N LEU H 62 10.37 73.02 24.00
CA LEU H 62 9.78 73.80 22.92
C LEU H 62 10.70 73.88 21.70
N SER H 63 11.98 73.52 21.86
CA SER H 63 12.88 73.38 20.71
C SER H 63 12.49 72.21 19.80
N ARG H 64 11.86 71.18 20.36
CA ARG H 64 11.47 70.02 19.58
C ARG H 64 10.13 70.17 18.86
N LEU H 65 9.24 71.03 19.38
CA LEU H 65 7.97 71.29 18.74
C LEU H 65 8.16 72.17 17.51
N GLU H 66 7.31 71.97 16.51
CA GLU H 66 7.25 72.83 15.34
C GLU H 66 6.58 74.15 15.69
N PRO H 67 6.86 75.24 14.94
CA PRO H 67 6.42 76.57 15.39
C PRO H 67 4.94 76.76 15.67
N ASP H 68 4.04 76.25 14.83
CA ASP H 68 2.63 76.42 15.15
C ASP H 68 2.20 75.49 16.28
N ASP H 69 2.85 74.31 16.39
CA ASP H 69 2.59 73.44 17.53
C ASP H 69 3.16 73.99 18.82
N ARG H 70 4.30 74.69 18.76
CA ARG H 70 4.90 75.24 19.98
C ARG H 70 4.02 76.32 20.58
N GLU H 71 3.40 77.14 19.73
CA GLU H 71 2.49 78.18 20.21
C GLU H 71 1.24 77.57 20.83
N ARG H 72 0.76 76.47 20.25
CA ARG H 72 -0.44 75.80 20.75
C ARG H 72 -0.21 75.21 22.13
N VAL H 73 0.98 74.66 22.37
CA VAL H 73 1.29 74.05 23.66
C VAL H 73 1.41 75.13 24.73
N GLU H 74 2.19 76.17 24.44
CA GLU H 74 2.45 77.21 25.43
C GLU H 74 1.19 78.02 25.76
N SER H 75 0.29 78.20 24.80
CA SER H 75 -0.98 78.84 25.11
C SER H 75 -1.82 77.97 26.03
N ALA H 76 -1.72 76.65 25.87
CA ALA H 76 -2.50 75.74 26.71
C ALA H 76 -2.02 75.74 28.16
N ILE H 77 -0.73 75.96 28.41
CA ILE H 77 -0.26 75.94 29.79
C ILE H 77 -0.80 77.13 30.57
N LYS H 78 -1.05 78.26 29.90
CA LYS H 78 -1.55 79.43 30.61
C LYS H 78 -3.03 79.31 30.97
N ARG H 79 -3.81 78.59 30.16
CA ARG H 79 -5.22 78.39 30.50
C ARG H 79 -5.34 77.51 31.74
N VAL H 80 -4.61 76.39 31.77
CA VAL H 80 -4.64 75.51 32.93
C VAL H 80 -3.90 76.13 34.12
N SER H 81 -2.98 77.08 33.87
CA SER H 81 -2.21 77.69 34.96
C SER H 81 -3.10 78.43 35.94
N GLU H 82 -4.19 79.01 35.45
CA GLU H 82 -5.10 79.78 36.29
C GLU H 82 -6.26 78.93 36.79
N ARG H 83 -7.06 78.41 35.86
CA ARG H 83 -8.19 77.55 36.21
C ARG H 83 -8.45 76.63 35.03
N GLY H 84 -8.15 75.35 35.22
CA GLY H 84 -8.31 74.38 34.15
C GLY H 84 -8.60 73.00 34.69
N GLY H 85 -9.46 72.26 34.00
CA GLY H 85 -9.76 70.90 34.45
C GLY H 85 -8.61 69.94 34.21
N GLY H 86 -7.68 70.29 33.34
CA GLY H 86 -6.51 69.48 33.11
C GLY H 86 -5.64 70.09 32.05
N PHE H 87 -4.60 69.32 31.73
CA PHE H 87 -3.68 69.61 30.64
C PHE H 87 -3.71 68.33 29.82
N ASP H 88 -4.63 68.24 28.87
CA ASP H 88 -4.64 67.13 27.91
C ASP H 88 -4.45 67.78 26.55
N VAL H 89 -3.21 67.77 26.07
CA VAL H 89 -2.83 68.45 24.84
C VAL H 89 -1.87 67.56 24.08
N SER H 90 -2.15 67.33 22.80
CA SER H 90 -1.36 66.47 21.94
C SER H 90 -0.61 67.29 20.89
N PHE H 91 0.48 66.72 20.38
CA PHE H 91 1.39 67.47 19.54
C PHE H 91 2.31 66.52 18.78
N ARG H 92 2.88 67.03 17.68
CA ARG H 92 3.79 66.33 16.81
C ARG H 92 5.20 66.89 16.96
N VAL H 93 6.21 66.03 16.87
CA VAL H 93 7.62 66.39 17.02
C VAL H 93 8.31 66.28 15.67
N ALA H 94 8.85 67.38 15.15
CA ALA H 94 9.50 67.35 13.85
C ALA H 94 10.87 66.67 13.89
N GLY H 95 11.28 66.09 12.76
CA GLY H 95 12.57 65.44 12.67
C GLY H 95 12.98 65.16 11.23
N THR H 96 14.20 64.62 11.08
CA THR H 96 14.87 64.60 9.78
C THR H 96 14.18 63.70 8.77
N SER H 97 14.04 64.21 7.54
CA SER H 97 13.52 63.46 6.38
C SER H 97 12.10 62.93 6.64
N ASN H 98 11.23 63.83 7.12
CA ASN H 98 9.83 63.55 7.47
C ASN H 98 9.75 62.56 8.64
N ALA H 99 10.23 63.01 9.80
CA ALA H 99 10.27 62.17 10.99
C ALA H 99 9.45 62.82 12.10
N GLY H 100 8.63 62.01 12.77
CA GLY H 100 7.75 62.54 13.79
C GLY H 100 7.23 61.52 14.77
N GLN H 101 6.69 62.03 15.88
CA GLN H 101 6.10 61.20 16.91
C GLN H 101 4.97 61.99 17.58
N TRP H 102 3.86 61.31 17.83
CA TRP H 102 2.68 61.94 18.40
C TRP H 102 2.59 61.61 19.88
N ILE H 103 2.56 62.64 20.72
CA ILE H 103 2.51 62.50 22.17
C ILE H 103 1.27 63.21 22.69
N ARG H 104 0.50 62.51 23.52
CA ARG H 104 -0.54 63.13 24.34
C ARG H 104 0.00 63.35 25.76
N ALA H 105 0.17 64.62 26.14
CA ALA H 105 0.58 64.98 27.49
C ALA H 105 -0.64 65.22 28.37
N ARG H 106 -0.66 64.59 29.54
CA ARG H 106 -1.78 64.70 30.48
C ARG H 106 -1.25 65.02 31.87
N ALA H 107 -2.11 65.59 32.73
CA ALA H 107 -1.66 66.11 34.02
C ALA H 107 -2.80 66.18 35.03
N GLY H 108 -2.46 65.94 36.29
CA GLY H 108 -3.37 66.14 37.40
C GLY H 108 -2.79 67.06 38.46
N LEU H 109 -3.68 67.74 39.19
CA LEU H 109 -3.26 68.77 40.13
C LEU H 109 -2.69 68.19 41.43
N ILE H 110 -1.75 68.92 42.02
CA ILE H 110 -1.22 68.66 43.35
C ILE H 110 -1.05 69.98 44.09
N ARG H 111 -2.16 70.57 44.52
CA ARG H 111 -2.16 71.92 45.07
C ARG H 111 -1.22 72.02 46.27
N ASP H 112 -0.45 73.11 46.31
CA ASP H 112 0.44 73.32 47.45
C ASP H 112 -0.39 73.53 48.72
N GLU H 113 -1.33 74.48 48.68
CA GLU H 113 -2.24 74.82 49.77
C GLU H 113 -3.41 75.58 49.14
N ALA H 114 -4.19 76.26 49.98
CA ALA H 114 -5.25 77.11 49.47
C ALA H 114 -4.70 78.32 48.72
N GLY H 115 -3.42 78.65 48.90
CA GLY H 115 -2.78 79.78 48.25
C GLY H 115 -2.65 79.75 46.74
N THR H 116 -1.79 78.89 46.20
CA THR H 116 -1.50 78.87 44.77
C THR H 116 -1.29 77.44 44.27
N ALA H 117 -1.42 77.29 42.94
CA ALA H 117 -0.94 76.09 42.26
C ALA H 117 0.53 76.27 41.88
N ARG H 118 1.35 75.25 42.15
CA ARG H 118 2.79 75.37 41.93
C ARG H 118 3.29 74.54 40.77
N HIS H 119 3.16 73.21 40.82
CA HIS H 119 3.77 72.33 39.80
C HIS H 119 2.79 71.22 39.41
N LEU H 120 2.20 71.35 38.22
CA LEU H 120 1.25 70.35 37.72
C LEU H 120 1.95 69.03 37.39
N SER H 121 1.33 67.92 37.77
CA SER H 121 1.95 66.60 37.71
C SER H 121 1.26 65.74 36.66
N GLY H 122 2.05 65.05 35.83
CA GLY H 122 1.45 64.32 34.73
C GLY H 122 2.19 63.30 33.89
N ILE H 123 1.79 63.18 32.62
CA ILE H 123 1.91 61.94 31.82
C ILE H 123 2.35 62.31 30.39
N PHE H 124 3.21 61.48 29.80
CA PHE H 124 3.50 61.49 28.36
C PHE H 124 3.11 60.15 27.74
N LEU H 125 2.20 60.17 26.76
CA LEU H 125 1.71 58.95 26.13
C LEU H 125 2.13 58.88 24.68
N ASP H 126 2.64 57.71 24.26
CA ASP H 126 2.77 57.40 22.84
C ASP H 126 1.38 57.16 22.26
N ILE H 127 1.03 57.91 21.22
CA ILE H 127 -0.31 57.82 20.65
C ILE H 127 -0.23 57.73 19.13
N ASP H 128 0.89 57.23 18.60
CA ASP H 128 1.06 57.14 17.14
C ASP H 128 0.05 56.19 16.49
N GLU H 129 -0.32 55.11 17.18
CA GLU H 129 -1.31 54.23 16.57
C GLU H 129 -2.69 54.86 16.58
N GLU H 130 -3.01 55.60 17.65
CA GLU H 130 -4.32 56.23 17.70
C GLU H 130 -4.44 57.36 16.67
N LYS H 131 -3.32 57.92 16.21
CA LYS H 131 -3.33 58.83 15.06
C LYS H 131 -3.18 58.10 13.72
N GLN H 132 -2.69 56.85 13.72
CA GLN H 132 -2.74 56.07 12.49
C GLN H 132 -4.17 55.64 12.18
N VAL H 133 -4.93 55.25 13.22
CA VAL H 133 -6.31 54.87 13.04
C VAL H 133 -7.15 56.08 12.63
N GLU H 134 -6.81 57.26 13.15
CA GLU H 134 -7.55 58.46 12.80
C GLU H 134 -7.36 58.83 11.33
N GLY H 135 -6.14 58.70 10.82
CA GLY H 135 -5.91 59.03 9.42
C GLY H 135 -6.44 57.98 8.46
N ALA H 136 -6.55 56.73 8.90
CA ALA H 136 -7.11 55.71 8.04
C ALA H 136 -8.62 55.78 8.01
N LEU H 137 -9.26 56.08 9.15
CA LEU H 137 -10.71 56.26 9.17
C LEU H 137 -11.11 57.46 8.33
N ARG H 138 -10.27 58.50 8.33
CA ARG H 138 -10.56 59.69 7.53
C ARG H 138 -10.51 59.34 6.05
N THR H 139 -9.56 58.51 5.64
CA THR H 139 -9.48 58.09 4.25
C THR H 139 -10.70 57.27 3.85
N ARG H 140 -11.22 56.44 4.76
CA ARG H 140 -12.38 55.63 4.41
C ARG H 140 -13.62 56.48 4.25
N GLU H 141 -13.84 57.42 5.18
CA GLU H 141 -15.00 58.27 5.06
C GLU H 141 -14.93 59.14 3.81
N THR H 142 -13.73 59.61 3.45
CA THR H 142 -13.61 60.37 2.21
C THR H 142 -13.95 59.48 1.02
N HIS H 143 -13.52 58.22 1.06
CA HIS H 143 -13.82 57.32 -0.05
C HIS H 143 -15.29 56.95 -0.09
N LEU H 144 -15.90 56.71 1.08
CA LEU H 144 -17.31 56.35 1.10
C LEU H 144 -18.17 57.47 0.53
N ARG H 145 -17.83 58.71 0.86
CA ARG H 145 -18.57 59.83 0.30
C ARG H 145 -18.33 59.93 -1.20
N SER H 146 -17.12 59.60 -1.65
CA SER H 146 -16.89 59.57 -3.09
C SER H 146 -17.68 58.45 -3.75
N ILE H 147 -17.88 57.32 -3.06
CA ILE H 147 -18.73 56.26 -3.60
C ILE H 147 -20.15 56.77 -3.73
N LEU H 148 -20.70 57.32 -2.63
CA LEU H 148 -22.09 57.73 -2.59
C LEU H 148 -22.42 58.79 -3.63
N HIS H 149 -21.46 59.66 -3.96
CA HIS H 149 -21.75 60.71 -4.92
CA HIS H 149 -21.72 60.72 -4.91
C HIS H 149 -21.53 60.28 -6.35
N THR H 150 -20.83 59.17 -6.59
CA THR H 150 -20.38 58.82 -7.92
C THR H 150 -21.03 57.56 -8.48
N ILE H 151 -21.50 56.64 -7.64
CA ILE H 151 -21.93 55.33 -8.12
C ILE H 151 -23.17 55.50 -8.99
N PRO H 152 -23.14 55.04 -10.23
CA PRO H 152 -24.28 55.21 -11.15
C PRO H 152 -25.57 54.55 -10.70
N ASP H 153 -25.52 53.43 -10.02
CA ASP H 153 -26.74 52.82 -9.53
C ASP H 153 -27.04 53.37 -8.15
N ALA H 154 -28.33 53.42 -7.82
CA ALA H 154 -28.73 53.84 -6.48
C ALA H 154 -28.13 52.89 -5.44
N MET H 155 -27.59 53.47 -4.36
CA MET H 155 -26.99 52.71 -3.28
C MET H 155 -27.62 53.13 -1.96
N ILE H 156 -28.15 52.15 -1.24
CA ILE H 156 -28.89 52.35 0.00
C ILE H 156 -28.30 51.42 1.04
N VAL H 157 -28.02 51.95 2.22
CA VAL H 157 -27.57 51.14 3.35
C VAL H 157 -28.59 51.27 4.46
N ILE H 158 -29.02 50.14 5.00
CA ILE H 158 -29.95 50.11 6.12
C ILE H 158 -29.32 49.32 7.25
N ASP H 159 -29.89 49.46 8.43
CA ASP H 159 -29.44 48.70 9.59
C ASP H 159 -30.34 47.48 9.75
N GLY H 160 -30.28 46.84 10.93
CA GLY H 160 -31.00 45.61 11.12
C GLY H 160 -32.49 45.78 11.33
N HIS H 161 -32.97 47.01 11.46
CA HIS H 161 -34.39 47.32 11.61
C HIS H 161 -34.97 47.98 10.37
N GLY H 162 -34.22 48.03 9.28
CA GLY H 162 -34.72 48.65 8.08
C GLY H 162 -34.66 50.16 8.05
N ILE H 163 -33.98 50.80 9.01
CA ILE H 163 -33.82 52.25 9.00
C ILE H 163 -32.71 52.61 8.03
N ILE H 164 -33.00 53.47 7.07
CA ILE H 164 -31.96 53.92 6.14
C ILE H 164 -30.86 54.62 6.93
N GLN H 165 -29.61 54.24 6.67
CA GLN H 165 -28.43 54.89 7.25
C GLN H 165 -27.67 55.72 6.25
N LEU H 166 -27.59 55.25 5.00
CA LEU H 166 -26.90 55.94 3.92
C LEU H 166 -27.80 55.92 2.68
N PHE H 167 -27.64 56.91 1.81
CA PHE H 167 -28.57 57.12 0.71
C PHE H 167 -27.86 57.96 -0.35
N SER H 168 -27.47 57.32 -1.45
CA SER H 168 -26.51 57.87 -2.41
C SER H 168 -27.18 58.87 -3.35
N THR H 169 -26.33 59.61 -4.09
CA THR H 169 -26.79 60.67 -4.99
C THR H 169 -27.78 60.13 -6.00
N ALA H 170 -27.44 59.00 -6.63
CA ALA H 170 -28.34 58.37 -7.58
C ALA H 170 -29.63 57.92 -6.92
N ALA H 171 -29.58 57.55 -5.63
CA ALA H 171 -30.80 57.16 -4.93
C ALA H 171 -31.73 58.35 -4.74
N GLU H 172 -31.16 59.53 -4.48
CA GLU H 172 -32.00 60.73 -4.40
C GLU H 172 -32.63 61.02 -5.75
N ARG H 173 -31.83 60.90 -6.81
CA ARG H 173 -32.25 61.16 -8.17
C ARG H 173 -33.31 60.16 -8.63
N LEU H 174 -33.28 58.93 -8.10
CA LEU H 174 -34.25 57.94 -8.56
C LEU H 174 -35.54 57.94 -7.76
N PHE H 175 -35.44 57.97 -6.43
CA PHE H 175 -36.62 57.86 -5.58
C PHE H 175 -37.22 59.21 -5.22
N GLY H 176 -36.50 60.32 -5.41
CA GLY H 176 -37.04 61.63 -5.12
C GLY H 176 -36.94 62.10 -3.68
N TRP H 177 -36.13 61.46 -2.85
CA TRP H 177 -35.89 61.90 -1.48
C TRP H 177 -34.46 62.40 -1.36
N SER H 178 -34.24 63.46 -0.59
CA SER H 178 -32.86 63.83 -0.28
C SER H 178 -32.25 62.87 0.74
N GLU H 179 -30.92 62.84 0.79
CA GLU H 179 -30.24 62.07 1.81
C GLU H 179 -30.69 62.48 3.21
N LEU H 180 -30.86 63.78 3.44
CA LEU H 180 -31.33 64.26 4.74
C LEU H 180 -32.76 63.82 5.04
N GLU H 181 -33.61 63.74 4.00
CA GLU H 181 -34.99 63.32 4.23
C GLU H 181 -35.06 61.82 4.47
N ALA H 182 -34.27 61.04 3.72
CA ALA H 182 -34.43 59.60 3.71
C ALA H 182 -33.76 58.93 4.91
N ILE H 183 -32.58 59.41 5.31
CA ILE H 183 -31.87 58.83 6.44
C ILE H 183 -32.71 58.99 7.70
N GLY H 184 -32.83 57.90 8.47
CA GLY H 184 -33.64 57.84 9.65
C GLY H 184 -35.02 57.26 9.43
N GLN H 185 -35.48 57.16 8.18
CA GLN H 185 -36.75 56.57 7.86
C GLN H 185 -36.59 55.10 7.49
N ASN H 186 -37.69 54.36 7.58
CA ASN H 186 -37.68 52.97 7.18
C ASN H 186 -37.61 52.86 5.67
N VAL H 187 -36.90 51.83 5.20
CA VAL H 187 -36.67 51.61 3.78
C VAL H 187 -37.98 51.32 3.05
N ASN H 188 -39.02 50.92 3.78
CA ASN H 188 -40.30 50.59 3.14
C ASN H 188 -40.96 51.81 2.50
N ILE H 189 -40.52 53.03 2.82
CA ILE H 189 -40.99 54.21 2.11
C ILE H 189 -40.56 54.24 0.66
N LEU H 190 -39.67 53.33 0.25
CA LEU H 190 -39.26 53.20 -1.13
C LEU H 190 -40.11 52.21 -1.93
N MET H 191 -41.10 51.57 -1.34
CA MET H 191 -41.73 50.44 -2.02
C MET H 191 -43.25 50.49 -1.91
N PRO H 192 -43.96 49.93 -2.88
CA PRO H 192 -45.43 49.89 -2.83
C PRO H 192 -45.95 48.74 -1.95
N GLU H 193 -47.26 48.78 -1.73
CA GLU H 193 -47.96 47.65 -1.13
C GLU H 193 -47.95 46.45 -2.07
N PRO H 194 -48.02 45.22 -1.53
CA PRO H 194 -48.03 44.81 -0.12
C PRO H 194 -46.65 44.79 0.49
N ASP H 195 -45.61 44.83 -0.34
CA ASP H 195 -44.25 44.66 0.18
C ASP H 195 -43.90 45.76 1.18
N ARG H 196 -44.50 46.94 1.02
CA ARG H 196 -44.26 48.03 1.97
C ARG H 196 -44.71 47.65 3.38
N SER H 197 -45.91 47.10 3.51
CA SER H 197 -46.41 46.76 4.84
C SER H 197 -45.69 45.58 5.47
N ARG H 198 -45.12 44.69 4.65
CA ARG H 198 -44.58 43.43 5.15
C ARG H 198 -43.07 43.43 5.30
N HIS H 199 -42.39 44.52 4.88
CA HIS H 199 -40.94 44.45 4.74
C HIS H 199 -40.23 44.26 6.07
N ASP H 200 -40.76 44.81 7.17
CA ASP H 200 -40.13 44.60 8.47
C ASP H 200 -40.21 43.12 8.89
N SER H 201 -41.32 42.46 8.55
CA SER H 201 -41.44 41.05 8.88
C SER H 201 -40.44 40.21 8.10
N TYR H 202 -40.15 40.60 6.84
CA TYR H 202 -39.16 39.89 6.05
C TYR H 202 -37.78 40.01 6.68
N ILE H 203 -37.45 41.18 7.22
CA ILE H 203 -36.14 41.38 7.81
C ILE H 203 -36.03 40.67 9.15
N SER H 204 -37.09 40.74 9.97
CA SER H 204 -37.07 40.03 11.24
C SER H 204 -37.09 38.52 11.02
N ARG H 205 -37.75 38.06 9.94
CA ARG H 205 -37.72 36.66 9.58
C ARG H 205 -36.29 36.21 9.33
N TYR H 206 -35.56 36.96 8.51
CA TYR H 206 -34.18 36.60 8.23
C TYR H 206 -33.28 36.74 9.46
N ARG H 207 -33.54 37.71 10.32
CA ARG H 207 -32.65 37.93 11.45
C ARG H 207 -32.71 36.80 12.47
N THR H 208 -33.87 36.21 12.68
CA THR H 208 -33.95 35.13 13.65
C THR H 208 -33.54 33.80 13.04
N THR H 209 -33.91 33.55 11.78
CA THR H 209 -33.64 32.29 11.12
C THR H 209 -32.19 32.13 10.69
N SER H 210 -31.45 33.22 10.53
CA SER H 210 -30.09 33.25 9.96
C SER H 210 -30.01 32.55 8.61
N ASP H 211 -31.14 32.43 7.91
CA ASP H 211 -31.23 31.59 6.72
C ASP H 211 -31.63 32.46 5.53
N PRO H 212 -30.68 32.86 4.69
CA PRO H 212 -30.95 33.87 3.67
C PRO H 212 -32.01 33.46 2.66
N HIS H 213 -32.81 34.43 2.24
CA HIS H 213 -33.61 34.34 1.02
C HIS H 213 -32.99 35.10 -0.13
N ILE H 214 -32.37 36.26 0.13
CA ILE H 214 -32.09 37.23 -0.92
C ILE H 214 -30.68 37.79 -0.82
N ILE H 215 -29.96 37.47 0.25
CA ILE H 215 -28.66 38.09 0.47
C ILE H 215 -27.63 37.45 -0.47
N GLY H 216 -27.04 38.28 -1.33
CA GLY H 216 -26.19 37.82 -2.40
C GLY H 216 -26.92 37.51 -3.69
N ILE H 217 -28.26 37.39 -3.63
CA ILE H 217 -29.07 37.25 -4.82
C ILE H 217 -29.09 38.58 -5.57
N GLY H 218 -29.27 38.51 -6.88
CA GLY H 218 -29.77 39.62 -7.68
C GLY H 218 -31.16 39.27 -8.19
N ARG H 219 -32.04 40.26 -8.21
CA ARG H 219 -33.45 39.99 -8.45
C ARG H 219 -34.15 41.28 -8.92
N ILE H 220 -35.20 41.12 -9.73
CA ILE H 220 -36.03 42.25 -10.16
C ILE H 220 -37.22 42.39 -9.22
N VAL H 221 -37.49 43.63 -8.80
CA VAL H 221 -38.61 43.92 -7.91
C VAL H 221 -39.18 45.28 -8.30
N THR H 222 -40.29 45.66 -7.68
CA THR H 222 -40.97 46.91 -7.96
C THR H 222 -40.77 47.90 -6.82
N GLY H 223 -40.38 49.14 -7.16
CA GLY H 223 -40.15 50.18 -6.19
C GLY H 223 -40.99 51.41 -6.48
N LYS H 224 -41.00 52.34 -5.52
CA LYS H 224 -41.95 53.45 -5.50
C LYS H 224 -41.25 54.76 -5.17
N ARG H 225 -41.51 55.78 -5.97
CA ARG H 225 -41.00 57.13 -5.77
C ARG H 225 -41.84 57.88 -4.72
N ARG H 226 -41.25 58.94 -4.15
CA ARG H 226 -42.01 59.81 -3.24
C ARG H 226 -43.20 60.41 -3.95
N ASP H 227 -43.03 60.64 -5.24
CA ASP H 227 -44.03 60.93 -6.26
C ASP H 227 -45.26 60.03 -6.08
N GLY H 228 -45.02 58.76 -5.75
CA GLY H 228 -46.02 57.72 -5.74
C GLY H 228 -45.97 56.79 -6.94
N THR H 229 -45.33 57.19 -8.04
CA THR H 229 -45.19 56.31 -9.18
C THR H 229 -44.32 55.10 -8.83
N THR H 230 -44.66 53.97 -9.43
CA THR H 230 -43.89 52.75 -9.28
C THR H 230 -43.10 52.45 -10.55
N PHE H 231 -42.09 51.61 -10.41
CA PHE H 231 -41.18 51.33 -11.52
C PHE H 231 -40.48 50.00 -11.27
N PRO H 232 -40.02 49.32 -12.33
CA PRO H 232 -39.24 48.10 -12.13
C PRO H 232 -37.78 48.41 -11.83
N MET H 233 -37.22 47.65 -10.88
CA MET H 233 -35.83 47.83 -10.51
C MET H 233 -35.20 46.48 -10.20
N HIS H 234 -34.02 46.25 -10.77
CA HIS H 234 -33.12 45.23 -10.25
C HIS H 234 -32.53 45.69 -8.91
N LEU H 235 -32.41 44.78 -7.94
CA LEU H 235 -31.59 45.15 -6.80
C LEU H 235 -30.85 43.97 -6.21
N SER H 236 -29.71 44.29 -5.60
CA SER H 236 -28.77 43.35 -5.03
C SER H 236 -28.43 43.81 -3.61
N ILE H 237 -28.41 42.87 -2.67
CA ILE H 237 -28.20 43.15 -1.25
C ILE H 237 -26.93 42.46 -0.79
N GLY H 238 -26.05 43.21 -0.13
CA GLY H 238 -24.95 42.65 0.62
C GLY H 238 -25.19 42.78 2.11
N GLU H 239 -24.66 41.83 2.88
CA GLU H 239 -24.77 41.86 4.33
C GLU H 239 -23.39 42.05 4.96
N MET H 240 -23.37 42.72 6.11
CA MET H 240 -22.16 42.89 6.89
C MET H 240 -22.51 42.90 8.37
N GLN H 241 -21.47 42.81 9.20
CA GLN H 241 -21.60 42.80 10.66
C GLN H 241 -20.73 43.88 11.27
N SER H 242 -21.27 44.58 12.26
CA SER H 242 -20.48 45.53 13.02
C SER H 242 -21.14 45.73 14.37
N GLY H 243 -20.38 45.59 15.44
CA GLY H 243 -20.86 45.95 16.76
C GLY H 243 -22.07 45.17 17.23
N GLY H 244 -22.21 43.91 16.82
CA GLY H 244 -23.37 43.16 17.23
C GLY H 244 -24.64 43.47 16.46
N GLU H 245 -24.54 44.16 15.33
CA GLU H 245 -25.70 44.50 14.52
C GLU H 245 -25.41 44.28 13.05
N PRO H 246 -26.34 43.68 12.30
CA PRO H 246 -26.16 43.56 10.86
C PRO H 246 -26.45 44.88 10.14
N TYR H 247 -25.83 45.04 8.98
CA TYR H 247 -26.18 46.13 8.08
C TYR H 247 -26.24 45.58 6.66
N PHE H 248 -27.13 46.15 5.87
CA PHE H 248 -27.36 45.68 4.51
C PHE H 248 -27.13 46.81 3.53
N THR H 249 -26.45 46.51 2.44
CA THR H 249 -26.21 47.44 1.36
C THR H 249 -26.96 46.97 0.11
N GLY H 250 -27.86 47.81 -0.39
CA GLY H 250 -28.65 47.52 -1.57
C GLY H 250 -28.22 48.40 -2.73
N PHE H 251 -28.06 47.78 -3.89
CA PHE H 251 -27.77 48.48 -5.13
C PHE H 251 -28.98 48.34 -6.04
N VAL H 252 -29.52 49.47 -6.47
CA VAL H 252 -30.76 49.53 -7.22
C VAL H 252 -30.45 49.98 -8.64
N ARG H 253 -30.88 49.20 -9.62
CA ARG H 253 -30.82 49.63 -11.02
C ARG H 253 -32.24 49.88 -11.51
N ASP H 254 -32.51 51.11 -11.93
CA ASP H 254 -33.78 51.43 -12.55
C ASP H 254 -33.92 50.66 -13.86
N LEU H 255 -35.10 50.08 -14.08
CA LEU H 255 -35.34 49.28 -15.27
C LEU H 255 -36.42 49.86 -16.17
N THR H 256 -36.91 51.07 -15.91
CA THR H 256 -37.98 51.62 -16.75
C THR H 256 -37.52 51.79 -18.18
N GLU H 257 -36.26 52.14 -18.37
CA GLU H 257 -35.76 52.31 -19.73
C GLU H 257 -35.52 50.97 -20.40
N HIS H 258 -35.00 50.00 -19.66
CA HIS H 258 -34.75 48.68 -20.24
C HIS H 258 -36.04 48.02 -20.69
N GLN H 259 -37.13 48.20 -19.94
CA GLN H 259 -38.34 47.48 -20.27
C GLN H 259 -39.24 48.24 -21.23
N GLN H 260 -39.10 49.56 -21.34
CA GLN H 260 -39.77 50.22 -22.46
C GLN H 260 -39.04 49.96 -23.78
N THR H 261 -37.72 49.74 -23.74
CA THR H 261 -37.02 49.30 -24.94
C THR H 261 -37.34 47.82 -25.22
N GLN H 262 -37.47 47.02 -24.17
CA GLN H 262 -37.86 45.62 -24.32
C GLN H 262 -39.31 45.48 -24.76
N ALA H 263 -40.14 46.49 -24.52
CA ALA H 263 -41.51 46.46 -25.02
C ALA H 263 -41.58 46.87 -26.48
N ARG H 264 -40.79 47.87 -26.89
CA ARG H 264 -40.85 48.35 -28.27
C ARG H 264 -40.41 47.29 -29.27
N LEU H 265 -39.47 46.41 -28.90
CA LEU H 265 -39.01 45.45 -29.91
C LEU H 265 -39.93 44.24 -30.01
N GLN H 266 -40.41 43.70 -28.89
CA GLN H 266 -41.27 42.52 -28.99
C GLN H 266 -42.73 42.87 -29.29
N GLU H 267 -43.10 44.15 -29.26
CA GLU H 267 -44.36 44.57 -29.88
C GLU H 267 -44.23 44.76 -31.39
N LEU H 268 -43.01 44.84 -31.91
CA LEU H 268 -42.79 45.04 -33.34
C LEU H 268 -42.14 43.84 -34.01
N GLN H 269 -41.83 42.78 -33.26
CA GLN H 269 -41.36 41.53 -33.83
C GLN H 269 -42.34 40.39 -33.67
N SER H 270 -43.44 40.61 -32.95
CA SER H 270 -44.62 39.76 -33.04
C SER H 270 -45.76 40.43 -33.78
N GLU H 271 -45.61 41.69 -34.18
CA GLU H 271 -46.40 42.28 -35.25
C GLU H 271 -45.94 41.81 -36.63
N LEU H 272 -44.74 41.24 -36.71
CA LEU H 272 -44.22 40.68 -37.95
C LEU H 272 -44.38 39.16 -38.01
N VAL H 273 -45.16 38.58 -37.09
CA VAL H 273 -45.53 37.16 -37.07
C VAL H 273 -44.31 36.25 -37.04
N GLY I 23 2.02 -67.56 37.43
CA GLY I 23 1.23 -68.46 36.60
C GLY I 23 0.64 -67.83 35.34
N PHE I 24 1.39 -66.89 34.75
CA PHE I 24 0.95 -66.11 33.61
C PHE I 24 2.18 -65.55 32.92
N GLY I 25 2.06 -65.25 31.62
CA GLY I 25 3.05 -64.40 30.97
C GLY I 25 2.72 -62.92 30.84
N VAL I 26 1.45 -62.55 31.04
CA VAL I 26 0.97 -61.18 30.87
C VAL I 26 0.52 -60.66 32.22
N GLY I 27 0.92 -59.43 32.56
CA GLY I 27 0.45 -58.79 33.77
C GLY I 27 -0.90 -58.09 33.60
N THR I 28 -1.56 -57.83 34.73
CA THR I 28 -2.83 -57.12 34.73
C THR I 28 -2.89 -56.20 35.94
N TRP I 29 -3.84 -55.26 35.90
CA TRP I 29 -3.99 -54.28 36.97
C TRP I 29 -5.46 -53.84 37.05
N ASP I 30 -5.75 -52.98 38.04
CA ASP I 30 -7.11 -52.48 38.28
C ASP I 30 -7.02 -51.16 39.05
N LEU I 31 -7.44 -50.05 38.42
CA LEU I 31 -7.41 -48.72 39.03
C LEU I 31 -8.72 -48.02 38.75
N ASP I 32 -9.12 -47.14 39.67
CA ASP I 32 -10.32 -46.33 39.55
C ASP I 32 -9.97 -44.86 39.38
N LEU I 33 -10.73 -44.15 38.53
CA LEU I 33 -10.56 -42.69 38.43
C LEU I 33 -10.90 -42.01 39.74
N LYS I 34 -11.86 -42.55 40.49
CA LYS I 34 -12.21 -42.05 41.81
C LYS I 34 -11.43 -42.85 42.85
N THR I 35 -10.73 -42.14 43.74
CA THR I 35 -9.86 -42.55 44.85
C THR I 35 -8.48 -43.06 44.39
N TRP I 36 -8.24 -43.24 43.08
CA TRP I 36 -6.91 -43.42 42.49
C TRP I 36 -6.12 -44.58 43.12
N ALA I 37 -6.81 -45.64 43.53
CA ALA I 37 -6.17 -46.85 44.02
C ALA I 37 -5.76 -47.76 42.85
N LEU I 38 -4.67 -48.51 43.03
CA LEU I 38 -4.15 -49.38 41.98
C LEU I 38 -3.74 -50.73 42.56
N ASP I 39 -4.03 -51.80 41.83
CA ASP I 39 -3.70 -53.17 42.22
C ASP I 39 -3.23 -53.94 40.99
N TRP I 40 -1.99 -54.44 41.01
CA TRP I 40 -1.40 -55.08 39.83
C TRP I 40 -1.04 -56.54 40.10
N SER I 41 -1.06 -57.34 39.02
CA SER I 41 -0.76 -58.76 39.07
C SER I 41 0.71 -59.00 39.43
N ASP I 42 0.98 -60.19 39.99
CA ASP I 42 2.35 -60.58 40.28
C ASP I 42 3.18 -60.66 39.00
N THR I 43 2.58 -61.13 37.91
CA THR I 43 3.29 -61.14 36.63
C THR I 43 3.53 -59.73 36.11
N ALA I 44 2.68 -58.77 36.51
CA ALA I 44 2.91 -57.37 36.21
C ALA I 44 4.00 -56.75 37.06
N ARG I 45 4.17 -57.22 38.30
CA ARG I 45 5.20 -56.69 39.18
C ARG I 45 6.59 -56.95 38.63
N THR I 46 6.80 -58.14 38.05
CA THR I 46 8.11 -58.48 37.49
C THR I 46 8.44 -57.64 36.27
N LEU I 47 7.43 -57.23 35.50
CA LEU I 47 7.67 -56.45 34.28
C LEU I 47 8.21 -55.06 34.60
N LEU I 48 7.83 -54.48 35.73
CA LEU I 48 8.25 -53.11 36.05
C LEU I 48 9.60 -53.06 36.75
N GLY I 49 10.19 -54.19 37.09
CA GLY I 49 11.52 -54.22 37.67
C GLY I 49 11.60 -53.87 39.14
N ILE I 50 10.48 -53.82 39.84
CA ILE I 50 10.47 -53.53 41.27
C ILE I 50 9.20 -54.11 41.86
N GLY I 51 9.21 -54.35 43.18
CA GLY I 51 8.02 -54.78 43.89
C GLY I 51 8.11 -56.16 44.50
N GLN I 52 9.30 -56.55 44.97
CA GLN I 52 9.43 -57.82 45.67
C GLN I 52 8.62 -57.84 46.96
N ASP I 53 8.51 -56.70 47.62
CA ASP I 53 7.70 -56.57 48.82
C ASP I 53 6.91 -55.27 48.87
N GLN I 54 7.18 -54.32 47.99
CA GLN I 54 6.47 -53.05 48.01
C GLN I 54 5.04 -53.24 47.55
N PRO I 55 4.05 -52.68 48.26
CA PRO I 55 2.66 -52.80 47.84
C PRO I 55 2.38 -52.01 46.57
N ALA I 56 1.33 -52.43 45.87
CA ALA I 56 0.88 -51.72 44.68
C ALA I 56 0.47 -50.30 45.02
N SER I 57 1.14 -49.32 44.42
CA SER I 57 0.90 -47.92 44.68
C SER I 57 0.96 -47.15 43.36
N TYR I 58 0.00 -46.24 43.16
CA TYR I 58 -0.01 -45.44 41.95
C TYR I 58 1.19 -44.50 41.89
N ASP I 59 1.71 -44.07 43.03
CA ASP I 59 2.88 -43.20 43.04
C ASP I 59 4.12 -43.93 42.58
N LEU I 60 4.31 -45.19 43.01
CA LEU I 60 5.47 -45.97 42.60
C LEU I 60 5.44 -46.26 41.09
N PHE I 61 4.25 -46.38 40.51
CA PHE I 61 4.13 -46.67 39.09
C PHE I 61 4.64 -45.51 38.24
N LEU I 62 4.29 -44.27 38.60
CA LEU I 62 4.76 -43.12 37.84
C LEU I 62 6.22 -42.81 38.14
N SER I 63 6.78 -43.36 39.22
CA SER I 63 8.19 -43.21 39.51
C SER I 63 9.07 -44.14 38.69
N ARG I 64 8.51 -45.20 38.12
CA ARG I 64 9.28 -46.04 37.21
C ARG I 64 9.29 -45.51 35.79
N LEU I 65 8.45 -44.54 35.47
CA LEU I 65 8.36 -44.04 34.11
C LEU I 65 9.33 -42.88 33.91
N GLU I 66 9.65 -42.62 32.64
CA GLU I 66 10.38 -41.42 32.26
C GLU I 66 9.49 -40.19 32.41
N PRO I 67 10.08 -38.99 32.56
CA PRO I 67 9.25 -37.79 32.69
C PRO I 67 8.27 -37.54 31.56
N ASP I 68 8.69 -37.78 30.30
CA ASP I 68 7.74 -37.58 29.20
C ASP I 68 6.75 -38.74 29.11
N ASP I 69 7.16 -39.91 29.59
CA ASP I 69 6.26 -41.06 29.57
C ASP I 69 5.18 -40.94 30.64
N ARG I 70 5.51 -40.43 31.82
CA ARG I 70 4.51 -40.34 32.87
C ARG I 70 3.44 -39.29 32.55
N GLU I 71 3.82 -38.19 31.89
CA GLU I 71 2.79 -37.23 31.49
C GLU I 71 1.97 -37.77 30.32
N ARG I 72 2.55 -38.67 29.54
CA ARG I 72 1.82 -39.26 28.41
C ARG I 72 0.68 -40.14 28.90
N VAL I 73 0.94 -40.97 29.91
CA VAL I 73 -0.11 -41.85 30.42
C VAL I 73 -1.14 -41.07 31.23
N GLU I 74 -0.73 -39.95 31.86
CA GLU I 74 -1.68 -39.16 32.63
C GLU I 74 -2.72 -38.51 31.72
N SER I 75 -2.31 -38.08 30.52
CA SER I 75 -3.26 -37.49 29.58
C SER I 75 -4.27 -38.53 29.11
N ALA I 76 -3.86 -39.81 29.06
CA ALA I 76 -4.76 -40.87 28.63
C ALA I 76 -5.90 -41.09 29.62
N ILE I 77 -5.62 -41.00 30.93
CA ILE I 77 -6.69 -41.15 31.91
C ILE I 77 -7.68 -39.99 31.81
N LYS I 78 -7.19 -38.79 31.45
CA LYS I 78 -8.10 -37.68 31.18
C LYS I 78 -8.81 -37.88 29.86
N ARG I 79 -8.10 -38.45 28.87
CA ARG I 79 -8.70 -38.73 27.57
C ARG I 79 -9.81 -39.77 27.68
N VAL I 80 -9.68 -40.73 28.60
CA VAL I 80 -10.70 -41.75 28.77
C VAL I 80 -11.92 -41.18 29.48
N SER I 81 -11.70 -40.31 30.47
CA SER I 81 -12.81 -39.73 31.21
C SER I 81 -13.68 -38.84 30.32
N GLU I 82 -13.07 -38.14 29.37
CA GLU I 82 -13.74 -37.15 28.54
C GLU I 82 -13.91 -37.72 27.14
N ARG I 83 -14.92 -38.59 26.98
CA ARG I 83 -15.21 -39.30 25.75
C ARG I 83 -13.98 -40.08 25.26
N GLY I 84 -13.73 -41.18 25.96
CA GLY I 84 -12.61 -42.06 25.68
C GLY I 84 -13.10 -43.42 25.20
N GLY I 85 -12.50 -43.89 24.11
CA GLY I 85 -12.86 -45.17 23.54
C GLY I 85 -11.83 -46.25 23.81
N GLY I 86 -11.34 -46.32 25.04
CA GLY I 86 -10.23 -47.18 25.41
C GLY I 86 -8.90 -46.46 25.35
N PHE I 87 -7.93 -46.97 26.12
CA PHE I 87 -6.62 -46.36 26.12
C PHE I 87 -5.50 -47.39 26.03
N ASP I 88 -4.58 -47.14 25.12
CA ASP I 88 -3.36 -47.93 24.99
C ASP I 88 -2.18 -46.99 24.79
N VAL I 89 -1.18 -47.11 25.65
CA VAL I 89 0.05 -46.35 25.48
C VAL I 89 1.23 -47.22 25.92
N SER I 90 2.35 -47.01 25.26
CA SER I 90 3.57 -47.78 25.47
C SER I 90 4.68 -46.84 25.92
N PHE I 91 5.65 -47.38 26.67
CA PHE I 91 6.71 -46.57 27.23
C PHE I 91 7.85 -47.44 27.76
N ARG I 92 9.04 -46.84 27.80
CA ARG I 92 10.22 -47.34 28.49
C ARG I 92 10.13 -47.11 30.00
N VAL I 93 10.93 -47.89 30.75
CA VAL I 93 10.93 -47.78 32.21
C VAL I 93 12.30 -47.35 32.75
N ALA I 94 13.38 -47.69 32.06
CA ALA I 94 14.74 -47.62 32.60
C ALA I 94 14.81 -48.32 33.97
N GLY I 95 14.79 -49.64 33.91
CA GLY I 95 14.61 -50.48 35.08
C GLY I 95 15.92 -50.75 35.78
N THR I 96 15.93 -51.80 36.60
CA THR I 96 17.10 -52.10 37.41
C THR I 96 18.26 -52.60 36.57
N SER I 97 18.01 -53.59 35.70
CA SER I 97 19.04 -54.11 34.81
C SER I 97 19.11 -53.39 33.46
N ASN I 98 18.12 -52.57 33.14
CA ASN I 98 18.05 -51.80 31.89
C ASN I 98 18.17 -52.71 30.66
N ALA I 99 17.31 -53.74 30.61
CA ALA I 99 17.04 -54.45 29.38
C ALA I 99 16.05 -53.70 28.50
N GLY I 100 15.55 -52.56 28.96
CA GLY I 100 14.60 -51.76 28.22
C GLY I 100 13.22 -51.94 28.81
N GLN I 101 12.71 -53.17 28.72
CA GLN I 101 11.39 -53.55 29.22
C GLN I 101 10.33 -52.56 28.74
N TRP I 102 10.29 -52.37 27.42
CA TRP I 102 9.15 -51.72 26.79
C TRP I 102 7.91 -52.49 27.17
N ILE I 103 6.88 -51.77 27.61
CA ILE I 103 5.63 -52.41 27.96
C ILE I 103 4.51 -51.53 27.43
N ARG I 104 3.44 -52.18 27.03
CA ARG I 104 2.19 -51.53 26.67
C ARG I 104 1.20 -51.71 27.81
N ALA I 105 0.27 -50.77 27.93
CA ALA I 105 -0.95 -51.01 28.66
C ALA I 105 -2.10 -50.90 27.68
N ARG I 106 -3.04 -51.80 27.77
CA ARG I 106 -4.35 -51.68 27.13
C ARG I 106 -5.44 -51.87 28.17
N ALA I 107 -6.53 -51.14 28.00
CA ALA I 107 -7.59 -51.21 28.99
C ALA I 107 -8.90 -50.72 28.40
N GLY I 108 -9.99 -51.22 28.98
CA GLY I 108 -11.30 -50.62 28.80
C GLY I 108 -11.97 -50.37 30.13
N LEU I 109 -12.86 -49.39 30.13
CA LEU I 109 -13.56 -48.99 31.35
C LEU I 109 -14.70 -49.93 31.67
N ILE I 110 -14.85 -50.24 32.96
CA ILE I 110 -15.99 -51.02 33.46
C ILE I 110 -16.96 -50.06 34.13
N ARG I 111 -18.19 -50.05 33.65
CA ARG I 111 -19.21 -49.14 34.17
C ARG I 111 -20.13 -49.85 35.16
N ASP I 112 -20.80 -49.04 35.97
CA ASP I 112 -21.70 -49.51 37.01
C ASP I 112 -22.86 -48.54 37.13
N GLU I 113 -23.97 -49.02 37.71
CA GLU I 113 -25.23 -48.27 37.86
C GLU I 113 -25.65 -47.79 36.46
N ALA I 114 -25.87 -46.49 36.26
CA ALA I 114 -26.19 -45.94 34.94
C ALA I 114 -24.92 -45.49 34.22
N GLY I 115 -24.00 -46.45 34.05
CA GLY I 115 -22.78 -46.15 33.35
C GLY I 115 -21.77 -45.34 34.14
N THR I 116 -21.91 -45.30 35.47
CA THR I 116 -20.98 -44.55 36.30
C THR I 116 -19.56 -45.06 36.10
N ALA I 117 -18.61 -44.14 36.05
CA ALA I 117 -17.24 -44.49 35.76
C ALA I 117 -16.46 -44.91 37.00
N ARG I 118 -17.17 -45.22 38.11
CA ARG I 118 -16.64 -45.56 39.44
C ARG I 118 -15.26 -46.20 39.40
N HIS I 119 -15.12 -47.28 38.64
CA HIS I 119 -13.87 -48.03 38.55
C HIS I 119 -13.51 -48.28 37.09
N LEU I 120 -12.25 -48.71 36.90
CA LEU I 120 -11.69 -49.10 35.60
C LEU I 120 -10.73 -50.26 35.83
N SER I 121 -10.15 -50.79 34.74
CA SER I 121 -9.22 -51.92 34.85
C SER I 121 -8.37 -52.05 33.59
N GLY I 122 -7.09 -52.45 33.75
CA GLY I 122 -6.19 -52.54 32.63
C GLY I 122 -5.24 -53.72 32.68
N ILE I 123 -4.50 -53.88 31.56
CA ILE I 123 -3.72 -55.07 31.28
C ILE I 123 -2.30 -54.66 30.88
N PHE I 124 -1.32 -55.54 31.16
CA PHE I 124 0.07 -55.30 30.82
C PHE I 124 0.59 -56.34 29.84
N LEU I 125 1.13 -55.88 28.72
CA LEU I 125 1.84 -56.71 27.74
C LEU I 125 3.29 -56.29 27.69
N ASP I 126 4.20 -57.23 27.75
CA ASP I 126 5.59 -56.96 27.37
C ASP I 126 5.68 -57.01 25.86
N ILE I 127 6.08 -55.89 25.25
CA ILE I 127 6.28 -55.85 23.80
C ILE I 127 7.63 -55.23 23.47
N ASP I 128 8.72 -55.87 23.91
CA ASP I 128 10.05 -55.44 23.50
C ASP I 128 10.30 -55.77 22.03
N GLU I 129 10.10 -57.03 21.65
CA GLU I 129 10.35 -57.46 20.28
C GLU I 129 9.36 -56.85 19.29
N GLU I 130 8.13 -56.58 19.73
CA GLU I 130 7.13 -55.98 18.85
C GLU I 130 7.57 -54.60 18.38
N LYS I 131 8.34 -53.90 19.20
CA LYS I 131 8.94 -52.65 18.80
C LYS I 131 10.38 -52.80 18.32
N GLN I 132 11.05 -53.92 18.60
CA GLN I 132 12.31 -54.17 17.92
C GLN I 132 12.08 -54.40 16.44
N VAL I 133 10.97 -55.05 16.07
CA VAL I 133 10.69 -55.18 14.65
C VAL I 133 10.28 -53.84 14.05
N GLU I 134 9.60 -52.99 14.84
CA GLU I 134 9.21 -51.67 14.34
C GLU I 134 10.42 -50.83 14.00
N GLY I 135 11.48 -50.92 14.81
CA GLY I 135 12.69 -50.20 14.51
C GLY I 135 13.51 -50.84 13.41
N ALA I 136 13.43 -52.17 13.29
CA ALA I 136 14.13 -52.83 12.19
C ALA I 136 13.53 -52.41 10.85
N LEU I 137 12.22 -52.20 10.82
CA LEU I 137 11.59 -51.72 9.60
C LEU I 137 12.07 -50.33 9.27
N ARG I 138 12.11 -49.46 10.29
CA ARG I 138 12.48 -48.06 10.12
C ARG I 138 13.89 -47.92 9.55
N THR I 139 14.81 -48.74 10.04
CA THR I 139 16.17 -48.70 9.53
C THR I 139 16.21 -49.11 8.08
N ARG I 140 15.46 -50.15 7.73
CA ARG I 140 15.42 -50.60 6.34
C ARG I 140 14.78 -49.54 5.45
N GLU I 141 13.69 -48.91 5.91
CA GLU I 141 13.07 -47.86 5.12
C GLU I 141 14.03 -46.68 4.95
N THR I 142 14.77 -46.35 6.01
CA THR I 142 15.71 -45.25 5.92
C THR I 142 16.85 -45.59 4.98
N HIS I 143 17.37 -46.82 5.07
CA HIS I 143 18.44 -47.21 4.17
C HIS I 143 17.96 -47.27 2.73
N LEU I 144 16.72 -47.75 2.52
CA LEU I 144 16.19 -47.81 1.17
C LEU I 144 16.09 -46.41 0.56
N ARG I 145 15.63 -45.44 1.36
CA ARG I 145 15.55 -44.08 0.85
C ARG I 145 16.94 -43.54 0.56
N SER I 146 17.93 -43.97 1.35
CA SER I 146 19.29 -43.53 1.13
C SER I 146 19.84 -44.12 -0.15
N ILE I 147 19.59 -45.40 -0.40
CA ILE I 147 20.06 -46.04 -1.62
C ILE I 147 19.45 -45.34 -2.83
N LEU I 148 18.14 -45.08 -2.77
CA LEU I 148 17.45 -44.46 -3.88
C LEU I 148 18.00 -43.08 -4.19
N HIS I 149 18.42 -42.33 -3.16
CA HIS I 149 18.97 -41.02 -3.44
C HIS I 149 20.41 -41.10 -3.93
N THR I 150 21.16 -42.07 -3.44
CA THR I 150 22.60 -42.09 -3.62
C THR I 150 23.09 -42.82 -4.87
N ILE I 151 22.44 -43.91 -5.28
CA ILE I 151 23.06 -44.83 -6.24
C ILE I 151 23.32 -44.14 -7.58
N PRO I 152 24.55 -44.18 -8.10
CA PRO I 152 24.84 -43.52 -9.39
C PRO I 152 24.04 -44.04 -10.58
N ASP I 153 23.74 -45.32 -10.64
CA ASP I 153 22.96 -45.83 -11.76
C ASP I 153 21.48 -45.58 -11.51
N ALA I 154 20.74 -45.37 -12.60
CA ALA I 154 19.29 -45.29 -12.48
C ALA I 154 18.72 -46.63 -12.03
N MET I 155 18.04 -46.61 -10.88
CA MET I 155 17.41 -47.80 -10.32
C MET I 155 15.90 -47.67 -10.40
N ILE I 156 15.24 -48.70 -10.93
CA ILE I 156 13.80 -48.74 -11.09
C ILE I 156 13.30 -50.05 -10.51
N VAL I 157 12.13 -50.01 -9.88
CA VAL I 157 11.50 -51.19 -9.30
C VAL I 157 10.08 -51.28 -9.83
N ILE I 158 9.81 -52.33 -10.61
CA ILE I 158 8.48 -52.56 -11.17
C ILE I 158 7.85 -53.78 -10.50
N ASP I 159 6.52 -53.83 -10.55
CA ASP I 159 5.82 -54.98 -10.02
C ASP I 159 5.63 -56.01 -11.14
N GLY I 160 4.81 -57.03 -10.91
CA GLY I 160 4.69 -58.08 -11.88
C GLY I 160 3.97 -57.69 -13.15
N HIS I 161 3.31 -56.54 -13.16
CA HIS I 161 2.60 -56.03 -14.33
C HIS I 161 3.31 -54.85 -14.98
N GLY I 162 4.54 -54.56 -14.57
CA GLY I 162 5.27 -53.46 -15.15
C GLY I 162 5.00 -52.10 -14.54
N ILE I 163 4.26 -52.03 -13.45
CA ILE I 163 3.93 -50.76 -12.83
C ILE I 163 5.08 -50.34 -11.93
N ILE I 164 5.62 -49.15 -12.19
CA ILE I 164 6.77 -48.66 -11.44
C ILE I 164 6.37 -48.44 -9.98
N GLN I 165 7.18 -48.97 -9.06
CA GLN I 165 6.95 -48.88 -7.62
C GLN I 165 7.92 -47.93 -6.94
N LEU I 166 9.17 -47.98 -7.33
CA LEU I 166 10.18 -47.03 -6.88
C LEU I 166 10.94 -46.56 -8.10
N PHE I 167 11.52 -45.38 -7.97
CA PHE I 167 12.15 -44.67 -9.08
C PHE I 167 13.20 -43.81 -8.42
N SER I 168 14.48 -44.05 -8.74
CA SER I 168 15.54 -43.45 -7.96
C SER I 168 15.91 -42.08 -8.50
N THR I 169 16.73 -41.36 -7.73
CA THR I 169 17.12 -40.00 -8.10
C THR I 169 17.86 -39.97 -9.44
N ALA I 170 18.74 -40.94 -9.68
CA ALA I 170 19.44 -40.98 -10.96
C ALA I 170 18.48 -41.29 -12.09
N ALA I 171 17.41 -42.04 -11.80
CA ALA I 171 16.41 -42.34 -12.82
C ALA I 171 15.63 -41.09 -13.20
N GLU I 172 15.24 -40.29 -12.21
CA GLU I 172 14.50 -39.09 -12.56
C GLU I 172 15.35 -38.10 -13.34
N ARG I 173 16.63 -38.05 -13.05
CA ARG I 173 17.49 -37.14 -13.79
C ARG I 173 17.85 -37.66 -15.18
N LEU I 174 17.70 -38.96 -15.43
CA LEU I 174 18.05 -39.49 -16.75
C LEU I 174 16.84 -39.67 -17.66
N PHE I 175 15.73 -40.17 -17.15
CA PHE I 175 14.51 -40.34 -17.92
C PHE I 175 13.59 -39.11 -17.91
N GLY I 176 13.85 -38.12 -17.05
CA GLY I 176 13.11 -36.87 -17.09
C GLY I 176 11.77 -36.85 -16.37
N TRP I 177 11.40 -37.90 -15.65
CA TRP I 177 10.18 -37.95 -14.87
C TRP I 177 10.49 -37.80 -13.39
N SER I 178 9.67 -37.09 -12.64
CA SER I 178 9.82 -37.18 -11.20
C SER I 178 9.31 -38.53 -10.70
N GLU I 179 9.80 -38.94 -9.53
CA GLU I 179 9.32 -40.19 -8.94
C GLU I 179 7.82 -40.13 -8.66
N LEU I 180 7.28 -38.96 -8.31
CA LEU I 180 5.84 -38.83 -8.15
C LEU I 180 5.12 -39.01 -9.48
N GLU I 181 5.73 -38.60 -10.59
CA GLU I 181 5.10 -38.76 -11.90
C GLU I 181 5.16 -40.21 -12.37
N ALA I 182 6.29 -40.88 -12.13
CA ALA I 182 6.52 -42.21 -12.70
C ALA I 182 5.88 -43.33 -11.89
N ILE I 183 5.88 -43.21 -10.56
CA ILE I 183 5.31 -44.27 -9.74
C ILE I 183 3.83 -44.40 -10.06
N GLY I 184 3.38 -45.63 -10.30
CA GLY I 184 2.06 -45.93 -10.76
C GLY I 184 1.91 -45.98 -12.27
N GLN I 185 2.85 -45.40 -13.02
CA GLN I 185 2.90 -45.57 -14.46
C GLN I 185 3.43 -46.95 -14.80
N ASN I 186 3.12 -47.41 -16.00
CA ASN I 186 3.81 -48.55 -16.57
C ASN I 186 5.23 -48.18 -16.98
N VAL I 187 6.16 -49.14 -16.82
CA VAL I 187 7.57 -48.93 -17.14
C VAL I 187 7.78 -48.71 -18.64
N ASN I 188 6.80 -49.08 -19.47
CA ASN I 188 6.92 -48.90 -20.91
C ASN I 188 6.99 -47.42 -21.31
N ILE I 189 6.58 -46.50 -20.44
CA ILE I 189 6.68 -45.07 -20.74
C ILE I 189 8.13 -44.61 -20.88
N LEU I 190 9.08 -45.44 -20.46
CA LEU I 190 10.50 -45.14 -20.57
C LEU I 190 11.14 -45.63 -21.87
N MET I 191 10.39 -46.23 -22.78
CA MET I 191 11.02 -46.89 -23.90
C MET I 191 10.33 -46.54 -25.22
N PRO I 192 11.07 -46.56 -26.33
CA PRO I 192 10.47 -46.29 -27.64
C PRO I 192 9.77 -47.51 -28.20
N GLU I 193 9.15 -47.32 -29.36
CA GLU I 193 8.65 -48.44 -30.13
C GLU I 193 9.81 -49.17 -30.84
N PRO I 194 9.65 -50.47 -31.12
CA PRO I 194 8.51 -51.35 -30.82
C PRO I 194 8.44 -51.82 -29.37
N ASP I 195 9.53 -51.67 -28.61
CA ASP I 195 9.61 -52.27 -27.28
C ASP I 195 8.50 -51.77 -26.36
N ARG I 196 8.03 -50.54 -26.58
CA ARG I 196 7.00 -49.93 -25.74
C ARG I 196 5.73 -50.77 -25.69
N SER I 197 5.22 -51.18 -26.85
CA SER I 197 3.97 -51.92 -26.86
C SER I 197 4.15 -53.40 -26.62
N ARG I 198 5.37 -53.93 -26.77
CA ARG I 198 5.63 -55.34 -26.53
C ARG I 198 6.06 -55.65 -25.11
N HIS I 199 6.44 -54.66 -24.30
CA HIS I 199 7.09 -54.96 -23.03
C HIS I 199 6.17 -55.69 -22.06
N ASP I 200 4.86 -55.38 -22.08
CA ASP I 200 3.92 -56.08 -21.21
C ASP I 200 3.93 -57.56 -21.51
N SER I 201 3.91 -57.92 -22.79
CA SER I 201 3.96 -59.32 -23.17
C SER I 201 5.32 -59.95 -22.84
N TYR I 202 6.40 -59.17 -22.89
CA TYR I 202 7.69 -59.71 -22.45
C TYR I 202 7.63 -60.14 -20.99
N ILE I 203 6.93 -59.35 -20.16
CA ILE I 203 6.81 -59.69 -18.74
C ILE I 203 5.93 -60.91 -18.58
N SER I 204 4.72 -60.88 -19.16
CA SER I 204 3.79 -61.99 -18.99
C SER I 204 4.32 -63.27 -19.61
N ARG I 205 5.10 -63.18 -20.69
CA ARG I 205 5.69 -64.38 -21.26
C ARG I 205 6.70 -64.98 -20.30
N TYR I 206 7.53 -64.13 -19.68
CA TYR I 206 8.46 -64.62 -18.68
C TYR I 206 7.75 -65.09 -17.41
N ARG I 207 6.58 -64.52 -17.08
CA ARG I 207 5.82 -65.01 -15.94
C ARG I 207 5.40 -66.46 -16.16
N THR I 208 5.22 -66.87 -17.42
CA THR I 208 4.83 -68.23 -17.76
C THR I 208 6.03 -69.18 -17.71
N THR I 209 7.16 -68.79 -18.30
CA THR I 209 8.31 -69.69 -18.41
C THR I 209 9.13 -69.61 -17.12
N SER I 210 8.62 -70.28 -16.09
CA SER I 210 9.26 -70.26 -14.78
C SER I 210 10.64 -70.91 -14.85
N ASP I 211 11.65 -70.10 -15.16
CA ASP I 211 13.05 -70.47 -15.35
C ASP I 211 13.92 -69.50 -14.54
N PRO I 212 15.04 -69.98 -13.97
CA PRO I 212 15.76 -69.17 -12.97
C PRO I 212 16.62 -68.02 -13.47
N HIS I 213 17.31 -68.13 -14.60
CA HIS I 213 18.42 -67.21 -14.87
C HIS I 213 18.30 -66.42 -16.18
N ILE I 214 17.13 -66.37 -16.83
CA ILE I 214 17.01 -65.58 -18.05
C ILE I 214 17.15 -64.07 -17.74
N ILE I 215 16.66 -63.61 -16.58
CA ILE I 215 16.92 -62.22 -16.20
C ILE I 215 18.32 -62.15 -15.64
N GLY I 216 18.83 -60.94 -15.45
CA GLY I 216 20.12 -60.81 -14.86
C GLY I 216 21.24 -61.02 -15.84
N ILE I 217 20.90 -61.17 -17.11
CA ILE I 217 21.87 -61.17 -18.18
C ILE I 217 21.89 -59.77 -18.75
N GLY I 218 23.09 -59.20 -18.89
CA GLY I 218 23.21 -57.83 -19.30
C GLY I 218 22.80 -57.64 -20.73
N ARG I 219 21.75 -56.85 -20.97
CA ARG I 219 21.26 -56.58 -22.31
C ARG I 219 21.32 -55.08 -22.57
N ILE I 220 21.65 -54.73 -23.81
CA ILE I 220 21.62 -53.34 -24.28
C ILE I 220 20.28 -53.10 -24.97
N VAL I 221 19.56 -52.08 -24.51
CA VAL I 221 18.35 -51.62 -25.16
C VAL I 221 18.46 -50.12 -25.39
N THR I 222 17.50 -49.58 -26.15
CA THR I 222 17.35 -48.13 -26.28
C THR I 222 16.22 -47.66 -25.38
N GLY I 223 16.49 -46.58 -24.62
CA GLY I 223 15.51 -45.96 -23.76
C GLY I 223 15.07 -44.60 -24.27
N LYS I 224 13.96 -44.11 -23.71
CA LYS I 224 13.35 -42.86 -24.14
C LYS I 224 13.06 -41.97 -22.94
N ARG I 225 13.57 -40.75 -22.98
CA ARG I 225 13.25 -39.70 -22.01
C ARG I 225 11.83 -39.18 -22.25
N ARG I 226 11.25 -38.58 -21.20
CA ARG I 226 10.05 -37.75 -21.40
C ARG I 226 10.34 -36.62 -22.38
N ASP I 227 11.61 -36.19 -22.39
CA ASP I 227 12.16 -35.30 -23.42
C ASP I 227 11.80 -35.77 -24.82
N GLY I 228 11.63 -37.07 -25.01
CA GLY I 228 11.35 -37.66 -26.30
C GLY I 228 12.58 -38.14 -27.03
N THR I 229 13.75 -37.67 -26.62
CA THR I 229 15.00 -38.16 -27.16
C THR I 229 15.23 -39.60 -26.71
N THR I 230 15.93 -40.36 -27.55
CA THR I 230 16.33 -41.71 -27.23
C THR I 230 17.81 -41.75 -26.89
N PHE I 231 18.22 -42.83 -26.24
CA PHE I 231 19.61 -43.02 -25.86
C PHE I 231 19.86 -44.50 -25.64
N PRO I 232 21.10 -44.96 -25.85
CA PRO I 232 21.42 -46.37 -25.59
C PRO I 232 21.83 -46.64 -24.15
N MET I 233 21.33 -47.75 -23.61
CA MET I 233 21.52 -48.06 -22.20
C MET I 233 21.67 -49.57 -22.03
N HIS I 234 22.54 -49.95 -21.12
CA HIS I 234 22.59 -51.29 -20.56
C HIS I 234 21.76 -51.36 -19.29
N LEU I 235 21.17 -52.53 -19.04
CA LEU I 235 20.51 -52.69 -17.74
C LEU I 235 20.49 -54.14 -17.27
N SER I 236 20.43 -54.28 -15.94
CA SER I 236 20.48 -55.54 -15.23
C SER I 236 19.28 -55.65 -14.31
N ILE I 237 18.55 -56.75 -14.39
CA ILE I 237 17.33 -56.96 -13.61
C ILE I 237 17.57 -58.05 -12.59
N GLY I 238 17.11 -57.83 -11.36
CA GLY I 238 17.01 -58.87 -10.35
C GLY I 238 15.58 -59.03 -9.85
N GLU I 239 15.20 -60.28 -9.60
CA GLU I 239 13.83 -60.65 -9.24
C GLU I 239 13.72 -60.97 -7.75
N MET I 240 12.55 -60.70 -7.18
CA MET I 240 12.24 -61.09 -5.81
C MET I 240 10.76 -61.41 -5.74
N GLN I 241 10.35 -62.09 -4.66
CA GLN I 241 8.95 -62.38 -4.40
C GLN I 241 8.53 -61.78 -3.06
N SER I 242 7.28 -61.31 -2.99
CA SER I 242 6.71 -60.87 -1.73
C SER I 242 5.19 -60.96 -1.86
N GLY I 243 4.53 -61.58 -0.88
CA GLY I 243 3.10 -61.49 -0.79
C GLY I 243 2.32 -62.17 -1.91
N GLY I 244 2.97 -62.99 -2.72
CA GLY I 244 2.34 -63.61 -3.87
C GLY I 244 2.66 -63.01 -5.22
N GLU I 245 3.52 -62.01 -5.32
CA GLU I 245 3.83 -61.44 -6.61
C GLU I 245 5.31 -61.16 -6.75
N PRO I 246 5.87 -61.33 -7.94
CA PRO I 246 7.26 -60.88 -8.19
C PRO I 246 7.39 -59.37 -8.25
N TYR I 247 8.59 -58.89 -7.90
CA TYR I 247 9.01 -57.54 -8.26
C TYR I 247 10.41 -57.59 -8.84
N PHE I 248 10.71 -56.63 -9.70
CA PHE I 248 11.96 -56.60 -10.47
C PHE I 248 12.67 -55.27 -10.22
N THR I 249 13.95 -55.36 -9.87
CA THR I 249 14.79 -54.19 -9.60
C THR I 249 15.80 -54.05 -10.74
N GLY I 250 15.65 -52.99 -11.53
CA GLY I 250 16.56 -52.73 -12.64
C GLY I 250 17.64 -51.76 -12.26
N PHE I 251 18.79 -51.87 -12.92
CA PHE I 251 19.86 -50.90 -12.78
C PHE I 251 20.30 -50.47 -14.17
N VAL I 252 19.99 -49.23 -14.53
CA VAL I 252 20.27 -48.70 -15.86
C VAL I 252 21.61 -47.98 -15.82
N ARG I 253 22.43 -48.23 -16.83
CA ARG I 253 23.59 -47.38 -17.08
C ARG I 253 23.42 -46.72 -18.43
N ASP I 254 23.47 -45.39 -18.44
CA ASP I 254 23.65 -44.66 -19.68
C ASP I 254 25.03 -44.98 -20.25
N LEU I 255 25.06 -45.27 -21.54
CA LEU I 255 26.33 -45.49 -22.23
C LEU I 255 26.39 -44.69 -23.52
N THR I 256 25.82 -43.48 -23.48
CA THR I 256 26.08 -42.52 -24.55
C THR I 256 27.54 -42.12 -24.60
N GLU I 257 28.17 -41.94 -23.43
CA GLU I 257 29.55 -41.47 -23.41
C GLU I 257 30.51 -42.56 -23.88
N HIS I 258 30.37 -43.77 -23.34
CA HIS I 258 31.25 -44.88 -23.75
C HIS I 258 31.07 -45.19 -25.23
N GLN I 259 29.83 -45.07 -25.74
CA GLN I 259 29.58 -45.34 -27.15
C GLN I 259 30.31 -44.34 -28.04
N GLN I 260 30.18 -43.04 -27.72
CA GLN I 260 30.85 -42.02 -28.51
C GLN I 260 32.37 -42.13 -28.39
N THR I 261 32.86 -42.62 -27.24
CA THR I 261 34.30 -42.80 -27.07
C THR I 261 34.82 -43.91 -27.98
N GLN I 262 34.12 -45.06 -28.00
CA GLN I 262 34.51 -46.13 -28.92
C GLN I 262 34.32 -45.69 -30.37
N ALA I 263 33.37 -44.78 -30.62
CA ALA I 263 33.21 -44.23 -31.96
C ALA I 263 34.43 -43.41 -32.36
N ARG I 264 34.96 -42.59 -31.45
CA ARG I 264 36.19 -41.86 -31.76
C ARG I 264 37.38 -42.79 -31.89
N LEU I 265 37.35 -43.93 -31.21
CA LEU I 265 38.37 -44.96 -31.40
C LEU I 265 38.34 -45.50 -32.82
N GLN I 266 37.14 -45.87 -33.29
CA GLN I 266 37.00 -46.35 -34.66
C GLN I 266 37.34 -45.24 -35.65
N GLU I 267 37.09 -43.98 -35.27
CA GLU I 267 37.49 -42.86 -36.10
C GLU I 267 38.99 -42.87 -36.32
N LEU I 268 39.77 -42.91 -35.21
CA LEU I 268 41.22 -43.00 -35.29
C LEU I 268 41.66 -44.14 -36.18
N GLN I 269 40.97 -45.27 -36.05
CA GLN I 269 41.30 -46.45 -36.83
C GLN I 269 41.20 -46.15 -38.31
N SER I 270 39.99 -45.78 -38.78
CA SER I 270 39.76 -45.57 -40.19
C SER I 270 40.64 -44.45 -40.76
N GLU I 271 40.89 -43.41 -39.96
CA GLU I 271 41.74 -42.31 -40.43
C GLU I 271 43.15 -42.76 -40.70
N LEU I 272 43.82 -43.33 -39.68
CA LEU I 272 45.19 -43.77 -39.82
C LEU I 272 45.33 -44.84 -40.90
N VAL I 273 44.31 -45.67 -41.07
CA VAL I 273 44.24 -46.66 -42.15
C VAL I 273 44.44 -46.00 -43.52
N GLY J 23 -17.64 -49.94 28.77
CA GLY J 23 -16.76 -50.25 27.68
C GLY J 23 -15.94 -51.51 27.88
N PHE J 24 -14.91 -51.67 27.05
CA PHE J 24 -14.12 -52.90 27.09
C PHE J 24 -12.73 -52.64 26.52
N GLY J 25 -11.76 -53.45 26.98
CA GLY J 25 -10.39 -53.42 26.52
C GLY J 25 -10.08 -54.15 25.23
N VAL J 26 -10.08 -55.49 25.23
CA VAL J 26 -9.61 -56.20 24.04
C VAL J 26 -10.38 -57.51 23.75
N GLY J 27 -10.48 -58.42 24.73
CA GLY J 27 -11.26 -59.64 24.58
C GLY J 27 -10.97 -60.63 25.71
N THR J 28 -11.98 -61.06 26.47
CA THR J 28 -11.75 -62.05 27.52
C THR J 28 -12.30 -63.41 27.13
N TRP J 29 -11.74 -64.44 27.78
CA TRP J 29 -12.24 -65.80 27.61
C TRP J 29 -11.87 -66.62 28.84
N ASP J 30 -12.57 -67.74 28.99
CA ASP J 30 -12.35 -68.63 30.12
C ASP J 30 -12.77 -70.03 29.70
N LEU J 31 -11.81 -70.91 29.46
CA LEU J 31 -12.07 -72.33 29.28
C LEU J 31 -11.49 -73.11 30.44
N ASP J 32 -12.21 -74.16 30.85
CA ASP J 32 -11.73 -75.11 31.84
C ASP J 32 -11.21 -76.38 31.15
N LEU J 33 -10.06 -76.87 31.61
CA LEU J 33 -9.50 -78.09 31.04
C LEU J 33 -10.43 -79.27 31.24
N LYS J 34 -11.14 -79.31 32.36
CA LYS J 34 -12.17 -80.31 32.58
C LYS J 34 -13.51 -79.74 32.11
N THR J 35 -14.28 -80.58 31.41
CA THR J 35 -15.59 -80.37 30.75
C THR J 35 -15.51 -79.52 29.48
N TRP J 36 -14.34 -78.96 29.18
CA TRP J 36 -14.04 -78.31 27.88
C TRP J 36 -15.06 -77.23 27.50
N ALA J 37 -15.60 -76.53 28.48
CA ALA J 37 -16.53 -75.42 28.21
C ALA J 37 -15.77 -74.12 27.95
N LEU J 38 -16.36 -73.25 27.13
CA LEU J 38 -15.72 -72.00 26.76
C LEU J 38 -16.73 -70.86 26.77
N ASP J 39 -16.29 -69.70 27.26
CA ASP J 39 -17.09 -68.47 27.27
C ASP J 39 -16.18 -67.30 26.91
N TRP J 40 -16.51 -66.59 25.84
CA TRP J 40 -15.73 -65.43 25.40
C TRP J 40 -16.53 -64.14 25.58
N SER J 41 -15.80 -63.04 25.63
CA SER J 41 -16.37 -61.71 25.72
C SER J 41 -17.01 -61.27 24.40
N ASP J 42 -17.88 -60.26 24.51
CA ASP J 42 -18.51 -59.70 23.31
C ASP J 42 -17.49 -59.08 22.36
N THR J 43 -16.43 -58.47 22.90
CA THR J 43 -15.39 -57.94 22.02
C THR J 43 -14.58 -59.05 21.35
N ALA J 44 -14.54 -60.24 21.96
CA ALA J 44 -13.91 -61.38 21.30
C ALA J 44 -14.76 -61.95 20.17
N ARG J 45 -16.10 -61.86 20.27
CA ARG J 45 -16.96 -62.40 19.23
C ARG J 45 -16.75 -61.69 17.90
N THR J 46 -16.63 -60.36 17.94
CA THR J 46 -16.40 -59.61 16.71
C THR J 46 -15.02 -59.92 16.12
N LEU J 47 -14.04 -60.22 16.98
CA LEU J 47 -12.72 -60.60 16.52
C LEU J 47 -12.74 -61.92 15.76
N LEU J 48 -13.67 -62.82 16.08
CA LEU J 48 -13.73 -64.10 15.40
C LEU J 48 -14.59 -64.07 14.14
N GLY J 49 -15.32 -62.99 13.89
CA GLY J 49 -16.08 -62.86 12.66
C GLY J 49 -17.37 -63.63 12.60
N ILE J 50 -17.82 -64.19 13.74
CA ILE J 50 -19.07 -64.94 13.80
C ILE J 50 -19.57 -64.86 15.24
N GLY J 51 -20.85 -65.12 15.43
CA GLY J 51 -21.43 -65.15 16.76
C GLY J 51 -22.42 -64.04 17.02
N GLN J 52 -23.21 -63.70 16.01
CA GLN J 52 -24.25 -62.70 16.20
C GLN J 52 -25.31 -63.15 17.20
N ASP J 53 -25.60 -64.46 17.23
CA ASP J 53 -26.49 -65.06 18.21
C ASP J 53 -26.00 -66.43 18.67
N GLN J 54 -25.01 -67.02 18.00
CA GLN J 54 -24.52 -68.33 18.36
C GLN J 54 -23.79 -68.29 19.69
N PRO J 55 -24.04 -69.24 20.59
CA PRO J 55 -23.35 -69.27 21.87
C PRO J 55 -21.89 -69.67 21.75
N ALA J 56 -21.11 -69.27 22.77
CA ALA J 56 -19.72 -69.67 22.86
C ALA J 56 -19.57 -71.18 23.04
N SER J 57 -18.59 -71.76 22.35
CA SER J 57 -18.28 -73.18 22.42
C SER J 57 -16.85 -73.39 21.97
N TYR J 58 -16.15 -74.34 22.61
CA TYR J 58 -14.79 -74.67 22.18
C TYR J 58 -14.77 -75.29 20.78
N ASP J 59 -15.83 -76.00 20.40
CA ASP J 59 -15.90 -76.56 19.06
C ASP J 59 -16.07 -75.46 18.01
N LEU J 60 -16.88 -74.45 18.31
CA LEU J 60 -17.04 -73.32 17.39
C LEU J 60 -15.74 -72.52 17.27
N PHE J 61 -14.93 -72.53 18.32
CA PHE J 61 -13.65 -71.83 18.28
C PHE J 61 -12.69 -72.49 17.30
N LEU J 62 -12.57 -73.83 17.35
CA LEU J 62 -11.65 -74.53 16.46
C LEU J 62 -12.17 -74.58 15.02
N SER J 63 -13.46 -74.29 14.80
CA SER J 63 -14.00 -74.25 13.44
C SER J 63 -13.67 -72.97 12.69
N ARG J 64 -13.28 -71.91 13.38
CA ARG J 64 -12.88 -70.69 12.69
C ARG J 64 -11.42 -70.77 12.24
N LEU J 65 -10.58 -71.44 13.00
CA LEU J 65 -9.16 -71.55 12.69
C LEU J 65 -8.97 -72.39 11.42
N GLU J 66 -7.98 -72.00 10.64
CA GLU J 66 -7.57 -72.87 9.54
C GLU J 66 -6.96 -74.15 10.12
N PRO J 67 -7.21 -75.32 9.49
CA PRO J 67 -6.75 -76.59 10.10
C PRO J 67 -5.26 -76.83 9.99
N ASP J 68 -4.48 -75.76 10.17
CA ASP J 68 -3.06 -75.79 10.46
C ASP J 68 -2.75 -75.12 11.79
N ASP J 69 -3.52 -74.08 12.13
CA ASP J 69 -3.38 -73.38 13.41
C ASP J 69 -4.18 -74.03 14.52
N ARG J 70 -5.28 -74.71 14.20
CA ARG J 70 -6.05 -75.38 15.25
C ARG J 70 -5.27 -76.53 15.86
N GLU J 71 -4.37 -77.15 15.08
CA GLU J 71 -3.47 -78.15 15.66
C GLU J 71 -2.46 -77.50 16.60
N ARG J 72 -2.01 -76.29 16.26
CA ARG J 72 -1.08 -75.58 17.14
C ARG J 72 -1.74 -75.21 18.45
N VAL J 73 -3.05 -74.92 18.42
CA VAL J 73 -3.79 -74.52 19.62
C VAL J 73 -3.95 -75.68 20.59
N GLU J 74 -4.27 -76.88 20.07
CA GLU J 74 -4.45 -78.03 20.93
C GLU J 74 -3.13 -78.44 21.58
N SER J 75 -2.02 -78.32 20.85
CA SER J 75 -0.71 -78.61 21.44
C SER J 75 -0.38 -77.62 22.54
N ALA J 76 -0.87 -76.39 22.43
CA ALA J 76 -0.57 -75.36 23.41
C ALA J 76 -1.32 -75.59 24.72
N ILE J 77 -2.60 -75.96 24.65
CA ILE J 77 -3.34 -76.23 25.89
C ILE J 77 -2.79 -77.48 26.55
N LYS J 78 -2.22 -78.41 25.77
CA LYS J 78 -1.55 -79.57 26.35
C LYS J 78 -0.28 -79.17 27.09
N ARG J 79 0.46 -78.19 26.55
CA ARG J 79 1.70 -77.76 27.21
C ARG J 79 1.43 -77.06 28.54
N VAL J 80 0.27 -76.41 28.69
CA VAL J 80 -0.05 -75.73 29.93
C VAL J 80 -0.88 -76.61 30.88
N SER J 81 -1.49 -77.69 30.37
CA SER J 81 -2.15 -78.64 31.26
C SER J 81 -1.13 -79.36 32.14
N GLU J 82 0.03 -79.70 31.59
CA GLU J 82 1.11 -80.36 32.31
C GLU J 82 2.31 -79.43 32.30
N ARG J 83 2.60 -78.83 33.46
CA ARG J 83 3.53 -77.68 33.61
C ARG J 83 2.99 -76.50 32.80
N GLY J 84 3.85 -75.73 32.15
CA GLY J 84 3.42 -74.65 31.29
C GLY J 84 3.48 -73.28 31.93
N GLY J 85 4.45 -72.46 31.54
CA GLY J 85 4.54 -71.11 32.05
C GLY J 85 3.68 -70.14 31.27
N GLY J 86 2.36 -70.26 31.38
CA GLY J 86 1.46 -69.52 30.52
C GLY J 86 1.34 -70.17 29.15
N PHE J 87 0.66 -69.47 28.25
CA PHE J 87 0.43 -69.99 26.91
C PHE J 87 0.17 -68.85 25.93
N ASP J 88 1.01 -68.72 24.91
CA ASP J 88 0.76 -67.82 23.80
C ASP J 88 0.87 -68.58 22.48
N VAL J 89 -0.15 -68.47 21.65
CA VAL J 89 -0.09 -68.86 20.24
C VAL J 89 -0.99 -67.91 19.46
N SER J 90 -0.55 -67.56 18.25
CA SER J 90 -1.26 -66.60 17.42
C SER J 90 -1.67 -67.27 16.12
N PHE J 91 -2.72 -66.74 15.50
CA PHE J 91 -3.26 -67.32 14.29
C PHE J 91 -4.20 -66.33 13.63
N ARG J 92 -4.33 -66.47 12.32
CA ARG J 92 -5.50 -65.96 11.63
C ARG J 92 -6.73 -66.79 11.98
N VAL J 93 -7.89 -66.15 11.92
CA VAL J 93 -9.15 -66.84 11.71
C VAL J 93 -9.64 -66.32 10.36
N ALA J 94 -10.75 -66.85 9.83
CA ALA J 94 -11.27 -66.36 8.57
C ALA J 94 -11.77 -64.91 8.72
N GLY J 95 -12.15 -64.31 7.60
CA GLY J 95 -12.77 -63.00 7.69
C GLY J 95 -13.42 -62.59 6.40
N THR J 96 -14.39 -61.66 6.49
CA THR J 96 -15.06 -61.16 5.31
C THR J 96 -14.05 -60.49 4.37
N SER J 97 -14.26 -60.67 3.06
CA SER J 97 -13.37 -60.21 2.00
C SER J 97 -11.97 -60.82 2.09
N ASN J 98 -11.88 -62.05 2.62
CA ASN J 98 -10.63 -62.77 2.87
C ASN J 98 -9.69 -61.98 3.79
N ALA J 99 -10.20 -60.92 4.43
CA ALA J 99 -9.35 -60.05 5.25
C ALA J 99 -8.84 -60.80 6.44
N GLY J 100 -9.58 -61.82 6.87
CA GLY J 100 -9.26 -62.58 8.01
C GLY J 100 -9.24 -61.65 9.20
N GLN J 101 -8.55 -62.12 10.23
CA GLN J 101 -8.16 -61.31 11.36
C GLN J 101 -7.09 -62.14 12.03
N TRP J 102 -5.87 -61.61 12.12
CA TRP J 102 -4.84 -62.24 12.92
C TRP J 102 -5.09 -61.88 14.37
N ILE J 103 -5.07 -62.88 15.25
CA ILE J 103 -5.26 -62.62 16.67
C ILE J 103 -4.16 -63.35 17.45
N ARG J 104 -3.68 -62.71 18.50
CA ARG J 104 -2.75 -63.32 19.44
C ARG J 104 -3.49 -63.61 20.74
N ALA J 105 -3.70 -64.88 21.04
CA ALA J 105 -4.28 -65.28 22.31
C ALA J 105 -3.17 -65.57 23.31
N ARG J 106 -3.22 -64.91 24.46
CA ARG J 106 -2.31 -65.18 25.57
C ARG J 106 -3.14 -65.59 26.78
N ALA J 107 -2.49 -66.30 27.71
CA ALA J 107 -3.23 -66.84 28.84
C ALA J 107 -2.30 -67.20 29.98
N GLY J 108 -2.91 -67.36 31.15
CA GLY J 108 -2.19 -67.86 32.31
C GLY J 108 -3.02 -68.88 33.05
N LEU J 109 -2.32 -69.82 33.67
CA LEU J 109 -2.96 -70.89 34.42
C LEU J 109 -3.32 -70.43 35.83
N ILE J 110 -4.47 -70.88 36.33
CA ILE J 110 -4.89 -70.60 37.69
C ILE J 110 -5.54 -71.89 38.24
N ARG J 111 -4.81 -72.58 39.09
CA ARG J 111 -5.26 -73.85 39.67
C ARG J 111 -6.25 -73.62 40.81
N ASP J 112 -7.13 -74.59 41.02
CA ASP J 112 -8.15 -74.46 42.08
C ASP J 112 -7.52 -74.58 43.47
N GLU J 113 -6.70 -75.61 43.67
CA GLU J 113 -6.00 -75.87 44.92
C GLU J 113 -4.68 -76.55 44.55
N ALA J 114 -4.06 -77.21 45.53
CA ALA J 114 -2.82 -77.94 45.26
C ALA J 114 -3.03 -79.13 44.35
N GLY J 115 -4.27 -79.61 44.21
CA GLY J 115 -4.57 -80.79 43.44
C GLY J 115 -4.33 -80.73 41.93
N THR J 116 -5.06 -79.88 41.21
CA THR J 116 -5.02 -79.89 39.74
C THR J 116 -5.23 -78.48 39.21
N ALA J 117 -5.03 -78.34 37.89
CA ALA J 117 -5.38 -77.13 37.14
C ALA J 117 -6.73 -77.37 36.45
N ARG J 118 -7.76 -76.62 36.88
CA ARG J 118 -9.09 -76.83 36.34
C ARG J 118 -9.46 -75.87 35.21
N HIS J 119 -9.36 -74.57 35.45
CA HIS J 119 -9.68 -73.57 34.44
C HIS J 119 -8.56 -72.56 34.36
N LEU J 120 -8.10 -72.26 33.15
CA LEU J 120 -7.14 -71.19 32.92
C LEU J 120 -7.81 -70.08 32.13
N SER J 121 -7.63 -68.85 32.61
CA SER J 121 -8.08 -67.65 31.91
C SER J 121 -7.06 -67.23 30.87
N GLY J 122 -7.51 -66.35 29.97
CA GLY J 122 -6.56 -65.64 29.15
C GLY J 122 -7.19 -64.51 28.38
N ILE J 123 -6.40 -63.95 27.47
CA ILE J 123 -6.74 -62.76 26.69
C ILE J 123 -6.78 -63.11 25.21
N PHE J 124 -7.71 -62.47 24.49
CA PHE J 124 -7.61 -62.31 23.04
C PHE J 124 -7.03 -60.93 22.73
N LEU J 125 -6.00 -60.89 21.88
CA LEU J 125 -5.35 -59.65 21.49
C LEU J 125 -5.29 -59.58 19.97
N ASP J 126 -5.87 -58.53 19.40
CA ASP J 126 -5.87 -58.34 17.95
C ASP J 126 -4.51 -57.81 17.50
N ILE J 127 -3.83 -58.58 16.64
CA ILE J 127 -2.47 -58.24 16.22
C ILE J 127 -2.40 -58.04 14.71
N ASP J 128 -3.49 -57.53 14.12
CA ASP J 128 -3.50 -57.36 12.67
C ASP J 128 -2.45 -56.35 12.22
N GLU J 129 -2.27 -55.26 12.96
CA GLU J 129 -1.29 -54.27 12.54
C GLU J 129 0.13 -54.65 12.96
N GLU J 130 0.29 -55.34 14.10
CA GLU J 130 1.61 -55.79 14.50
C GLU J 130 2.22 -56.69 13.44
N LYS J 131 1.40 -57.55 12.85
CA LYS J 131 1.84 -58.44 11.78
C LYS J 131 1.88 -57.74 10.43
N GLN J 132 1.26 -56.57 10.28
CA GLN J 132 1.49 -55.79 9.06
C GLN J 132 2.91 -55.23 9.05
N VAL J 133 3.40 -54.73 10.19
CA VAL J 133 4.77 -54.22 10.19
C VAL J 133 5.76 -55.38 10.08
N GLU J 134 5.37 -56.57 10.50
CA GLU J 134 6.25 -57.73 10.37
C GLU J 134 6.45 -58.11 8.91
N GLY J 135 5.37 -58.07 8.13
CA GLY J 135 5.49 -58.42 6.71
C GLY J 135 6.14 -57.32 5.90
N ALA J 136 5.96 -56.06 6.31
CA ALA J 136 6.68 -54.98 5.67
C ALA J 136 8.18 -55.11 5.88
N LEU J 137 8.59 -55.62 7.05
CA LEU J 137 10.01 -55.84 7.29
C LEU J 137 10.56 -56.94 6.39
N ARG J 138 9.82 -58.05 6.25
CA ARG J 138 10.24 -59.15 5.38
C ARG J 138 10.46 -58.69 3.95
N THR J 139 9.53 -57.88 3.43
CA THR J 139 9.67 -57.36 2.07
C THR J 139 10.94 -56.54 1.94
N ARG J 140 11.23 -55.69 2.93
CA ARG J 140 12.42 -54.86 2.88
C ARG J 140 13.68 -55.72 2.96
N GLU J 141 13.68 -56.72 3.85
CA GLU J 141 14.83 -57.60 3.96
C GLU J 141 15.05 -58.36 2.66
N THR J 142 13.96 -58.86 2.07
CA THR J 142 14.07 -59.58 0.80
C THR J 142 14.59 -58.66 -0.29
N HIS J 143 14.11 -57.43 -0.33
CA HIS J 143 14.55 -56.53 -1.39
C HIS J 143 16.02 -56.14 -1.22
N LEU J 144 16.46 -55.93 0.02
CA LEU J 144 17.85 -55.56 0.23
C LEU J 144 18.77 -56.69 -0.23
N ARG J 145 18.39 -57.93 0.04
CA ARG J 145 19.17 -59.06 -0.42
C ARG J 145 19.18 -59.13 -1.94
N SER J 146 18.06 -58.77 -2.56
CA SER J 146 18.03 -58.76 -4.01
C SER J 146 18.95 -57.68 -4.56
N ILE J 147 18.89 -56.49 -3.94
CA ILE J 147 19.75 -55.39 -4.36
C ILE J 147 21.20 -55.77 -4.19
N LEU J 148 21.52 -56.46 -3.09
CA LEU J 148 22.90 -56.85 -2.84
C LEU J 148 23.38 -57.85 -3.87
N HIS J 149 22.53 -58.82 -4.24
CA HIS J 149 22.91 -59.81 -5.25
CA HIS J 149 22.97 -59.79 -5.24
C HIS J 149 23.07 -59.19 -6.63
N THR J 150 22.24 -58.20 -6.97
CA THR J 150 22.03 -57.80 -8.35
C THR J 150 22.82 -56.57 -8.80
N ILE J 151 23.14 -55.66 -7.89
CA ILE J 151 23.62 -54.33 -8.30
C ILE J 151 24.96 -54.44 -9.02
N PRO J 152 25.07 -53.90 -10.23
CA PRO J 152 26.34 -54.01 -11.00
C PRO J 152 27.56 -53.44 -10.32
N ASP J 153 27.44 -52.37 -9.56
CA ASP J 153 28.58 -51.76 -8.92
C ASP J 153 28.72 -52.29 -7.50
N ALA J 154 29.97 -52.39 -7.04
CA ALA J 154 30.23 -52.83 -5.68
C ALA J 154 29.57 -51.88 -4.69
N MET J 155 28.76 -52.44 -3.78
CA MET J 155 28.04 -51.68 -2.77
C MET J 155 28.47 -52.16 -1.41
N ILE J 156 28.98 -51.24 -0.59
CA ILE J 156 29.54 -51.52 0.72
C ILE J 156 28.82 -50.65 1.74
N VAL J 157 28.56 -51.17 2.93
CA VAL J 157 27.90 -50.40 3.98
C VAL J 157 28.73 -50.51 5.25
N ILE J 158 29.21 -49.37 5.75
CA ILE J 158 29.98 -49.32 6.97
C ILE J 158 29.22 -48.55 8.04
N ASP J 159 29.59 -48.80 9.28
CA ASP J 159 29.08 -48.05 10.41
C ASP J 159 29.96 -46.83 10.67
N GLY J 160 29.74 -46.15 11.80
CA GLY J 160 30.46 -44.91 12.04
C GLY J 160 31.93 -45.12 12.36
N HIS J 161 32.33 -46.34 12.72
CA HIS J 161 33.71 -46.66 12.98
C HIS J 161 34.38 -47.34 11.79
N GLY J 162 33.64 -47.51 10.69
CA GLY J 162 34.21 -48.07 9.48
C GLY J 162 34.18 -49.57 9.38
N ILE J 163 33.56 -50.29 10.33
CA ILE J 163 33.46 -51.74 10.18
C ILE J 163 32.36 -52.05 9.18
N ILE J 164 32.65 -53.00 8.28
CA ILE J 164 31.72 -53.34 7.21
C ILE J 164 30.48 -54.04 7.77
N GLN J 165 29.30 -53.62 7.32
CA GLN J 165 28.01 -54.18 7.72
C GLN J 165 27.35 -55.02 6.64
N LEU J 166 27.50 -54.58 5.40
CA LEU J 166 26.97 -55.25 4.22
C LEU J 166 28.00 -55.12 3.12
N PHE J 167 28.08 -56.15 2.29
CA PHE J 167 29.11 -56.29 1.29
C PHE J 167 28.44 -57.05 0.15
N SER J 168 28.37 -56.44 -1.03
CA SER J 168 27.50 -56.97 -2.08
C SER J 168 28.25 -58.00 -2.93
N THR J 169 27.48 -58.70 -3.77
CA THR J 169 28.05 -59.72 -4.63
C THR J 169 29.11 -59.13 -5.56
N ALA J 170 28.85 -57.94 -6.10
CA ALA J 170 29.84 -57.30 -6.96
C ALA J 170 31.06 -56.88 -6.15
N ALA J 171 30.87 -56.57 -4.87
CA ALA J 171 32.01 -56.24 -4.01
C ALA J 171 32.87 -57.48 -3.75
N GLU J 172 32.24 -58.63 -3.59
CA GLU J 172 33.00 -59.86 -3.41
C GLU J 172 33.87 -60.15 -4.62
N ARG J 173 33.29 -59.99 -5.82
CA ARG J 173 34.04 -60.29 -7.03
C ARG J 173 35.12 -59.25 -7.28
N LEU J 174 34.92 -58.00 -6.83
CA LEU J 174 35.91 -56.99 -7.12
C LEU J 174 37.10 -57.07 -6.17
N PHE J 175 36.83 -57.17 -4.87
CA PHE J 175 37.87 -57.06 -3.87
C PHE J 175 38.42 -58.42 -3.42
N GLY J 176 37.82 -59.52 -3.86
CA GLY J 176 38.34 -60.83 -3.52
C GLY J 176 37.99 -61.35 -2.14
N TRP J 177 37.11 -60.67 -1.42
CA TRP J 177 36.66 -61.10 -0.10
C TRP J 177 35.25 -61.66 -0.20
N SER J 178 34.99 -62.76 0.46
CA SER J 178 33.61 -63.17 0.62
C SER J 178 32.87 -62.19 1.53
N GLU J 179 31.55 -62.14 1.34
CA GLU J 179 30.65 -61.48 2.26
C GLU J 179 30.95 -61.80 3.72
N LEU J 180 31.04 -63.09 4.05
CA LEU J 180 31.25 -63.49 5.44
C LEU J 180 32.63 -63.09 5.94
N GLU J 181 33.62 -62.98 5.04
CA GLU J 181 34.94 -62.54 5.46
C GLU J 181 34.99 -61.04 5.70
N ALA J 182 34.38 -60.25 4.81
CA ALA J 182 34.48 -58.80 4.89
C ALA J 182 33.69 -58.21 6.07
N ILE J 183 32.46 -58.70 6.29
CA ILE J 183 31.60 -58.09 7.32
C ILE J 183 32.24 -58.25 8.69
N GLY J 184 32.26 -57.16 9.45
CA GLY J 184 32.88 -57.11 10.75
C GLY J 184 34.31 -56.60 10.75
N GLN J 185 34.99 -56.66 9.59
CA GLN J 185 36.28 -56.02 9.40
C GLN J 185 36.09 -54.53 9.16
N ASN J 186 37.12 -53.75 9.48
CA ASN J 186 37.21 -52.37 9.04
C ASN J 186 37.37 -52.30 7.52
N VAL J 187 36.78 -51.26 6.94
CA VAL J 187 36.78 -51.05 5.48
C VAL J 187 38.19 -50.80 4.94
N ASN J 188 39.14 -50.41 5.81
CA ASN J 188 40.50 -50.11 5.37
C ASN J 188 41.24 -51.32 4.83
N ILE J 189 40.73 -52.53 5.05
CA ILE J 189 41.32 -53.71 4.43
C ILE J 189 41.21 -53.65 2.91
N LEU J 190 40.32 -52.83 2.38
CA LEU J 190 40.12 -52.71 0.94
C LEU J 190 41.11 -51.77 0.25
N MET J 191 41.99 -51.10 0.98
CA MET J 191 42.73 -50.01 0.37
C MET J 191 44.22 -50.11 0.67
N PRO J 192 45.07 -49.59 -0.22
CA PRO J 192 46.51 -49.56 0.04
C PRO J 192 46.89 -48.46 1.02
N GLU J 193 48.13 -48.54 1.49
CA GLU J 193 48.73 -47.41 2.17
C GLU J 193 49.01 -46.27 1.18
N PRO J 194 49.01 -45.01 1.65
CA PRO J 194 48.81 -44.54 3.04
C PRO J 194 47.36 -44.54 3.55
N ASP J 195 46.38 -44.69 2.66
CA ASP J 195 44.99 -44.47 3.05
C ASP J 195 44.51 -45.50 4.08
N ARG J 196 45.11 -46.68 4.09
CA ARG J 196 44.68 -47.75 4.99
C ARG J 196 44.74 -47.31 6.45
N SER J 197 45.89 -46.80 6.88
CA SER J 197 46.06 -46.45 8.27
C SER J 197 45.45 -45.09 8.63
N ARG J 198 45.17 -44.25 7.63
CA ARG J 198 44.57 -42.95 7.87
C ARG J 198 43.04 -42.96 7.83
N HIS J 199 42.42 -44.02 7.28
CA HIS J 199 40.99 -43.94 6.95
C HIS J 199 40.11 -43.84 8.19
N ASP J 200 40.52 -44.44 9.32
CA ASP J 200 39.73 -44.29 10.54
C ASP J 200 39.66 -42.84 10.97
N SER J 201 40.77 -42.11 10.86
CA SER J 201 40.74 -40.69 11.20
C SER J 201 39.90 -39.89 10.22
N TYR J 202 39.87 -40.29 8.94
CA TYR J 202 39.05 -39.59 7.95
C TYR J 202 37.57 -39.63 8.31
N ILE J 203 37.11 -40.75 8.85
CA ILE J 203 35.70 -40.86 9.20
C ILE J 203 35.41 -40.08 10.48
N SER J 204 36.26 -40.25 11.49
CA SER J 204 36.06 -39.52 12.74
C SER J 204 36.23 -38.01 12.54
N ARG J 205 37.13 -37.60 11.63
CA ARG J 205 37.28 -36.17 11.36
C ARG J 205 36.05 -35.59 10.68
N TYR J 206 35.41 -36.36 9.79
CA TYR J 206 34.16 -35.88 9.19
C TYR J 206 33.01 -35.93 10.18
N ARG J 207 33.01 -36.88 11.11
CA ARG J 207 31.88 -37.01 12.03
C ARG J 207 31.76 -35.79 12.94
N THR J 208 32.88 -35.13 13.24
CA THR J 208 32.80 -33.84 13.92
C THR J 208 32.42 -32.69 12.98
N THR J 209 32.58 -32.86 11.66
CA THR J 209 32.45 -31.75 10.73
C THR J 209 31.00 -31.27 10.60
N SER J 210 30.05 -32.21 10.51
CA SER J 210 28.61 -31.90 10.45
C SER J 210 28.26 -30.92 9.33
N ASP J 211 28.92 -31.08 8.18
CA ASP J 211 28.55 -30.43 6.92
C ASP J 211 27.69 -31.38 6.11
N PRO J 212 26.47 -30.99 5.71
CA PRO J 212 25.56 -31.94 5.03
C PRO J 212 26.08 -32.57 3.76
N HIS J 213 26.89 -31.85 2.96
CA HIS J 213 27.17 -32.29 1.60
C HIS J 213 28.66 -32.40 1.29
N ILE J 214 29.51 -32.52 2.31
CA ILE J 214 30.88 -33.01 2.09
C ILE J 214 30.84 -34.45 1.60
N ILE J 215 29.84 -35.20 2.01
CA ILE J 215 29.65 -36.55 1.53
C ILE J 215 28.84 -36.49 0.24
N GLY J 216 29.18 -37.34 -0.71
CA GLY J 216 28.57 -37.29 -2.02
C GLY J 216 29.38 -36.61 -3.11
N ILE J 217 30.47 -35.92 -2.76
CA ILE J 217 31.43 -35.60 -3.80
C ILE J 217 32.12 -36.91 -4.17
N GLY J 218 31.74 -37.48 -5.30
CA GLY J 218 32.39 -38.69 -5.76
C GLY J 218 33.85 -38.44 -6.07
N ARG J 219 34.74 -39.32 -5.60
CA ARG J 219 36.17 -39.14 -5.78
C ARG J 219 36.77 -40.41 -6.35
N ILE J 220 37.84 -40.26 -7.13
CA ILE J 220 38.63 -41.40 -7.58
C ILE J 220 39.72 -41.68 -6.55
N VAL J 221 39.94 -42.96 -6.29
CA VAL J 221 40.96 -43.45 -5.38
C VAL J 221 41.59 -44.69 -6.01
N THR J 222 42.48 -45.33 -5.28
CA THR J 222 42.95 -46.66 -5.63
C THR J 222 42.65 -47.59 -4.48
N GLY J 223 42.03 -48.74 -4.79
CA GLY J 223 41.78 -49.76 -3.78
C GLY J 223 42.56 -51.02 -4.04
N LYS J 224 42.68 -51.90 -3.05
CA LYS J 224 43.37 -53.16 -3.29
C LYS J 224 42.51 -54.36 -2.90
N ARG J 225 42.62 -55.39 -3.71
CA ARG J 225 42.04 -56.68 -3.46
C ARG J 225 42.80 -57.40 -2.33
N ARG J 226 42.16 -58.44 -1.77
CA ARG J 226 42.89 -59.35 -0.89
C ARG J 226 44.08 -59.97 -1.61
N ASP J 227 43.96 -60.12 -2.92
CA ASP J 227 44.99 -60.42 -3.89
C ASP J 227 46.25 -59.58 -3.65
N GLY J 228 46.07 -58.32 -3.26
CA GLY J 228 47.15 -57.37 -3.19
C GLY J 228 47.31 -56.52 -4.44
N THR J 229 46.63 -56.87 -5.53
CA THR J 229 46.59 -56.02 -6.70
C THR J 229 45.87 -54.73 -6.37
N THR J 230 46.36 -53.62 -6.92
CA THR J 230 45.67 -52.34 -6.79
C THR J 230 45.03 -51.93 -8.10
N PHE J 231 43.98 -51.12 -8.00
CA PHE J 231 43.22 -50.71 -9.16
C PHE J 231 42.62 -49.34 -8.91
N PRO J 232 42.42 -48.52 -9.95
CA PRO J 232 41.66 -47.28 -9.79
C PRO J 232 40.16 -47.53 -9.71
N MET J 233 39.50 -46.78 -8.83
CA MET J 233 38.06 -46.91 -8.65
C MET J 233 37.47 -45.55 -8.32
N HIS J 234 36.27 -45.29 -8.82
CA HIS J 234 35.48 -44.15 -8.39
C HIS J 234 34.38 -44.61 -7.44
N LEU J 235 34.08 -43.80 -6.42
CA LEU J 235 33.01 -44.20 -5.53
C LEU J 235 32.27 -43.00 -4.94
N SER J 236 31.05 -43.27 -4.52
CA SER J 236 30.04 -42.30 -4.12
C SER J 236 29.44 -42.78 -2.81
N ILE J 237 29.25 -41.87 -1.88
CA ILE J 237 28.81 -42.25 -0.54
C ILE J 237 27.53 -41.50 -0.22
N GLY J 238 26.65 -42.17 0.51
CA GLY J 238 25.44 -41.59 1.05
C GLY J 238 25.27 -41.93 2.51
N GLU J 239 25.01 -40.91 3.31
CA GLU J 239 24.86 -41.04 4.75
C GLU J 239 23.41 -41.35 5.11
N MET J 240 23.24 -42.00 6.26
CA MET J 240 21.96 -42.15 6.93
C MET J 240 22.22 -42.26 8.42
N GLN J 241 21.19 -41.97 9.20
CA GLN J 241 21.25 -42.14 10.64
C GLN J 241 20.29 -43.24 11.08
N SER J 242 20.74 -44.06 12.02
CA SER J 242 19.81 -44.99 12.68
C SER J 242 20.32 -45.27 14.08
N GLY J 243 19.42 -45.15 15.05
CA GLY J 243 19.72 -45.55 16.41
C GLY J 243 20.87 -44.80 17.07
N GLY J 244 21.03 -43.52 16.76
CA GLY J 244 22.14 -42.77 17.28
C GLY J 244 23.45 -42.95 16.55
N GLU J 245 23.46 -43.65 15.42
CA GLU J 245 24.68 -44.06 14.77
C GLU J 245 24.57 -43.76 13.27
N PRO J 246 25.54 -43.08 12.68
CA PRO J 246 25.58 -42.96 11.22
C PRO J 246 25.90 -44.30 10.57
N TYR J 247 25.41 -44.50 9.35
CA TYR J 247 25.89 -45.57 8.48
C TYR J 247 26.09 -45.00 7.08
N PHE J 248 27.10 -45.50 6.40
CA PHE J 248 27.53 -44.96 5.11
C PHE J 248 27.44 -46.07 4.06
N THR J 249 26.75 -45.80 2.97
CA THR J 249 26.60 -46.72 1.85
C THR J 249 27.44 -46.22 0.69
N GLY J 250 28.42 -47.02 0.26
CA GLY J 250 29.31 -46.62 -0.82
C GLY J 250 29.04 -47.44 -2.06
N PHE J 251 29.25 -46.83 -3.22
CA PHE J 251 29.04 -47.47 -4.52
C PHE J 251 30.32 -47.36 -5.32
N VAL J 252 31.00 -48.48 -5.51
CA VAL J 252 32.31 -48.50 -6.16
C VAL J 252 32.14 -48.77 -7.64
N ARG J 253 32.80 -47.97 -8.48
CA ARG J 253 32.91 -48.23 -9.91
C ARG J 253 34.34 -48.60 -10.26
N ASP J 254 34.53 -49.76 -10.87
CA ASP J 254 35.86 -50.15 -11.33
C ASP J 254 36.25 -49.33 -12.54
N LEU J 255 37.39 -48.67 -12.46
CA LEU J 255 37.88 -47.81 -13.54
C LEU J 255 39.08 -48.40 -14.26
N THR J 256 39.40 -49.69 -14.03
CA THR J 256 40.54 -50.29 -14.72
C THR J 256 40.33 -50.31 -16.22
N GLU J 257 39.12 -50.61 -16.66
CA GLU J 257 38.88 -50.61 -18.09
C GLU J 257 38.70 -49.19 -18.62
N HIS J 258 38.08 -48.31 -17.82
CA HIS J 258 37.88 -46.94 -18.29
C HIS J 258 39.21 -46.19 -18.42
N GLN J 259 40.16 -46.40 -17.51
CA GLN J 259 41.43 -45.71 -17.61
C GLN J 259 42.20 -46.14 -18.85
N GLN J 260 42.15 -47.44 -19.17
CA GLN J 260 42.83 -47.94 -20.36
C GLN J 260 42.24 -47.35 -21.63
N THR J 261 40.93 -47.09 -21.64
CA THR J 261 40.29 -46.47 -22.81
C THR J 261 40.87 -45.08 -23.08
N GLN J 262 40.96 -44.25 -22.04
CA GLN J 262 41.54 -42.93 -22.21
C GLN J 262 43.03 -43.02 -22.50
N ALA J 263 43.67 -44.11 -22.08
CA ALA J 263 45.08 -44.32 -22.39
C ALA J 263 45.28 -44.60 -23.88
N ARG J 264 44.47 -45.49 -24.45
CA ARG J 264 44.55 -45.69 -25.90
C ARG J 264 44.08 -44.46 -26.65
N LEU J 265 43.24 -43.64 -26.01
CA LEU J 265 42.84 -42.37 -26.60
C LEU J 265 44.03 -41.43 -26.74
N GLN J 266 44.82 -41.28 -25.67
CA GLN J 266 46.03 -40.47 -25.81
C GLN J 266 47.06 -41.16 -26.71
N GLU J 267 47.00 -42.49 -26.83
CA GLU J 267 47.81 -43.18 -27.82
C GLU J 267 47.46 -42.73 -29.23
N LEU J 268 46.15 -42.60 -29.52
CA LEU J 268 45.71 -42.01 -30.79
C LEU J 268 46.23 -40.59 -30.90
N GLN J 269 46.17 -39.83 -29.80
CA GLN J 269 46.58 -38.44 -29.86
C GLN J 269 48.04 -38.33 -30.28
N SER J 270 48.88 -39.21 -29.76
CA SER J 270 50.28 -39.26 -30.18
C SER J 270 50.42 -39.76 -31.62
N GLU J 271 49.54 -40.66 -32.07
CA GLU J 271 49.57 -41.07 -33.48
C GLU J 271 49.26 -39.90 -34.38
N LEU J 272 48.36 -39.02 -33.94
CA LEU J 272 48.08 -37.81 -34.69
C LEU J 272 49.31 -36.90 -34.68
N VAL J 273 49.93 -36.74 -33.51
CA VAL J 273 51.12 -35.90 -33.32
C VAL J 273 52.24 -36.29 -34.28
CHA HEM K . 18.29 1.38 12.67
CHB HEM K . 16.63 4.57 15.89
CHC HEM K . 12.94 5.62 12.97
CHD HEM K . 14.83 2.77 9.57
C1A HEM K . 18.13 2.08 13.85
C2A HEM K . 18.86 1.89 15.10
C3A HEM K . 18.36 2.81 15.98
C4A HEM K . 17.34 3.56 15.30
CMA HEM K . 18.70 3.16 17.45
CAA HEM K . 19.98 0.82 15.21
CBA HEM K . 20.41 0.35 16.60
CGA HEM K . 21.77 -0.26 16.59
O1A HEM K . 22.48 -0.09 17.61
O2A HEM K . 22.15 -0.90 15.57
C1B HEM K . 15.50 5.15 15.39
C2B HEM K . 14.71 6.16 16.03
C3B HEM K . 13.70 6.48 15.23
C4B HEM K . 13.79 5.64 14.05
CMB HEM K . 15.05 6.84 17.38
CAB HEM K . 12.64 7.54 15.57
CBB HEM K . 12.08 8.30 14.63
C1C HEM K . 13.09 4.88 11.82
C2C HEM K . 12.11 4.80 10.74
C3C HEM K . 12.65 4.01 9.80
C4C HEM K . 13.96 3.59 10.24
CMC HEM K . 10.76 5.51 10.82
CAC HEM K . 12.09 3.52 8.43
CBC HEM K . 10.97 3.94 7.86
C1D HEM K . 15.95 2.17 10.09
C2D HEM K . 16.85 1.29 9.38
C3D HEM K . 17.80 0.89 10.25
C4D HEM K . 17.53 1.53 11.53
CMD HEM K . 16.73 0.86 7.90
CAD HEM K . 18.99 -0.05 9.99
CBD HEM K . 18.64 -1.51 10.20
CGD HEM K . 18.12 -1.92 11.57
O1D HEM K . 18.96 -2.01 12.50
O2D HEM K . 16.89 -2.18 11.75
NA HEM K . 17.22 3.11 14.01
NB HEM K . 14.90 4.84 14.18
NC HEM K . 14.21 4.16 11.48
ND HEM K . 16.39 2.29 11.39
FE HEM K . 15.73 3.67 12.74
C CYN L . 14.64 2.14 13.40
N CYN L . 14.46 1.25 14.13
C1 GOL M . 0.67 0.44 -1.57
O1 GOL M . 1.59 1.02 -2.43
C2 GOL M . -0.67 0.38 -2.35
O2 GOL M . -0.49 -0.08 -3.64
C3 GOL M . -1.59 -0.56 -1.53
O3 GOL M . -2.60 -0.99 -2.39
C1 GOL N . -7.47 -2.58 -4.12
O1 GOL N . -6.60 -3.64 -4.15
C2 GOL N . -8.72 -3.19 -3.64
O2 GOL N . -8.43 -4.01 -2.56
C3 GOL N . -9.32 -3.95 -4.88
O3 GOL N . -8.34 -4.83 -5.36
C1 GOL O . 8.93 4.45 -3.87
O1 GOL O . 8.70 4.92 -5.14
C2 GOL O . 7.85 5.08 -3.00
O2 GOL O . 6.60 4.79 -3.45
C3 GOL O . 8.05 4.44 -1.66
O3 GOL O . 7.73 3.12 -1.86
CHA HEM P . -20.34 -2.18 10.71
CHB HEM P . -18.88 -5.66 13.78
CHC HEM P . -14.90 -6.50 11.11
CHD HEM P . -16.63 -3.37 7.84
C1A HEM P . -20.24 -3.01 11.80
C2A HEM P . -21.10 -2.95 12.96
C3A HEM P . -20.70 -3.92 13.80
C4A HEM P . -19.56 -4.61 13.20
CMA HEM P . -21.27 -4.34 15.18
CAA HEM P . -22.29 -1.94 13.04
CBA HEM P . -22.41 -1.15 14.33
CGA HEM P . -23.78 -0.56 14.46
O1A HEM P . -24.02 0.21 15.43
O2A HEM P . -24.65 -0.88 13.60
C1B HEM P . -17.70 -6.20 13.32
C2B HEM P . -16.99 -7.32 13.91
C3B HEM P . -15.90 -7.56 13.19
C4B HEM P . -15.85 -6.61 12.09
CMB HEM P . -17.43 -8.13 15.16
CAB HEM P . -14.90 -8.71 13.55
CBB HEM P . -13.69 -8.83 12.97
C1C HEM P . -14.96 -5.64 10.02
C2C HEM P . -13.88 -5.35 9.08
C3C HEM P . -14.37 -4.46 8.18
C4C HEM P . -15.76 -4.20 8.53
CMC HEM P . -12.46 -5.97 9.19
CAC HEM P . -13.72 -3.78 6.94
CBC HEM P . -12.55 -4.09 6.36
C1D HEM P . -17.75 -2.76 8.34
C2D HEM P . -18.45 -1.65 7.71
C3D HEM P . -19.48 -1.32 8.51
C4D HEM P . -19.46 -2.20 9.66
CMD HEM P . -18.05 -1.01 6.37
CAD HEM P . -20.50 -0.19 8.26
CBD HEM P . -19.82 1.12 8.72
CGD HEM P . -20.16 1.49 10.15
O1D HEM P . -21.29 1.99 10.38
O2D HEM P . -19.32 1.29 11.06
NA HEM P . -19.31 -4.02 11.98
NB HEM P . -16.97 -5.80 12.21
NC HEM P . -16.07 -4.92 9.66
ND HEM P . -18.39 -3.07 9.52
FE HEM P . -17.72 -4.49 10.82
C CYN Q . -16.75 -3.11 11.81
N CYN Q . -16.74 -2.27 12.60
CHA HEM R . -13.16 20.05 21.81
CHB HEM R . -17.37 22.39 22.21
CHC HEM R . -16.18 25.21 18.54
CHD HEM R . -11.89 23.00 18.10
C1A HEM R . -14.42 20.40 22.20
C2A HEM R . -15.23 19.71 23.18
C3A HEM R . -16.39 20.39 23.28
C4A HEM R . -16.33 21.50 22.37
CMA HEM R . -17.67 20.20 24.14
CAA HEM R . -14.63 18.45 23.89
CBA HEM R . -15.58 17.58 24.71
CGA HEM R . -14.80 16.46 25.36
O1A HEM R . -15.44 15.69 26.13
O2A HEM R . -13.57 16.34 25.10
C1B HEM R . -17.40 23.40 21.28
C2B HEM R . -18.43 24.42 21.16
C3B HEM R . -18.10 25.21 20.15
C4B HEM R . -16.86 24.70 19.59
CMB HEM R . -19.66 24.60 22.06
CAB HEM R . -18.96 26.42 19.73
CBB HEM R . -18.56 27.36 18.85
C1C HEM R . -14.97 24.79 18.08
C2C HEM R . -14.42 25.25 16.85
C3C HEM R . -13.25 24.67 16.68
C4C HEM R . -12.97 23.80 17.82
CMC HEM R . -15.10 26.25 15.89
CAC HEM R . -12.44 25.02 15.42
CBC HEM R . -11.47 24.25 14.98
C1D HEM R . -11.84 22.00 19.09
C2D HEM R . -10.72 21.12 19.38
C3D HEM R . -11.06 20.30 20.38
C4D HEM R . -12.41 20.63 20.80
CMD HEM R . -9.36 21.11 18.63
CAD HEM R . -10.09 19.21 20.94
CBD HEM R . -10.70 17.89 21.40
CGD HEM R . -11.23 17.03 20.28
O1D HEM R . -10.82 15.85 20.22
O2D HEM R . -12.03 17.51 19.45
NA HEM R . -15.12 21.49 21.72
NB HEM R . -16.46 23.59 20.30
NC HEM R . -14.08 23.91 18.66
ND HEM R . -12.86 21.67 19.98
FE HEM R . -14.58 22.70 20.23
C CYN S . -15.38 21.39 18.98
N CYN S . -15.96 20.40 18.79
C1 GOL T . -7.77 26.07 -8.77
O1 GOL T . -8.30 25.24 -7.79
C2 GOL T . -6.37 25.56 -9.01
O2 GOL T . -6.24 24.25 -8.65
C3 GOL T . -6.04 25.83 -10.46
O3 GOL T . -4.73 25.39 -10.60
C1 GOL U . -2.33 29.64 9.44
O1 GOL U . -1.10 29.94 8.89
C2 GOL U . -3.45 29.92 8.39
O2 GOL U . -3.08 29.65 7.10
C3 GOL U . -4.52 28.97 8.76
O3 GOL U . -4.08 27.81 8.22
C1 GOL V . -6.70 26.99 1.88
O1 GOL V . -5.76 27.65 2.70
C2 GOL V . -6.06 26.86 0.49
O2 GOL V . -5.42 28.03 0.13
C3 GOL V . -7.22 26.52 -0.47
O3 GOL V . -6.83 26.98 -1.72
CHA HEM W . -25.05 25.87 -14.69
CHB HEM W . -27.03 21.68 -13.28
CHC HEM W . -22.92 20.57 -10.86
CHD HEM W . -20.87 24.68 -12.47
C1A HEM W . -25.98 24.85 -14.49
C2A HEM W . -27.37 24.86 -14.89
C3A HEM W . -27.92 23.67 -14.52
C4A HEM W . -26.87 22.93 -13.84
CMA HEM W . -29.35 23.08 -14.70
CAA HEM W . -27.97 26.04 -15.70
CBA HEM W . -29.41 26.42 -15.43
CGA HEM W . -29.81 27.47 -16.43
O1A HEM W . -30.65 27.14 -17.31
O2A HEM W . -29.28 28.61 -16.36
C1B HEM W . -26.05 21.04 -12.58
C2B HEM W . -26.15 19.67 -12.17
C3B HEM W . -25.04 19.33 -11.52
C4B HEM W . -24.17 20.50 -11.46
CMB HEM W . -27.35 18.72 -12.46
CAB HEM W . -24.83 17.91 -10.92
CBB HEM W . -23.63 17.42 -10.60
C1C HEM W . -22.04 21.62 -11.01
C2C HEM W . -20.78 21.82 -10.31
C3C HEM W . -20.23 22.95 -10.78
C4C HEM W . -21.10 23.51 -11.77
CMC HEM W . -20.23 20.83 -9.24
CAC HEM W . -18.90 23.69 -10.42
CBC HEM W . -18.12 23.44 -9.37
C1D HEM W . -21.81 25.33 -13.21
C2D HEM W . -21.60 26.57 -13.92
C3D HEM W . -22.75 26.90 -14.53
C4D HEM W . -23.75 25.87 -14.22
CMD HEM W . -20.26 27.38 -13.97
CAD HEM W . -23.02 28.15 -15.39
CBD HEM W . -23.26 29.33 -14.47
CGD HEM W . -24.62 29.33 -13.82
O1D HEM W . -24.75 28.85 -12.67
O2D HEM W . -25.59 29.84 -14.44
NA HEM W . -25.71 23.67 -13.83
NB HEM W . -24.81 21.54 -12.13
NC HEM W . -22.20 22.68 -11.90
ND HEM W . -23.13 24.91 -13.42
FE HEM W . -23.91 23.17 -12.89
C CYN X . -24.55 24.04 -11.24
N CYN X . -25.24 24.57 -10.49
CHA HEM Y . 9.78 -20.48 21.59
CHB HEM Y . 14.10 -22.56 22.36
CHC HEM Y . 13.69 -25.11 18.23
CHD HEM Y . 9.27 -23.22 17.60
C1A HEM Y . 11.02 -20.74 22.13
C2A HEM Y . 11.67 -20.05 23.22
C3A HEM Y . 12.85 -20.63 23.43
C4A HEM Y . 13.01 -21.71 22.48
CMA HEM Y . 13.89 -20.23 24.51
CAA HEM Y . 11.08 -18.87 24.04
CBA HEM Y . 11.45 -17.52 23.43
CGA HEM Y . 10.85 -16.39 24.24
O1A HEM Y . 11.46 -15.29 24.24
O2A HEM Y . 9.79 -16.57 24.90
C1B HEM Y . 14.37 -23.42 21.30
C2B HEM Y . 15.58 -24.19 21.14
C3B HEM Y . 15.49 -24.90 20.01
C4B HEM Y . 14.21 -24.60 19.39
CMB HEM Y . 16.76 -24.19 22.13
CAB HEM Y . 16.62 -25.86 19.52
CBB HEM Y . 16.53 -26.67 18.46
C1C HEM Y . 12.49 -24.75 17.67
C2C HEM Y . 12.06 -25.09 16.32
C3C HEM Y . 10.83 -24.57 16.15
C4C HEM Y . 10.47 -23.89 17.38
CMC HEM Y . 12.96 -25.91 15.37
CAC HEM Y . 9.86 -24.59 14.93
CBC HEM Y . 10.11 -25.13 13.74
C1D HEM Y . 9.02 -22.33 18.62
C2D HEM Y . 7.80 -21.59 18.82
C3D HEM Y . 7.94 -20.82 19.92
C4D HEM Y . 9.26 -21.06 20.46
CMD HEM Y . 6.56 -21.67 17.88
CAD HEM Y . 6.92 -19.86 20.55
CBD HEM Y . 6.81 -18.58 19.71
CGD HEM Y . 7.24 -17.36 20.47
O1D HEM Y . 7.49 -17.41 21.71
O2D HEM Y . 7.37 -16.30 19.79
NA HEM Y . 11.87 -21.74 21.70
NB HEM Y . 13.55 -23.69 20.22
NC HEM Y . 11.50 -24.02 18.29
ND HEM Y . 9.89 -21.99 19.65
FE HEM Y . 11.67 -22.87 20.04
C CYN Z . 12.55 -21.47 18.93
N CYN Z . 13.04 -20.43 18.80
C1 GOL AA . 6.49 -26.21 -0.02
O1 GOL AA . 5.72 -27.12 0.70
C2 GOL AA . 6.37 -26.57 -1.53
O2 GOL AA . 5.23 -26.06 -2.08
C3 GOL AA . 7.68 -26.02 -2.19
O3 GOL AA . 7.37 -25.61 -3.49
C1 GOL BA . 8.03 -25.30 -9.53
O1 GOL BA . 8.94 -24.33 -9.17
C2 GOL BA . 6.72 -24.59 -9.95
O2 GOL BA . 6.47 -23.45 -9.20
C3 GOL BA . 6.86 -24.29 -11.43
O3 GOL BA . 7.79 -23.28 -11.54
C1 GOL CA . 1.90 -30.76 6.04
O1 GOL CA . 0.91 -29.96 6.64
C2 GOL CA . 3.27 -30.03 6.20
O2 GOL CA . 3.42 -29.00 5.31
C3 GOL CA . 3.26 -29.47 7.58
O3 GOL CA . 2.42 -28.38 7.45
CHA HEM DA . 26.49 -23.82 -13.80
CHB HEM DA . 28.12 -19.64 -11.96
CHC HEM DA . 23.75 -18.83 -10.00
CHD HEM DA . 22.13 -23.01 -11.78
C1A HEM DA . 27.31 -22.78 -13.44
C2A HEM DA . 28.72 -22.67 -13.75
C3A HEM DA . 29.18 -21.51 -13.26
C4A HEM DA . 28.06 -20.87 -12.60
CMA HEM DA . 30.61 -20.95 -13.34
CAA HEM DA . 29.51 -23.72 -14.56
CBA HEM DA . 30.34 -24.62 -13.68
CGA HEM DA . 31.42 -25.20 -14.56
O1A HEM DA . 32.52 -25.49 -14.01
O2A HEM DA . 31.22 -25.34 -15.80
C1B HEM DA . 27.06 -19.05 -11.31
C2B HEM DA . 27.09 -17.73 -10.74
C3B HEM DA . 25.91 -17.48 -10.18
C4B HEM DA . 25.06 -18.65 -10.39
CMB HEM DA . 28.30 -16.76 -10.76
CAB HEM DA . 25.60 -16.15 -9.47
CBB HEM DA . 24.47 -15.88 -8.81
C1C HEM DA . 22.95 -19.93 -10.24
C2C HEM DA . 21.66 -20.19 -9.64
C3C HEM DA . 21.21 -21.36 -10.14
C4C HEM DA . 22.22 -21.85 -11.06
CMC HEM DA . 21.01 -19.24 -8.62
CAC HEM DA . 19.91 -22.18 -9.90
CBC HEM DA . 18.92 -21.85 -9.05
C1D HEM DA . 23.17 -23.60 -12.46
C2D HEM DA . 23.14 -24.90 -13.11
C3D HEM DA . 24.35 -25.12 -13.66
C4D HEM DA . 25.17 -23.97 -13.38
CMD HEM DA . 21.92 -25.85 -13.14
CAD HEM DA . 24.83 -26.34 -14.45
CBD HEM DA . 25.11 -27.49 -13.49
CGD HEM DA . 26.47 -27.34 -12.85
O1D HEM DA . 27.49 -27.27 -13.60
O2D HEM DA . 26.55 -27.31 -11.60
NA HEM DA . 26.94 -21.65 -12.73
NB HEM DA . 25.81 -19.58 -11.08
NC HEM DA . 23.26 -20.96 -11.11
ND HEM DA . 24.42 -23.07 -12.66
FE HEM DA . 25.12 -21.31 -12.00
C CYN EA . 25.74 -22.24 -10.33
N CYN EA . 26.58 -22.73 -9.70
CHA HEM FA . -8.85 59.62 -19.15
CHB HEM FA . -9.71 55.55 -21.69
CHC HEM FA . -10.39 53.04 -17.57
CHD HEM FA . -9.08 57.01 -15.10
C1A HEM FA . -9.09 58.74 -20.19
C2A HEM FA . -9.20 59.10 -21.60
C3A HEM FA . -9.43 57.98 -22.30
C4A HEM FA . -9.49 56.87 -21.36
CMA HEM FA . -9.62 57.87 -23.83
CAA HEM FA . -9.03 60.52 -22.17
CBA HEM FA . -10.40 61.14 -22.45
CGA HEM FA . -10.31 62.12 -23.59
O1A HEM FA . -11.37 62.38 -24.22
O2A HEM FA . -9.21 62.63 -23.87
C1B HEM FA . -9.94 54.52 -20.81
C2B HEM FA . -10.14 53.14 -21.17
C3B HEM FA . -10.34 52.41 -20.06
C4B HEM FA . -10.27 53.33 -18.92
CMB HEM FA . -10.13 52.59 -22.62
CAB HEM FA . -10.59 50.90 -20.08
CBB HEM FA . -10.99 50.20 -19.00
C1C HEM FA . -10.15 53.93 -16.55
C2C HEM FA . -10.41 53.70 -15.14
C3C HEM FA . -10.03 54.81 -14.46
C4C HEM FA . -9.54 55.76 -15.42
CMC HEM FA . -10.99 52.39 -14.59
CAC HEM FA . -10.06 55.17 -12.96
CBC HEM FA . -10.67 54.48 -11.99
C1D HEM FA . -8.93 58.07 -15.95
C2D HEM FA . -8.65 59.43 -15.59
C3D HEM FA . -8.58 60.16 -16.70
C4D HEM FA . -8.83 59.27 -17.83
CMD HEM FA . -8.46 59.93 -14.13
CAD HEM FA . -8.30 61.67 -16.80
CBD HEM FA . -9.60 62.46 -16.59
CGD HEM FA . -10.46 62.40 -17.82
O1D HEM FA . -10.02 62.84 -18.92
O2D HEM FA . -11.62 61.93 -17.70
NA HEM FA . -9.28 57.37 -20.10
NB HEM FA . -10.02 54.60 -19.43
NC HEM FA . -9.63 55.20 -16.68
ND HEM FA . -9.03 57.99 -17.32
FE HEM FA . -9.47 56.31 -18.37
C CYN GA . -11.42 56.71 -18.36
N CYN GA . -12.33 57.27 -18.79
C1 GOL HA . -15.10 53.02 1.55
O1 GOL HA . -13.70 53.03 1.68
C2 GOL HA . -15.71 52.35 2.83
O2 GOL HA . -15.19 52.87 3.99
C3 GOL HA . -17.25 52.52 2.73
O3 GOL HA . -17.69 52.79 4.02
C1 GOL IA . -22.86 52.39 7.67
O1 GOL IA . -22.54 51.07 7.41
C2 GOL IA . -22.00 52.81 8.86
O2 GOL IA . -21.96 54.18 9.04
C3 GOL IA . -22.57 52.07 10.04
O3 GOL IA . -23.90 52.38 10.03
C1 GOL JA . -5.98 53.67 -0.86
O1 GOL JA . -5.57 54.23 0.36
C2 GOL JA . -7.35 52.99 -0.66
O2 GOL JA . -7.82 53.10 0.63
C3 GOL JA . -8.28 53.64 -1.67
O3 GOL JA . -8.14 54.98 -1.49
CHA HEM KA . -36.36 41.24 2.22
CHB HEM KA . -38.86 43.68 -1.05
CHC HEM KA . -35.53 47.22 -0.89
CHD HEM KA . -33.15 44.80 2.53
C1A HEM KA . -37.26 41.57 1.25
C2A HEM KA . -38.22 40.64 0.76
C3A HEM KA . -38.96 41.28 -0.17
C4A HEM KA . -38.43 42.64 -0.25
CMA HEM KA . -40.13 40.77 -1.04
CAA HEM KA . -38.13 39.22 1.41
CBA HEM KA . -39.04 38.10 0.96
CGA HEM KA . -38.25 37.27 -0.01
O1A HEM KA . -37.91 36.10 0.32
O2A HEM KA . -37.95 37.78 -1.12
C1B HEM KA . -38.17 44.86 -1.26
C2B HEM KA . -38.59 45.89 -2.18
C3B HEM KA . -37.69 46.87 -2.16
C4B HEM KA . -36.65 46.49 -1.22
CMB HEM KA . -39.87 45.86 -3.03
CAB HEM KA . -37.82 48.15 -3.01
CBB HEM KA . -36.99 49.19 -2.96
C1C HEM KA . -34.56 46.85 0.02
C2C HEM KA . -33.31 47.55 0.27
C3C HEM KA . -32.67 46.88 1.23
C4C HEM KA . -33.49 45.74 1.58
CMC HEM KA . -32.89 48.85 -0.46
CAC HEM KA . -31.31 47.09 1.94
CBC HEM KA . -30.35 47.93 1.54
C1D HEM KA . -33.81 43.62 2.74
C2D HEM KA . -33.46 42.60 3.70
C3D HEM KA . -34.35 41.61 3.61
C4D HEM KA . -35.29 41.99 2.59
CMD HEM KA . -32.24 42.67 4.65
CAD HEM KA . -34.48 40.27 4.39
CBD HEM KA . -33.37 39.30 4.02
CGD HEM KA . -33.89 37.95 3.56
O1D HEM KA . -33.14 36.95 3.69
O2D HEM KA . -35.04 37.87 3.04
NA HEM KA . -37.39 42.79 0.64
NB HEM KA . -36.98 45.25 -0.69
NC HEM KA . -34.64 45.75 0.85
ND HEM KA . -34.95 43.21 2.08
FE HEM KA . -36.01 44.22 0.79
C CYN LA . -34.92 43.43 -0.67
N CYN LA . -34.79 42.63 -1.49
CHA HEM MA . 12.19 -58.10 -21.27
CHB HEM MA . 13.21 -53.81 -23.30
CHC HEM MA . 13.36 -51.67 -18.98
CHD HEM MA . 11.58 -55.73 -17.02
C1A HEM MA . 12.60 -57.16 -22.21
C2A HEM MA . 13.07 -57.34 -23.59
C3A HEM MA . 13.34 -56.15 -24.11
C4A HEM MA . 13.06 -55.16 -23.10
CMA HEM MA . 13.86 -55.88 -25.54
CAA HEM MA . 13.32 -58.57 -24.49
CBA HEM MA . 12.37 -59.76 -24.43
CGA HEM MA . 12.97 -60.65 -25.50
O1A HEM MA . 12.43 -60.66 -26.64
O2A HEM MA . 14.01 -61.30 -25.23
C1B HEM MA . 13.31 -52.87 -22.31
C2B HEM MA . 13.56 -51.48 -22.55
C3B HEM MA . 13.60 -50.87 -21.35
C4B HEM MA . 13.40 -51.89 -20.34
CMB HEM MA . 13.68 -50.90 -23.98
CAB HEM MA . 13.81 -49.40 -20.95
CBB HEM MA . 14.27 -48.45 -21.76
C1C HEM MA . 12.95 -52.62 -18.06
C2C HEM MA . 13.01 -52.45 -16.63
C3C HEM MA . 12.51 -53.57 -16.06
C4C HEM MA . 12.13 -54.47 -17.14
CMC HEM MA . 13.57 -51.17 -15.98
CAC HEM MA . 12.34 -53.96 -14.57
CBC HEM MA . 12.52 -53.15 -13.51
C1D HEM MA . 11.68 -56.73 -17.96
C2D HEM MA . 11.51 -58.15 -17.70
C3D HEM MA . 11.68 -58.82 -18.87
C4D HEM MA . 11.96 -57.84 -19.92
CMD HEM MA . 11.20 -58.74 -16.31
CAD HEM MA . 11.60 -60.35 -19.07
CBD HEM MA . 12.90 -60.99 -18.60
CGD HEM MA . 14.04 -60.63 -19.52
O1D HEM MA . 13.95 -60.92 -20.74
O2D HEM MA . 15.06 -60.07 -19.03
NA HEM MA . 12.61 -55.80 -21.96
NB HEM MA . 13.22 -53.10 -20.95
NC HEM MA . 12.41 -53.85 -18.35
ND HEM MA . 11.94 -56.59 -19.31
FE HEM MA . 12.52 -54.83 -20.07
C CYN NA . 14.47 -55.25 -19.79
N CYN NA . 15.51 -55.61 -20.18
C1 GOL OA . 22.06 -50.56 8.00
O1 GOL OA . 22.85 -50.92 6.92
C2 GOL OA . 22.25 -51.68 9.02
O2 GOL OA . 21.50 -52.80 8.71
C3 GOL OA . 21.89 -51.07 10.39
O3 GOL OA . 21.34 -52.10 11.15
C1 GOL PA . 6.65 -54.09 -2.21
O1 GOL PA . 6.74 -53.03 -1.33
C2 GOL PA . 7.75 -53.90 -3.27
O2 GOL PA . 7.68 -52.69 -3.90
C3 GOL PA . 9.08 -54.00 -2.52
O3 GOL PA . 9.93 -53.16 -3.23
C1 GOL QA . 15.64 -52.50 0.96
O1 GOL QA . 14.28 -52.76 1.20
C2 GOL QA . 16.14 -51.78 2.23
O2 GOL QA . 16.01 -52.56 3.36
C3 GOL QA . 17.61 -51.46 1.97
O3 GOL QA . 18.27 -51.68 3.19
CHA HEM RA . 36.97 -40.32 3.38
CHB HEM RA . 39.81 -43.22 0.71
CHC HEM RA . 36.31 -46.58 0.54
CHD HEM RA . 33.90 -44.03 3.92
C1A HEM RA . 38.02 -40.81 2.63
C2A HEM RA . 39.24 -40.08 2.33
C3A HEM RA . 40.03 -40.90 1.60
C4A HEM RA . 39.32 -42.15 1.41
CMA HEM RA . 41.44 -40.67 1.00
CAA HEM RA . 39.51 -38.65 2.85
CBA HEM RA . 39.84 -37.66 1.74
CGA HEM RA . 40.43 -36.40 2.31
O1A HEM RA . 41.17 -35.71 1.57
O2A HEM RA . 40.17 -36.09 3.50
C1B HEM RA . 39.12 -44.37 0.44
C2B HEM RA . 39.61 -45.47 -0.34
C3B HEM RA . 38.67 -46.40 -0.38
C4B HEM RA . 37.51 -45.91 0.35
CMB HEM RA . 41.01 -45.57 -0.97
CAB HEM RA . 38.84 -47.74 -1.14
CBB HEM RA . 38.37 -48.88 -0.63
C1C HEM RA . 35.32 -46.14 1.40
C2C HEM RA . 34.01 -46.74 1.59
C3C HEM RA . 33.35 -46.05 2.53
C4C HEM RA . 34.22 -44.97 2.97
CMC HEM RA . 33.55 -47.98 0.80
CAC HEM RA . 31.94 -46.21 3.12
CBC HEM RA . 30.90 -46.74 2.47
C1D HEM RA . 34.48 -42.80 4.03
C2D HEM RA . 33.99 -41.69 4.82
C3D HEM RA . 34.84 -40.67 4.67
C4D HEM RA . 35.90 -41.09 3.78
CMD HEM RA . 32.71 -41.72 5.67
CAD HEM RA . 34.74 -39.25 5.29
CBD HEM RA . 33.74 -38.47 4.43
CGD HEM RA . 34.37 -37.86 3.20
O1D HEM RA . 35.36 -37.09 3.35
O2D HEM RA . 33.86 -38.08 2.08
NA HEM RA . 38.10 -42.06 2.06
NB HEM RA . 37.82 -44.66 0.85
NC HEM RA . 35.41 -45.06 2.26
ND HEM RA . 35.65 -42.40 3.41
FE HEM RA . 36.78 -43.58 2.23
C CYN SA . 35.96 -42.76 0.58
N CYN SA . 36.02 -42.01 -0.30
#